data_9VJ0
#
_entry.id   9VJ0
#
_cell.length_a   1.00
_cell.length_b   1.00
_cell.length_c   1.00
_cell.angle_alpha   90.00
_cell.angle_beta   90.00
_cell.angle_gamma   90.00
#
_symmetry.space_group_name_H-M   'P 1'
#
loop_
_entity.id
_entity.type
_entity.pdbx_description
1 polymer 'Na+,K+-ATPase beta subunit'
2 polymer 'Na, K-ATPase alpha subunit'
3 polymer 'FXYD domain-containing ion transport regulator'
4 branched alpha-D-mannopyranose-(1-3)-[alpha-D-mannopyranose-(1-6)]beta-D-mannopyranose-(1-4)-2-acetamido-2-deoxy-beta-D-glucopyranose-(1-4)-[alpha-L-fucopyranose-(1-6)]2-acetamido-2-deoxy-beta-D-glucopyranose
5 branched 2-acetamido-2-deoxy-beta-D-glucopyranose-(1-2)-alpha-D-mannopyranose-(1-3)-[alpha-D-mannopyranose-(1-6)]beta-D-mannopyranose-(1-4)-2-acetamido-2-deoxy-beta-D-glucopyranose-(1-4)-2-acetamido-2-deoxy-beta-D-glucopyranose
6 branched alpha-D-mannopyranose-(1-3)-beta-D-mannopyranose-(1-4)-2-acetamido-2-deoxy-beta-D-glucopyranose-(1-4)-[alpha-L-fucopyranose-(1-6)]2-acetamido-2-deoxy-beta-D-glucopyranose
7 branched 2-acetamido-2-deoxy-beta-D-glucopyranose-(1-4)-2-acetamido-2-deoxy-beta-D-glucopyranose
8 non-polymer CHOLESTEROL
9 non-polymer 1,2-DIOLEOYL-SN-GLYCERO-3-PHOSPHOCHOLINE
10 non-polymer 'MAGNESIUM ION'
11 non-polymer "ADENOSINE-5'-TRIPHOSPHATE"
12 non-polymer 'SODIUM ION'
13 non-polymer palytoxin
#
loop_
_entity_poly.entity_id
_entity_poly.type
_entity_poly.pdbx_seq_one_letter_code
_entity_poly.pdbx_strand_id
1 'polypeptide(L)'
;MARGKSKETDGGWKKFLWDSEKKEFLGRTGSSWFKIFLFYLIFYGCLAGIFIGTIQVLLLTLSDFEPKYQDRVAPPGLSH
APYAIKTEISFSISNPKSYESFVKSMHKLMDLYNESSQAGNSPFEDCSDTPADYIKRGDLDDSQGQKKACRFSRMWLKNC
SGLDDTTYGYAEGKPCVVAKLNRIIGFYPKPLKNTTDLPEELQANYNQYVLPLRCAAKREEDREKIGSIEYFGLGGYAGF
PLQYYPYYGKRLQKKYLQPLLAIQFTNLTQNMELRIECKVYGENIDYSEKDRFRGRFEVKIEVKS
;
D,B
2 'polypeptide(L)'
;MGKGTASDKYEPAATSENATKSKKKGKKDKIDKKRDLDELKKEVSMDDHKLSLDELHNKYGTDLTRGLTNARAKEILARD
GPNSLTPPPTTPEWIKFCRQLFGGFSILLWIGAILCFLAYGIQAATEDEPANDNLYLGVVLSTVVIVTGCFSYYQEAKSS
RIMDSFKNMVPQQALVIRDGEKSTINAEFVVAGDLVEVKGGDRIPADLRIISAHGCKVDNSSLTGESEPQTRSPEFSSEN
PLETRNIAFFSTNCVEGTARGVVVYTGDRTVMGRIATLASGLEVGRTPIAIEIEHFIHIITGVAVFLGVSFFILSLILGY
SWLEAVIFLIGIIVANVPEGLLATVTVCLTLTAKRMARKNCLVKNLEAVETLGSTSTICSDKTGTLTQNRMTVAHMWFDN
QIHEADTTENQSGAAFDKTSATWSALSRIAALCNRAVFQAGQDNVPILKRSVAGDASESALLKCIELCCGSVQGMRDRNP
KIVEIPFNSTNKYQLSIHENEKSSESRYLLVMKGAPERILDRCSTILLNGAEEPLKEDMKEAFQNAYLELGGLGERVLGF
CHFALPEDKYNEGYPFDADEPNFPTTDLCFVGLMAMIDPPRAAVPDAVGKCRSAGIKVIMVTGDHPITAKAIAKGVGIIS
EGNETIEDIAARLNIPIGQVNPRDAKACVVHGSDLKDLSTEVLDDILHYHTEIVFARTSPQQKLIIVEGCQRQGAIVAVT
GDGVNDSPALKKADIGVAMGISGSDVSKQAADMILLDDNFASIVTGVEEGRLIFDNLKKSIAYTLTSNIPEITPFLVFII
GNVPLPLGTVTILCIDLGTDMVPAISLAYEQAESDIMKRQPRNPKTDKLVNERLISMAYGQIGMIQALGGFFSYFVILAE
NGFLPMDLIGKRVRWDDRWISDVEDSFGQQWTYEQRKIVEFTCHTSFFISIVVVQWADLIICKTRRNSIFQQGMKNKILI
FGLFEETALAAFLSYCPGTDVALRMYPLKPSWWFCAFPYSLIIFLYDEMRRFIIRRSPGGWVEQETYY
;
C,A
3 'polypeptide(L)'
;MLGAATGLMVLVAVTQGVWAMDPEGPDNDERFTYDYYRLRVVGLIVAAVLCVIGIIILLAGKCRCKFNQNKRTRSNSGTA
TAQHLLQPGEATEC
;
E,G
#
loop_
_chem_comp.id
_chem_comp.type
_chem_comp.name
_chem_comp.formula
A1MA6 non-polymer palytoxin 'C129 H223 N3 O54'
ATP non-polymer ADENOSINE-5'-TRIPHOSPHATE 'C10 H16 N5 O13 P3'
BMA D-saccharide, beta linking beta-D-mannopyranose 'C6 H12 O6'
CLR non-polymer CHOLESTEROL 'C27 H46 O'
FUC L-saccharide, alpha linking alpha-L-fucopyranose 'C6 H12 O5'
MAN D-saccharide, alpha linking alpha-D-mannopyranose 'C6 H12 O6'
MG non-polymer 'MAGNESIUM ION' 'Mg 2'
NA non-polymer 'SODIUM ION' 'Na 1'
NAG D-saccharide, beta linking 2-acetamido-2-deoxy-beta-D-glucopyranose 'C8 H15 N O6'
PCW non-polymer 1,2-DIOLEOYL-SN-GLYCERO-3-PHOSPHOCHOLINE 'C44 H85 N O8 P 1'
#
# COMPACT_ATOMS: atom_id res chain seq x y z
N GLY A 12 24.03 30.47 -38.01
CA GLY A 12 23.05 29.41 -37.93
C GLY A 12 23.58 28.07 -38.40
N TRP A 13 23.59 27.88 -39.71
CA TRP A 13 24.06 26.63 -40.32
C TRP A 13 25.38 26.16 -39.70
N LYS A 14 26.40 27.02 -39.74
CA LYS A 14 27.70 26.66 -39.20
C LYS A 14 27.77 26.84 -37.69
N LYS A 15 27.38 28.01 -37.19
CA LYS A 15 27.45 28.29 -35.76
C LYS A 15 26.71 27.25 -34.93
N PHE A 16 25.56 26.76 -35.41
CA PHE A 16 24.85 25.76 -34.62
C PHE A 16 25.52 24.39 -34.71
N LEU A 17 26.23 24.11 -35.80
CA LEU A 17 26.88 22.82 -35.91
C LEU A 17 28.19 22.79 -35.13
N TRP A 18 29.07 23.75 -35.37
CA TRP A 18 30.33 23.78 -34.64
C TRP A 18 30.90 25.19 -34.66
N ASP A 19 31.04 25.79 -33.47
CA ASP A 19 31.67 27.08 -33.30
C ASP A 19 32.98 26.81 -32.58
N SER A 20 33.97 27.67 -32.79
CA SER A 20 35.28 27.43 -32.18
C SER A 20 35.62 28.39 -31.05
N GLU A 21 34.68 29.24 -30.63
CA GLU A 21 34.99 30.13 -29.53
C GLU A 21 34.55 29.53 -28.19
N LYS A 22 33.30 29.09 -28.10
CA LYS A 22 32.80 28.46 -26.89
C LYS A 22 33.04 26.95 -26.90
N LYS A 23 33.59 26.42 -27.99
CA LYS A 23 33.87 24.98 -28.14
C LYS A 23 32.59 24.16 -27.89
N GLU A 24 31.64 24.36 -28.80
CA GLU A 24 30.34 23.71 -28.72
C GLU A 24 30.02 22.88 -29.95
N PHE A 25 29.36 21.74 -29.71
CA PHE A 25 28.92 20.83 -30.76
C PHE A 25 27.43 20.59 -30.55
N LEU A 26 26.62 20.96 -31.54
CA LEU A 26 25.16 20.83 -31.53
C LEU A 26 24.50 21.76 -30.52
N GLY A 27 25.29 22.50 -29.73
CA GLY A 27 24.73 23.41 -28.74
C GLY A 27 25.40 23.48 -27.38
N ARG A 28 26.17 22.46 -26.99
CA ARG A 28 26.83 22.44 -25.68
C ARG A 28 28.32 22.17 -25.86
N THR A 29 29.08 22.25 -24.76
CA THR A 29 30.51 22.02 -24.91
C THR A 29 30.88 20.54 -24.94
N GLY A 30 31.23 19.99 -23.77
CA GLY A 30 31.51 18.57 -23.69
C GLY A 30 31.14 17.92 -22.37
N SER A 31 31.46 18.65 -21.30
CA SER A 31 31.21 18.16 -19.95
C SER A 31 29.74 17.83 -19.80
N SER A 32 28.90 18.67 -20.39
CA SER A 32 27.47 18.44 -20.37
C SER A 32 27.12 17.12 -21.06
N TRP A 33 27.70 16.89 -22.24
CA TRP A 33 27.43 15.64 -22.96
C TRP A 33 27.85 14.45 -22.11
N PHE A 34 28.98 14.58 -21.41
CA PHE A 34 29.46 13.50 -20.56
C PHE A 34 28.51 13.23 -19.40
N LYS A 35 28.00 14.30 -18.77
CA LYS A 35 27.09 14.11 -17.65
C LYS A 35 25.76 13.50 -18.09
N ILE A 36 25.20 13.99 -19.20
CA ILE A 36 23.92 13.46 -19.66
C ILE A 36 24.08 12.00 -20.13
N PHE A 37 25.16 11.70 -20.86
CA PHE A 37 25.38 10.33 -21.31
C PHE A 37 25.57 9.38 -20.13
N LEU A 38 26.36 9.81 -19.13
CA LEU A 38 26.58 8.99 -17.96
C LEU A 38 25.28 8.73 -17.21
N PHE A 39 24.45 9.78 -17.05
CA PHE A 39 23.18 9.61 -16.36
C PHE A 39 22.29 8.62 -17.08
N TYR A 40 22.17 8.75 -18.40
CA TYR A 40 21.30 7.84 -19.14
C TYR A 40 21.81 6.40 -19.09
N LEU A 41 23.14 6.23 -19.11
CA LEU A 41 23.68 4.87 -19.02
C LEU A 41 23.33 4.23 -17.69
N ILE A 42 23.56 4.96 -16.59
CA ILE A 42 23.26 4.41 -15.26
C ILE A 42 21.76 4.14 -15.13
N PHE A 43 20.93 5.07 -15.61
CA PHE A 43 19.48 4.92 -15.51
C PHE A 43 18.99 3.68 -16.26
N TYR A 44 19.39 3.53 -17.53
CA TYR A 44 18.95 2.37 -18.29
C TYR A 44 19.54 1.09 -17.70
N GLY A 45 20.64 1.18 -16.96
CA GLY A 45 21.18 0.00 -16.33
C GLY A 45 20.29 -0.44 -15.17
N CYS A 46 19.86 0.53 -14.35
CA CYS A 46 18.94 0.20 -13.25
C CYS A 46 17.64 -0.37 -13.79
N LEU A 47 17.12 0.21 -14.87
CA LEU A 47 15.89 -0.28 -15.47
C LEU A 47 16.04 -1.72 -15.95
N ALA A 48 17.14 -2.01 -16.67
CA ALA A 48 17.35 -3.36 -17.17
C ALA A 48 17.47 -4.36 -16.02
N GLY A 49 18.21 -3.99 -14.97
CA GLY A 49 18.37 -4.90 -13.84
C GLY A 49 17.07 -5.21 -13.14
N ILE A 50 16.22 -4.19 -12.95
CA ILE A 50 14.94 -4.42 -12.29
C ILE A 50 14.05 -5.32 -13.14
N PHE A 51 14.01 -5.07 -14.47
CA PHE A 51 13.19 -5.93 -15.32
C PHE A 51 13.66 -7.38 -15.27
N ILE A 52 14.98 -7.59 -15.30
CA ILE A 52 15.52 -8.94 -15.25
C ILE A 52 15.17 -9.62 -13.93
N GLY A 53 15.21 -8.88 -12.81
CA GLY A 53 14.87 -9.49 -11.53
C GLY A 53 13.40 -9.86 -11.45
N THR A 54 12.51 -8.96 -11.89
CA THR A 54 11.08 -9.26 -11.86
C THR A 54 10.74 -10.39 -12.82
N ILE A 55 11.54 -10.62 -13.85
CA ILE A 55 11.28 -11.74 -14.74
C ILE A 55 11.84 -13.04 -14.16
N GLN A 56 12.92 -12.96 -13.37
CA GLN A 56 13.46 -14.17 -12.75
C GLN A 56 12.52 -14.72 -11.69
N VAL A 57 11.87 -13.84 -10.92
CA VAL A 57 10.93 -14.34 -9.92
C VAL A 57 9.81 -15.13 -10.61
N LEU A 58 9.43 -14.70 -11.82
CA LEU A 58 8.41 -15.39 -12.59
C LEU A 58 8.93 -16.72 -13.10
N LEU A 59 10.18 -16.77 -13.56
CA LEU A 59 10.71 -18.05 -14.00
C LEU A 59 10.78 -19.03 -12.83
N LEU A 60 10.84 -18.52 -11.60
CA LEU A 60 10.87 -19.37 -10.42
C LEU A 60 9.47 -19.95 -10.14
N THR A 61 8.47 -19.08 -9.99
CA THR A 61 7.10 -19.48 -9.65
C THR A 61 6.55 -20.76 -10.26
N LEU A 62 6.78 -20.97 -11.55
CA LEU A 62 6.25 -22.12 -12.28
C LEU A 62 7.03 -23.40 -12.03
N SER A 63 6.38 -24.53 -12.37
CA SER A 63 6.91 -25.88 -12.25
C SER A 63 7.44 -26.36 -13.60
N ASP A 64 8.46 -27.23 -13.55
CA ASP A 64 9.07 -27.73 -14.78
C ASP A 64 8.33 -28.91 -15.40
N PHE A 65 7.46 -29.60 -14.66
CA PHE A 65 6.76 -30.74 -15.22
C PHE A 65 5.29 -30.47 -15.52
N GLU A 66 4.80 -29.26 -15.31
CA GLU A 66 3.38 -29.08 -15.58
C GLU A 66 2.94 -27.63 -15.76
N PRO A 67 2.27 -27.29 -16.87
CA PRO A 67 1.79 -25.92 -17.06
C PRO A 67 0.75 -25.59 -15.99
N LYS A 68 0.88 -24.40 -15.40
CA LYS A 68 -0.02 -24.01 -14.32
C LYS A 68 -1.48 -23.95 -14.75
N TYR A 69 -1.75 -23.66 -16.03
CA TYR A 69 -3.12 -23.58 -16.51
C TYR A 69 -3.30 -24.47 -17.73
N GLN A 70 -4.29 -25.36 -17.66
CA GLN A 70 -4.60 -26.29 -18.74
C GLN A 70 -6.06 -26.17 -19.18
N ASP A 71 -6.64 -24.99 -19.09
CA ASP A 71 -8.02 -24.83 -19.52
C ASP A 71 -8.15 -24.40 -20.97
N ARG A 72 -7.09 -23.83 -21.56
CA ARG A 72 -7.16 -23.41 -22.96
C ARG A 72 -6.96 -24.58 -23.91
N VAL A 73 -6.01 -25.48 -23.64
CA VAL A 73 -5.83 -26.61 -24.54
C VAL A 73 -6.67 -27.77 -24.03
N ALA A 74 -7.98 -27.66 -24.18
CA ALA A 74 -8.93 -28.70 -23.78
C ALA A 74 -10.31 -28.33 -24.28
N PRO A 75 -11.03 -29.25 -24.95
CA PRO A 75 -10.48 -30.58 -25.23
C PRO A 75 -9.41 -30.55 -26.34
N PRO A 76 -8.85 -31.70 -26.72
CA PRO A 76 -7.81 -31.70 -27.76
C PRO A 76 -8.35 -31.59 -29.16
N GLY A 77 -7.50 -31.08 -30.04
CA GLY A 77 -7.83 -30.91 -31.44
C GLY A 77 -7.61 -32.17 -32.25
N LEU A 78 -7.56 -32.00 -33.57
CA LEU A 78 -7.37 -33.11 -34.49
C LEU A 78 -6.62 -32.58 -35.71
N SER A 79 -5.31 -32.84 -35.78
CA SER A 79 -4.51 -32.35 -36.90
C SER A 79 -4.25 -33.45 -37.91
N HIS A 80 -3.75 -33.04 -39.07
CA HIS A 80 -3.50 -34.02 -40.11
C HIS A 80 -2.33 -33.65 -40.98
N ALA A 81 -1.81 -34.70 -41.60
CA ALA A 81 -0.75 -34.69 -42.57
C ALA A 81 -1.41 -35.43 -43.74
N PRO A 82 -1.28 -34.94 -44.97
CA PRO A 82 -0.46 -33.76 -45.24
C PRO A 82 -0.92 -32.38 -44.79
N TYR A 83 0.04 -31.48 -44.98
CA TYR A 83 -0.03 -30.07 -44.69
C TYR A 83 -0.70 -29.41 -45.89
N ALA A 84 -2.01 -29.20 -45.78
CA ALA A 84 -2.79 -28.59 -46.84
C ALA A 84 -3.13 -27.16 -46.46
N ILE A 85 -2.95 -26.25 -47.41
CA ILE A 85 -3.22 -24.82 -47.20
C ILE A 85 -4.65 -24.58 -47.65
N LYS A 86 -5.48 -24.05 -46.73
CA LYS A 86 -6.91 -23.77 -46.91
C LYS A 86 -7.71 -25.06 -46.78
N THR A 87 -7.07 -26.14 -46.31
CA THR A 87 -7.71 -27.45 -46.15
C THR A 87 -8.19 -27.99 -47.50
N GLU A 88 -7.28 -28.02 -48.46
CA GLU A 88 -7.56 -28.50 -49.80
C GLU A 88 -6.39 -29.33 -50.29
N ILE A 89 -6.69 -30.51 -50.84
CA ILE A 89 -5.70 -31.43 -51.37
C ILE A 89 -6.06 -31.65 -52.84
N SER A 90 -5.43 -30.88 -53.72
CA SER A 90 -5.68 -30.95 -55.16
C SER A 90 -4.38 -31.30 -55.87
N PHE A 91 -4.41 -32.36 -56.69
CA PHE A 91 -3.22 -32.78 -57.40
C PHE A 91 -3.61 -33.59 -58.63
N SER A 92 -2.78 -33.51 -59.66
CA SER A 92 -3.01 -34.23 -60.90
C SER A 92 -2.31 -35.59 -60.86
N ILE A 93 -2.99 -36.62 -61.39
CA ILE A 93 -2.41 -37.96 -61.41
C ILE A 93 -1.33 -38.12 -62.46
N SER A 94 -1.19 -37.17 -63.38
CA SER A 94 -0.18 -37.25 -64.42
C SER A 94 1.09 -36.49 -64.06
N ASN A 95 0.99 -35.20 -63.78
CA ASN A 95 2.15 -34.38 -63.44
C ASN A 95 2.73 -34.79 -62.09
N PRO A 96 3.95 -35.32 -62.03
CA PRO A 96 4.50 -35.73 -60.72
C PRO A 96 4.84 -34.56 -59.81
N LYS A 97 5.11 -33.38 -60.37
CA LYS A 97 5.47 -32.21 -59.57
C LYS A 97 4.25 -31.51 -58.99
N SER A 98 3.13 -32.22 -58.87
CA SER A 98 1.89 -31.68 -58.32
C SER A 98 1.65 -32.09 -56.88
N TYR A 99 2.00 -33.32 -56.51
CA TYR A 99 1.80 -33.81 -55.14
C TYR A 99 3.11 -33.94 -54.37
N GLU A 100 4.15 -33.20 -54.77
CA GLU A 100 5.43 -33.27 -54.07
C GLU A 100 5.35 -32.60 -52.70
N SER A 101 4.71 -31.44 -52.63
CA SER A 101 4.59 -30.72 -51.36
C SER A 101 3.84 -31.54 -50.33
N PHE A 102 2.94 -32.42 -50.78
CA PHE A 102 2.19 -33.27 -49.86
C PHE A 102 3.04 -34.43 -49.35
N VAL A 103 3.66 -35.17 -50.29
CA VAL A 103 4.49 -36.32 -49.91
C VAL A 103 5.62 -35.90 -48.99
N LYS A 104 6.24 -34.74 -49.25
CA LYS A 104 7.32 -34.30 -48.38
C LYS A 104 6.84 -34.17 -46.94
N SER A 105 5.61 -33.68 -46.74
CA SER A 105 5.05 -33.55 -45.39
C SER A 105 4.73 -34.92 -44.79
N MET A 106 3.97 -35.72 -45.54
CA MET A 106 3.61 -37.07 -45.07
C MET A 106 4.86 -37.80 -44.60
N HIS A 107 5.91 -37.75 -45.43
CA HIS A 107 7.18 -38.39 -45.10
C HIS A 107 7.78 -37.77 -43.85
N LYS A 108 7.73 -36.44 -43.72
CA LYS A 108 8.29 -35.81 -42.53
C LYS A 108 7.62 -36.34 -41.26
N LEU A 109 6.31 -36.56 -41.33
CA LEU A 109 5.59 -37.06 -40.15
C LEU A 109 5.93 -38.52 -39.87
N MET A 110 5.87 -39.38 -40.90
CA MET A 110 6.15 -40.80 -40.70
C MET A 110 7.61 -41.09 -40.40
N ASP A 111 8.51 -40.18 -40.75
CA ASP A 111 9.94 -40.36 -40.54
C ASP A 111 10.32 -40.42 -39.07
N LEU A 112 9.40 -40.09 -38.17
CA LEU A 112 9.66 -40.13 -36.73
C LEU A 112 9.30 -41.47 -36.10
N TYR A 113 8.62 -42.35 -36.84
CA TYR A 113 8.23 -43.65 -36.35
C TYR A 113 9.12 -44.77 -36.87
N ASN A 114 10.29 -44.43 -37.42
CA ASN A 114 11.21 -45.44 -37.93
C ASN A 114 11.59 -46.40 -36.81
N GLU A 115 11.66 -47.69 -37.16
CA GLU A 115 12.01 -48.70 -36.16
C GLU A 115 13.39 -48.47 -35.58
N SER A 116 14.32 -47.95 -36.38
CA SER A 116 15.67 -47.68 -35.89
C SER A 116 15.64 -46.76 -34.67
N SER A 117 14.74 -45.77 -34.67
CA SER A 117 14.63 -44.89 -33.53
C SER A 117 14.10 -45.64 -32.31
N GLN A 118 13.09 -46.50 -32.51
CA GLN A 118 12.52 -47.31 -31.43
C GLN A 118 13.31 -48.62 -31.33
N ALA A 119 14.51 -48.52 -30.78
CA ALA A 119 15.38 -49.68 -30.64
C ALA A 119 15.90 -49.80 -29.23
N GLY A 120 16.13 -51.04 -28.82
CA GLY A 120 16.62 -51.34 -27.49
C GLY A 120 15.49 -51.42 -26.47
N ASN A 121 15.89 -51.69 -25.24
CA ASN A 121 14.90 -51.77 -24.15
C ASN A 121 14.45 -50.38 -23.73
N SER A 122 15.34 -49.40 -23.79
CA SER A 122 15.04 -48.04 -23.41
C SER A 122 15.04 -47.10 -24.60
N PRO A 123 14.17 -46.08 -24.58
CA PRO A 123 13.28 -46.03 -23.43
C PRO A 123 11.90 -46.56 -23.84
N PHE A 124 11.90 -47.35 -24.91
CA PHE A 124 10.69 -47.92 -25.50
C PHE A 124 10.45 -49.34 -25.03
N GLU A 125 9.22 -49.62 -24.60
CA GLU A 125 8.81 -50.93 -24.13
C GLU A 125 7.66 -51.45 -24.99
N ASP A 126 7.60 -52.78 -25.14
CA ASP A 126 6.56 -53.42 -25.93
C ASP A 126 5.22 -53.40 -25.21
N CYS A 127 4.16 -53.12 -25.97
CA CYS A 127 2.80 -53.07 -25.44
C CYS A 127 1.88 -53.95 -26.28
N SER A 128 0.71 -54.24 -25.70
CA SER A 128 -0.29 -55.11 -26.32
C SER A 128 -0.52 -54.78 -27.79
N ASP A 129 -0.43 -55.81 -28.64
CA ASP A 129 -0.64 -55.65 -30.07
C ASP A 129 -2.10 -55.32 -30.40
N THR A 130 -3.00 -55.51 -29.46
CA THR A 130 -4.43 -55.25 -29.51
C THR A 130 -4.76 -54.13 -28.53
N PRO A 131 -5.73 -53.28 -28.83
CA PRO A 131 -6.08 -52.17 -27.93
C PRO A 131 -6.25 -52.65 -26.49
N ALA A 132 -5.79 -51.81 -25.55
CA ALA A 132 -5.86 -52.13 -24.14
C ALA A 132 -6.27 -50.88 -23.37
N ASP A 133 -6.20 -50.96 -22.05
CA ASP A 133 -6.60 -49.87 -21.16
C ASP A 133 -5.43 -48.93 -20.88
N TYR A 134 -5.68 -47.93 -20.04
CA TYR A 134 -4.69 -46.95 -19.67
C TYR A 134 -3.51 -47.60 -18.95
N ILE A 135 -2.43 -46.84 -18.82
CA ILE A 135 -1.21 -47.27 -18.14
C ILE A 135 -0.68 -46.06 -17.39
N LYS A 136 -0.55 -46.18 -16.06
CA LYS A 136 -0.06 -45.10 -15.22
C LYS A 136 1.35 -45.44 -14.76
N ARG A 137 2.31 -44.60 -15.15
CA ARG A 137 3.71 -44.79 -14.79
C ARG A 137 4.11 -43.97 -13.56
N GLY A 138 3.16 -43.64 -12.70
CA GLY A 138 3.43 -42.89 -11.49
C GLY A 138 2.84 -41.49 -11.53
N ASP A 139 3.35 -40.65 -10.63
CA ASP A 139 2.92 -39.27 -10.51
C ASP A 139 3.76 -38.37 -11.42
N LEU A 140 3.62 -37.06 -11.24
CA LEU A 140 4.36 -36.07 -12.04
C LEU A 140 5.61 -35.63 -11.26
N ASP A 141 6.52 -36.57 -11.07
CA ASP A 141 7.75 -36.27 -10.35
C ASP A 141 8.98 -36.70 -11.13
N ASP A 142 10.13 -36.57 -10.48
CA ASP A 142 11.42 -36.98 -11.02
C ASP A 142 11.95 -38.18 -10.26
N SER A 143 11.13 -38.73 -9.36
CA SER A 143 11.52 -39.88 -8.54
C SER A 143 11.95 -41.07 -9.37
N GLN A 144 11.04 -41.62 -10.20
CA GLN A 144 11.47 -42.77 -10.99
C GLN A 144 12.00 -42.39 -12.37
N GLY A 145 12.83 -41.35 -12.45
CA GLY A 145 13.43 -40.95 -13.71
C GLY A 145 12.51 -40.86 -14.92
N GLN A 146 13.12 -40.88 -16.11
CA GLN A 146 12.38 -40.83 -17.36
C GLN A 146 11.40 -41.99 -17.46
N LYS A 147 10.14 -41.68 -17.73
CA LYS A 147 9.13 -42.72 -17.87
C LYS A 147 9.36 -43.49 -19.18
N LYS A 148 8.52 -44.50 -19.42
CA LYS A 148 8.62 -45.32 -20.62
C LYS A 148 7.34 -45.20 -21.44
N ALA A 149 7.49 -45.10 -22.75
CA ALA A 149 6.37 -44.97 -23.68
C ALA A 149 6.25 -46.20 -24.56
N CYS A 150 5.00 -46.49 -24.96
CA CYS A 150 4.73 -47.65 -25.80
C CYS A 150 5.21 -47.43 -27.23
N ARG A 151 5.69 -48.49 -27.85
CA ARG A 151 6.15 -48.43 -29.23
C ARG A 151 4.98 -48.40 -30.20
N PHE A 152 5.18 -47.72 -31.32
CA PHE A 152 4.18 -47.63 -32.39
C PHE A 152 4.90 -47.93 -33.70
N SER A 153 4.60 -49.07 -34.30
CA SER A 153 5.26 -49.49 -35.52
C SER A 153 4.64 -48.85 -36.76
N ARG A 154 5.48 -48.61 -37.75
CA ARG A 154 5.04 -48.03 -39.01
C ARG A 154 4.11 -48.98 -39.74
N MET A 155 4.54 -50.23 -39.90
CA MET A 155 3.81 -51.28 -40.62
C MET A 155 2.35 -51.41 -40.21
N TRP A 156 1.99 -50.99 -38.98
CA TRP A 156 0.60 -51.07 -38.54
C TRP A 156 -0.29 -50.40 -39.59
N LEU A 157 0.13 -49.26 -40.10
CA LEU A 157 -0.59 -48.63 -41.21
C LEU A 157 -0.27 -49.50 -42.42
N LYS A 158 -1.28 -50.15 -42.99
CA LYS A 158 -1.03 -51.08 -44.07
C LYS A 158 -0.71 -50.50 -45.43
N ASN A 159 -1.65 -49.78 -46.06
CA ASN A 159 -1.30 -49.29 -47.38
C ASN A 159 -0.74 -47.88 -47.40
N CYS A 160 -0.71 -47.17 -46.27
CA CYS A 160 -0.10 -45.83 -46.24
C CYS A 160 1.03 -45.87 -45.21
N SER A 161 2.21 -46.28 -45.65
CA SER A 161 3.38 -46.31 -44.78
C SER A 161 4.66 -45.81 -45.43
N GLY A 162 4.66 -45.52 -46.72
CA GLY A 162 5.87 -45.06 -47.38
C GLY A 162 6.96 -46.11 -47.47
N LEU A 163 6.68 -47.33 -47.03
CA LEU A 163 7.63 -48.43 -47.08
C LEU A 163 7.49 -49.25 -48.35
N ASP A 164 6.27 -49.36 -48.88
CA ASP A 164 5.99 -50.09 -50.11
C ASP A 164 5.84 -49.14 -51.29
N ASP A 165 4.91 -48.19 -51.18
CA ASP A 165 4.62 -47.19 -52.20
C ASP A 165 4.94 -45.85 -51.54
N THR A 166 6.19 -45.42 -51.68
CA THR A 166 6.71 -44.19 -51.08
C THR A 166 5.76 -43.01 -51.23
N THR A 167 5.13 -42.89 -52.40
CA THR A 167 4.20 -41.80 -52.65
C THR A 167 3.00 -41.81 -51.69
N TYR A 168 2.65 -42.99 -51.17
CA TYR A 168 1.54 -43.25 -50.24
C TYR A 168 0.18 -43.36 -50.94
N GLY A 169 0.11 -43.37 -52.26
CA GLY A 169 -1.16 -43.48 -52.92
C GLY A 169 -1.49 -42.41 -53.95
N TYR A 170 -0.96 -41.20 -53.76
CA TYR A 170 -1.19 -40.07 -54.66
C TYR A 170 -0.82 -40.38 -56.10
N ALA A 171 -0.14 -41.50 -56.32
CA ALA A 171 0.31 -41.87 -57.65
C ALA A 171 -0.80 -42.39 -58.57
N GLU A 172 -1.85 -43.01 -58.02
CA GLU A 172 -2.90 -43.55 -58.88
C GLU A 172 -4.29 -43.17 -58.43
N GLY A 173 -4.47 -41.97 -57.91
CA GLY A 173 -5.80 -41.52 -57.50
C GLY A 173 -6.39 -42.21 -56.29
N LYS A 174 -5.57 -42.51 -55.28
CA LYS A 174 -6.04 -43.14 -54.04
C LYS A 174 -5.19 -42.56 -52.93
N PRO A 175 -5.62 -41.44 -52.35
CA PRO A 175 -4.82 -40.80 -51.31
C PRO A 175 -5.13 -41.28 -49.90
N CYS A 176 -4.17 -41.07 -49.02
CA CYS A 176 -4.27 -41.40 -47.60
C CYS A 176 -4.15 -40.12 -46.81
N VAL A 177 -4.68 -40.17 -45.58
CA VAL A 177 -4.68 -39.05 -44.67
C VAL A 177 -4.39 -39.61 -43.28
N VAL A 178 -3.24 -39.26 -42.72
CA VAL A 178 -2.85 -39.72 -41.39
C VAL A 178 -3.36 -38.70 -40.38
N ALA A 179 -4.38 -39.08 -39.63
CA ALA A 179 -4.98 -38.24 -38.62
C ALA A 179 -4.25 -38.45 -37.29
N LYS A 180 -4.21 -37.39 -36.49
CA LYS A 180 -3.53 -37.42 -35.20
C LYS A 180 -4.25 -36.56 -34.17
N LEU A 181 -4.29 -37.07 -32.95
CA LEU A 181 -4.92 -36.40 -31.80
C LEU A 181 -3.88 -35.55 -31.09
N ASN A 182 -4.24 -34.30 -30.78
CA ASN A 182 -3.31 -33.39 -30.12
C ASN A 182 -2.90 -33.87 -28.74
N ARG A 183 -1.59 -33.93 -28.51
CA ARG A 183 -1.02 -34.38 -27.25
C ARG A 183 -1.31 -33.41 -26.11
N ILE A 184 -1.89 -33.92 -25.02
CA ILE A 184 -2.19 -33.12 -23.84
C ILE A 184 -1.70 -33.86 -22.62
N ILE A 185 -1.07 -33.14 -21.69
CA ILE A 185 -0.53 -33.73 -20.48
C ILE A 185 -1.65 -34.15 -19.55
N GLY A 186 -1.57 -35.39 -19.07
CA GLY A 186 -2.55 -35.93 -18.14
C GLY A 186 -3.96 -36.04 -18.68
N PHE A 187 -4.13 -36.14 -20.00
CA PHE A 187 -5.46 -36.25 -20.57
C PHE A 187 -5.79 -37.71 -20.83
N TYR A 188 -6.91 -38.16 -20.24
CA TYR A 188 -7.37 -39.53 -20.41
C TYR A 188 -8.53 -39.54 -21.40
N PRO A 189 -8.40 -40.19 -22.56
CA PRO A 189 -9.52 -40.24 -23.50
C PRO A 189 -10.63 -41.15 -22.97
N LYS A 190 -11.86 -40.68 -23.09
CA LYS A 190 -13.03 -41.44 -22.62
C LYS A 190 -14.02 -41.68 -23.74
N PRO A 191 -14.13 -42.90 -24.25
CA PRO A 191 -15.08 -43.19 -25.31
C PRO A 191 -16.51 -43.34 -24.80
N LEU A 192 -17.45 -43.20 -25.72
CA LEU A 192 -18.86 -43.33 -25.41
C LEU A 192 -19.21 -44.77 -25.04
N LYS A 193 -20.19 -44.93 -24.15
CA LYS A 193 -20.61 -46.26 -23.71
C LYS A 193 -21.68 -46.84 -24.63
N ASN A 194 -21.89 -48.16 -24.47
CA ASN A 194 -22.79 -49.00 -25.25
C ASN A 194 -24.28 -48.73 -25.02
N THR A 195 -24.66 -47.73 -24.23
CA THR A 195 -26.07 -47.45 -23.98
C THR A 195 -26.82 -47.19 -25.30
N THR A 196 -28.16 -47.30 -25.23
CA THR A 196 -29.03 -47.12 -26.38
C THR A 196 -28.78 -45.82 -27.14
N ASP A 197 -28.18 -44.83 -26.49
CA ASP A 197 -27.89 -43.55 -27.14
C ASP A 197 -26.43 -43.57 -27.55
N LEU A 198 -26.20 -43.58 -28.86
CA LEU A 198 -24.90 -43.63 -29.48
C LEU A 198 -25.15 -43.38 -30.96
N PRO A 199 -24.21 -42.77 -31.70
CA PRO A 199 -24.44 -42.56 -33.13
C PRO A 199 -24.64 -43.89 -33.85
N GLU A 200 -25.13 -43.79 -35.07
CA GLU A 200 -25.38 -44.98 -35.88
C GLU A 200 -24.09 -45.75 -36.11
N GLU A 201 -23.13 -45.08 -36.74
CA GLU A 201 -21.83 -45.64 -37.10
C GLU A 201 -21.11 -46.41 -35.98
N LEU A 202 -21.03 -45.83 -34.80
CA LEU A 202 -20.27 -46.39 -33.68
C LEU A 202 -20.75 -47.73 -33.15
N GLN A 203 -21.99 -48.14 -33.44
CA GLN A 203 -22.52 -49.37 -32.87
C GLN A 203 -21.60 -50.57 -33.11
N ALA A 204 -21.29 -50.86 -34.36
CA ALA A 204 -20.45 -52.00 -34.68
C ALA A 204 -19.01 -51.81 -34.21
N ASN A 205 -18.41 -52.90 -33.72
CA ASN A 205 -17.02 -52.93 -33.25
C ASN A 205 -16.79 -51.94 -32.10
N TYR A 206 -17.56 -52.13 -31.03
CA TYR A 206 -17.48 -51.27 -29.85
C TYR A 206 -16.37 -51.75 -28.90
N ASN A 207 -15.13 -51.55 -29.32
CA ASN A 207 -14.00 -51.90 -28.47
C ASN A 207 -13.86 -50.72 -27.50
N GLN A 208 -14.20 -50.95 -26.24
CA GLN A 208 -14.15 -49.87 -25.24
C GLN A 208 -12.79 -49.17 -25.25
N TYR A 209 -11.73 -49.93 -25.36
CA TYR A 209 -10.38 -49.38 -25.36
C TYR A 209 -10.02 -48.61 -26.64
N VAL A 210 -10.89 -48.35 -27.60
CA VAL A 210 -10.52 -47.62 -28.81
C VAL A 210 -11.37 -46.37 -28.94
N LEU A 211 -10.72 -45.24 -29.22
CA LEU A 211 -11.42 -43.98 -29.44
C LEU A 211 -11.76 -43.94 -30.92
N PRO A 212 -13.03 -43.96 -31.30
CA PRO A 212 -13.39 -44.00 -32.73
C PRO A 212 -13.26 -42.68 -33.47
N LEU A 213 -12.84 -42.81 -34.73
CA LEU A 213 -12.69 -41.71 -35.67
C LEU A 213 -13.46 -42.11 -36.91
N ARG A 214 -14.36 -41.25 -37.38
CA ARG A 214 -15.14 -41.59 -38.56
C ARG A 214 -15.35 -40.36 -39.43
N CYS A 215 -15.06 -40.52 -40.72
CA CYS A 215 -15.19 -39.45 -41.70
C CYS A 215 -16.49 -39.62 -42.48
N ALA A 216 -16.98 -38.50 -43.01
CA ALA A 216 -18.21 -38.49 -43.79
C ALA A 216 -18.18 -37.29 -44.72
N ALA A 217 -19.31 -37.00 -45.35
CA ALA A 217 -19.46 -35.89 -46.28
C ALA A 217 -20.17 -34.73 -45.61
N LYS A 218 -19.67 -33.52 -45.85
CA LYS A 218 -20.28 -32.33 -45.26
C LYS A 218 -21.72 -32.15 -45.73
N ARG A 219 -21.96 -32.29 -47.03
CA ARG A 219 -23.29 -32.13 -47.59
C ARG A 219 -23.90 -33.49 -47.91
N GLU A 220 -25.23 -33.51 -47.95
CA GLU A 220 -25.95 -34.75 -48.24
C GLU A 220 -25.70 -35.23 -49.66
N GLU A 221 -25.52 -34.30 -50.60
CA GLU A 221 -25.29 -34.69 -51.99
C GLU A 221 -23.97 -35.43 -52.17
N ASP A 222 -22.88 -34.87 -51.64
CA ASP A 222 -21.54 -35.44 -51.78
C ASP A 222 -21.43 -36.88 -51.35
N ARG A 223 -22.37 -37.38 -50.54
CA ARG A 223 -22.33 -38.75 -50.06
C ARG A 223 -22.06 -39.72 -51.20
N GLU A 224 -22.91 -39.67 -52.23
CA GLU A 224 -22.78 -40.57 -53.37
C GLU A 224 -21.44 -40.43 -54.09
N LYS A 225 -20.92 -39.21 -54.19
CA LYS A 225 -19.66 -38.98 -54.89
C LYS A 225 -18.44 -39.44 -54.10
N ILE A 226 -18.58 -39.83 -52.84
CA ILE A 226 -17.47 -40.31 -52.03
C ILE A 226 -17.56 -41.83 -52.03
N GLY A 227 -16.40 -42.48 -52.20
CA GLY A 227 -16.34 -43.93 -52.29
C GLY A 227 -16.22 -44.74 -51.03
N SER A 228 -15.13 -45.48 -50.90
CA SER A 228 -14.90 -46.33 -49.75
C SER A 228 -13.79 -45.78 -48.88
N ILE A 229 -14.17 -45.36 -47.67
CA ILE A 229 -13.27 -44.83 -46.66
C ILE A 229 -12.71 -46.03 -45.90
N GLU A 230 -11.44 -46.35 -46.12
CA GLU A 230 -10.78 -47.49 -45.51
C GLU A 230 -9.82 -47.01 -44.42
N TYR A 231 -10.18 -47.22 -43.16
CA TYR A 231 -9.36 -46.81 -42.04
C TYR A 231 -8.37 -47.90 -41.64
N PHE A 232 -7.14 -47.49 -41.38
CA PHE A 232 -6.06 -48.35 -40.94
C PHE A 232 -5.60 -47.89 -39.56
N GLY A 233 -5.38 -48.82 -38.65
CA GLY A 233 -4.96 -48.44 -37.33
C GLY A 233 -4.49 -49.62 -36.50
N LEU A 234 -4.29 -49.35 -35.21
CA LEU A 234 -3.84 -50.36 -34.26
C LEU A 234 -4.92 -51.41 -34.08
N GLY A 235 -4.61 -52.66 -34.42
CA GLY A 235 -5.55 -53.75 -34.29
C GLY A 235 -6.57 -53.83 -35.42
N GLY A 236 -6.48 -52.94 -36.41
CA GLY A 236 -7.42 -52.92 -37.51
C GLY A 236 -8.64 -52.05 -37.29
N TYR A 237 -8.78 -51.48 -36.09
CA TYR A 237 -9.91 -50.62 -35.76
C TYR A 237 -9.67 -49.20 -36.26
N ALA A 238 -10.77 -48.46 -36.36
CA ALA A 238 -10.73 -47.06 -36.80
C ALA A 238 -10.72 -46.15 -35.58
N GLY A 239 -9.62 -46.21 -34.83
CA GLY A 239 -9.52 -45.38 -33.65
C GLY A 239 -8.13 -45.36 -33.07
N PHE A 240 -8.05 -44.79 -31.88
CA PHE A 240 -6.80 -44.67 -31.13
C PHE A 240 -6.85 -45.54 -29.89
N PRO A 241 -5.83 -46.39 -29.68
CA PRO A 241 -5.83 -47.23 -28.48
C PRO A 241 -5.57 -46.41 -27.22
N LEU A 242 -6.36 -46.67 -26.19
CA LEU A 242 -6.26 -45.96 -24.91
C LEU A 242 -4.96 -46.23 -24.18
N GLN A 243 -4.19 -47.25 -24.57
CA GLN A 243 -2.95 -47.58 -23.88
C GLN A 243 -1.85 -46.54 -24.04
N TYR A 244 -1.93 -45.68 -25.06
CA TYR A 244 -0.90 -44.67 -25.27
C TYR A 244 -1.13 -43.42 -24.44
N TYR A 245 -2.00 -43.51 -23.45
CA TYR A 245 -2.34 -42.40 -22.58
C TYR A 245 -2.25 -42.84 -21.12
N PRO A 246 -2.02 -41.90 -20.20
CA PRO A 246 -1.87 -40.50 -20.62
C PRO A 246 -0.44 -40.11 -21.01
N TYR A 247 -0.32 -38.88 -21.49
CA TYR A 247 0.96 -38.30 -21.90
C TYR A 247 1.52 -37.56 -20.70
N TYR A 248 2.79 -37.80 -20.40
CA TYR A 248 3.45 -37.21 -19.24
C TYR A 248 4.26 -35.96 -19.57
N GLY A 249 4.19 -35.45 -20.78
CA GLY A 249 4.97 -34.25 -21.02
C GLY A 249 6.36 -34.56 -21.55
N LYS A 250 6.94 -33.57 -22.22
CA LYS A 250 8.26 -33.74 -22.82
C LYS A 250 9.33 -34.02 -21.78
N ARG A 251 9.37 -33.22 -20.72
CA ARG A 251 10.41 -33.37 -19.71
C ARG A 251 10.41 -34.75 -19.07
N LEU A 252 9.23 -35.32 -18.82
CA LEU A 252 9.16 -36.62 -18.19
C LEU A 252 9.03 -37.80 -19.15
N GLN A 253 8.82 -37.55 -20.44
CA GLN A 253 8.65 -38.65 -21.39
C GLN A 253 9.28 -38.39 -22.75
N LYS A 254 10.52 -37.92 -22.79
CA LYS A 254 11.14 -37.70 -24.10
C LYS A 254 11.10 -39.02 -24.89
N LYS A 255 11.12 -38.89 -26.22
CA LYS A 255 11.05 -40.05 -27.11
C LYS A 255 9.70 -40.77 -26.93
N TYR A 256 8.63 -39.99 -26.99
CA TYR A 256 7.26 -40.50 -26.86
C TYR A 256 6.56 -40.39 -28.20
N LEU A 257 5.84 -41.45 -28.58
CA LEU A 257 5.13 -41.48 -29.84
C LEU A 257 3.64 -41.61 -29.59
N GLN A 258 2.86 -40.75 -30.24
CA GLN A 258 1.41 -40.69 -30.18
C GLN A 258 0.80 -41.56 -31.28
N PRO A 259 -0.32 -42.22 -31.02
CA PRO A 259 -0.93 -43.07 -32.04
C PRO A 259 -1.32 -42.26 -33.27
N LEU A 260 -1.49 -42.97 -34.38
CA LEU A 260 -1.86 -42.36 -35.66
C LEU A 260 -2.90 -43.22 -36.32
N LEU A 261 -3.72 -42.61 -37.19
CA LEU A 261 -4.75 -43.37 -37.90
C LEU A 261 -4.71 -43.02 -39.38
N ALA A 262 -4.55 -44.03 -40.23
CA ALA A 262 -4.49 -43.78 -41.67
C ALA A 262 -5.89 -43.90 -42.27
N ILE A 263 -6.20 -43.08 -43.26
CA ILE A 263 -7.50 -43.11 -43.91
C ILE A 263 -7.30 -43.06 -45.41
N GLN A 264 -7.71 -44.12 -46.12
CA GLN A 264 -7.60 -44.16 -47.57
C GLN A 264 -8.98 -43.89 -48.17
N PHE A 265 -9.06 -42.89 -49.04
CA PHE A 265 -10.32 -42.50 -49.68
C PHE A 265 -10.43 -43.16 -51.04
N THR A 266 -10.56 -44.48 -51.04
CA THR A 266 -10.66 -45.20 -52.29
C THR A 266 -11.94 -44.84 -53.02
N ASN A 267 -11.94 -45.08 -54.33
CA ASN A 267 -13.08 -44.82 -55.22
C ASN A 267 -13.56 -43.37 -55.10
N LEU A 268 -12.68 -42.45 -55.45
CA LEU A 268 -12.97 -41.03 -55.40
C LEU A 268 -13.31 -40.53 -56.81
N THR A 269 -14.45 -39.85 -56.93
CA THR A 269 -14.88 -39.31 -58.23
C THR A 269 -13.81 -38.36 -58.76
N GLN A 270 -13.58 -38.41 -60.07
CA GLN A 270 -12.57 -37.59 -60.70
C GLN A 270 -13.11 -36.24 -61.16
N ASN A 271 -12.24 -35.24 -61.10
CA ASN A 271 -12.50 -33.86 -61.51
C ASN A 271 -13.71 -33.23 -60.80
N MET A 272 -13.65 -33.23 -59.47
CA MET A 272 -14.73 -32.63 -58.68
C MET A 272 -14.32 -32.44 -57.22
N GLU A 273 -14.56 -31.24 -56.69
CA GLU A 273 -14.20 -30.91 -55.32
C GLU A 273 -15.11 -31.61 -54.32
N LEU A 274 -14.53 -32.43 -53.45
CA LEU A 274 -15.26 -33.18 -52.44
C LEU A 274 -14.88 -32.70 -51.05
N ARG A 275 -15.88 -32.36 -50.24
CA ARG A 275 -15.70 -31.87 -48.87
C ARG A 275 -15.90 -33.05 -47.92
N ILE A 276 -14.84 -33.47 -47.25
CA ILE A 276 -14.88 -34.60 -46.33
C ILE A 276 -14.59 -34.10 -44.91
N GLU A 277 -15.49 -34.39 -43.99
CA GLU A 277 -15.34 -34.00 -42.59
C GLU A 277 -15.12 -35.23 -41.74
N CYS A 278 -14.02 -35.27 -41.02
CA CYS A 278 -13.69 -36.38 -40.13
C CYS A 278 -13.97 -35.94 -38.70
N LYS A 279 -14.48 -36.86 -37.88
CA LYS A 279 -14.82 -36.51 -36.52
C LYS A 279 -14.56 -37.65 -35.55
N VAL A 280 -13.98 -37.31 -34.39
CA VAL A 280 -13.69 -38.23 -33.31
C VAL A 280 -14.83 -38.13 -32.31
N TYR A 281 -15.09 -39.22 -31.58
CA TYR A 281 -16.17 -39.25 -30.61
C TYR A 281 -15.63 -39.63 -29.24
N GLY A 282 -16.25 -39.07 -28.20
CA GLY A 282 -15.82 -39.34 -26.84
C GLY A 282 -16.43 -38.40 -25.82
N GLU A 283 -16.37 -38.81 -24.54
CA GLU A 283 -16.93 -37.99 -23.47
C GLU A 283 -16.23 -36.65 -23.33
N ASN A 284 -14.93 -36.67 -23.01
CA ASN A 284 -14.24 -35.40 -22.86
C ASN A 284 -13.77 -34.87 -24.20
N ILE A 285 -14.66 -34.91 -25.18
CA ILE A 285 -14.43 -34.42 -26.54
C ILE A 285 -15.60 -33.50 -26.86
N ASP A 286 -15.31 -32.26 -27.26
CA ASP A 286 -16.34 -31.31 -27.58
C ASP A 286 -15.89 -30.48 -28.77
N TYR A 287 -16.82 -30.20 -29.67
CA TYR A 287 -16.53 -29.43 -30.87
C TYR A 287 -16.86 -27.96 -30.64
N SER A 288 -16.38 -27.11 -31.54
CA SER A 288 -16.60 -25.68 -31.45
C SER A 288 -16.95 -25.14 -32.83
N GLU A 289 -17.99 -24.31 -32.88
CA GLU A 289 -18.42 -23.73 -34.15
C GLU A 289 -17.44 -22.68 -34.67
N LYS A 290 -16.50 -22.22 -33.84
CA LYS A 290 -15.49 -21.24 -34.23
C LYS A 290 -14.18 -21.89 -34.64
N ASP A 291 -13.73 -22.89 -33.89
CA ASP A 291 -12.50 -23.62 -34.18
C ASP A 291 -12.90 -24.87 -34.94
N ARG A 292 -12.57 -24.92 -36.23
CA ARG A 292 -12.91 -26.04 -37.09
C ARG A 292 -11.89 -27.17 -36.99
N PHE A 293 -11.05 -27.18 -35.96
CA PHE A 293 -10.05 -28.22 -35.76
C PHE A 293 -10.17 -28.85 -34.38
N ARG A 294 -11.17 -28.47 -33.59
CA ARG A 294 -11.37 -28.99 -32.24
C ARG A 294 -12.18 -30.28 -32.34
N GLY A 295 -11.50 -31.42 -32.23
CA GLY A 295 -12.15 -32.70 -32.30
C GLY A 295 -12.42 -33.24 -33.69
N ARG A 296 -12.71 -32.36 -34.63
CA ARG A 296 -12.99 -32.74 -36.00
C ARG A 296 -12.08 -31.96 -36.94
N PHE A 297 -12.16 -32.28 -38.23
CA PHE A 297 -11.36 -31.57 -39.22
C PHE A 297 -12.02 -31.71 -40.58
N GLU A 298 -11.74 -30.76 -41.46
CA GLU A 298 -12.29 -30.72 -42.80
C GLU A 298 -11.18 -30.76 -43.83
N VAL A 299 -11.43 -31.49 -44.91
CA VAL A 299 -10.46 -31.63 -45.99
C VAL A 299 -11.20 -31.54 -47.32
N LYS A 300 -10.60 -30.83 -48.26
CA LYS A 300 -11.15 -30.70 -49.61
C LYS A 300 -10.23 -31.50 -50.51
N ILE A 301 -10.77 -32.53 -51.16
CA ILE A 301 -9.98 -33.38 -52.04
C ILE A 301 -10.54 -33.26 -53.45
N GLU A 302 -9.63 -33.14 -54.41
CA GLU A 302 -9.99 -33.02 -55.81
C GLU A 302 -8.86 -33.66 -56.61
N VAL A 303 -9.04 -34.93 -56.98
CA VAL A 303 -8.03 -35.66 -57.76
C VAL A 303 -8.38 -35.40 -59.23
N LYS A 304 -7.89 -34.28 -59.75
CA LYS A 304 -8.15 -33.89 -61.13
C LYS A 304 -7.11 -34.53 -62.06
N SER A 305 -7.58 -35.34 -62.99
CA SER A 305 -6.69 -36.01 -63.92
C SER A 305 -7.30 -36.09 -65.31
N ASP B 47 -25.46 63.30 -52.06
CA ASP B 47 -25.94 63.70 -50.74
C ASP B 47 -26.84 64.92 -50.82
N ASP B 48 -27.31 65.36 -49.64
CA ASP B 48 -28.17 66.52 -49.51
C ASP B 48 -27.51 67.59 -48.64
N HIS B 49 -26.18 67.60 -48.63
CA HIS B 49 -25.42 68.54 -47.83
C HIS B 49 -25.74 69.99 -48.18
N LYS B 50 -25.75 70.30 -49.48
CA LYS B 50 -26.00 71.67 -49.95
C LYS B 50 -27.46 72.01 -49.75
N LEU B 51 -27.79 72.32 -48.49
CA LEU B 51 -29.14 72.68 -48.08
C LEU B 51 -29.01 73.68 -46.94
N SER B 52 -30.09 73.86 -46.19
CA SER B 52 -30.10 74.78 -45.05
C SER B 52 -30.55 74.01 -43.82
N LEU B 53 -30.54 74.68 -42.67
CA LEU B 53 -31.01 74.02 -41.46
C LEU B 53 -32.53 73.87 -41.50
N ASP B 54 -33.22 74.85 -42.11
CA ASP B 54 -34.66 74.77 -42.24
C ASP B 54 -35.06 73.70 -43.24
N GLU B 55 -34.37 73.63 -44.39
CA GLU B 55 -34.69 72.61 -45.39
C GLU B 55 -34.42 71.21 -44.83
N LEU B 56 -33.33 71.05 -44.07
CA LEU B 56 -33.01 69.76 -43.48
C LEU B 56 -34.09 69.34 -42.47
N HIS B 57 -34.42 70.24 -41.54
CA HIS B 57 -35.45 69.94 -40.56
C HIS B 57 -36.81 69.74 -41.22
N ASN B 58 -37.04 70.36 -42.37
CA ASN B 58 -38.30 70.20 -43.09
C ASN B 58 -38.35 68.92 -43.91
N LYS B 59 -37.19 68.35 -44.23
CA LYS B 59 -37.16 67.11 -45.00
C LYS B 59 -37.25 65.89 -44.10
N TYR B 60 -36.49 65.83 -43.01
CA TYR B 60 -36.60 64.67 -42.15
C TYR B 60 -37.59 64.87 -41.00
N GLY B 61 -37.82 66.11 -40.59
CA GLY B 61 -38.76 66.45 -39.54
C GLY B 61 -38.05 66.47 -38.21
N THR B 62 -37.71 67.66 -37.70
CA THR B 62 -37.01 67.68 -36.42
C THR B 62 -36.86 69.08 -35.88
N ASP B 63 -37.00 69.20 -34.56
CA ASP B 63 -36.85 70.47 -33.85
C ASP B 63 -35.36 70.73 -33.63
N LEU B 64 -34.88 71.89 -34.08
CA LEU B 64 -33.46 72.21 -33.90
C LEU B 64 -33.10 72.43 -32.44
N THR B 65 -34.06 72.87 -31.62
CA THR B 65 -33.81 73.14 -30.21
C THR B 65 -34.47 72.17 -29.25
N ARG B 66 -35.40 71.33 -29.72
CA ARG B 66 -36.06 70.37 -28.85
C ARG B 66 -35.91 68.93 -29.32
N GLY B 67 -35.44 68.70 -30.55
CA GLY B 67 -35.29 67.35 -31.03
C GLY B 67 -36.64 66.69 -31.26
N LEU B 68 -36.60 65.37 -31.33
CA LEU B 68 -37.79 64.57 -31.55
C LEU B 68 -38.46 64.22 -30.23
N THR B 69 -39.66 63.63 -30.34
CA THR B 69 -40.41 63.18 -29.19
C THR B 69 -40.14 61.68 -29.03
N ASN B 70 -40.27 61.19 -27.80
CA ASN B 70 -40.01 59.77 -27.55
C ASN B 70 -40.93 58.87 -28.35
N ALA B 71 -42.23 59.21 -28.41
CA ALA B 71 -43.16 58.40 -29.18
C ALA B 71 -42.79 58.40 -30.66
N ARG B 72 -42.46 59.58 -31.20
CA ARG B 72 -42.06 59.67 -32.60
C ARG B 72 -40.74 58.92 -32.84
N ALA B 73 -39.82 59.02 -31.89
CA ALA B 73 -38.54 58.33 -32.02
C ALA B 73 -38.75 56.82 -32.10
N LYS B 74 -39.62 56.27 -31.24
CA LYS B 74 -39.88 54.83 -31.30
C LYS B 74 -40.64 54.47 -32.57
N GLU B 75 -41.52 55.35 -33.04
CA GLU B 75 -42.24 55.09 -34.28
C GLU B 75 -41.26 54.90 -35.43
N ILE B 76 -40.24 55.75 -35.50
CA ILE B 76 -39.24 55.62 -36.57
C ILE B 76 -38.32 54.43 -36.32
N LEU B 77 -37.94 54.20 -35.06
CA LEU B 77 -37.07 53.08 -34.70
C LEU B 77 -37.67 51.76 -35.17
N ALA B 78 -38.97 51.59 -34.96
CA ALA B 78 -39.63 50.39 -35.44
C ALA B 78 -39.94 50.48 -36.93
N ARG B 79 -39.96 51.69 -37.48
CA ARG B 79 -40.26 51.85 -38.90
C ARG B 79 -39.11 51.44 -39.83
N ASP B 80 -37.83 51.63 -39.45
CA ASP B 80 -36.80 51.29 -40.43
C ASP B 80 -35.62 50.44 -39.94
N GLY B 81 -35.74 49.77 -38.80
CA GLY B 81 -34.67 48.90 -38.36
C GLY B 81 -33.54 49.56 -37.60
N PRO B 82 -32.86 48.79 -36.75
CA PRO B 82 -31.76 49.32 -35.93
C PRO B 82 -30.55 49.78 -36.73
N ASN B 83 -29.81 50.70 -36.11
CA ASN B 83 -28.59 51.30 -36.67
C ASN B 83 -27.37 50.39 -36.45
N SER B 84 -27.46 49.18 -37.00
CA SER B 84 -26.38 48.21 -36.87
C SER B 84 -26.19 47.46 -38.18
N LEU B 85 -24.93 47.27 -38.58
CA LEU B 85 -24.64 46.57 -39.81
C LEU B 85 -25.08 45.11 -39.72
N THR B 86 -25.15 44.43 -40.91
CA THR B 86 -25.59 43.05 -41.01
C THR B 86 -24.42 42.08 -41.13
N PRO B 87 -24.58 40.87 -40.59
CA PRO B 87 -23.51 39.85 -40.66
C PRO B 87 -23.21 39.45 -42.09
N PRO B 88 -22.00 38.97 -42.36
CA PRO B 88 -21.61 38.59 -43.73
C PRO B 88 -21.81 37.12 -44.03
N PRO B 89 -21.61 36.71 -45.29
CA PRO B 89 -21.75 35.30 -45.67
C PRO B 89 -20.78 34.37 -44.94
N THR B 90 -21.16 33.10 -44.86
CA THR B 90 -20.37 32.08 -44.19
C THR B 90 -20.74 30.69 -44.72
N THR B 91 -20.05 29.65 -44.19
CA THR B 91 -20.27 28.24 -44.53
C THR B 91 -21.02 27.55 -43.40
N PRO B 92 -22.16 26.89 -43.68
CA PRO B 92 -22.90 26.20 -42.62
C PRO B 92 -22.19 24.93 -42.17
N GLU B 93 -22.89 24.08 -41.42
CA GLU B 93 -22.33 22.83 -40.93
C GLU B 93 -21.71 21.99 -42.04
N TRP B 94 -21.99 22.31 -43.30
CA TRP B 94 -21.44 21.57 -44.44
C TRP B 94 -19.92 21.50 -44.41
N ILE B 95 -19.28 22.67 -44.61
CA ILE B 95 -17.83 22.73 -44.58
C ILE B 95 -17.30 22.65 -43.16
N LYS B 96 -18.19 22.72 -42.17
CA LYS B 96 -17.79 22.59 -40.77
C LYS B 96 -17.56 21.12 -40.41
N PHE B 97 -18.38 20.22 -40.97
CA PHE B 97 -18.30 18.80 -40.71
C PHE B 97 -17.35 18.09 -41.67
N CYS B 98 -17.24 18.57 -42.92
CA CYS B 98 -16.32 17.91 -43.84
C CYS B 98 -14.90 17.98 -43.32
N ARG B 99 -14.51 19.12 -42.72
CA ARG B 99 -13.16 19.26 -42.20
C ARG B 99 -12.94 18.41 -40.96
N GLN B 100 -14.00 18.11 -40.20
CA GLN B 100 -13.85 17.32 -38.98
C GLN B 100 -13.81 15.82 -39.28
N LEU B 101 -14.89 15.29 -39.84
CA LEU B 101 -14.96 13.86 -40.12
C LEU B 101 -14.08 13.44 -41.29
N PHE B 102 -13.73 14.37 -42.18
CA PHE B 102 -12.93 14.04 -43.36
C PHE B 102 -11.69 14.92 -43.50
N GLY B 103 -10.89 15.02 -42.43
CA GLY B 103 -9.72 15.87 -42.46
C GLY B 103 -8.46 15.24 -43.02
N GLY B 104 -7.40 15.18 -42.23
CA GLY B 104 -6.15 14.61 -42.71
C GLY B 104 -5.71 13.34 -42.04
N PHE B 105 -5.95 13.21 -40.73
CA PHE B 105 -5.56 11.99 -40.04
C PHE B 105 -6.68 10.96 -40.06
N SER B 106 -7.93 11.41 -39.99
CA SER B 106 -9.08 10.50 -40.02
C SER B 106 -9.24 9.80 -41.37
N ILE B 107 -8.68 10.38 -42.44
CA ILE B 107 -8.77 9.78 -43.77
C ILE B 107 -8.21 8.36 -43.78
N LEU B 108 -7.04 8.17 -43.14
CA LEU B 108 -6.45 6.84 -43.09
C LEU B 108 -7.38 5.85 -42.39
N LEU B 109 -8.04 6.28 -41.30
CA LEU B 109 -8.99 5.42 -40.62
C LEU B 109 -10.15 5.08 -41.55
N TRP B 110 -10.60 6.06 -42.35
CA TRP B 110 -11.66 5.80 -43.31
C TRP B 110 -11.24 4.68 -44.26
N ILE B 111 -9.95 4.63 -44.58
CA ILE B 111 -9.46 3.56 -45.45
C ILE B 111 -9.53 2.23 -44.73
N GLY B 112 -8.98 2.16 -43.52
CA GLY B 112 -9.02 0.93 -42.73
C GLY B 112 -10.41 0.31 -42.76
N ALA B 113 -11.41 1.17 -42.54
CA ALA B 113 -12.80 0.72 -42.58
C ALA B 113 -13.19 0.16 -43.94
N ILE B 114 -12.83 0.89 -45.02
CA ILE B 114 -13.16 0.42 -46.37
C ILE B 114 -12.58 -0.97 -46.63
N LEU B 115 -11.25 -1.07 -46.50
CA LEU B 115 -10.53 -2.32 -46.70
C LEU B 115 -11.20 -3.49 -45.97
N CYS B 116 -11.44 -3.31 -44.67
CA CYS B 116 -12.06 -4.38 -43.88
C CYS B 116 -13.41 -4.82 -44.46
N PHE B 117 -14.24 -3.86 -44.89
CA PHE B 117 -15.52 -4.25 -45.47
C PHE B 117 -15.32 -5.11 -46.72
N LEU B 118 -14.36 -4.73 -47.57
CA LEU B 118 -14.09 -5.55 -48.75
C LEU B 118 -13.62 -6.95 -48.36
N ALA B 119 -12.88 -7.03 -47.24
CA ALA B 119 -12.39 -8.31 -46.73
C ALA B 119 -13.55 -9.19 -46.31
N TYR B 120 -14.63 -8.60 -45.83
CA TYR B 120 -15.79 -9.42 -45.47
C TYR B 120 -16.59 -9.82 -46.71
N GLY B 121 -16.67 -8.95 -47.71
CA GLY B 121 -17.45 -9.27 -48.90
C GLY B 121 -16.87 -10.44 -49.68
N ILE B 122 -15.55 -10.42 -49.91
CA ILE B 122 -14.94 -11.52 -50.65
C ILE B 122 -15.12 -12.84 -49.87
N GLN B 123 -15.21 -12.73 -48.55
CA GLN B 123 -15.38 -13.89 -47.67
C GLN B 123 -16.77 -14.49 -47.78
N ALA B 124 -17.80 -13.68 -47.49
CA ALA B 124 -19.18 -14.18 -47.54
C ALA B 124 -19.55 -14.66 -48.93
N ALA B 125 -19.08 -13.95 -49.97
CA ALA B 125 -19.39 -14.40 -51.31
C ALA B 125 -18.69 -15.72 -51.61
N THR B 126 -17.44 -15.88 -51.16
CA THR B 126 -16.77 -17.14 -51.46
C THR B 126 -16.95 -18.29 -50.47
N GLU B 127 -16.33 -18.15 -49.30
CA GLU B 127 -16.29 -19.21 -48.29
C GLU B 127 -17.61 -19.53 -47.59
N ASP B 128 -17.91 -20.82 -47.48
CA ASP B 128 -19.08 -21.30 -46.75
C ASP B 128 -18.81 -21.12 -45.24
N GLU B 129 -19.77 -20.56 -44.51
CA GLU B 129 -19.62 -20.33 -43.07
C GLU B 129 -18.37 -19.49 -42.80
N PRO B 130 -18.41 -18.19 -43.09
CA PRO B 130 -17.22 -17.35 -42.83
C PRO B 130 -17.09 -16.92 -41.37
N ALA B 131 -16.15 -16.02 -41.12
CA ALA B 131 -15.89 -15.43 -39.80
C ALA B 131 -16.42 -14.00 -39.80
N ASN B 132 -16.43 -13.35 -38.63
CA ASN B 132 -16.96 -12.00 -38.58
C ASN B 132 -16.03 -10.97 -37.93
N ASP B 133 -14.74 -11.26 -37.80
CA ASP B 133 -13.86 -10.26 -37.20
C ASP B 133 -13.77 -9.00 -38.07
N ASN B 134 -13.93 -9.15 -39.38
CA ASN B 134 -13.86 -8.01 -40.29
C ASN B 134 -15.10 -7.11 -40.21
N LEU B 135 -16.29 -7.70 -40.15
CA LEU B 135 -17.49 -6.88 -40.08
C LEU B 135 -17.50 -6.03 -38.80
N TYR B 136 -17.17 -6.66 -37.66
CA TYR B 136 -17.13 -5.89 -36.42
C TYR B 136 -15.96 -4.92 -36.42
N LEU B 137 -14.85 -5.25 -37.09
CA LEU B 137 -13.75 -4.28 -37.14
C LEU B 137 -14.20 -3.02 -37.88
N GLY B 138 -14.92 -3.18 -38.99
CA GLY B 138 -15.41 -2.01 -39.70
C GLY B 138 -16.43 -1.23 -38.87
N VAL B 139 -17.35 -1.94 -38.22
CA VAL B 139 -18.35 -1.28 -37.38
C VAL B 139 -17.70 -0.51 -36.23
N VAL B 140 -16.53 -0.95 -35.79
CA VAL B 140 -15.84 -0.24 -34.70
C VAL B 140 -15.07 0.98 -35.22
N LEU B 141 -14.31 0.79 -36.31
CA LEU B 141 -13.53 1.88 -36.87
C LEU B 141 -14.42 3.06 -37.28
N SER B 142 -15.52 2.76 -37.97
CA SER B 142 -16.42 3.84 -38.41
C SER B 142 -16.92 4.63 -37.22
N THR B 143 -17.31 3.93 -36.15
CA THR B 143 -17.78 4.60 -34.95
C THR B 143 -16.70 5.49 -34.35
N VAL B 144 -15.43 5.12 -34.51
CA VAL B 144 -14.37 5.96 -33.96
C VAL B 144 -14.25 7.26 -34.75
N VAL B 145 -14.26 7.19 -36.09
CA VAL B 145 -14.15 8.44 -36.85
C VAL B 145 -15.34 9.35 -36.54
N ILE B 146 -16.54 8.76 -36.45
CA ILE B 146 -17.74 9.56 -36.17
C ILE B 146 -17.65 10.25 -34.81
N VAL B 147 -17.26 9.51 -33.76
CA VAL B 147 -17.20 10.13 -32.44
C VAL B 147 -16.16 11.25 -32.41
N THR B 148 -14.92 10.96 -32.84
CA THR B 148 -13.87 11.98 -32.85
C THR B 148 -14.40 13.25 -33.49
N GLY B 149 -15.16 13.10 -34.59
CA GLY B 149 -15.73 14.27 -35.23
C GLY B 149 -16.71 15.01 -34.32
N CYS B 150 -17.59 14.27 -33.64
CA CYS B 150 -18.58 14.93 -32.76
C CYS B 150 -17.90 15.70 -31.62
N PHE B 151 -16.93 15.07 -30.95
CA PHE B 151 -16.23 15.76 -29.86
C PHE B 151 -15.57 17.04 -30.37
N SER B 152 -14.81 16.94 -31.46
CA SER B 152 -14.17 18.13 -32.01
C SER B 152 -15.19 19.21 -32.35
N TYR B 153 -16.37 18.81 -32.84
CA TYR B 153 -17.39 19.80 -33.16
C TYR B 153 -17.86 20.53 -31.91
N TYR B 154 -18.10 19.77 -30.83
CA TYR B 154 -18.53 20.37 -29.57
C TYR B 154 -17.50 21.35 -29.05
N GLN B 155 -16.26 21.23 -29.50
CA GLN B 155 -15.24 22.18 -29.04
C GLN B 155 -15.12 23.43 -29.94
N GLU B 156 -15.11 23.21 -31.26
CA GLU B 156 -14.99 24.31 -32.20
C GLU B 156 -16.13 25.31 -32.05
N ALA B 157 -17.37 24.82 -31.94
CA ALA B 157 -18.49 25.73 -31.78
C ALA B 157 -18.35 26.55 -30.50
N LYS B 158 -18.16 25.86 -29.37
CA LYS B 158 -17.99 26.48 -28.05
C LYS B 158 -17.09 27.71 -28.11
N SER B 159 -15.90 27.55 -28.71
CA SER B 159 -15.01 28.71 -28.79
C SER B 159 -15.62 29.82 -29.64
N SER B 160 -16.17 29.45 -30.82
CA SER B 160 -16.76 30.47 -31.68
C SER B 160 -17.88 31.25 -30.99
N ARG B 161 -18.51 30.67 -29.97
CA ARG B 161 -19.61 31.30 -29.25
C ARG B 161 -19.13 32.20 -28.10
N ILE B 162 -18.12 31.74 -27.35
CA ILE B 162 -17.62 32.58 -26.26
C ILE B 162 -17.08 33.90 -26.81
N MET B 163 -16.37 33.82 -27.94
CA MET B 163 -15.85 35.06 -28.54
C MET B 163 -16.99 36.04 -28.83
N ASP B 164 -18.09 35.54 -29.41
CA ASP B 164 -19.24 36.39 -29.72
C ASP B 164 -19.84 36.99 -28.45
N SER B 165 -19.77 36.26 -27.34
CA SER B 165 -20.32 36.81 -26.11
C SER B 165 -19.57 38.05 -25.67
N PHE B 166 -18.23 38.01 -25.74
CA PHE B 166 -17.47 39.19 -25.30
C PHE B 166 -17.75 40.45 -26.11
N LYS B 167 -18.30 40.32 -27.32
CA LYS B 167 -18.58 41.51 -28.13
C LYS B 167 -19.73 42.32 -27.59
N ASN B 168 -20.70 41.68 -26.94
CA ASN B 168 -21.84 42.38 -26.37
C ASN B 168 -21.62 42.76 -24.91
N MET B 169 -20.48 42.40 -24.33
CA MET B 169 -20.19 42.79 -22.96
C MET B 169 -19.96 44.29 -22.87
N VAL B 170 -19.20 44.82 -23.82
CA VAL B 170 -18.87 46.24 -23.92
C VAL B 170 -19.56 46.84 -25.14
N PRO B 171 -20.84 47.19 -25.06
CA PRO B 171 -21.51 47.82 -26.21
C PRO B 171 -21.21 49.31 -26.20
N GLN B 172 -21.74 50.01 -27.20
CA GLN B 172 -21.51 51.45 -27.36
C GLN B 172 -22.82 52.22 -27.16
N GLN B 173 -22.72 53.40 -26.53
CA GLN B 173 -23.88 54.22 -26.21
C GLN B 173 -23.63 55.69 -26.55
N ALA B 174 -24.47 56.23 -27.42
CA ALA B 174 -24.43 57.62 -27.89
C ALA B 174 -25.28 58.56 -27.03
N LEU B 175 -25.08 59.87 -27.25
CA LEU B 175 -25.79 60.94 -26.53
C LEU B 175 -26.80 61.62 -27.46
N VAL B 176 -28.08 61.35 -27.22
CA VAL B 176 -29.19 61.87 -28.01
C VAL B 176 -30.05 62.78 -27.15
N ILE B 177 -30.63 63.80 -27.77
CA ILE B 177 -31.49 64.77 -27.11
C ILE B 177 -32.91 64.59 -27.63
N ARG B 178 -33.81 64.16 -26.74
CA ARG B 178 -35.21 63.95 -27.08
C ARG B 178 -36.09 64.70 -26.10
N ASP B 179 -37.13 65.36 -26.62
CA ASP B 179 -38.07 66.15 -25.82
C ASP B 179 -37.34 67.25 -25.05
N GLY B 180 -36.16 67.63 -25.53
CA GLY B 180 -35.36 68.65 -24.89
C GLY B 180 -34.43 68.15 -23.79
N GLU B 181 -34.30 66.84 -23.61
CA GLU B 181 -33.45 66.28 -22.56
C GLU B 181 -32.36 65.40 -23.15
N LYS B 182 -31.21 65.39 -22.46
CA LYS B 182 -30.05 64.61 -22.87
C LYS B 182 -30.10 63.21 -22.25
N SER B 183 -29.91 62.20 -23.08
CA SER B 183 -29.92 60.82 -22.63
C SER B 183 -28.88 60.01 -23.41
N THR B 184 -28.28 59.04 -22.73
CA THR B 184 -27.27 58.18 -23.31
C THR B 184 -27.91 56.82 -23.57
N ILE B 185 -28.08 56.48 -24.84
CA ILE B 185 -28.72 55.22 -25.23
C ILE B 185 -27.79 54.44 -26.13
N ASN B 186 -27.97 53.11 -26.11
CA ASN B 186 -27.18 52.21 -26.94
C ASN B 186 -27.19 52.70 -28.38
N ALA B 187 -26.01 52.63 -29.03
CA ALA B 187 -25.89 53.09 -30.41
C ALA B 187 -26.93 52.48 -31.32
N GLU B 188 -27.50 51.33 -30.96
CA GLU B 188 -28.51 50.65 -31.74
C GLU B 188 -29.89 51.28 -31.65
N PHE B 189 -30.10 52.32 -30.85
CA PHE B 189 -31.41 52.94 -30.72
C PHE B 189 -31.50 54.32 -31.34
N VAL B 190 -30.48 54.78 -32.05
CA VAL B 190 -30.52 56.09 -32.69
C VAL B 190 -31.27 55.99 -34.00
N VAL B 191 -32.12 56.99 -34.28
CA VAL B 191 -32.91 57.00 -35.51
C VAL B 191 -32.62 58.26 -36.30
N ALA B 192 -33.22 58.37 -37.48
CA ALA B 192 -33.01 59.53 -38.33
C ALA B 192 -33.96 60.64 -37.90
N GLY B 193 -33.40 61.82 -37.60
CA GLY B 193 -34.17 62.98 -37.21
C GLY B 193 -33.88 63.51 -35.82
N ASP B 194 -33.53 62.64 -34.88
CA ASP B 194 -33.28 63.14 -33.54
C ASP B 194 -31.99 63.95 -33.49
N LEU B 195 -31.86 64.72 -32.42
CA LEU B 195 -30.68 65.57 -32.21
C LEU B 195 -29.63 64.75 -31.48
N VAL B 196 -28.39 64.86 -31.93
CA VAL B 196 -27.29 64.10 -31.33
C VAL B 196 -26.16 65.06 -31.00
N GLU B 197 -25.63 64.93 -29.79
CA GLU B 197 -24.52 65.76 -29.33
C GLU B 197 -23.28 64.90 -29.20
N VAL B 198 -22.13 65.45 -29.59
CA VAL B 198 -20.86 64.76 -29.52
C VAL B 198 -19.87 65.62 -28.75
N LYS B 199 -18.88 64.95 -28.16
CA LYS B 199 -17.86 65.55 -27.33
C LYS B 199 -16.52 64.91 -27.66
N GLY B 200 -15.45 65.70 -27.61
CA GLY B 200 -14.12 65.22 -27.92
C GLY B 200 -13.75 63.96 -27.18
N GLY B 201 -13.60 62.86 -27.91
CA GLY B 201 -13.30 61.56 -27.35
C GLY B 201 -14.34 60.51 -27.68
N ASP B 202 -15.53 60.93 -28.09
CA ASP B 202 -16.61 60.01 -28.45
C ASP B 202 -16.61 59.74 -29.96
N ARG B 203 -17.43 58.78 -30.36
CA ARG B 203 -17.54 58.38 -31.76
C ARG B 203 -18.85 58.86 -32.35
N ILE B 204 -18.79 59.31 -33.59
CA ILE B 204 -19.99 59.78 -34.29
C ILE B 204 -20.88 58.55 -34.50
N PRO B 205 -22.09 58.54 -33.96
CA PRO B 205 -22.96 57.36 -34.10
C PRO B 205 -23.43 57.04 -35.50
N ALA B 206 -24.03 58.02 -36.17
CA ALA B 206 -24.54 57.83 -37.52
C ALA B 206 -24.12 59.00 -38.39
N ASP B 207 -24.64 59.08 -39.62
CA ASP B 207 -24.25 60.20 -40.49
C ASP B 207 -25.09 61.41 -40.08
N LEU B 208 -24.41 62.37 -39.43
CA LEU B 208 -25.00 63.59 -38.91
C LEU B 208 -24.80 64.77 -39.85
N ARG B 209 -25.60 65.80 -39.60
CA ARG B 209 -25.57 67.08 -40.32
C ARG B 209 -25.36 68.10 -39.20
N ILE B 210 -24.12 68.58 -39.08
CA ILE B 210 -23.77 69.52 -38.02
C ILE B 210 -24.65 70.77 -38.09
N ILE B 211 -25.21 71.15 -36.94
CA ILE B 211 -26.05 72.33 -36.83
C ILE B 211 -25.41 73.40 -35.95
N SER B 212 -24.46 73.04 -35.09
CA SER B 212 -23.79 74.00 -34.20
C SER B 212 -22.55 73.31 -33.67
N ALA B 213 -21.39 73.94 -33.84
CA ALA B 213 -20.13 73.36 -33.40
C ALA B 213 -19.36 74.37 -32.55
N HIS B 214 -18.45 73.85 -31.71
CA HIS B 214 -17.61 74.69 -30.86
C HIS B 214 -16.18 74.16 -30.98
N GLY B 215 -15.45 74.60 -32.01
CA GLY B 215 -14.08 74.16 -32.23
C GLY B 215 -13.98 72.64 -32.28
N CYS B 216 -14.89 72.01 -33.03
CA CYS B 216 -14.94 70.55 -33.13
C CYS B 216 -14.11 70.04 -34.31
N LYS B 217 -13.27 69.05 -34.04
CA LYS B 217 -12.42 68.40 -35.02
C LYS B 217 -12.70 66.90 -35.03
N VAL B 218 -12.61 66.29 -36.21
CA VAL B 218 -12.86 64.85 -36.35
C VAL B 218 -11.74 64.19 -37.12
N ASP B 219 -11.58 62.90 -36.89
CA ASP B 219 -10.56 62.07 -37.53
C ASP B 219 -11.21 61.28 -38.66
N ASN B 220 -11.03 61.74 -39.90
CA ASN B 220 -11.59 61.10 -41.08
C ASN B 220 -10.59 60.17 -41.75
N SER B 221 -9.73 59.51 -40.95
CA SER B 221 -8.69 58.64 -41.49
C SER B 221 -9.18 57.25 -41.86
N SER B 222 -10.10 56.66 -41.09
CA SER B 222 -10.49 55.29 -41.41
C SER B 222 -11.18 55.20 -42.76
N LEU B 223 -12.13 56.10 -43.05
CA LEU B 223 -12.84 56.02 -44.31
C LEU B 223 -11.93 56.22 -45.51
N THR B 224 -11.32 57.42 -45.65
CA THR B 224 -10.50 57.69 -46.82
C THR B 224 -9.00 57.52 -46.60
N GLY B 225 -8.53 57.63 -45.37
CA GLY B 225 -7.15 57.42 -45.03
C GLY B 225 -6.23 58.60 -45.10
N GLU B 226 -6.17 59.33 -43.98
CA GLU B 226 -5.31 60.47 -43.65
C GLU B 226 -5.74 60.84 -42.22
N SER B 227 -4.83 61.00 -41.25
CA SER B 227 -5.26 61.29 -39.88
C SER B 227 -5.25 62.75 -39.46
N GLU B 228 -4.95 63.69 -40.36
CA GLU B 228 -4.93 65.09 -39.94
C GLU B 228 -6.35 65.53 -39.56
N PRO B 229 -6.56 66.11 -38.36
CA PRO B 229 -7.94 66.47 -37.94
C PRO B 229 -8.62 67.59 -38.70
N GLN B 230 -9.64 67.22 -39.47
CA GLN B 230 -10.43 68.16 -40.24
C GLN B 230 -11.55 68.73 -39.36
N THR B 231 -11.66 70.06 -39.32
CA THR B 231 -12.66 70.73 -38.49
C THR B 231 -14.06 70.66 -39.10
N ARG B 232 -15.04 70.37 -38.25
CA ARG B 232 -16.44 70.29 -38.65
C ARG B 232 -17.14 71.59 -38.29
N SER B 233 -17.61 72.32 -39.31
CA SER B 233 -18.31 73.57 -39.10
C SER B 233 -19.74 73.47 -39.64
N PRO B 234 -20.69 74.18 -39.04
CA PRO B 234 -22.09 74.11 -39.53
C PRO B 234 -22.26 74.63 -40.94
N GLU B 235 -21.35 75.47 -41.43
CA GLU B 235 -21.47 76.00 -42.77
C GLU B 235 -20.95 74.99 -43.80
N PHE B 236 -21.36 75.18 -45.04
CA PHE B 236 -20.98 74.31 -46.15
C PHE B 236 -19.79 74.90 -46.89
N SER B 237 -18.91 74.01 -47.39
CA SER B 237 -17.74 74.54 -48.08
C SER B 237 -17.45 73.93 -49.45
N SER B 238 -17.63 72.62 -49.63
CA SER B 238 -17.30 71.98 -50.89
C SER B 238 -18.45 71.14 -51.43
N GLU B 239 -18.52 71.07 -52.77
CA GLU B 239 -19.55 70.31 -53.46
C GLU B 239 -19.47 68.82 -53.17
N ASN B 240 -18.29 68.32 -52.80
CA ASN B 240 -18.09 66.92 -52.48
C ASN B 240 -18.48 66.69 -51.03
N PRO B 241 -19.42 65.79 -50.73
CA PRO B 241 -19.81 65.57 -49.33
C PRO B 241 -18.66 65.11 -48.44
N LEU B 242 -17.68 64.40 -48.98
CA LEU B 242 -16.56 63.95 -48.16
C LEU B 242 -15.65 65.11 -47.76
N GLU B 243 -15.67 66.22 -48.50
CA GLU B 243 -14.83 67.37 -48.21
C GLU B 243 -15.51 68.44 -47.37
N THR B 244 -16.84 68.52 -47.37
CA THR B 244 -17.52 69.54 -46.58
C THR B 244 -17.38 69.25 -45.09
N ARG B 245 -17.59 70.28 -44.29
CA ARG B 245 -17.45 70.22 -42.84
C ARG B 245 -18.77 70.15 -42.09
N ASN B 246 -19.91 70.22 -42.79
CA ASN B 246 -21.20 70.19 -42.14
C ASN B 246 -21.77 68.77 -42.04
N ILE B 247 -20.94 67.74 -42.22
CA ILE B 247 -21.40 66.37 -42.14
C ILE B 247 -20.42 65.53 -41.32
N ALA B 248 -20.94 64.85 -40.31
CA ALA B 248 -20.18 63.93 -39.49
C ALA B 248 -20.38 62.54 -40.09
N PHE B 249 -19.42 61.66 -39.92
CA PHE B 249 -19.54 60.35 -40.54
C PHE B 249 -19.49 59.20 -39.56
N PHE B 250 -20.00 58.06 -40.03
CA PHE B 250 -20.03 56.83 -39.26
C PHE B 250 -18.60 56.32 -39.05
N SER B 251 -18.35 55.83 -37.83
CA SER B 251 -17.09 55.26 -37.37
C SER B 251 -16.00 56.31 -37.19
N THR B 252 -16.31 57.59 -37.33
CA THR B 252 -15.29 58.61 -37.10
C THR B 252 -15.31 59.00 -35.62
N ASN B 253 -14.27 59.73 -35.20
CA ASN B 253 -14.14 60.14 -33.81
C ASN B 253 -13.89 61.63 -33.73
N CYS B 254 -14.48 62.26 -32.71
CA CYS B 254 -14.33 63.69 -32.46
C CYS B 254 -13.09 63.86 -31.59
N VAL B 255 -12.03 64.41 -32.17
CA VAL B 255 -10.78 64.58 -31.42
C VAL B 255 -10.92 65.64 -30.34
N GLU B 256 -11.21 66.87 -30.73
CA GLU B 256 -11.34 67.96 -29.77
C GLU B 256 -12.53 68.83 -30.12
N GLY B 257 -13.30 69.21 -29.10
CA GLY B 257 -14.46 70.06 -29.27
C GLY B 257 -15.76 69.29 -29.07
N THR B 258 -16.85 70.05 -29.15
CA THR B 258 -18.20 69.51 -29.00
C THR B 258 -19.05 70.02 -30.15
N ALA B 259 -20.07 69.23 -30.51
CA ALA B 259 -20.92 69.62 -31.62
C ALA B 259 -22.30 68.98 -31.51
N ARG B 260 -23.23 69.53 -32.29
CA ARG B 260 -24.61 69.07 -32.37
C ARG B 260 -24.92 68.73 -33.82
N GLY B 261 -25.91 67.88 -34.03
CA GLY B 261 -26.26 67.53 -35.39
C GLY B 261 -27.51 66.69 -35.49
N VAL B 262 -28.13 66.76 -36.68
CA VAL B 262 -29.34 66.00 -37.00
C VAL B 262 -28.91 64.76 -37.77
N VAL B 263 -29.38 63.59 -37.34
CA VAL B 263 -29.03 62.34 -37.98
C VAL B 263 -29.65 62.31 -39.38
N VAL B 264 -28.82 62.35 -40.41
CA VAL B 264 -29.31 62.30 -41.78
C VAL B 264 -29.37 60.87 -42.28
N TYR B 265 -28.31 60.09 -42.07
CA TYR B 265 -28.27 58.71 -42.52
C TYR B 265 -28.08 57.78 -41.32
N THR B 266 -28.79 56.66 -41.34
CA THR B 266 -28.72 55.68 -40.26
C THR B 266 -28.70 54.26 -40.84
N GLY B 267 -28.17 53.34 -40.03
CA GLY B 267 -28.07 51.92 -40.34
C GLY B 267 -27.15 51.60 -41.51
N ASP B 268 -27.44 50.49 -42.16
CA ASP B 268 -26.65 50.01 -43.30
C ASP B 268 -26.64 50.99 -44.46
N ARG B 269 -27.54 51.98 -44.44
CA ARG B 269 -27.66 52.96 -45.51
C ARG B 269 -26.55 54.01 -45.39
N THR B 270 -25.42 53.62 -44.79
CA THR B 270 -24.26 54.50 -44.60
C THR B 270 -23.16 54.17 -45.59
N VAL B 271 -22.20 55.10 -45.69
CA VAL B 271 -21.08 54.97 -46.61
C VAL B 271 -20.29 53.69 -46.35
N MET B 272 -19.76 53.55 -45.12
CA MET B 272 -19.01 52.34 -44.80
C MET B 272 -19.89 51.11 -44.87
N GLY B 273 -21.21 51.27 -44.81
CA GLY B 273 -22.12 50.14 -44.92
C GLY B 273 -22.14 49.62 -46.35
N ARG B 274 -22.26 50.52 -47.33
CA ARG B 274 -22.23 50.10 -48.73
C ARG B 274 -20.83 49.56 -49.06
N ILE B 275 -19.79 50.16 -48.49
CA ILE B 275 -18.44 49.67 -48.74
C ILE B 275 -18.16 48.32 -48.07
N ALA B 276 -18.93 47.97 -47.03
CA ALA B 276 -18.71 46.72 -46.30
C ALA B 276 -18.84 45.48 -47.15
N THR B 277 -19.41 45.55 -48.36
CA THR B 277 -19.51 44.35 -49.18
C THR B 277 -18.16 43.63 -49.22
N LEU B 278 -17.09 44.39 -49.40
CA LEU B 278 -15.73 43.86 -49.41
C LEU B 278 -15.20 43.70 -47.99
N ALA B 279 -15.44 44.70 -47.12
CA ALA B 279 -14.97 44.64 -45.74
C ALA B 279 -15.31 43.30 -45.09
N SER B 280 -16.44 42.70 -45.47
CA SER B 280 -16.90 41.43 -44.94
C SER B 280 -15.78 40.42 -44.69
N GLY B 281 -14.99 40.10 -45.73
CA GLY B 281 -13.91 39.14 -45.59
C GLY B 281 -12.98 39.47 -44.43
N LEU B 282 -12.57 40.72 -44.33
CA LEU B 282 -11.73 41.27 -43.27
C LEU B 282 -10.39 40.54 -43.20
N GLU B 283 -9.93 40.13 -42.02
CA GLU B 283 -8.69 39.41 -41.78
C GLU B 283 -8.56 39.08 -40.29
N VAL B 284 -7.82 38.02 -39.96
CA VAL B 284 -7.60 37.56 -38.59
C VAL B 284 -6.13 37.22 -38.43
N GLY B 285 -5.77 36.44 -37.41
CA GLY B 285 -4.38 36.10 -37.22
C GLY B 285 -4.20 34.81 -36.44
N ARG B 286 -2.92 34.52 -36.16
CA ARG B 286 -2.51 33.33 -35.42
C ARG B 286 -1.56 33.75 -34.31
N THR B 287 -1.88 33.40 -33.07
CA THR B 287 -1.08 33.71 -31.88
C THR B 287 0.32 33.11 -31.98
N PRO B 288 1.28 33.58 -31.15
CA PRO B 288 2.62 33.00 -31.22
C PRO B 288 2.62 31.50 -30.94
N ILE B 289 2.16 31.15 -29.72
CA ILE B 289 2.10 29.78 -29.19
C ILE B 289 1.69 28.83 -30.30
N ALA B 290 0.72 29.25 -31.10
CA ALA B 290 0.25 28.43 -32.21
C ALA B 290 1.36 28.15 -33.21
N ILE B 291 2.09 29.19 -33.63
CA ILE B 291 3.17 29.07 -34.61
C ILE B 291 4.38 28.41 -33.94
N GLU B 292 4.27 28.17 -32.64
CA GLU B 292 5.32 27.45 -31.93
C GLU B 292 5.01 25.95 -32.03
N ILE B 293 3.75 25.60 -31.73
CA ILE B 293 3.29 24.21 -31.81
C ILE B 293 3.48 23.67 -33.22
N GLU B 294 3.00 24.42 -34.22
CA GLU B 294 3.16 23.96 -35.59
C GLU B 294 4.62 23.60 -35.89
N HIS B 295 5.50 24.59 -35.75
CA HIS B 295 6.93 24.45 -35.99
C HIS B 295 7.37 23.09 -35.47
N PHE B 296 7.00 22.82 -34.21
CA PHE B 296 7.31 21.52 -33.64
C PHE B 296 6.82 20.38 -34.54
N ILE B 297 5.51 20.41 -34.87
CA ILE B 297 4.91 19.38 -35.72
C ILE B 297 5.77 19.15 -36.98
N HIS B 298 6.27 20.23 -37.56
CA HIS B 298 7.12 20.14 -38.74
C HIS B 298 8.37 19.33 -38.46
N ILE B 299 9.09 19.68 -37.39
CA ILE B 299 10.32 18.94 -37.07
C ILE B 299 10.02 17.46 -36.90
N ILE B 300 9.03 17.15 -36.07
CA ILE B 300 8.68 15.75 -35.83
C ILE B 300 8.42 15.04 -37.15
N THR B 301 7.65 15.68 -38.05
CA THR B 301 7.38 15.07 -39.35
C THR B 301 8.68 14.72 -40.06
N GLY B 302 9.68 15.61 -39.98
CA GLY B 302 10.95 15.31 -40.62
C GLY B 302 11.62 14.08 -40.00
N VAL B 303 11.62 14.02 -38.67
CA VAL B 303 12.22 12.87 -37.99
C VAL B 303 11.49 11.58 -38.39
N ALA B 304 10.16 11.65 -38.46
CA ALA B 304 9.33 10.50 -38.80
C ALA B 304 9.58 10.00 -40.21
N VAL B 305 9.65 10.92 -41.19
CA VAL B 305 9.89 10.48 -42.57
C VAL B 305 11.25 9.81 -42.68
N PHE B 306 12.26 10.37 -41.99
CA PHE B 306 13.57 9.75 -42.00
C PHE B 306 13.49 8.32 -41.50
N LEU B 307 13.00 8.15 -40.26
CA LEU B 307 12.90 6.81 -39.68
C LEU B 307 12.14 5.86 -40.59
N GLY B 308 11.11 6.35 -41.28
CA GLY B 308 10.38 5.48 -42.19
C GLY B 308 11.30 4.87 -43.22
N VAL B 309 12.09 5.71 -43.91
CA VAL B 309 13.02 5.18 -44.90
C VAL B 309 14.05 4.24 -44.25
N SER B 310 14.45 4.53 -43.00
CA SER B 310 15.42 3.66 -42.32
C SER B 310 14.84 2.28 -42.03
N PHE B 311 13.66 2.22 -41.41
CA PHE B 311 13.00 0.95 -41.14
C PHE B 311 12.82 0.18 -42.43
N PHE B 312 12.72 0.91 -43.54
CA PHE B 312 12.63 0.30 -44.86
C PHE B 312 13.90 -0.47 -45.20
N ILE B 313 15.07 0.17 -45.03
CA ILE B 313 16.31 -0.56 -45.36
C ILE B 313 16.50 -1.74 -44.42
N LEU B 314 16.13 -1.59 -43.14
CA LEU B 314 16.26 -2.72 -42.22
C LEU B 314 15.37 -3.89 -42.67
N SER B 315 14.18 -3.58 -43.17
CA SER B 315 13.28 -4.64 -43.62
C SER B 315 13.80 -5.36 -44.84
N LEU B 316 14.27 -4.62 -45.85
CA LEU B 316 14.74 -5.32 -47.05
C LEU B 316 16.06 -6.05 -46.80
N ILE B 317 16.91 -5.53 -45.91
CA ILE B 317 18.12 -6.28 -45.62
C ILE B 317 17.77 -7.52 -44.82
N LEU B 318 16.54 -7.60 -44.26
CA LEU B 318 16.12 -8.80 -43.53
C LEU B 318 15.21 -9.73 -44.35
N GLY B 319 14.92 -9.43 -45.61
CA GLY B 319 14.14 -10.35 -46.42
C GLY B 319 12.63 -10.24 -46.52
N TYR B 320 12.04 -9.07 -46.27
CA TYR B 320 10.59 -9.00 -46.39
C TYR B 320 10.16 -8.81 -47.84
N SER B 321 8.89 -8.47 -48.06
CA SER B 321 8.37 -8.27 -49.41
C SER B 321 8.35 -6.77 -49.70
N TRP B 322 8.75 -6.40 -50.92
CA TRP B 322 8.78 -5.00 -51.34
C TRP B 322 7.54 -4.26 -50.86
N LEU B 323 6.40 -4.95 -50.88
CA LEU B 323 5.16 -4.37 -50.41
C LEU B 323 5.15 -4.18 -48.88
N GLU B 324 5.69 -5.16 -48.14
CA GLU B 324 5.69 -5.04 -46.68
C GLU B 324 6.51 -3.85 -46.21
N ALA B 325 7.54 -3.47 -46.95
CA ALA B 325 8.35 -2.34 -46.54
C ALA B 325 7.60 -1.02 -46.71
N VAL B 326 6.80 -0.88 -47.78
CA VAL B 326 6.05 0.36 -47.91
C VAL B 326 4.93 0.39 -46.88
N ILE B 327 4.36 -0.78 -46.57
CA ILE B 327 3.31 -0.82 -45.54
C ILE B 327 3.89 -0.35 -44.21
N PHE B 328 5.13 -0.77 -43.91
CA PHE B 328 5.77 -0.36 -42.67
C PHE B 328 6.11 1.13 -42.68
N LEU B 329 6.58 1.65 -43.82
CA LEU B 329 6.91 3.07 -43.90
C LEU B 329 5.67 3.92 -43.61
N ILE B 330 4.55 3.56 -44.23
CA ILE B 330 3.31 4.30 -44.03
C ILE B 330 2.88 4.25 -42.57
N GLY B 331 2.88 3.05 -41.97
CA GLY B 331 2.46 2.94 -40.59
C GLY B 331 3.34 3.70 -39.61
N ILE B 332 4.67 3.62 -39.78
CA ILE B 332 5.59 4.29 -38.86
C ILE B 332 5.45 5.81 -38.95
N ILE B 333 5.39 6.35 -40.17
CA ILE B 333 5.24 7.81 -40.23
C ILE B 333 3.91 8.23 -39.63
N VAL B 334 2.87 7.40 -39.74
CA VAL B 334 1.61 7.80 -39.13
C VAL B 334 1.70 7.73 -37.60
N ALA B 335 2.49 6.79 -37.07
CA ALA B 335 2.59 6.67 -35.61
C ALA B 335 3.55 7.65 -34.95
N ASN B 336 4.41 8.33 -35.70
CA ASN B 336 5.33 9.25 -35.03
C ASN B 336 4.83 10.69 -34.91
N VAL B 337 3.89 11.12 -35.75
CA VAL B 337 3.37 12.49 -35.73
C VAL B 337 2.25 12.68 -34.71
N PRO B 338 2.43 13.56 -33.71
CA PRO B 338 1.38 13.77 -32.69
C PRO B 338 0.10 14.37 -33.25
N GLU B 339 -1.02 14.02 -32.62
CA GLU B 339 -2.36 14.46 -33.00
C GLU B 339 -3.12 15.09 -31.84
N GLY B 340 -3.64 16.29 -32.06
CA GLY B 340 -4.48 16.98 -31.08
C GLY B 340 -3.95 18.30 -30.56
N LEU B 341 -2.63 18.48 -30.59
CA LEU B 341 -1.96 19.66 -30.04
C LEU B 341 -2.65 21.00 -30.21
N LEU B 342 -3.04 21.35 -31.45
CA LEU B 342 -3.65 22.65 -31.69
C LEU B 342 -5.04 22.76 -31.10
N ALA B 343 -5.83 21.69 -31.15
CA ALA B 343 -7.17 21.76 -30.58
C ALA B 343 -7.10 22.02 -29.08
N THR B 344 -6.18 21.34 -28.39
CA THR B 344 -6.05 21.58 -26.96
C THR B 344 -5.50 22.98 -26.67
N VAL B 345 -4.65 23.53 -27.54
CA VAL B 345 -4.18 24.88 -27.27
C VAL B 345 -5.31 25.90 -27.40
N THR B 346 -6.11 25.79 -28.48
CA THR B 346 -7.21 26.75 -28.66
C THR B 346 -8.26 26.62 -27.55
N VAL B 347 -8.60 25.38 -27.18
CA VAL B 347 -9.60 25.18 -26.13
C VAL B 347 -9.10 25.71 -24.79
N CYS B 348 -7.85 25.42 -24.45
CA CYS B 348 -7.31 25.91 -23.18
C CYS B 348 -7.35 27.44 -23.14
N LEU B 349 -6.93 28.09 -24.22
CA LEU B 349 -6.95 29.54 -24.26
C LEU B 349 -8.36 30.09 -24.09
N THR B 350 -9.33 29.57 -24.85
CA THR B 350 -10.70 30.06 -24.76
C THR B 350 -11.26 29.91 -23.33
N LEU B 351 -11.02 28.74 -22.72
CA LEU B 351 -11.49 28.51 -21.36
C LEU B 351 -10.83 29.48 -20.37
N THR B 352 -9.54 29.74 -20.55
CA THR B 352 -8.86 30.68 -19.66
C THR B 352 -9.43 32.09 -19.83
N ALA B 353 -9.78 32.46 -21.07
CA ALA B 353 -10.37 33.78 -21.30
C ALA B 353 -11.69 33.90 -20.55
N LYS B 354 -12.51 32.84 -20.59
CA LYS B 354 -13.76 32.88 -19.83
C LYS B 354 -13.44 33.03 -18.33
N ARG B 355 -12.36 32.42 -17.87
CA ARG B 355 -11.96 32.58 -16.48
C ARG B 355 -11.56 34.02 -16.17
N MET B 356 -10.88 34.68 -17.12
CA MET B 356 -10.41 36.05 -16.91
C MET B 356 -11.54 37.07 -16.93
N ALA B 357 -12.54 36.85 -17.78
CA ALA B 357 -13.66 37.78 -17.87
C ALA B 357 -14.50 37.77 -16.61
N ARG B 358 -14.42 36.71 -15.83
CA ARG B 358 -15.13 36.63 -14.57
C ARG B 358 -14.42 37.45 -13.50
N LYS B 359 -13.10 37.67 -13.69
CA LYS B 359 -12.24 38.42 -12.77
C LYS B 359 -11.99 39.88 -13.24
N ASN B 360 -12.82 40.39 -14.19
CA ASN B 360 -12.86 41.76 -14.74
C ASN B 360 -11.86 42.16 -15.84
N CYS B 361 -11.35 41.28 -16.71
CA CYS B 361 -10.38 41.68 -17.76
C CYS B 361 -10.78 41.28 -19.18
N LEU B 362 -11.48 42.12 -19.94
CA LEU B 362 -11.91 41.72 -21.29
C LEU B 362 -10.82 41.93 -22.35
N VAL B 363 -10.49 40.87 -23.10
CA VAL B 363 -9.44 40.90 -24.11
C VAL B 363 -10.01 41.05 -25.52
N LYS B 364 -9.48 42.04 -26.28
CA LYS B 364 -9.92 42.27 -27.66
C LYS B 364 -9.51 41.14 -28.61
N ASN B 365 -8.55 40.30 -28.23
CA ASN B 365 -8.08 39.20 -29.07
C ASN B 365 -7.38 38.18 -28.18
N LEU B 366 -6.95 37.07 -28.79
CA LEU B 366 -6.28 36.00 -28.05
C LEU B 366 -4.79 36.25 -27.85
N GLU B 367 -4.15 37.08 -28.68
CA GLU B 367 -2.72 37.32 -28.47
C GLU B 367 -2.47 38.02 -27.14
N ALA B 368 -3.46 38.77 -26.65
CA ALA B 368 -3.32 39.46 -25.38
C ALA B 368 -3.26 38.48 -24.21
N VAL B 369 -3.93 37.34 -24.33
CA VAL B 369 -3.92 36.35 -23.26
C VAL B 369 -2.51 35.85 -22.98
N GLU B 370 -1.68 35.77 -24.03
CA GLU B 370 -0.31 35.29 -23.90
C GLU B 370 0.66 36.40 -23.49
N THR B 371 0.48 37.61 -24.01
CA THR B 371 1.39 38.70 -23.68
C THR B 371 1.25 39.16 -22.24
N LEU B 372 0.06 38.99 -21.64
CA LEU B 372 -0.17 39.45 -20.28
C LEU B 372 0.72 38.72 -19.28
N GLY B 373 0.98 37.44 -19.50
CA GLY B 373 1.79 36.67 -18.56
C GLY B 373 3.22 37.16 -18.47
N SER B 374 3.83 37.46 -19.61
CA SER B 374 5.22 37.91 -19.68
C SER B 374 5.43 39.35 -19.22
N THR B 375 4.39 40.01 -18.71
CA THR B 375 4.46 41.40 -18.29
C THR B 375 5.55 41.66 -17.25
N SER B 376 6.42 42.62 -17.58
CA SER B 376 7.53 43.02 -16.72
C SER B 376 7.36 44.39 -16.07
N THR B 377 6.72 45.34 -16.77
CA THR B 377 6.50 46.68 -16.23
C THR B 377 5.06 47.11 -16.47
N ILE B 378 4.49 47.75 -15.45
CA ILE B 378 3.13 48.27 -15.50
C ILE B 378 3.21 49.77 -15.29
N CYS B 379 2.88 50.53 -16.33
CA CYS B 379 2.86 51.99 -16.27
C CYS B 379 1.41 52.35 -16.00
N SER B 380 1.09 52.63 -14.74
CA SER B 380 -0.26 52.95 -14.34
C SER B 380 -0.38 54.39 -13.87
N ASP B 381 -1.62 54.90 -13.94
CA ASP B 381 -1.96 56.24 -13.50
C ASP B 381 -2.53 56.15 -12.08
N LYS B 382 -2.69 57.31 -11.44
CA LYS B 382 -3.15 57.32 -10.06
C LYS B 382 -4.65 57.53 -9.87
N THR B 383 -5.17 58.68 -10.28
CA THR B 383 -6.59 58.94 -10.07
C THR B 383 -7.47 58.20 -11.06
N GLY B 384 -7.96 57.04 -10.64
CA GLY B 384 -8.82 56.20 -11.44
C GLY B 384 -8.40 54.74 -11.31
N THR B 385 -7.09 54.52 -11.18
CA THR B 385 -6.55 53.17 -11.02
C THR B 385 -6.19 52.90 -9.56
N LEU B 386 -5.31 53.73 -9.00
CA LEU B 386 -4.87 53.54 -7.62
C LEU B 386 -5.91 54.06 -6.63
N THR B 387 -6.27 55.34 -6.73
CA THR B 387 -7.23 55.96 -5.82
C THR B 387 -8.67 55.61 -6.22
N GLN B 388 -9.65 56.15 -5.46
CA GLN B 388 -11.07 55.83 -5.66
C GLN B 388 -11.93 56.88 -6.35
N ASN B 389 -11.43 58.10 -6.59
CA ASN B 389 -12.18 59.18 -7.25
C ASN B 389 -13.45 59.58 -6.49
N ARG B 390 -13.50 59.38 -5.16
CA ARG B 390 -14.64 59.74 -4.32
C ARG B 390 -14.24 60.83 -3.31
N MET B 391 -13.39 61.76 -3.74
CA MET B 391 -12.76 62.84 -2.97
C MET B 391 -13.69 63.74 -2.15
N THR B 392 -13.11 64.36 -1.09
CA THR B 392 -13.78 65.27 -0.16
C THR B 392 -12.82 66.31 0.44
N VAL B 393 -13.24 67.59 0.44
CA VAL B 393 -12.43 68.71 0.96
C VAL B 393 -12.07 68.56 2.44
N ALA B 394 -10.81 68.90 2.79
CA ALA B 394 -10.36 68.83 4.17
C ALA B 394 -9.79 70.12 4.77
N HIS B 395 -8.84 70.78 4.12
CA HIS B 395 -8.23 72.00 4.65
C HIS B 395 -8.22 73.12 3.64
N MET B 396 -8.62 74.30 4.08
CA MET B 396 -8.64 75.50 3.26
C MET B 396 -7.58 76.46 3.80
N TRP B 397 -6.98 77.23 2.91
CA TRP B 397 -5.97 78.19 3.31
C TRP B 397 -6.38 79.58 2.84
N PHE B 398 -6.28 80.54 3.76
CA PHE B 398 -6.58 81.94 3.50
C PHE B 398 -6.19 82.74 4.73
N ASP B 399 -5.90 84.03 4.55
CA ASP B 399 -5.48 84.90 5.65
C ASP B 399 -4.31 84.27 6.41
N ASN B 400 -3.35 83.73 5.64
CA ASN B 400 -2.15 83.06 6.15
C ASN B 400 -2.47 82.02 7.21
N GLN B 401 -3.70 81.52 7.25
CA GLN B 401 -4.11 80.56 8.25
C GLN B 401 -4.70 79.31 7.60
N ILE B 402 -4.51 78.18 8.27
CA ILE B 402 -5.03 76.89 7.85
C ILE B 402 -6.35 76.69 8.59
N HIS B 403 -7.39 76.37 7.85
CA HIS B 403 -8.72 76.16 8.40
C HIS B 403 -9.22 74.77 8.06
N GLU B 404 -9.87 74.12 9.03
CA GLU B 404 -10.42 72.81 8.80
C GLU B 404 -11.89 72.99 8.39
N ALA B 405 -12.57 71.88 8.09
CA ALA B 405 -13.94 71.93 7.62
C ALA B 405 -14.71 70.66 7.99
N ASP B 406 -15.69 70.32 7.15
CA ASP B 406 -16.52 69.13 7.33
C ASP B 406 -17.37 69.24 8.61
N THR B 407 -18.34 70.14 8.51
CA THR B 407 -19.23 70.39 9.64
C THR B 407 -20.34 69.35 9.77
N THR B 408 -19.97 68.07 9.76
CA THR B 408 -20.88 66.93 9.97
C THR B 408 -22.26 67.09 9.34
N GLU B 409 -22.31 67.50 8.06
CA GLU B 409 -23.58 67.68 7.35
C GLU B 409 -24.50 68.65 8.10
N ASN B 410 -23.91 69.69 8.66
CA ASN B 410 -24.68 70.68 9.38
C ASN B 410 -23.91 71.99 9.39
N GLN B 411 -24.07 72.79 10.45
CA GLN B 411 -23.37 74.06 10.59
C GLN B 411 -22.52 74.08 11.85
N SER B 412 -22.19 72.91 12.40
CA SER B 412 -21.40 72.74 13.61
C SER B 412 -19.92 72.58 13.25
N GLY B 413 -19.13 71.98 14.14
CA GLY B 413 -17.73 71.74 13.93
C GLY B 413 -16.82 72.91 14.22
N ALA B 414 -17.38 74.10 14.47
CA ALA B 414 -16.62 75.30 14.78
C ALA B 414 -15.39 75.43 13.89
N ALA B 415 -15.60 75.28 12.58
CA ALA B 415 -14.49 75.35 11.64
C ALA B 415 -13.86 76.73 11.59
N PHE B 416 -14.60 77.70 11.04
CA PHE B 416 -14.12 79.06 10.90
C PHE B 416 -15.33 79.99 10.85
N ASP B 417 -15.12 81.25 11.19
CA ASP B 417 -16.20 82.20 11.10
C ASP B 417 -16.71 82.20 9.65
N LYS B 418 -17.99 81.88 9.47
CA LYS B 418 -18.52 81.90 8.12
C LYS B 418 -18.59 83.32 7.59
N THR B 419 -18.46 84.31 8.48
CA THR B 419 -18.52 85.72 8.16
C THR B 419 -17.26 86.27 7.48
N SER B 420 -16.14 85.55 7.55
CA SER B 420 -14.89 86.02 6.97
C SER B 420 -15.08 86.56 5.56
N ALA B 421 -14.54 87.76 5.31
CA ALA B 421 -14.66 88.37 3.98
C ALA B 421 -13.92 87.53 2.95
N THR B 422 -12.64 87.21 3.24
CA THR B 422 -11.86 86.36 2.35
C THR B 422 -12.65 85.09 2.04
N TRP B 423 -13.28 84.50 3.05
CA TRP B 423 -14.08 83.30 2.84
C TRP B 423 -15.22 83.57 1.87
N SER B 424 -15.86 84.74 1.95
CA SER B 424 -16.94 85.03 1.01
C SER B 424 -16.40 85.01 -0.41
N ALA B 425 -15.24 85.65 -0.61
CA ALA B 425 -14.66 85.66 -1.95
C ALA B 425 -14.30 84.25 -2.42
N LEU B 426 -13.67 83.45 -1.54
CA LEU B 426 -13.26 82.10 -1.91
C LEU B 426 -14.45 81.19 -2.19
N SER B 427 -15.46 81.23 -1.31
CA SER B 427 -16.66 80.43 -1.51
C SER B 427 -17.34 80.83 -2.81
N ARG B 428 -17.34 82.13 -3.13
CA ARG B 428 -17.95 82.59 -4.35
C ARG B 428 -17.21 82.11 -5.60
N ILE B 429 -15.87 82.16 -5.60
CA ILE B 429 -15.20 81.69 -6.81
C ILE B 429 -15.39 80.19 -6.97
N ALA B 430 -15.30 79.44 -5.86
CA ALA B 430 -15.52 78.00 -5.96
C ALA B 430 -16.89 77.70 -6.54
N ALA B 431 -17.93 78.32 -5.97
CA ALA B 431 -19.29 78.11 -6.45
C ALA B 431 -19.52 78.66 -7.86
N LEU B 432 -18.69 79.59 -8.33
CA LEU B 432 -18.88 80.20 -9.64
C LEU B 432 -18.10 79.52 -10.75
N CYS B 433 -16.78 79.36 -10.60
CA CYS B 433 -15.98 78.72 -11.64
C CYS B 433 -16.32 77.26 -11.82
N ASN B 434 -16.97 76.64 -10.84
CA ASN B 434 -17.36 75.23 -10.91
C ASN B 434 -18.37 74.99 -12.03
N ARG B 435 -18.22 73.88 -12.75
CA ARG B 435 -19.14 73.54 -13.83
C ARG B 435 -20.07 72.37 -13.51
N ALA B 436 -19.91 71.72 -12.36
CA ALA B 436 -20.78 70.59 -12.02
C ALA B 436 -22.13 71.10 -11.49
N VAL B 437 -23.11 70.19 -11.47
CA VAL B 437 -24.46 70.50 -11.01
C VAL B 437 -25.09 69.27 -10.40
N PHE B 438 -25.93 69.48 -9.39
CA PHE B 438 -26.63 68.39 -8.73
C PHE B 438 -27.55 67.68 -9.72
N GLN B 439 -27.59 66.35 -9.63
CA GLN B 439 -28.47 65.58 -10.51
C GLN B 439 -29.92 65.87 -10.14
N ALA B 440 -30.75 66.07 -11.16
CA ALA B 440 -32.16 66.38 -10.92
C ALA B 440 -32.80 65.37 -9.98
N GLY B 441 -33.73 65.87 -9.16
CA GLY B 441 -34.47 65.05 -8.21
C GLY B 441 -33.74 64.49 -7.02
N GLN B 442 -32.92 65.29 -6.34
CA GLN B 442 -32.21 64.87 -5.14
C GLN B 442 -32.64 65.69 -3.93
N ASP B 443 -33.75 66.42 -4.05
CA ASP B 443 -34.31 67.28 -3.01
C ASP B 443 -34.54 66.58 -1.67
N ASN B 444 -34.43 65.24 -1.65
CA ASN B 444 -34.68 64.46 -0.45
C ASN B 444 -33.42 64.00 0.27
N VAL B 445 -32.43 63.48 -0.45
CA VAL B 445 -31.20 62.98 0.16
C VAL B 445 -30.42 64.10 0.83
N PRO B 446 -29.42 63.79 1.66
CA PRO B 446 -28.63 64.84 2.30
C PRO B 446 -27.68 65.51 1.32
N ILE B 447 -27.04 66.58 1.81
CA ILE B 447 -26.13 67.38 0.99
C ILE B 447 -24.89 66.60 0.58
N LEU B 448 -24.45 65.65 1.40
CA LEU B 448 -23.25 64.91 1.03
C LEU B 448 -23.53 63.67 0.21
N LYS B 449 -24.65 62.98 0.44
CA LYS B 449 -24.94 61.74 -0.27
C LYS B 449 -25.67 61.90 -1.60
N ARG B 450 -25.86 63.09 -2.19
CA ARG B 450 -26.58 63.04 -3.46
C ARG B 450 -25.63 62.91 -4.65
N SER B 451 -26.24 62.79 -5.83
CA SER B 451 -25.53 62.58 -7.08
C SER B 451 -25.29 63.88 -7.83
N VAL B 452 -24.07 64.02 -8.37
CA VAL B 452 -23.62 65.17 -9.13
C VAL B 452 -23.02 64.69 -10.45
N ALA B 453 -22.98 65.59 -11.43
CA ALA B 453 -22.42 65.31 -12.75
C ALA B 453 -21.23 66.22 -13.01
N GLY B 454 -20.03 65.65 -13.04
CA GLY B 454 -18.83 66.44 -13.28
C GLY B 454 -17.62 65.77 -12.66
N ASP B 455 -16.47 66.45 -12.83
CA ASP B 455 -15.21 65.96 -12.29
C ASP B 455 -15.35 65.68 -10.80
N ALA B 456 -14.48 64.83 -10.25
CA ALA B 456 -14.58 64.57 -8.82
C ALA B 456 -14.14 65.78 -8.01
N SER B 457 -13.21 66.58 -8.56
CA SER B 457 -12.75 67.78 -7.87
C SER B 457 -13.88 68.81 -7.73
N GLU B 458 -14.60 69.06 -8.83
CA GLU B 458 -15.69 70.01 -8.79
C GLU B 458 -16.85 69.50 -7.92
N SER B 459 -17.03 68.18 -7.83
CA SER B 459 -18.08 67.64 -6.98
C SER B 459 -17.77 67.88 -5.51
N ALA B 460 -16.54 67.58 -5.08
CA ALA B 460 -16.20 67.83 -3.69
C ALA B 460 -16.35 69.32 -3.36
N LEU B 461 -15.91 70.18 -4.28
CA LEU B 461 -16.02 71.62 -4.05
C LEU B 461 -17.48 72.06 -3.93
N LEU B 462 -18.32 71.61 -4.86
CA LEU B 462 -19.73 71.99 -4.86
C LEU B 462 -20.44 71.55 -3.59
N LYS B 463 -20.14 70.33 -3.12
CA LYS B 463 -20.81 69.87 -1.91
C LYS B 463 -20.39 70.68 -0.69
N CYS B 464 -19.11 71.00 -0.56
CA CYS B 464 -18.70 71.81 0.60
C CYS B 464 -19.42 73.15 0.58
N ILE B 465 -19.49 73.79 -0.60
CA ILE B 465 -20.15 75.08 -0.71
C ILE B 465 -21.66 74.99 -0.50
N GLU B 466 -22.30 73.89 -0.87
CA GLU B 466 -23.74 73.86 -0.61
C GLU B 466 -24.05 73.50 0.84
N LEU B 467 -23.15 72.80 1.51
CA LEU B 467 -23.41 72.45 2.91
C LEU B 467 -23.23 73.64 3.84
N CYS B 468 -22.11 74.36 3.74
CA CYS B 468 -21.96 75.49 4.65
C CYS B 468 -21.97 76.85 3.95
N CYS B 469 -22.55 76.93 2.73
CA CYS B 469 -22.59 78.22 2.05
C CYS B 469 -23.88 78.53 1.29
N GLY B 470 -24.77 77.58 1.00
CA GLY B 470 -26.03 77.89 0.35
C GLY B 470 -26.11 77.52 -1.13
N SER B 471 -27.35 77.53 -1.62
CA SER B 471 -27.78 77.21 -2.99
C SER B 471 -26.92 77.86 -4.06
N VAL B 472 -26.38 77.04 -4.96
CA VAL B 472 -25.51 77.53 -6.02
C VAL B 472 -26.28 78.08 -7.23
N GLN B 473 -27.47 77.56 -7.55
CA GLN B 473 -28.20 78.05 -8.72
C GLN B 473 -28.49 79.54 -8.63
N GLY B 474 -28.76 80.05 -7.43
CA GLY B 474 -29.04 81.46 -7.26
C GLY B 474 -27.73 82.22 -7.24
N MET B 475 -26.70 81.60 -6.65
CA MET B 475 -25.37 82.21 -6.64
C MET B 475 -24.86 82.38 -8.06
N ARG B 476 -25.24 81.48 -8.96
CA ARG B 476 -24.87 81.52 -10.36
C ARG B 476 -25.75 82.49 -11.13
N ASP B 477 -27.00 82.67 -10.73
CA ASP B 477 -27.80 83.65 -11.45
C ASP B 477 -27.55 85.05 -10.92
N ARG B 478 -27.18 85.20 -9.64
CA ARG B 478 -26.84 86.51 -9.09
C ARG B 478 -25.82 87.20 -9.99
N ASN B 479 -24.82 86.45 -10.46
CA ASN B 479 -23.77 86.90 -11.38
C ASN B 479 -23.97 86.22 -12.73
N PRO B 480 -24.25 86.92 -13.83
CA PRO B 480 -24.45 86.22 -15.12
C PRO B 480 -23.16 85.87 -15.85
N LYS B 481 -23.03 84.59 -16.22
CA LYS B 481 -21.85 84.10 -16.93
C LYS B 481 -21.85 84.56 -18.38
N ILE B 482 -20.82 85.31 -18.77
CA ILE B 482 -20.69 85.82 -20.12
C ILE B 482 -19.88 84.88 -21.02
N VAL B 483 -18.64 84.60 -20.62
CA VAL B 483 -17.75 83.73 -21.39
C VAL B 483 -16.97 82.83 -20.44
N GLU B 484 -16.89 81.55 -20.79
CA GLU B 484 -16.21 80.52 -20.01
C GLU B 484 -15.20 79.76 -20.85
N ILE B 485 -14.03 79.47 -20.30
CA ILE B 485 -12.99 78.69 -20.98
C ILE B 485 -12.81 77.40 -20.19
N PRO B 486 -12.86 76.23 -20.83
CA PRO B 486 -12.78 74.97 -20.10
C PRO B 486 -11.38 74.52 -19.70
N PHE B 487 -11.36 73.63 -18.71
CA PHE B 487 -10.17 73.01 -18.17
C PHE B 487 -9.51 72.17 -19.28
N ASN B 488 -8.28 71.74 -19.02
CA ASN B 488 -7.48 70.93 -19.92
C ASN B 488 -6.25 70.48 -19.16
N SER B 489 -5.70 69.33 -19.56
CA SER B 489 -4.51 68.84 -18.87
C SER B 489 -3.26 69.60 -19.27
N THR B 490 -3.24 70.17 -20.49
CA THR B 490 -2.07 70.94 -20.91
C THR B 490 -2.07 72.32 -20.27
N ASN B 491 -3.24 72.93 -20.14
CA ASN B 491 -3.31 74.24 -19.49
C ASN B 491 -3.14 74.10 -17.98
N LYS B 492 -3.91 73.20 -17.37
CA LYS B 492 -3.94 72.90 -15.93
C LYS B 492 -4.72 73.94 -15.13
N TYR B 493 -5.52 74.77 -15.79
CA TYR B 493 -6.32 75.78 -15.10
C TYR B 493 -7.66 75.95 -15.79
N GLN B 494 -8.63 76.45 -15.03
CA GLN B 494 -9.99 76.71 -15.50
C GLN B 494 -10.34 78.16 -15.19
N LEU B 495 -10.87 78.87 -16.18
CA LEU B 495 -11.17 80.28 -15.99
C LEU B 495 -12.50 80.66 -16.63
N SER B 496 -13.07 81.75 -16.13
CA SER B 496 -14.35 82.23 -16.65
C SER B 496 -14.62 83.62 -16.09
N ILE B 497 -15.34 84.42 -16.89
CA ILE B 497 -15.71 85.78 -16.51
C ILE B 497 -17.22 85.86 -16.40
N HIS B 498 -17.68 86.56 -15.37
CA HIS B 498 -19.09 86.71 -15.11
C HIS B 498 -19.35 88.16 -14.73
N GLU B 499 -20.62 88.54 -14.80
CA GLU B 499 -20.96 89.90 -14.41
C GLU B 499 -20.93 89.99 -12.88
N ASN B 500 -20.83 91.21 -12.37
CA ASN B 500 -20.77 91.44 -10.94
C ASN B 500 -22.16 91.85 -10.46
N GLU B 501 -22.71 91.09 -9.50
CA GLU B 501 -24.03 91.37 -8.97
C GLU B 501 -24.08 92.62 -8.11
N LYS B 502 -22.97 93.31 -7.91
CA LYS B 502 -23.02 94.53 -7.12
C LYS B 502 -23.86 95.55 -7.87
N SER B 503 -24.96 96.00 -7.24
CA SER B 503 -25.80 96.97 -7.92
C SER B 503 -25.11 98.33 -8.04
N SER B 504 -23.99 98.51 -7.36
CA SER B 504 -23.22 99.75 -7.41
C SER B 504 -21.98 99.62 -8.28
N GLU B 505 -21.61 98.41 -8.69
CA GLU B 505 -20.44 98.16 -9.52
C GLU B 505 -20.87 97.28 -10.69
N SER B 506 -20.81 97.82 -11.90
CA SER B 506 -21.18 97.09 -13.11
C SER B 506 -19.99 96.49 -13.82
N ARG B 507 -18.84 96.40 -13.14
CA ARG B 507 -17.62 95.86 -13.72
C ARG B 507 -17.76 94.36 -13.98
N TYR B 508 -16.67 93.76 -14.45
CA TYR B 508 -16.62 92.34 -14.76
C TYR B 508 -15.70 91.61 -13.80
N LEU B 509 -16.11 90.42 -13.39
CA LEU B 509 -15.36 89.58 -12.48
C LEU B 509 -14.72 88.43 -13.26
N LEU B 510 -13.46 88.14 -12.98
CA LEU B 510 -12.75 87.05 -13.61
C LEU B 510 -12.27 86.11 -12.52
N VAL B 511 -12.52 84.82 -12.70
CA VAL B 511 -12.10 83.84 -11.71
C VAL B 511 -11.36 82.71 -12.40
N MET B 512 -10.39 82.13 -11.69
CA MET B 512 -9.64 81.01 -12.24
C MET B 512 -9.09 80.16 -11.10
N LYS B 513 -9.03 78.86 -11.36
CA LYS B 513 -8.52 77.90 -10.40
C LYS B 513 -7.59 76.93 -11.11
N GLY B 514 -6.66 76.36 -10.37
CA GLY B 514 -5.74 75.42 -10.98
C GLY B 514 -4.66 74.98 -10.01
N ALA B 515 -3.65 74.33 -10.56
CA ALA B 515 -2.54 73.87 -9.74
C ALA B 515 -1.92 75.07 -9.03
N PRO B 516 -1.74 75.02 -7.71
CA PRO B 516 -1.20 76.19 -6.98
C PRO B 516 0.05 76.83 -7.56
N GLU B 517 0.94 76.06 -8.19
CA GLU B 517 2.16 76.67 -8.73
C GLU B 517 1.85 77.56 -9.93
N ARG B 518 1.03 77.07 -10.86
CA ARG B 518 0.68 77.87 -12.03
C ARG B 518 -0.02 79.15 -11.62
N ILE B 519 -0.96 79.06 -10.69
CA ILE B 519 -1.69 80.24 -10.24
C ILE B 519 -0.75 81.20 -9.53
N LEU B 520 0.22 80.67 -8.79
CA LEU B 520 1.17 81.56 -8.11
C LEU B 520 1.94 82.38 -9.15
N ASP B 521 2.28 81.76 -10.29
CA ASP B 521 3.00 82.54 -11.30
C ASP B 521 2.13 83.59 -12.00
N ARG B 522 0.82 83.67 -11.71
CA ARG B 522 -0.07 84.63 -12.34
C ARG B 522 -0.62 85.65 -11.35
N CYS B 523 0.07 85.85 -10.23
CA CYS B 523 -0.39 86.79 -9.22
C CYS B 523 0.79 87.62 -8.74
N SER B 524 0.48 88.87 -8.40
CA SER B 524 1.44 89.81 -7.86
C SER B 524 0.87 90.47 -6.63
N THR B 525 -0.36 90.13 -6.26
CA THR B 525 -1.08 90.63 -5.10
C THR B 525 -1.63 89.42 -4.36
N ILE B 526 -2.13 89.68 -3.16
CA ILE B 526 -2.72 88.65 -2.31
C ILE B 526 -3.86 89.28 -1.54
N LEU B 527 -5.02 88.63 -1.58
CA LEU B 527 -6.15 89.10 -0.79
C LEU B 527 -5.86 88.67 0.64
N LEU B 528 -5.50 89.62 1.48
CA LEU B 528 -5.14 89.36 2.87
C LEU B 528 -6.05 90.13 3.82
N ASN B 529 -6.69 89.38 4.73
CA ASN B 529 -7.59 89.91 5.75
C ASN B 529 -8.68 90.79 5.16
N GLY B 530 -8.88 90.71 3.84
CA GLY B 530 -9.88 91.48 3.15
C GLY B 530 -9.31 92.46 2.13
N ALA B 531 -8.23 93.15 2.48
CA ALA B 531 -7.62 94.10 1.54
C ALA B 531 -6.61 93.36 0.68
N GLU B 532 -5.90 94.09 -0.17
CA GLU B 532 -4.88 93.47 -1.01
C GLU B 532 -3.51 93.87 -0.47
N GLU B 533 -2.54 92.99 -0.69
CA GLU B 533 -1.17 93.21 -0.27
C GLU B 533 -0.31 92.57 -1.34
N PRO B 534 1.01 92.69 -1.30
CA PRO B 534 1.80 92.03 -2.35
C PRO B 534 2.26 90.63 -1.97
N LEU B 535 2.84 89.94 -2.94
CA LEU B 535 3.40 88.61 -2.76
C LEU B 535 4.91 88.82 -2.65
N LYS B 536 5.38 88.98 -1.43
CA LYS B 536 6.80 89.15 -1.16
C LYS B 536 7.31 87.78 -0.70
N GLU B 537 8.58 87.70 -0.28
CA GLU B 537 9.14 86.41 0.08
C GLU B 537 8.69 85.86 1.43
N ASP B 538 8.32 86.70 2.40
CA ASP B 538 7.90 86.16 3.69
C ASP B 538 6.64 85.30 3.53
N MET B 539 5.59 85.88 2.93
CA MET B 539 4.39 85.08 2.71
C MET B 539 4.61 84.04 1.61
N LYS B 540 5.56 84.25 0.70
CA LYS B 540 5.84 83.23 -0.31
C LYS B 540 6.36 81.96 0.35
N GLU B 541 7.24 82.12 1.35
CA GLU B 541 7.75 80.96 2.07
C GLU B 541 6.66 80.35 2.95
N ALA B 542 5.78 81.19 3.52
CA ALA B 542 4.68 80.61 4.31
C ALA B 542 3.78 79.78 3.41
N PHE B 543 3.60 80.21 2.15
CA PHE B 543 2.79 79.48 1.18
C PHE B 543 3.47 78.16 0.79
N GLN B 544 4.80 78.15 0.67
CA GLN B 544 5.50 76.90 0.34
C GLN B 544 5.36 75.88 1.48
N ASN B 545 5.56 76.34 2.73
CA ASN B 545 5.39 75.43 3.86
C ASN B 545 3.94 74.98 3.95
N ALA B 546 2.99 75.80 3.48
CA ALA B 546 1.60 75.38 3.46
C ALA B 546 1.38 74.27 2.45
N TYR B 547 2.06 74.33 1.29
CA TYR B 547 1.90 73.25 0.33
C TYR B 547 2.41 71.94 0.91
N LEU B 548 3.56 71.96 1.60
CA LEU B 548 4.00 70.69 2.18
C LEU B 548 3.10 70.24 3.34
N GLU B 549 2.49 71.17 4.08
CA GLU B 549 1.60 70.77 5.16
C GLU B 549 0.37 70.07 4.61
N LEU B 550 -0.26 70.66 3.59
CA LEU B 550 -1.45 70.04 3.02
C LEU B 550 -1.11 68.80 2.18
N GLY B 551 0.07 68.78 1.55
CA GLY B 551 0.44 67.66 0.71
C GLY B 551 0.81 66.42 1.50
N GLY B 552 1.57 66.58 2.58
CA GLY B 552 1.96 65.44 3.38
C GLY B 552 0.78 64.66 3.92
N LEU B 553 -0.38 65.31 4.04
CA LEU B 553 -1.60 64.67 4.52
C LEU B 553 -2.28 63.80 3.47
N GLY B 554 -1.66 63.60 2.31
CA GLY B 554 -2.24 62.79 1.25
C GLY B 554 -3.41 63.44 0.58
N GLU B 555 -3.62 64.74 0.79
CA GLU B 555 -4.73 65.47 0.21
C GLU B 555 -4.31 66.17 -1.06
N ARG B 556 -5.27 66.36 -1.98
CA ARG B 556 -5.03 67.10 -3.21
C ARG B 556 -5.25 68.57 -2.90
N VAL B 557 -4.52 69.44 -3.59
CA VAL B 557 -4.62 70.87 -3.31
C VAL B 557 -4.78 71.64 -4.61
N LEU B 558 -5.62 72.66 -4.57
CA LEU B 558 -5.90 73.54 -5.70
C LEU B 558 -5.79 74.99 -5.24
N GLY B 559 -5.53 75.88 -6.19
CA GLY B 559 -5.41 77.30 -5.95
C GLY B 559 -6.58 78.02 -6.60
N PHE B 560 -7.00 79.10 -5.94
CA PHE B 560 -8.14 79.91 -6.36
C PHE B 560 -7.80 81.39 -6.34
N CYS B 561 -8.02 82.06 -7.48
CA CYS B 561 -7.74 83.48 -7.54
C CYS B 561 -8.77 84.16 -8.46
N HIS B 562 -8.86 85.47 -8.31
CA HIS B 562 -9.81 86.24 -9.10
C HIS B 562 -9.26 87.65 -9.31
N PHE B 563 -9.95 88.41 -10.15
CA PHE B 563 -9.53 89.77 -10.44
C PHE B 563 -10.70 90.55 -11.02
N ALA B 564 -10.74 91.84 -10.67
CA ALA B 564 -11.79 92.75 -11.14
C ALA B 564 -11.29 93.41 -12.43
N LEU B 565 -11.90 93.05 -13.55
CA LEU B 565 -11.50 93.65 -14.82
C LEU B 565 -11.92 95.11 -14.87
N PRO B 566 -11.02 96.02 -15.25
CA PRO B 566 -11.39 97.44 -15.31
C PRO B 566 -12.44 97.67 -16.39
N GLU B 567 -13.59 98.21 -15.99
CA GLU B 567 -14.65 98.47 -16.96
C GLU B 567 -14.29 99.59 -17.92
N ASP B 568 -13.17 100.28 -17.73
CA ASP B 568 -12.78 101.35 -18.64
C ASP B 568 -12.04 100.79 -19.86
N LYS B 569 -11.29 99.70 -19.69
CA LYS B 569 -10.59 99.06 -20.80
C LYS B 569 -11.40 97.94 -21.42
N TYR B 570 -12.40 97.43 -20.69
CA TYR B 570 -13.30 96.37 -21.14
C TYR B 570 -14.69 96.79 -20.66
N ASN B 571 -15.41 97.53 -21.51
CA ASN B 571 -16.75 98.01 -21.16
C ASN B 571 -17.73 96.86 -21.02
N GLU B 572 -18.94 97.21 -20.57
CA GLU B 572 -20.01 96.22 -20.40
C GLU B 572 -20.48 95.65 -21.73
N GLY B 573 -20.20 96.31 -22.85
CA GLY B 573 -20.63 95.81 -24.13
C GLY B 573 -19.59 95.02 -24.90
N TYR B 574 -18.33 95.18 -24.54
CA TYR B 574 -17.27 94.47 -25.24
C TYR B 574 -17.36 92.96 -25.00
N PRO B 575 -17.38 92.14 -26.07
CA PRO B 575 -17.40 90.69 -25.90
C PRO B 575 -15.99 90.10 -25.89
N PHE B 576 -15.63 89.33 -24.85
CA PHE B 576 -14.30 88.74 -24.78
C PHE B 576 -14.31 87.33 -25.34
N ASP B 577 -14.27 87.23 -26.67
CA ASP B 577 -14.24 85.91 -27.30
C ASP B 577 -12.97 85.18 -26.91
N ALA B 578 -13.10 83.88 -26.65
CA ALA B 578 -11.98 83.05 -26.21
C ALA B 578 -11.06 82.71 -27.37
N ASP B 579 -10.33 83.72 -27.84
CA ASP B 579 -9.38 83.51 -28.91
C ASP B 579 -7.98 84.04 -28.64
N GLU B 580 -7.87 85.29 -28.20
CA GLU B 580 -6.63 86.02 -27.93
C GLU B 580 -6.53 86.45 -26.48
N PRO B 581 -5.40 87.09 -26.04
CA PRO B 581 -5.30 87.49 -24.64
C PRO B 581 -6.19 88.66 -24.27
N ASN B 582 -7.46 88.37 -23.97
CA ASN B 582 -8.40 89.40 -23.57
C ASN B 582 -8.41 89.63 -22.07
N PHE B 583 -7.78 88.75 -21.30
CA PHE B 583 -7.74 88.87 -19.84
C PHE B 583 -6.29 88.86 -19.37
N PRO B 584 -5.96 89.67 -18.38
CA PRO B 584 -4.58 89.66 -17.89
C PRO B 584 -4.30 88.36 -17.17
N THR B 585 -3.49 87.50 -17.78
CA THR B 585 -3.17 86.22 -17.16
C THR B 585 -2.50 86.44 -15.81
N THR B 586 -1.51 87.33 -15.77
CA THR B 586 -0.80 87.64 -14.54
C THR B 586 -1.50 88.78 -13.81
N ASP B 587 -0.87 89.26 -12.74
CA ASP B 587 -1.40 90.37 -11.92
C ASP B 587 -2.77 90.07 -11.31
N LEU B 588 -3.09 88.80 -11.12
CA LEU B 588 -4.36 88.42 -10.53
C LEU B 588 -4.27 88.57 -9.00
N CYS B 589 -5.36 88.27 -8.31
CA CYS B 589 -5.41 88.34 -6.84
C CYS B 589 -5.70 86.95 -6.30
N PHE B 590 -4.68 86.34 -5.71
CA PHE B 590 -4.79 85.01 -5.12
C PHE B 590 -5.56 85.12 -3.80
N VAL B 591 -6.59 84.30 -3.62
CA VAL B 591 -7.37 84.35 -2.39
C VAL B 591 -7.00 83.22 -1.44
N GLY B 592 -6.83 82.01 -1.94
CA GLY B 592 -6.47 80.92 -1.07
C GLY B 592 -6.56 79.52 -1.63
N LEU B 593 -5.85 78.59 -0.99
CA LEU B 593 -5.82 77.20 -1.40
C LEU B 593 -7.01 76.43 -0.83
N MET B 594 -7.30 75.29 -1.48
CA MET B 594 -8.37 74.39 -1.07
C MET B 594 -7.86 72.97 -1.27
N ALA B 595 -7.86 72.18 -0.20
CA ALA B 595 -7.37 70.81 -0.23
C ALA B 595 -8.49 69.80 -0.01
N MET B 596 -8.32 68.61 -0.59
CA MET B 596 -9.30 67.53 -0.52
C MET B 596 -8.60 66.18 -0.46
N ILE B 597 -9.22 65.23 0.25
CA ILE B 597 -8.67 63.89 0.39
C ILE B 597 -9.32 62.93 -0.61
N ASP B 598 -8.61 61.82 -0.91
CA ASP B 598 -8.93 60.73 -1.84
C ASP B 598 -8.09 59.51 -1.43
N PRO B 599 -8.67 58.45 -0.84
CA PRO B 599 -7.84 57.34 -0.35
C PRO B 599 -7.54 56.25 -1.39
N PRO B 600 -6.58 55.37 -1.10
CA PRO B 600 -6.27 54.27 -2.03
C PRO B 600 -7.26 53.12 -1.91
N ARG B 601 -7.18 52.19 -2.86
CA ARG B 601 -8.04 51.02 -2.82
C ARG B 601 -7.57 50.07 -1.73
N ALA B 602 -8.47 49.19 -1.30
CA ALA B 602 -8.14 48.25 -0.24
C ALA B 602 -7.02 47.30 -0.65
N ALA B 603 -7.27 46.49 -1.67
CA ALA B 603 -6.33 45.47 -2.14
C ALA B 603 -5.02 45.99 -2.72
N VAL B 604 -4.88 47.30 -2.91
CA VAL B 604 -3.66 47.84 -3.54
C VAL B 604 -2.37 47.48 -2.82
N PRO B 605 -2.24 47.67 -1.50
CA PRO B 605 -0.96 47.33 -0.84
C PRO B 605 -0.48 45.91 -1.12
N ASP B 606 -1.40 44.94 -1.07
CA ASP B 606 -1.01 43.57 -1.35
C ASP B 606 -0.57 43.41 -2.80
N ALA B 607 -1.21 44.15 -3.71
CA ALA B 607 -0.84 44.06 -5.12
C ALA B 607 0.60 44.51 -5.35
N VAL B 608 0.99 45.65 -4.77
CA VAL B 608 2.37 46.08 -4.98
C VAL B 608 3.33 45.09 -4.32
N GLY B 609 2.95 44.51 -3.16
CA GLY B 609 3.81 43.53 -2.53
C GLY B 609 4.04 42.32 -3.43
N LYS B 610 2.95 41.84 -4.06
CA LYS B 610 3.06 40.71 -4.99
C LYS B 610 3.95 41.07 -6.17
N CYS B 611 3.84 42.30 -6.67
CA CYS B 611 4.69 42.70 -7.78
C CYS B 611 6.16 42.67 -7.37
N ARG B 612 6.46 43.16 -6.17
CA ARG B 612 7.85 43.15 -5.71
C ARG B 612 8.39 41.73 -5.57
N SER B 613 7.56 40.80 -5.12
CA SER B 613 8.06 39.43 -4.98
C SER B 613 8.21 38.74 -6.34
N ALA B 614 7.42 39.14 -7.34
CA ALA B 614 7.50 38.53 -8.65
C ALA B 614 8.72 38.99 -9.45
N GLY B 615 9.23 40.18 -9.16
CA GLY B 615 10.37 40.70 -9.91
C GLY B 615 9.84 41.65 -10.97
N ILE B 616 8.83 42.42 -10.58
CA ILE B 616 8.17 43.38 -11.46
C ILE B 616 8.35 44.77 -10.89
N LYS B 617 8.70 45.72 -11.75
CA LYS B 617 8.92 47.11 -11.39
C LYS B 617 7.61 47.89 -11.54
N VAL B 618 7.30 48.72 -10.55
CA VAL B 618 6.09 49.53 -10.56
C VAL B 618 6.48 51.00 -10.65
N ILE B 619 5.84 51.73 -11.54
CA ILE B 619 6.09 53.14 -11.74
C ILE B 619 4.78 53.89 -11.63
N MET B 620 4.80 54.99 -10.90
CA MET B 620 3.62 55.83 -10.73
C MET B 620 3.82 57.05 -11.63
N VAL B 621 2.92 57.23 -12.58
CA VAL B 621 2.94 58.38 -13.48
C VAL B 621 1.73 59.19 -13.10
N THR B 622 1.94 60.31 -12.44
CA THR B 622 0.81 61.11 -12.03
C THR B 622 1.03 62.56 -12.44
N GLY B 623 -0.07 63.28 -12.57
CA GLY B 623 -0.07 64.68 -12.91
C GLY B 623 -0.06 65.55 -11.68
N ASP B 624 0.11 64.94 -10.51
CA ASP B 624 0.14 65.65 -9.24
C ASP B 624 1.58 66.07 -8.93
N HIS B 625 1.81 66.50 -7.72
CA HIS B 625 3.07 67.00 -7.21
C HIS B 625 3.95 65.87 -6.68
N PRO B 626 5.28 66.09 -6.68
CA PRO B 626 6.18 65.06 -6.13
C PRO B 626 5.90 64.71 -4.68
N ILE B 627 5.40 65.64 -3.86
CA ILE B 627 5.13 65.30 -2.46
C ILE B 627 3.96 64.33 -2.43
N THR B 628 2.78 64.80 -2.84
CA THR B 628 1.59 63.94 -2.85
C THR B 628 1.92 62.61 -3.53
N ALA B 629 2.75 62.66 -4.57
CA ALA B 629 3.19 61.44 -5.25
C ALA B 629 3.99 60.57 -4.29
N LYS B 630 5.06 61.13 -3.73
CA LYS B 630 5.92 60.43 -2.76
C LYS B 630 5.09 59.82 -1.63
N ALA B 631 4.11 60.56 -1.14
CA ALA B 631 3.22 60.11 -0.07
C ALA B 631 2.40 58.89 -0.50
N ILE B 632 1.62 59.04 -1.58
CA ILE B 632 0.82 57.92 -2.08
C ILE B 632 1.72 56.72 -2.28
N ALA B 633 2.94 56.95 -2.78
CA ALA B 633 3.91 55.88 -2.98
C ALA B 633 4.28 55.25 -1.64
N LYS B 634 4.46 56.07 -0.61
CA LYS B 634 4.80 55.57 0.72
C LYS B 634 3.70 54.68 1.27
N GLY B 635 2.45 54.99 0.93
CA GLY B 635 1.31 54.24 1.39
C GLY B 635 1.03 52.95 0.66
N VAL B 636 0.97 53.02 -0.67
CA VAL B 636 0.67 51.82 -1.44
C VAL B 636 1.79 50.79 -1.31
N GLY B 637 3.04 51.25 -1.27
CA GLY B 637 4.18 50.35 -1.17
C GLY B 637 5.17 50.49 -2.31
N ILE B 638 4.97 51.43 -3.24
CA ILE B 638 5.91 51.62 -4.34
C ILE B 638 7.29 51.93 -3.79
N ILE B 639 7.36 52.79 -2.79
CA ILE B 639 8.60 53.17 -2.12
C ILE B 639 8.57 52.49 -0.77
N SER B 640 9.25 51.35 -0.65
CA SER B 640 9.29 50.64 0.61
C SER B 640 10.21 51.33 1.61
N GLU B 641 10.14 50.88 2.86
CA GLU B 641 10.95 51.45 3.92
C GLU B 641 12.44 51.18 3.68
N GLY B 642 13.27 52.11 4.12
CA GLY B 642 14.70 51.97 3.99
C GLY B 642 15.30 52.66 2.79
N ASN B 643 14.62 52.57 1.64
CA ASN B 643 15.13 53.22 0.45
C ASN B 643 14.95 54.72 0.58
N GLU B 644 15.97 55.47 0.17
CA GLU B 644 15.95 56.91 0.23
C GLU B 644 16.30 57.50 -1.11
N THR B 645 15.97 58.77 -1.26
CA THR B 645 16.24 59.53 -2.46
C THR B 645 17.41 60.47 -2.19
N ILE B 646 17.80 61.20 -3.23
CA ILE B 646 18.91 62.13 -3.09
C ILE B 646 18.56 63.25 -2.11
N GLU B 647 17.30 63.71 -2.14
CA GLU B 647 16.89 64.75 -1.20
C GLU B 647 16.89 64.23 0.23
N ASP B 648 16.48 62.97 0.42
CA ASP B 648 16.49 62.39 1.77
C ASP B 648 17.91 62.34 2.33
N ILE B 649 18.88 61.93 1.50
CA ILE B 649 20.26 61.88 1.96
C ILE B 649 20.79 63.28 2.22
N ALA B 650 20.41 64.24 1.37
CA ALA B 650 20.85 65.61 1.60
C ALA B 650 20.31 66.13 2.93
N ALA B 651 19.06 65.81 3.23
CA ALA B 651 18.44 66.25 4.48
C ALA B 651 19.07 65.56 5.70
N ARG B 652 19.36 64.26 5.59
CA ARG B 652 19.96 63.54 6.71
C ARG B 652 21.39 64.03 6.96
N LEU B 653 22.20 64.09 5.90
CA LEU B 653 23.59 64.52 6.00
C LEU B 653 23.75 66.03 6.09
N ASN B 654 22.72 66.80 5.72
CA ASN B 654 22.78 68.27 5.73
C ASN B 654 23.86 68.72 4.75
N ILE B 655 23.84 68.14 3.55
CA ILE B 655 24.79 68.41 2.49
C ILE B 655 24.00 68.81 1.25
N PRO B 656 24.54 69.62 0.34
CA PRO B 656 23.80 69.98 -0.86
C PRO B 656 23.44 68.73 -1.67
N ILE B 657 22.28 68.80 -2.33
CA ILE B 657 21.80 67.68 -3.13
C ILE B 657 22.77 67.35 -4.25
N GLY B 658 23.40 68.37 -4.84
CA GLY B 658 24.35 68.15 -5.92
C GLY B 658 25.57 67.36 -5.49
N GLN B 659 26.02 67.56 -4.25
CA GLN B 659 27.21 66.84 -3.77
C GLN B 659 26.95 65.36 -3.61
N VAL B 660 25.75 64.98 -3.18
CA VAL B 660 25.43 63.57 -2.96
C VAL B 660 25.60 62.77 -4.24
N ASN B 661 26.04 61.52 -4.09
CA ASN B 661 26.25 60.60 -5.20
C ASN B 661 24.91 60.09 -5.71
N PRO B 662 24.59 60.24 -7.00
CA PRO B 662 23.31 59.72 -7.51
C PRO B 662 23.14 58.23 -7.36
N ARG B 663 24.22 57.45 -7.42
CA ARG B 663 24.11 56.00 -7.28
C ARG B 663 23.76 55.59 -5.85
N ASP B 664 23.98 56.45 -4.87
CA ASP B 664 23.68 56.13 -3.48
C ASP B 664 22.19 55.93 -3.21
N ALA B 665 21.31 56.42 -4.07
CA ALA B 665 19.87 56.32 -3.87
C ALA B 665 19.25 55.28 -4.79
N LYS B 666 18.49 54.36 -4.19
CA LYS B 666 17.82 53.30 -4.95
C LYS B 666 16.55 53.80 -5.66
N ALA B 667 15.82 54.74 -5.05
CA ALA B 667 14.57 55.28 -5.60
C ALA B 667 14.70 56.77 -5.94
N CYS B 668 13.81 57.25 -6.84
CA CYS B 668 13.86 58.66 -7.24
C CYS B 668 12.50 59.18 -7.74
N VAL B 669 12.45 60.51 -7.94
CA VAL B 669 11.26 61.24 -8.41
C VAL B 669 11.60 62.31 -9.46
N VAL B 670 11.23 62.07 -10.73
CA VAL B 670 11.52 63.01 -11.83
C VAL B 670 10.33 63.91 -12.13
N HIS B 671 10.63 65.21 -12.38
CA HIS B 671 9.65 66.24 -12.71
C HIS B 671 9.50 66.42 -14.22
N GLY B 672 8.38 67.02 -14.61
CA GLY B 672 8.07 67.22 -16.02
C GLY B 672 9.02 68.15 -16.76
N SER B 673 9.38 69.28 -16.15
CA SER B 673 10.28 70.22 -16.83
C SER B 673 11.61 69.57 -17.15
N ASP B 674 12.19 68.86 -16.18
CA ASP B 674 13.45 68.16 -16.41
C ASP B 674 13.29 67.11 -17.50
N LEU B 675 12.16 66.38 -17.48
CA LEU B 675 11.91 65.37 -18.52
C LEU B 675 11.88 66.00 -19.90
N LYS B 676 11.27 67.18 -20.03
CA LYS B 676 11.25 67.86 -21.31
C LYS B 676 12.68 68.18 -21.72
N ASP B 677 13.50 68.63 -20.76
CA ASP B 677 14.88 69.00 -21.09
C ASP B 677 15.80 67.79 -21.34
N LEU B 678 15.59 66.68 -20.63
CA LEU B 678 16.45 65.49 -20.71
C LEU B 678 16.47 64.81 -22.08
N SER B 679 17.59 64.07 -22.32
CA SER B 679 17.90 63.25 -23.50
C SER B 679 17.73 61.75 -23.17
N THR B 680 18.19 60.88 -24.10
CA THR B 680 17.99 59.43 -23.95
C THR B 680 18.93 58.75 -22.95
N GLU B 681 20.22 59.11 -22.92
CA GLU B 681 21.14 58.41 -22.02
C GLU B 681 20.77 58.65 -20.55
N VAL B 682 20.37 59.87 -20.21
CA VAL B 682 19.99 60.16 -18.83
C VAL B 682 18.78 59.33 -18.43
N LEU B 683 17.81 59.20 -19.35
CA LEU B 683 16.63 58.39 -19.06
C LEU B 683 17.02 56.94 -18.84
N ASP B 684 17.91 56.41 -19.67
CA ASP B 684 18.35 55.03 -19.45
C ASP B 684 19.07 54.91 -18.11
N ASP B 685 19.80 55.94 -17.70
CA ASP B 685 20.47 55.91 -16.40
C ASP B 685 19.47 55.77 -15.26
N ILE B 686 18.42 56.59 -15.26
CA ILE B 686 17.45 56.52 -14.18
C ILE B 686 16.69 55.19 -14.21
N LEU B 687 16.35 54.70 -15.40
CA LEU B 687 15.59 53.46 -15.49
C LEU B 687 16.42 52.25 -15.08
N HIS B 688 17.71 52.25 -15.41
CA HIS B 688 18.55 51.11 -15.08
C HIS B 688 19.01 51.12 -13.63
N TYR B 689 19.45 52.27 -13.13
CA TYR B 689 20.00 52.31 -11.79
C TYR B 689 18.95 52.33 -10.68
N HIS B 690 17.81 52.98 -10.90
CA HIS B 690 16.82 53.04 -9.83
C HIS B 690 15.86 51.87 -9.88
N THR B 691 15.38 51.47 -8.70
CA THR B 691 14.44 50.39 -8.51
C THR B 691 13.00 50.87 -8.37
N GLU B 692 12.79 52.03 -7.74
CA GLU B 692 11.46 52.60 -7.51
C GLU B 692 11.47 54.04 -8.05
N ILE B 693 10.89 54.24 -9.22
CA ILE B 693 10.87 55.54 -9.89
C ILE B 693 9.46 56.09 -9.97
N VAL B 694 9.30 57.36 -9.55
CA VAL B 694 8.01 58.06 -9.55
C VAL B 694 8.14 59.31 -10.44
N PHE B 695 7.13 59.54 -11.31
CA PHE B 695 7.11 60.66 -12.25
C PHE B 695 5.94 61.61 -11.95
N ALA B 696 6.26 62.88 -11.64
CA ALA B 696 5.26 63.87 -11.30
C ALA B 696 5.12 64.96 -12.36
N ARG B 697 3.94 65.62 -12.35
CA ARG B 697 3.57 66.71 -13.25
C ARG B 697 3.89 66.35 -14.69
N THR B 698 3.42 65.19 -15.11
CA THR B 698 3.66 64.67 -16.44
C THR B 698 2.43 64.84 -17.33
N SER B 699 2.65 65.50 -18.47
CA SER B 699 1.59 65.71 -19.43
C SER B 699 1.28 64.37 -20.11
N PRO B 700 0.22 64.29 -20.92
CA PRO B 700 -0.09 63.02 -21.60
C PRO B 700 0.84 62.67 -22.75
N GLN B 701 1.18 63.66 -23.59
CA GLN B 701 2.03 63.40 -24.75
C GLN B 701 3.38 62.85 -24.35
N GLN B 702 3.83 63.16 -23.13
CA GLN B 702 5.14 62.74 -22.65
C GLN B 702 5.27 61.21 -22.55
N LYS B 703 4.24 60.53 -22.03
CA LYS B 703 4.19 59.09 -21.79
C LYS B 703 4.92 58.16 -22.76
N LEU B 704 4.85 58.46 -24.05
CA LEU B 704 5.46 57.61 -25.06
C LEU B 704 6.96 57.48 -24.87
N ILE B 705 7.64 58.56 -24.47
CA ILE B 705 9.08 58.49 -24.26
C ILE B 705 9.42 57.48 -23.18
N ILE B 706 8.65 57.49 -22.08
CA ILE B 706 8.88 56.55 -21.00
C ILE B 706 8.66 55.12 -21.48
N VAL B 707 7.60 54.90 -22.27
CA VAL B 707 7.35 53.54 -22.77
C VAL B 707 8.49 53.09 -23.67
N GLU B 708 8.95 53.95 -24.59
CA GLU B 708 10.05 53.60 -25.46
C GLU B 708 11.32 53.30 -24.67
N GLY B 709 11.50 53.97 -23.53
CA GLY B 709 12.66 53.68 -22.71
C GLY B 709 12.53 52.32 -22.05
N CYS B 710 11.32 51.99 -21.58
CA CYS B 710 11.10 50.69 -20.94
C CYS B 710 11.27 49.53 -21.93
N GLN B 711 10.89 49.72 -23.19
CA GLN B 711 11.05 48.65 -24.17
C GLN B 711 12.51 48.52 -24.62
N ARG B 712 13.24 49.63 -24.67
CA ARG B 712 14.65 49.58 -25.06
C ARG B 712 15.42 48.59 -24.19
N GLN B 713 15.07 48.54 -22.92
CA GLN B 713 15.70 47.60 -22.00
C GLN B 713 15.42 46.16 -22.39
N GLY B 714 14.32 45.90 -23.08
CA GLY B 714 13.98 44.53 -23.40
C GLY B 714 12.98 44.07 -22.36
N ALA B 715 11.88 44.81 -22.26
CA ALA B 715 10.81 44.50 -21.32
C ALA B 715 9.46 44.75 -21.96
N ILE B 716 8.49 43.97 -21.52
CA ILE B 716 7.11 44.04 -22.00
C ILE B 716 6.38 45.01 -21.09
N VAL B 717 5.68 45.97 -21.67
CA VAL B 717 4.98 46.96 -20.86
C VAL B 717 3.50 47.05 -21.21
N ALA B 718 2.72 47.38 -20.18
CA ALA B 718 1.29 47.58 -20.24
C ALA B 718 1.01 48.99 -19.72
N VAL B 719 0.14 49.73 -20.40
CA VAL B 719 -0.18 51.09 -20.01
C VAL B 719 -1.68 51.28 -19.87
N THR B 720 -2.08 52.01 -18.84
CA THR B 720 -3.48 52.30 -18.56
C THR B 720 -3.82 53.68 -19.12
N GLY B 721 -4.89 53.77 -19.90
CA GLY B 721 -5.27 55.02 -20.52
C GLY B 721 -6.76 55.32 -20.44
N ASP B 722 -7.07 56.63 -20.44
CA ASP B 722 -8.43 57.11 -20.34
C ASP B 722 -8.88 58.19 -21.34
N GLY B 723 -7.96 59.01 -21.87
CA GLY B 723 -8.33 60.13 -22.72
C GLY B 723 -7.97 60.00 -24.19
N VAL B 724 -7.91 61.16 -24.86
CA VAL B 724 -7.61 61.28 -26.30
C VAL B 724 -6.14 61.42 -26.61
N ASN B 725 -5.40 62.14 -25.77
CA ASN B 725 -3.98 62.30 -26.03
C ASN B 725 -3.25 60.97 -25.86
N ASP B 726 -3.78 60.12 -24.97
CA ASP B 726 -3.18 58.83 -24.66
C ASP B 726 -3.11 57.84 -25.83
N SER B 727 -4.09 57.83 -26.73
CA SER B 727 -4.19 56.85 -27.81
C SER B 727 -2.90 56.42 -28.48
N PRO B 728 -1.99 57.32 -28.85
CA PRO B 728 -0.73 56.85 -29.46
C PRO B 728 -0.02 55.85 -28.56
N ALA B 729 0.14 56.19 -27.28
CA ALA B 729 0.81 55.30 -26.35
C ALA B 729 0.16 53.92 -26.33
N LEU B 730 -1.18 53.88 -26.21
CA LEU B 730 -1.94 52.64 -26.15
C LEU B 730 -1.66 51.71 -27.32
N LYS B 731 -1.03 52.21 -28.37
CA LYS B 731 -0.73 51.36 -29.50
C LYS B 731 0.71 50.87 -29.49
N LYS B 732 1.64 51.72 -29.04
CA LYS B 732 3.05 51.34 -29.04
C LYS B 732 3.37 50.31 -27.96
N ALA B 733 2.68 50.38 -26.82
CA ALA B 733 2.95 49.45 -25.73
C ALA B 733 2.59 48.02 -26.13
N ASP B 734 2.89 47.07 -25.26
CA ASP B 734 2.57 45.69 -25.58
C ASP B 734 1.15 45.34 -25.14
N ILE B 735 0.72 45.84 -23.96
CA ILE B 735 -0.64 45.60 -23.50
C ILE B 735 -1.27 46.94 -23.17
N GLY B 736 -2.29 47.33 -23.93
CA GLY B 736 -3.00 48.56 -23.71
C GLY B 736 -4.23 48.25 -22.87
N VAL B 737 -4.27 48.81 -21.67
CA VAL B 737 -5.38 48.64 -20.75
C VAL B 737 -6.19 49.92 -20.82
N ALA B 738 -7.39 49.83 -21.37
CA ALA B 738 -8.25 51.00 -21.49
C ALA B 738 -9.31 50.96 -20.39
N MET B 739 -9.62 52.13 -19.82
CA MET B 739 -10.63 52.15 -18.78
C MET B 739 -12.02 51.89 -19.37
N GLY B 740 -12.79 51.03 -18.70
CA GLY B 740 -14.13 50.71 -19.16
C GLY B 740 -15.18 51.66 -18.65
N ILE B 741 -15.09 52.01 -17.37
CA ILE B 741 -16.06 52.92 -16.76
C ILE B 741 -15.92 54.34 -17.34
N SER B 742 -14.73 54.92 -17.24
CA SER B 742 -14.48 56.29 -17.67
C SER B 742 -13.80 56.44 -19.03
N GLY B 743 -13.50 55.35 -19.72
CA GLY B 743 -12.81 55.46 -20.99
C GLY B 743 -13.68 56.02 -22.09
N SER B 744 -13.02 56.33 -23.20
CA SER B 744 -13.66 56.87 -24.39
C SER B 744 -13.49 55.86 -25.53
N ASP B 745 -14.32 56.01 -26.57
CA ASP B 745 -14.27 55.08 -27.69
C ASP B 745 -12.86 54.98 -28.28
N VAL B 746 -12.12 56.09 -28.28
CA VAL B 746 -10.76 56.08 -28.82
C VAL B 746 -9.86 55.15 -28.02
N SER B 747 -9.87 55.32 -26.69
CA SER B 747 -9.01 54.51 -25.83
C SER B 747 -9.35 53.03 -25.94
N LYS B 748 -10.63 52.69 -26.11
CA LYS B 748 -11.01 51.29 -26.21
C LYS B 748 -10.64 50.71 -27.57
N GLN B 749 -10.89 51.46 -28.66
CA GLN B 749 -10.53 50.95 -29.99
C GLN B 749 -9.03 50.73 -30.11
N ALA B 750 -8.24 51.65 -29.55
CA ALA B 750 -6.79 51.58 -29.65
C ALA B 750 -6.10 50.61 -28.70
N ALA B 751 -6.82 49.99 -27.77
CA ALA B 751 -6.15 49.11 -26.81
C ALA B 751 -6.48 47.64 -27.04
N ASP B 752 -5.63 46.79 -26.44
CA ASP B 752 -5.77 45.34 -26.52
C ASP B 752 -6.72 44.79 -25.48
N MET B 753 -6.83 45.44 -24.33
CA MET B 753 -7.69 44.99 -23.26
C MET B 753 -8.51 46.16 -22.71
N ILE B 754 -9.63 45.80 -22.09
CA ILE B 754 -10.55 46.74 -21.49
C ILE B 754 -10.81 46.30 -20.07
N LEU B 755 -10.48 47.19 -19.11
CA LEU B 755 -10.72 46.92 -17.70
C LEU B 755 -12.17 47.27 -17.42
N LEU B 756 -12.93 46.31 -16.90
CA LEU B 756 -14.34 46.54 -16.65
C LEU B 756 -14.62 47.33 -15.38
N ASP B 757 -13.74 47.25 -14.38
CA ASP B 757 -13.99 47.94 -13.12
C ASP B 757 -13.05 49.10 -12.79
N ASP B 758 -11.99 49.33 -13.57
CA ASP B 758 -11.04 50.43 -13.34
C ASP B 758 -10.31 50.27 -12.00
N ASN B 759 -9.80 49.05 -11.74
CA ASN B 759 -9.11 48.70 -10.50
C ASN B 759 -7.69 48.22 -10.75
N PHE B 760 -6.71 48.68 -9.96
CA PHE B 760 -5.34 48.21 -10.16
C PHE B 760 -5.17 46.78 -9.68
N ALA B 761 -5.86 46.41 -8.60
CA ALA B 761 -5.74 45.07 -8.07
C ALA B 761 -6.19 44.03 -9.09
N SER B 762 -7.09 44.40 -9.99
CA SER B 762 -7.58 43.46 -11.00
C SER B 762 -6.44 42.97 -11.90
N ILE B 763 -5.52 43.87 -12.25
CA ILE B 763 -4.42 43.54 -13.17
C ILE B 763 -3.58 42.38 -12.67
N VAL B 764 -3.00 42.52 -11.47
CA VAL B 764 -2.12 41.48 -10.92
C VAL B 764 -2.83 40.13 -10.90
N THR B 765 -4.12 40.12 -10.56
CA THR B 765 -4.86 38.87 -10.59
C THR B 765 -4.89 38.34 -12.03
N GLY B 766 -5.06 39.24 -13.00
CA GLY B 766 -5.06 38.82 -14.40
C GLY B 766 -3.74 38.18 -14.82
N VAL B 767 -2.62 38.75 -14.37
CA VAL B 767 -1.32 38.15 -14.74
C VAL B 767 -1.19 36.77 -14.11
N GLU B 768 -1.74 36.57 -12.90
CA GLU B 768 -1.71 35.24 -12.30
C GLU B 768 -2.44 34.26 -13.22
N GLU B 769 -3.63 34.66 -13.69
CA GLU B 769 -4.38 33.81 -14.61
C GLU B 769 -3.62 33.58 -15.92
N GLY B 770 -2.80 34.56 -16.32
CA GLY B 770 -2.04 34.42 -17.55
C GLY B 770 -0.90 33.41 -17.44
N ARG B 771 -0.27 33.33 -16.27
CA ARG B 771 0.82 32.36 -16.12
C ARG B 771 0.30 30.93 -15.98
N LEU B 772 -0.87 30.79 -15.32
CA LEU B 772 -1.43 29.45 -15.14
C LEU B 772 -1.66 28.73 -16.47
N ILE B 773 -2.06 29.49 -17.51
CA ILE B 773 -2.31 28.88 -18.82
C ILE B 773 -1.07 28.14 -19.29
N PHE B 774 0.08 28.79 -19.20
CA PHE B 774 1.36 28.23 -19.61
C PHE B 774 1.66 26.94 -18.84
N ASP B 775 1.59 27.03 -17.51
CA ASP B 775 1.91 25.87 -16.68
C ASP B 775 1.04 24.67 -17.05
N ASN B 776 -0.27 24.88 -17.13
CA ASN B 776 -1.17 23.78 -17.45
C ASN B 776 -0.94 23.23 -18.86
N LEU B 777 -0.66 24.11 -19.82
CA LEU B 777 -0.42 23.64 -21.19
C LEU B 777 0.77 22.69 -21.23
N LYS B 778 1.86 23.06 -20.54
CA LYS B 778 3.03 22.19 -20.54
C LYS B 778 2.70 20.85 -19.88
N LYS B 779 1.95 20.88 -18.78
CA LYS B 779 1.59 19.63 -18.12
C LYS B 779 0.78 18.71 -19.03
N SER B 780 -0.23 19.28 -19.70
CA SER B 780 -1.10 18.47 -20.57
C SER B 780 -0.31 17.86 -21.72
N ILE B 781 0.55 18.65 -22.37
CA ILE B 781 1.33 18.12 -23.49
C ILE B 781 2.24 17.00 -22.99
N ALA B 782 2.83 17.19 -21.81
CA ALA B 782 3.70 16.18 -21.24
C ALA B 782 2.95 14.88 -20.98
N TYR B 783 1.70 14.98 -20.54
CA TYR B 783 0.95 13.75 -20.28
C TYR B 783 0.57 13.06 -21.58
N THR B 784 0.25 13.83 -22.61
CA THR B 784 -0.17 13.21 -23.88
C THR B 784 0.97 12.51 -24.60
N LEU B 785 2.16 13.11 -24.62
CA LEU B 785 3.26 12.51 -25.39
C LEU B 785 3.86 11.24 -24.82
N THR B 786 3.59 10.88 -23.57
CA THR B 786 4.24 9.71 -22.99
C THR B 786 3.72 8.39 -23.53
N SER B 787 2.43 8.29 -23.84
CA SER B 787 1.89 7.01 -24.29
C SER B 787 2.38 6.58 -25.66
N ASN B 788 3.11 7.43 -26.37
CA ASN B 788 3.59 7.06 -27.70
C ASN B 788 4.56 5.89 -27.65
N ILE B 789 5.42 5.85 -26.64
CA ILE B 789 6.43 4.76 -26.56
C ILE B 789 5.82 3.37 -26.41
N PRO B 790 4.87 3.13 -25.49
CA PRO B 790 4.32 1.78 -25.35
C PRO B 790 3.53 1.30 -26.56
N GLU B 791 3.01 2.19 -27.39
CA GLU B 791 2.27 1.73 -28.55
C GLU B 791 3.18 1.38 -29.71
N ILE B 792 4.38 1.97 -29.77
CA ILE B 792 5.29 1.69 -30.88
C ILE B 792 6.26 0.55 -30.60
N THR B 793 6.71 0.38 -29.34
CA THR B 793 7.65 -0.70 -29.06
C THR B 793 7.17 -2.10 -29.45
N PRO B 794 5.88 -2.46 -29.29
CA PRO B 794 5.47 -3.81 -29.70
C PRO B 794 5.67 -4.08 -31.18
N PHE B 795 5.29 -3.14 -32.04
CA PHE B 795 5.46 -3.33 -33.48
C PHE B 795 6.94 -3.41 -33.85
N LEU B 796 7.83 -2.95 -32.98
CA LEU B 796 9.26 -3.01 -33.25
C LEU B 796 9.82 -4.37 -32.88
N VAL B 797 9.54 -4.85 -31.66
CA VAL B 797 10.04 -6.17 -31.28
C VAL B 797 9.39 -7.24 -32.15
N PHE B 798 8.12 -7.05 -32.49
CA PHE B 798 7.41 -8.01 -33.34
C PHE B 798 8.13 -8.25 -34.65
N ILE B 799 8.55 -7.18 -35.33
CA ILE B 799 9.22 -7.32 -36.61
C ILE B 799 10.69 -7.74 -36.44
N ILE B 800 11.41 -7.11 -35.50
CA ILE B 800 12.82 -7.43 -35.33
C ILE B 800 13.04 -8.78 -34.65
N GLY B 801 12.59 -8.89 -33.40
CA GLY B 801 12.73 -10.10 -32.59
C GLY B 801 11.87 -11.28 -33.00
N ASN B 802 10.85 -11.06 -33.84
CA ASN B 802 9.97 -12.13 -34.33
C ASN B 802 9.16 -12.81 -33.23
N VAL B 803 8.52 -12.01 -32.37
CA VAL B 803 7.71 -12.58 -31.30
C VAL B 803 6.23 -12.28 -31.55
N PRO B 804 5.30 -12.89 -30.80
CA PRO B 804 3.88 -12.58 -31.01
C PRO B 804 3.55 -11.14 -30.63
N LEU B 805 2.74 -10.50 -31.48
CA LEU B 805 2.29 -9.12 -31.35
C LEU B 805 1.72 -8.79 -29.97
N PRO B 806 2.36 -7.90 -29.21
CA PRO B 806 1.87 -7.56 -27.87
C PRO B 806 0.68 -6.61 -27.82
N LEU B 807 0.54 -5.73 -28.81
CA LEU B 807 -0.55 -4.77 -28.88
C LEU B 807 -1.14 -4.77 -30.28
N GLY B 808 -2.47 -4.76 -30.37
CA GLY B 808 -3.17 -4.81 -31.63
C GLY B 808 -3.81 -3.49 -32.01
N THR B 809 -4.80 -3.56 -32.91
CA THR B 809 -5.45 -2.33 -33.36
C THR B 809 -6.58 -1.90 -32.42
N VAL B 810 -7.44 -2.84 -32.04
CA VAL B 810 -8.55 -2.50 -31.14
C VAL B 810 -8.04 -2.00 -29.80
N THR B 811 -7.06 -2.72 -29.24
CA THR B 811 -6.51 -2.33 -27.94
C THR B 811 -5.84 -0.95 -27.99
N ILE B 812 -5.11 -0.66 -29.07
CA ILE B 812 -4.47 0.65 -29.18
C ILE B 812 -5.53 1.74 -29.23
N LEU B 813 -6.59 1.54 -30.02
CA LEU B 813 -7.67 2.52 -30.07
C LEU B 813 -8.27 2.71 -28.69
N CYS B 814 -8.33 1.62 -27.89
CA CYS B 814 -8.85 1.75 -26.53
C CYS B 814 -7.94 2.63 -25.67
N ILE B 815 -6.62 2.50 -25.85
CA ILE B 815 -5.69 3.31 -25.07
C ILE B 815 -5.86 4.79 -25.39
N ASP B 816 -5.83 5.12 -26.68
CA ASP B 816 -5.93 6.53 -27.09
C ASP B 816 -7.20 7.20 -26.58
N LEU B 817 -8.33 6.54 -26.73
CA LEU B 817 -9.61 7.11 -26.32
C LEU B 817 -9.85 7.08 -24.82
N GLY B 818 -9.22 6.16 -24.09
CA GLY B 818 -9.46 6.09 -22.66
C GLY B 818 -8.60 6.90 -21.73
N THR B 819 -7.29 6.67 -21.76
CA THR B 819 -6.37 7.36 -20.87
C THR B 819 -5.86 8.70 -21.38
N ASP B 820 -6.19 9.09 -22.60
CA ASP B 820 -5.69 10.35 -23.14
C ASP B 820 -6.75 11.42 -23.35
N MET B 821 -8.04 11.11 -23.21
CA MET B 821 -9.06 12.13 -23.44
C MET B 821 -9.51 12.86 -22.18
N VAL B 822 -10.10 12.13 -21.23
CA VAL B 822 -10.62 12.74 -20.01
C VAL B 822 -9.50 13.19 -19.06
N PRO B 823 -8.50 12.36 -18.77
CA PRO B 823 -7.43 12.85 -17.86
C PRO B 823 -6.75 14.11 -18.39
N ALA B 824 -6.51 14.16 -19.70
CA ALA B 824 -5.89 15.32 -20.31
C ALA B 824 -6.76 16.56 -20.09
N ILE B 825 -8.06 16.44 -20.33
CA ILE B 825 -8.96 17.57 -20.13
C ILE B 825 -8.96 18.01 -18.68
N SER B 826 -8.91 17.05 -17.74
CA SER B 826 -8.90 17.41 -16.33
C SER B 826 -7.69 18.27 -16.00
N LEU B 827 -6.54 17.97 -16.61
CA LEU B 827 -5.34 18.76 -16.32
C LEU B 827 -5.54 20.26 -16.53
N ALA B 828 -6.30 20.65 -17.57
CA ALA B 828 -6.52 22.07 -17.83
C ALA B 828 -7.04 22.80 -16.59
N TYR B 829 -8.04 22.21 -15.93
CA TYR B 829 -8.69 22.74 -14.74
C TYR B 829 -7.81 22.79 -13.51
N GLU B 830 -6.55 22.36 -13.58
CA GLU B 830 -5.69 22.36 -12.41
C GLU B 830 -5.58 23.75 -11.80
N GLN B 831 -5.28 23.77 -10.50
CA GLN B 831 -5.11 24.99 -9.72
C GLN B 831 -3.68 25.48 -9.90
N ALA B 832 -3.35 26.60 -9.27
CA ALA B 832 -2.01 27.17 -9.38
C ALA B 832 -1.16 26.76 -8.20
N GLU B 833 0.09 26.39 -8.47
CA GLU B 833 0.99 26.07 -7.38
C GLU B 833 1.30 27.36 -6.63
N SER B 834 1.57 27.24 -5.33
CA SER B 834 1.86 28.40 -4.51
C SER B 834 2.81 29.36 -5.22
N ASP B 835 3.91 28.81 -5.72
CA ASP B 835 5.01 29.48 -6.39
C ASP B 835 4.67 30.43 -7.54
N ILE B 836 3.50 30.34 -8.16
CA ILE B 836 3.17 31.12 -9.35
C ILE B 836 3.56 32.59 -9.32
N MET B 837 3.31 33.28 -8.21
CA MET B 837 3.68 34.68 -8.15
C MET B 837 5.06 34.90 -7.56
N LYS B 838 5.65 33.87 -6.94
CA LYS B 838 6.97 33.95 -6.35
C LYS B 838 8.07 33.52 -7.32
N ARG B 839 7.83 33.66 -8.63
CA ARG B 839 8.80 33.29 -9.65
C ARG B 839 8.94 34.40 -10.66
N GLN B 840 10.15 34.51 -11.21
CA GLN B 840 10.48 35.54 -12.17
C GLN B 840 9.65 35.41 -13.43
N PRO B 841 9.50 36.49 -14.20
CA PRO B 841 8.76 36.42 -15.46
C PRO B 841 9.52 35.56 -16.46
N ARG B 842 9.02 35.43 -17.68
CA ARG B 842 9.69 34.61 -18.67
C ARG B 842 10.13 35.42 -19.87
N ASN B 843 11.24 35.00 -20.46
CA ASN B 843 11.80 35.61 -21.64
C ASN B 843 11.38 34.72 -22.81
N PRO B 844 10.46 35.16 -23.67
CA PRO B 844 10.03 34.30 -24.78
C PRO B 844 11.16 33.82 -25.67
N LYS B 845 12.20 34.63 -25.86
CA LYS B 845 13.31 34.19 -26.70
C LYS B 845 14.03 32.99 -26.10
N THR B 846 14.27 33.00 -24.79
CA THR B 846 14.99 31.92 -24.14
C THR B 846 14.13 30.75 -23.65
N ASP B 847 12.85 30.95 -23.33
CA ASP B 847 12.00 29.87 -22.81
C ASP B 847 10.80 29.58 -23.73
N LYS B 848 10.78 28.38 -24.33
CA LYS B 848 9.69 27.95 -25.21
C LYS B 848 8.85 26.84 -24.57
N LEU B 849 7.67 26.61 -25.16
CA LEU B 849 6.76 25.57 -24.68
C LEU B 849 7.33 24.17 -24.93
N VAL B 850 7.70 23.88 -26.17
CA VAL B 850 8.23 22.58 -26.54
C VAL B 850 9.71 22.76 -26.83
N ASN B 851 10.53 22.35 -25.88
CA ASN B 851 11.99 22.41 -25.96
C ASN B 851 12.53 21.00 -25.84
N GLU B 852 13.85 20.87 -25.94
CA GLU B 852 14.51 19.57 -25.89
C GLU B 852 14.40 18.83 -24.55
N ARG B 853 13.74 19.43 -23.54
CA ARG B 853 13.61 18.77 -22.25
C ARG B 853 12.31 17.98 -22.08
N LEU B 854 11.23 18.43 -22.72
CA LEU B 854 9.97 17.72 -22.63
C LEU B 854 10.11 16.32 -23.21
N ILE B 855 10.71 16.22 -24.39
CA ILE B 855 10.95 14.93 -25.03
C ILE B 855 11.88 14.07 -24.18
N SER B 856 12.74 14.71 -23.38
CA SER B 856 13.63 13.95 -22.53
C SER B 856 12.85 13.26 -21.41
N MET B 857 11.91 13.97 -20.80
CA MET B 857 11.14 13.35 -19.72
C MET B 857 10.09 12.37 -20.24
N ALA B 858 9.34 12.75 -21.28
CA ALA B 858 8.26 11.89 -21.77
C ALA B 858 8.77 10.65 -22.49
N TYR B 859 9.48 10.85 -23.61
CA TYR B 859 9.97 9.72 -24.39
C TYR B 859 10.99 8.90 -23.62
N GLY B 860 12.10 9.52 -23.26
CA GLY B 860 13.20 8.86 -22.58
C GLY B 860 13.06 8.23 -21.21
N GLN B 861 12.58 8.99 -20.23
CA GLN B 861 12.51 8.48 -18.86
C GLN B 861 11.19 7.82 -18.47
N ILE B 862 10.07 8.53 -18.60
CA ILE B 862 8.78 7.97 -18.18
C ILE B 862 8.26 6.91 -19.15
N GLY B 863 8.36 7.19 -20.45
CA GLY B 863 7.88 6.28 -21.48
C GLY B 863 8.41 4.88 -21.39
N MET B 864 9.75 4.75 -21.45
CA MET B 864 10.39 3.44 -21.38
C MET B 864 9.88 2.63 -20.19
N ILE B 865 9.54 3.31 -19.10
CA ILE B 865 9.03 2.60 -17.92
C ILE B 865 7.63 2.06 -18.19
N GLN B 866 6.76 2.86 -18.81
CA GLN B 866 5.43 2.30 -19.09
C GLN B 866 5.53 1.11 -20.05
N ALA B 867 6.52 1.16 -20.95
CA ALA B 867 6.73 0.05 -21.88
C ALA B 867 7.15 -1.23 -21.15
N LEU B 868 8.11 -1.10 -20.23
CA LEU B 868 8.53 -2.27 -19.47
C LEU B 868 7.37 -2.83 -18.65
N GLY B 869 6.55 -1.94 -18.09
CA GLY B 869 5.40 -2.37 -17.29
C GLY B 869 4.45 -3.23 -18.11
N GLY B 870 4.19 -2.85 -19.36
CA GLY B 870 3.31 -3.68 -20.18
C GLY B 870 3.96 -4.98 -20.64
N PHE B 871 5.28 -4.96 -20.87
CA PHE B 871 5.95 -6.18 -21.28
C PHE B 871 5.95 -7.23 -20.18
N PHE B 872 5.97 -6.81 -18.91
CA PHE B 872 5.93 -7.81 -17.85
C PHE B 872 4.62 -8.59 -17.85
N SER B 873 3.48 -7.88 -17.96
CA SER B 873 2.20 -8.58 -17.99
C SER B 873 2.13 -9.54 -19.17
N TYR B 874 2.73 -9.14 -20.30
CA TYR B 874 2.73 -10.01 -21.46
C TYR B 874 3.52 -11.31 -21.20
N PHE B 875 4.77 -11.17 -20.72
CA PHE B 875 5.59 -12.35 -20.44
C PHE B 875 4.93 -13.27 -19.42
N VAL B 876 4.29 -12.68 -18.40
CA VAL B 876 3.65 -13.49 -17.35
C VAL B 876 2.51 -14.31 -17.92
N ILE B 877 1.64 -13.68 -18.72
CA ILE B 877 0.52 -14.42 -19.28
C ILE B 877 1.01 -15.60 -20.10
N LEU B 878 2.04 -15.40 -20.91
CA LEU B 878 2.48 -16.52 -21.74
C LEU B 878 3.13 -17.61 -20.91
N ALA B 879 4.05 -17.24 -20.00
CA ALA B 879 4.73 -18.25 -19.18
C ALA B 879 3.74 -19.13 -18.43
N GLU B 880 2.68 -18.55 -17.88
CA GLU B 880 1.75 -19.37 -17.12
C GLU B 880 0.95 -20.32 -18.02
N ASN B 881 0.59 -19.89 -19.23
CA ASN B 881 -0.19 -20.75 -20.11
C ASN B 881 0.62 -21.83 -20.81
N GLY B 882 1.93 -21.92 -20.57
CA GLY B 882 2.76 -22.94 -21.17
C GLY B 882 3.89 -22.44 -22.04
N PHE B 883 3.79 -21.24 -22.61
CA PHE B 883 4.84 -20.70 -23.46
C PHE B 883 5.82 -19.90 -22.62
N LEU B 884 7.10 -20.33 -22.58
CA LEU B 884 8.10 -19.63 -21.78
C LEU B 884 8.77 -18.52 -22.58
N PRO B 885 9.67 -17.71 -21.95
CA PRO B 885 10.33 -16.62 -22.69
C PRO B 885 11.43 -17.02 -23.66
N MET B 886 12.27 -17.98 -23.30
CA MET B 886 13.37 -18.38 -24.19
C MET B 886 12.83 -18.98 -25.49
N ASP B 887 11.77 -19.77 -25.41
CA ASP B 887 11.17 -20.40 -26.58
C ASP B 887 10.40 -19.43 -27.46
N LEU B 888 10.13 -18.20 -26.99
CA LEU B 888 9.34 -17.25 -27.75
C LEU B 888 10.08 -16.55 -28.88
N ILE B 889 11.42 -16.51 -28.86
CA ILE B 889 12.15 -15.80 -29.91
C ILE B 889 12.15 -16.61 -31.20
N GLY B 890 11.35 -16.18 -32.18
CA GLY B 890 11.28 -16.82 -33.46
C GLY B 890 9.99 -17.55 -33.76
N LYS B 891 9.10 -17.68 -32.77
CA LYS B 891 7.85 -18.40 -32.98
C LYS B 891 6.84 -17.63 -33.84
N ARG B 892 7.08 -16.35 -34.12
CA ARG B 892 6.11 -15.57 -34.90
C ARG B 892 5.80 -16.21 -36.24
N VAL B 893 6.85 -16.51 -37.02
CA VAL B 893 6.65 -17.10 -38.34
C VAL B 893 5.70 -18.27 -38.26
N ARG B 894 5.92 -19.13 -37.26
CA ARG B 894 5.06 -20.29 -37.06
C ARG B 894 3.76 -19.92 -36.35
N TRP B 895 3.81 -18.94 -35.46
CA TRP B 895 2.63 -18.53 -34.70
C TRP B 895 1.51 -18.01 -35.59
N ASP B 896 1.84 -17.13 -36.52
CA ASP B 896 0.88 -16.50 -37.41
C ASP B 896 0.42 -17.36 -38.57
N ASP B 897 0.66 -18.67 -38.56
CA ASP B 897 0.26 -19.56 -39.65
C ASP B 897 -1.00 -20.32 -39.24
N ARG B 898 -2.14 -19.90 -39.79
CA ARG B 898 -3.42 -20.54 -39.49
C ARG B 898 -3.39 -22.05 -39.68
N TRP B 899 -2.50 -22.55 -40.53
CA TRP B 899 -2.46 -23.96 -40.86
C TRP B 899 -1.72 -24.88 -39.88
N ILE B 900 -0.83 -24.37 -39.04
CA ILE B 900 -0.11 -25.25 -38.11
C ILE B 900 -0.92 -25.37 -36.83
N SER B 901 -1.82 -26.35 -36.82
CA SER B 901 -2.62 -26.63 -35.64
C SER B 901 -1.81 -27.37 -34.58
N ASP B 902 -0.63 -27.86 -34.94
CA ASP B 902 0.26 -28.64 -34.08
C ASP B 902 1.28 -27.83 -33.30
N VAL B 903 1.19 -26.50 -33.22
CA VAL B 903 2.18 -25.70 -32.51
C VAL B 903 2.48 -26.30 -31.14
N GLU B 904 3.77 -26.53 -30.87
CA GLU B 904 4.22 -27.13 -29.62
C GLU B 904 4.77 -26.07 -28.67
N ASP B 905 4.35 -26.13 -27.41
CA ASP B 905 4.79 -25.16 -26.41
C ASP B 905 6.04 -25.67 -25.67
N SER B 906 6.42 -24.97 -24.61
CA SER B 906 7.60 -25.36 -23.83
C SER B 906 7.39 -26.69 -23.13
N PHE B 907 6.29 -26.84 -22.41
CA PHE B 907 6.04 -28.08 -21.69
C PHE B 907 5.74 -29.26 -22.61
N GLY B 908 5.85 -29.04 -23.92
CA GLY B 908 5.65 -30.07 -24.93
C GLY B 908 4.24 -30.25 -25.44
N GLN B 909 3.27 -29.51 -24.92
CA GLN B 909 1.91 -29.67 -25.41
C GLN B 909 1.81 -29.15 -26.85
N GLN B 910 0.74 -29.56 -27.53
CA GLN B 910 0.49 -29.15 -28.92
C GLN B 910 -0.76 -28.27 -28.94
N TRP B 911 -0.61 -27.06 -29.48
CA TRP B 911 -1.67 -26.08 -29.56
C TRP B 911 -2.18 -25.88 -30.98
N THR B 912 -3.50 -25.68 -31.09
CA THR B 912 -4.18 -25.42 -32.35
C THR B 912 -4.03 -23.94 -32.71
N TYR B 913 -4.83 -23.42 -33.63
CA TYR B 913 -4.67 -22.02 -34.00
C TYR B 913 -5.44 -21.05 -33.10
N GLU B 914 -6.72 -21.32 -32.84
CA GLU B 914 -7.46 -20.41 -31.97
C GLU B 914 -7.06 -20.56 -30.51
N GLN B 915 -6.61 -21.76 -30.09
CA GLN B 915 -6.21 -21.94 -28.70
C GLN B 915 -5.03 -21.04 -28.34
N ARG B 916 -4.10 -20.83 -29.28
CA ARG B 916 -2.97 -19.94 -29.03
C ARG B 916 -3.35 -18.48 -29.29
N LYS B 917 -4.24 -18.23 -30.26
CA LYS B 917 -4.66 -16.85 -30.49
C LYS B 917 -5.39 -16.29 -29.25
N ILE B 918 -6.10 -17.16 -28.52
CA ILE B 918 -6.81 -16.70 -27.32
C ILE B 918 -5.82 -16.18 -26.28
N VAL B 919 -4.70 -16.89 -26.07
CA VAL B 919 -3.70 -16.42 -25.11
C VAL B 919 -3.11 -15.10 -25.59
N GLU B 920 -2.84 -14.98 -26.90
CA GLU B 920 -2.31 -13.72 -27.41
C GLU B 920 -3.28 -12.56 -27.11
N PHE B 921 -4.57 -12.78 -27.30
CA PHE B 921 -5.55 -11.72 -27.01
C PHE B 921 -5.61 -11.43 -25.51
N THR B 922 -5.43 -12.45 -24.67
CA THR B 922 -5.40 -12.20 -23.23
C THR B 922 -4.21 -11.29 -22.92
N CYS B 923 -3.15 -11.37 -23.73
CA CYS B 923 -2.01 -10.48 -23.56
C CYS B 923 -2.36 -9.06 -24.01
N HIS B 924 -3.14 -8.92 -25.09
CA HIS B 924 -3.54 -7.57 -25.52
C HIS B 924 -4.31 -6.87 -24.41
N THR B 925 -5.28 -7.59 -23.82
CA THR B 925 -6.07 -7.01 -22.73
C THR B 925 -5.20 -6.68 -21.51
N SER B 926 -4.28 -7.57 -21.15
CA SER B 926 -3.41 -7.28 -20.01
C SER B 926 -2.55 -6.06 -20.27
N PHE B 927 -1.98 -5.96 -21.48
CA PHE B 927 -1.18 -4.79 -21.82
C PHE B 927 -2.00 -3.54 -21.59
N PHE B 928 -3.21 -3.53 -22.14
CA PHE B 928 -4.14 -2.40 -21.95
C PHE B 928 -4.27 -2.01 -20.49
N ILE B 929 -4.57 -2.99 -19.62
CA ILE B 929 -4.75 -2.68 -18.20
C ILE B 929 -3.44 -2.18 -17.57
N SER B 930 -2.31 -2.77 -17.96
CA SER B 930 -1.03 -2.32 -17.43
C SER B 930 -0.78 -0.87 -17.81
N ILE B 931 -1.30 -0.47 -18.98
CA ILE B 931 -1.16 0.91 -19.43
C ILE B 931 -2.01 1.83 -18.57
N VAL B 932 -3.26 1.43 -18.28
CA VAL B 932 -4.09 2.29 -17.43
C VAL B 932 -3.47 2.42 -16.04
N VAL B 933 -2.94 1.31 -15.52
CA VAL B 933 -2.31 1.32 -14.19
C VAL B 933 -1.12 2.26 -14.16
N VAL B 934 -0.24 2.19 -15.18
CA VAL B 934 0.90 3.11 -15.18
C VAL B 934 0.44 4.54 -15.42
N GLN B 935 -0.64 4.73 -16.19
CA GLN B 935 -1.18 6.06 -16.43
C GLN B 935 -1.58 6.71 -15.12
N TRP B 936 -2.10 5.91 -14.17
CA TRP B 936 -2.44 6.47 -12.86
C TRP B 936 -1.28 7.30 -12.33
N ALA B 937 -0.09 6.69 -12.27
CA ALA B 937 1.11 7.36 -11.77
C ALA B 937 1.50 8.55 -12.63
N ASP B 938 1.52 8.36 -13.97
CA ASP B 938 1.91 9.47 -14.83
C ASP B 938 1.01 10.69 -14.61
N LEU B 939 -0.29 10.46 -14.46
CA LEU B 939 -1.23 11.54 -14.25
C LEU B 939 -0.97 12.22 -12.90
N ILE B 940 -0.79 11.42 -11.84
CA ILE B 940 -0.55 12.02 -10.53
C ILE B 940 0.69 12.91 -10.58
N ILE B 941 1.79 12.41 -11.15
CA ILE B 941 3.00 13.22 -11.22
C ILE B 941 2.86 14.41 -12.15
N CYS B 942 1.87 14.42 -13.05
CA CYS B 942 1.74 15.57 -13.94
C CYS B 942 1.09 16.79 -13.29
N LYS B 943 0.44 16.64 -12.14
CA LYS B 943 -0.23 17.78 -11.51
C LYS B 943 0.70 18.94 -11.21
N THR B 944 1.90 18.67 -10.70
CA THR B 944 2.83 19.73 -10.33
C THR B 944 4.22 19.44 -10.89
N ARG B 945 4.95 20.52 -11.18
CA ARG B 945 6.30 20.40 -11.69
C ARG B 945 7.38 20.89 -10.72
N ARG B 946 7.01 21.59 -9.65
CA ARG B 946 7.99 22.08 -8.70
C ARG B 946 7.66 21.65 -7.27
N ASN B 947 6.38 21.57 -6.94
CA ASN B 947 5.94 21.16 -5.63
C ASN B 947 5.52 19.70 -5.63
N SER B 948 5.38 19.13 -4.46
CA SER B 948 4.97 17.74 -4.33
C SER B 948 3.44 17.67 -4.35
N ILE B 949 2.90 16.45 -4.42
CA ILE B 949 1.45 16.33 -4.37
C ILE B 949 1.00 16.43 -2.92
N PHE B 950 1.87 16.10 -1.96
CA PHE B 950 1.54 16.26 -0.56
C PHE B 950 1.37 17.75 -0.23
N GLN B 951 2.10 18.61 -0.93
CA GLN B 951 2.00 20.06 -0.76
C GLN B 951 0.80 20.62 -1.52
N GLN B 952 0.68 20.22 -2.79
CA GLN B 952 -0.40 20.72 -3.64
C GLN B 952 -1.75 20.17 -3.21
N GLY B 953 -1.82 18.88 -2.94
CA GLY B 953 -3.11 18.37 -2.51
C GLY B 953 -3.90 17.77 -3.65
N MET B 954 -4.85 16.91 -3.28
CA MET B 954 -5.72 16.19 -4.20
C MET B 954 -7.12 16.82 -4.28
N LYS B 955 -7.20 18.14 -4.32
CA LYS B 955 -8.49 18.81 -4.37
C LYS B 955 -9.08 18.91 -5.77
N ASN B 956 -8.40 18.43 -6.81
CA ASN B 956 -8.95 18.46 -8.16
C ASN B 956 -9.94 17.31 -8.29
N LYS B 957 -11.21 17.63 -8.55
CA LYS B 957 -12.24 16.60 -8.64
C LYS B 957 -12.29 15.92 -10.01
N ILE B 958 -12.09 16.68 -11.09
CA ILE B 958 -12.15 16.08 -12.42
C ILE B 958 -11.05 15.04 -12.62
N LEU B 959 -9.85 15.30 -12.08
CA LEU B 959 -8.76 14.32 -12.20
C LEU B 959 -9.11 13.01 -11.51
N ILE B 960 -9.73 13.10 -10.32
CA ILE B 960 -10.15 11.90 -9.61
C ILE B 960 -11.17 11.15 -10.45
N PHE B 961 -12.17 11.89 -10.97
CA PHE B 961 -13.17 11.30 -11.85
C PHE B 961 -12.49 10.50 -12.95
N GLY B 962 -11.43 11.06 -13.53
CA GLY B 962 -10.73 10.37 -14.60
C GLY B 962 -10.12 9.06 -14.14
N LEU B 963 -9.49 9.05 -12.96
CA LEU B 963 -8.87 7.81 -12.48
C LEU B 963 -9.91 6.70 -12.31
N PHE B 964 -10.99 7.00 -11.60
CA PHE B 964 -12.02 6.00 -11.38
C PHE B 964 -12.66 5.54 -12.69
N GLU B 965 -12.97 6.49 -13.57
CA GLU B 965 -13.62 6.14 -14.83
C GLU B 965 -12.75 5.25 -15.71
N GLU B 966 -11.45 5.56 -15.84
CA GLU B 966 -10.62 4.71 -16.67
C GLU B 966 -10.59 3.28 -16.10
N THR B 967 -10.29 3.15 -14.80
CA THR B 967 -10.27 1.83 -14.18
C THR B 967 -11.56 1.08 -14.53
N ALA B 968 -12.69 1.78 -14.46
CA ALA B 968 -13.97 1.16 -14.79
C ALA B 968 -14.03 0.70 -16.23
N LEU B 969 -13.50 1.51 -17.16
CA LEU B 969 -13.53 1.12 -18.57
C LEU B 969 -12.76 -0.17 -18.81
N ALA B 970 -11.58 -0.30 -18.18
CA ALA B 970 -10.78 -1.50 -18.37
C ALA B 970 -11.48 -2.73 -17.79
N ALA B 971 -11.99 -2.60 -16.55
CA ALA B 971 -12.67 -3.74 -15.94
C ALA B 971 -13.90 -4.15 -16.75
N PHE B 972 -14.67 -3.17 -17.22
CA PHE B 972 -15.87 -3.45 -17.98
C PHE B 972 -15.56 -4.18 -19.29
N LEU B 973 -14.63 -3.64 -20.08
CA LEU B 973 -14.32 -4.28 -21.36
C LEU B 973 -13.70 -5.65 -21.17
N SER B 974 -12.94 -5.87 -20.10
CA SER B 974 -12.33 -7.18 -19.93
C SER B 974 -13.32 -8.22 -19.44
N TYR B 975 -14.29 -7.83 -18.60
CA TYR B 975 -15.19 -8.84 -18.04
C TYR B 975 -16.56 -8.97 -18.71
N CYS B 976 -17.00 -7.97 -19.48
CA CYS B 976 -18.33 -8.05 -20.08
C CYS B 976 -18.48 -9.30 -20.95
N PRO B 977 -19.65 -9.99 -20.89
CA PRO B 977 -19.96 -11.22 -21.67
C PRO B 977 -20.42 -11.00 -23.11
N GLY B 978 -19.46 -10.85 -24.02
CA GLY B 978 -19.78 -10.62 -25.41
C GLY B 978 -18.73 -9.79 -26.11
N THR B 979 -17.87 -9.11 -25.35
CA THR B 979 -16.77 -8.38 -25.95
C THR B 979 -15.88 -9.34 -26.72
N ASP B 980 -15.83 -10.60 -26.28
CA ASP B 980 -15.03 -11.62 -26.95
C ASP B 980 -15.36 -11.68 -28.45
N VAL B 981 -16.64 -11.82 -28.75
CA VAL B 981 -17.09 -11.93 -30.13
C VAL B 981 -16.87 -10.63 -30.90
N ALA B 982 -17.21 -9.49 -30.29
CA ALA B 982 -17.14 -8.23 -31.00
C ALA B 982 -15.79 -7.52 -30.96
N LEU B 983 -15.27 -7.22 -29.77
CA LEU B 983 -14.02 -6.46 -29.69
C LEU B 983 -12.76 -7.31 -29.61
N ARG B 984 -12.86 -8.59 -29.24
CA ARG B 984 -11.72 -9.50 -29.09
C ARG B 984 -10.92 -9.33 -27.79
N MET B 985 -11.57 -8.98 -26.70
CA MET B 985 -10.93 -8.86 -25.39
C MET B 985 -11.40 -10.02 -24.53
N TYR B 986 -10.49 -10.60 -23.75
CA TYR B 986 -10.84 -11.75 -22.92
C TYR B 986 -10.69 -11.45 -21.43
N PRO B 987 -11.40 -12.17 -20.58
CA PRO B 987 -11.31 -11.93 -19.14
C PRO B 987 -9.89 -12.11 -18.61
N LEU B 988 -9.56 -11.28 -17.62
CA LEU B 988 -8.26 -11.30 -16.98
C LEU B 988 -8.39 -11.90 -15.59
N LYS B 989 -7.49 -12.82 -15.25
CA LYS B 989 -7.53 -13.44 -13.95
C LYS B 989 -7.02 -12.45 -12.90
N PRO B 990 -7.37 -12.66 -11.62
CA PRO B 990 -6.97 -11.69 -10.59
C PRO B 990 -5.48 -11.51 -10.34
N SER B 991 -4.67 -12.56 -10.46
CA SER B 991 -3.24 -12.37 -10.18
C SER B 991 -2.52 -11.53 -11.22
N TRP B 992 -3.15 -11.26 -12.36
CA TRP B 992 -2.51 -10.51 -13.43
C TRP B 992 -2.61 -9.00 -13.26
N TRP B 993 -3.75 -8.50 -12.77
CA TRP B 993 -3.94 -7.06 -12.61
C TRP B 993 -2.78 -6.37 -11.90
N PHE B 994 -2.12 -7.07 -10.99
CA PHE B 994 -1.03 -6.52 -10.18
C PHE B 994 0.33 -6.49 -10.85
N CYS B 995 0.49 -7.05 -12.05
CA CYS B 995 1.80 -7.08 -12.68
C CYS B 995 2.37 -5.69 -12.93
N ALA B 996 1.54 -4.70 -13.19
CA ALA B 996 2.01 -3.35 -13.48
C ALA B 996 2.22 -2.48 -12.25
N PHE B 997 1.88 -2.97 -11.05
CA PHE B 997 2.02 -2.16 -9.84
C PHE B 997 3.43 -1.69 -9.52
N PRO B 998 4.48 -2.55 -9.58
CA PRO B 998 5.83 -2.04 -9.25
C PRO B 998 6.28 -0.90 -10.16
N TYR B 999 5.98 -1.01 -11.45
CA TYR B 999 6.35 0.03 -12.40
C TYR B 999 5.54 1.30 -12.19
N SER B 1000 4.36 1.19 -11.59
CA SER B 1000 3.57 2.39 -11.31
C SER B 1000 4.12 3.11 -10.09
N LEU B 1001 4.59 2.38 -9.07
CA LEU B 1001 5.14 3.10 -7.92
C LEU B 1001 6.50 3.72 -8.22
N ILE B 1002 7.31 3.06 -9.04
CA ILE B 1002 8.65 3.60 -9.32
C ILE B 1002 8.56 4.97 -9.98
N ILE B 1003 7.60 5.18 -10.88
CA ILE B 1003 7.47 6.47 -11.57
C ILE B 1003 7.17 7.58 -10.58
N PHE B 1004 6.23 7.33 -9.67
CA PHE B 1004 5.84 8.34 -8.69
C PHE B 1004 7.01 8.71 -7.79
N LEU B 1005 7.69 7.69 -7.22
CA LEU B 1005 8.80 8.00 -6.33
C LEU B 1005 9.91 8.76 -7.05
N TYR B 1006 10.19 8.36 -8.29
CA TYR B 1006 11.25 9.03 -9.04
C TYR B 1006 10.93 10.51 -9.22
N ASP B 1007 9.71 10.83 -9.65
CA ASP B 1007 9.38 12.24 -9.85
C ASP B 1007 9.44 13.02 -8.55
N GLU B 1008 8.99 12.41 -7.44
CA GLU B 1008 9.01 13.11 -6.17
C GLU B 1008 10.43 13.52 -5.78
N MET B 1009 11.38 12.59 -5.86
CA MET B 1009 12.76 12.97 -5.53
C MET B 1009 13.27 14.01 -6.51
N ARG B 1010 13.09 13.74 -7.82
CA ARG B 1010 13.49 14.63 -8.91
C ARG B 1010 13.10 16.07 -8.57
N ARG B 1011 11.97 16.25 -7.88
CA ARG B 1011 11.52 17.58 -7.48
C ARG B 1011 12.21 18.08 -6.23
N PHE B 1012 12.43 17.19 -5.25
CA PHE B 1012 13.10 17.65 -4.03
C PHE B 1012 14.45 18.27 -4.38
N ILE B 1013 15.19 17.59 -5.25
CA ILE B 1013 16.50 18.09 -5.69
C ILE B 1013 16.36 19.45 -6.38
N ILE B 1014 15.26 19.66 -7.10
CA ILE B 1014 15.06 20.96 -7.77
C ILE B 1014 14.87 22.05 -6.75
N ARG B 1015 13.91 21.85 -5.83
CA ARG B 1015 13.63 22.85 -4.81
C ARG B 1015 14.88 23.23 -4.02
N ARG B 1016 15.70 22.24 -3.67
CA ARG B 1016 16.87 22.55 -2.87
C ARG B 1016 18.00 23.21 -3.66
N SER B 1017 18.27 22.74 -4.89
CA SER B 1017 19.39 23.28 -5.66
C SER B 1017 19.01 24.01 -6.93
N PRO B 1018 18.74 25.32 -6.87
CA PRO B 1018 18.42 26.05 -8.09
C PRO B 1018 19.63 26.18 -9.02
N GLY B 1019 19.34 26.26 -10.31
CA GLY B 1019 20.40 26.39 -11.30
C GLY B 1019 21.40 25.25 -11.29
N GLY B 1020 20.99 24.09 -10.81
CA GLY B 1020 21.85 22.93 -10.75
C GLY B 1020 21.78 22.13 -12.02
N TRP B 1021 22.21 20.87 -11.94
CA TRP B 1021 22.17 20.03 -13.13
C TRP B 1021 20.75 19.56 -13.45
N VAL B 1022 19.98 19.20 -12.42
CA VAL B 1022 18.62 18.73 -12.63
C VAL B 1022 17.76 19.81 -13.27
N GLU B 1023 17.86 21.05 -12.77
CA GLU B 1023 17.03 22.09 -13.37
C GLU B 1023 17.46 22.41 -14.79
N GLN B 1024 18.76 22.33 -15.07
CA GLN B 1024 19.23 22.60 -16.43
C GLN B 1024 18.76 21.51 -17.39
N GLU B 1025 18.68 20.27 -16.93
CA GLU B 1025 18.36 19.14 -17.79
C GLU B 1025 16.90 18.68 -17.84
N THR B 1026 16.23 18.49 -16.70
CA THR B 1026 14.88 17.96 -16.72
C THR B 1026 13.75 18.95 -16.46
N TYR B 1027 14.01 20.19 -16.08
CA TYR B 1027 12.92 21.12 -15.82
C TYR B 1027 12.37 21.61 -17.15
N TYR B 1028 11.18 21.14 -17.52
CA TYR B 1028 10.55 21.55 -18.78
C TYR B 1028 9.68 22.79 -18.58
N GLU C 24 -3.62 -37.64 -11.34
CA GLU C 24 -4.32 -37.80 -10.07
C GLU C 24 -5.59 -38.61 -10.25
N GLY C 25 -5.54 -39.61 -11.12
CA GLY C 25 -6.67 -40.45 -11.39
C GLY C 25 -7.38 -40.08 -12.67
N PRO C 26 -8.14 -41.02 -13.23
CA PRO C 26 -8.85 -40.72 -14.49
C PRO C 26 -9.84 -39.57 -14.38
N ASP C 27 -10.60 -39.51 -13.28
CA ASP C 27 -11.61 -38.46 -13.09
C ASP C 27 -11.00 -37.19 -12.48
N ASN C 28 -10.03 -36.63 -13.18
CA ASN C 28 -9.35 -35.41 -12.76
C ASN C 28 -9.76 -34.25 -13.67
N ASP C 29 -11.05 -34.24 -14.03
CA ASP C 29 -11.60 -33.22 -14.92
C ASP C 29 -11.51 -31.81 -14.35
N GLU C 30 -11.45 -31.67 -13.03
CA GLU C 30 -11.38 -30.33 -12.44
C GLU C 30 -10.16 -29.56 -12.92
N ARG C 31 -9.05 -30.26 -13.16
CA ARG C 31 -7.81 -29.64 -13.64
C ARG C 31 -7.98 -28.95 -14.99
N PHE C 32 -9.13 -29.12 -15.66
CA PHE C 32 -9.39 -28.50 -16.95
C PHE C 32 -10.65 -27.62 -16.93
N THR C 33 -11.06 -27.15 -15.76
CA THR C 33 -12.26 -26.31 -15.64
C THR C 33 -11.93 -25.02 -14.92
N TYR C 34 -12.62 -23.94 -15.32
CA TYR C 34 -12.44 -22.63 -14.73
C TYR C 34 -13.81 -21.96 -14.58
N ASP C 35 -14.02 -21.31 -13.43
CA ASP C 35 -15.29 -20.64 -13.14
C ASP C 35 -15.27 -19.19 -13.64
N TYR C 36 -15.39 -19.05 -14.96
CA TYR C 36 -15.39 -17.72 -15.56
C TYR C 36 -16.66 -16.94 -15.20
N TYR C 37 -17.76 -17.65 -14.92
CA TYR C 37 -19.02 -16.99 -14.59
C TYR C 37 -18.88 -16.11 -13.35
N ARG C 38 -18.39 -16.69 -12.25
CA ARG C 38 -18.22 -15.92 -11.02
C ARG C 38 -17.27 -14.75 -11.24
N LEU C 39 -16.20 -14.97 -12.02
CA LEU C 39 -15.24 -13.91 -12.29
C LEU C 39 -15.92 -12.73 -13.00
N ARG C 40 -16.75 -13.02 -14.00
CA ARG C 40 -17.45 -11.96 -14.71
C ARG C 40 -18.42 -11.23 -13.79
N VAL C 41 -19.13 -11.97 -12.94
CA VAL C 41 -20.07 -11.33 -12.02
C VAL C 41 -19.35 -10.34 -11.12
N VAL C 42 -18.24 -10.78 -10.50
CA VAL C 42 -17.50 -9.88 -9.61
C VAL C 42 -16.93 -8.69 -10.37
N GLY C 43 -16.37 -8.93 -11.56
CA GLY C 43 -15.83 -7.83 -12.33
C GLY C 43 -16.87 -6.78 -12.67
N LEU C 44 -18.09 -7.23 -12.96
CA LEU C 44 -19.15 -6.27 -13.27
C LEU C 44 -19.58 -5.51 -12.02
N ILE C 45 -19.67 -6.19 -10.88
CA ILE C 45 -20.05 -5.48 -9.65
C ILE C 45 -19.04 -4.37 -9.37
N VAL C 46 -17.75 -4.69 -9.51
CA VAL C 46 -16.70 -3.70 -9.26
C VAL C 46 -16.79 -2.55 -10.25
N ALA C 47 -16.99 -2.86 -11.53
CA ALA C 47 -17.08 -1.80 -12.54
C ALA C 47 -18.20 -0.84 -12.21
N ALA C 48 -19.38 -1.38 -11.87
CA ALA C 48 -20.51 -0.53 -11.53
C ALA C 48 -20.22 0.33 -10.31
N VAL C 49 -19.57 -0.24 -9.30
CA VAL C 49 -19.27 0.53 -8.09
C VAL C 49 -18.31 1.68 -8.40
N LEU C 50 -17.23 1.40 -9.11
CA LEU C 50 -16.26 2.45 -9.44
C LEU C 50 -16.92 3.56 -10.25
N CYS C 51 -17.76 3.19 -11.23
CA CYS C 51 -18.43 4.20 -12.04
C CYS C 51 -19.34 5.06 -11.17
N VAL C 52 -20.07 4.44 -10.23
CA VAL C 52 -20.95 5.22 -9.35
C VAL C 52 -20.14 6.22 -8.54
N ILE C 53 -19.04 5.75 -7.92
CA ILE C 53 -18.18 6.65 -7.15
C ILE C 53 -17.78 7.84 -8.01
N GLY C 54 -17.40 7.56 -9.26
CA GLY C 54 -17.01 8.64 -10.15
C GLY C 54 -18.11 9.67 -10.35
N ILE C 55 -19.32 9.20 -10.66
CA ILE C 55 -20.43 10.14 -10.88
C ILE C 55 -20.67 10.99 -9.64
N ILE C 56 -20.66 10.35 -8.46
CA ILE C 56 -20.90 11.04 -7.20
C ILE C 56 -19.89 12.16 -7.02
N ILE C 57 -18.61 11.87 -7.27
CA ILE C 57 -17.58 12.88 -7.07
C ILE C 57 -17.69 13.98 -8.11
N LEU C 58 -17.92 13.63 -9.37
CA LEU C 58 -17.98 14.63 -10.43
C LEU C 58 -19.14 15.60 -10.26
N LEU C 59 -20.28 15.13 -9.76
CA LEU C 59 -21.45 15.99 -9.65
C LEU C 59 -21.72 16.56 -8.27
N ALA C 60 -20.91 16.23 -7.25
CA ALA C 60 -21.20 16.71 -5.90
C ALA C 60 -21.34 18.23 -5.83
N GLY C 61 -22.58 18.68 -5.59
CA GLY C 61 -22.90 20.10 -5.49
C GLY C 61 -23.67 20.66 -6.67
N LYS C 62 -23.77 19.93 -7.79
CA LYS C 62 -24.42 20.34 -9.03
C LYS C 62 -23.50 21.28 -9.83
N CYS C 63 -22.21 21.25 -9.52
CA CYS C 63 -21.18 22.05 -10.18
C CYS C 63 -19.82 21.50 -9.78
N GLY D 12 36.28 -35.03 20.29
CA GLY D 12 35.57 -33.84 20.71
C GLY D 12 36.44 -32.60 20.75
N TRP D 13 37.19 -32.47 21.85
CA TRP D 13 38.08 -31.32 22.04
C TRP D 13 38.90 -31.02 20.79
N LYS D 14 39.65 -32.02 20.32
CA LYS D 14 40.50 -31.82 19.15
C LYS D 14 39.72 -31.95 17.85
N LYS D 15 38.95 -33.03 17.69
CA LYS D 15 38.20 -33.26 16.45
C LYS D 15 37.29 -32.09 16.11
N PHE D 16 36.66 -31.47 17.11
CA PHE D 16 35.79 -30.35 16.79
C PHE D 16 36.57 -29.11 16.45
N LEU D 17 37.79 -28.97 16.97
CA LEU D 17 38.58 -27.78 16.66
C LEU D 17 39.24 -27.91 15.29
N TRP D 18 39.98 -28.99 15.06
CA TRP D 18 40.62 -29.17 13.77
C TRP D 18 40.91 -30.64 13.54
N ASP D 19 40.31 -31.19 12.49
CA ASP D 19 40.55 -32.57 12.06
C ASP D 19 41.29 -32.46 10.74
N SER D 20 42.12 -33.45 10.42
CA SER D 20 42.90 -33.37 9.19
C SER D 20 42.44 -34.33 8.11
N GLU D 21 41.31 -35.01 8.28
CA GLU D 21 40.86 -35.91 7.22
C GLU D 21 39.86 -35.20 6.31
N LYS D 22 38.83 -34.59 6.89
CA LYS D 22 37.85 -33.84 6.12
C LYS D 22 38.26 -32.38 5.94
N LYS D 23 39.39 -31.97 6.53
CA LYS D 23 39.89 -30.59 6.44
C LYS D 23 38.81 -29.60 6.89
N GLU D 24 38.48 -29.69 8.17
CA GLU D 24 37.44 -28.87 8.78
C GLU D 24 37.95 -28.05 9.95
N PHE D 25 37.44 -26.82 10.05
CA PHE D 25 37.77 -25.89 11.13
C PHE D 25 36.45 -25.44 11.75
N LEU D 26 36.25 -25.74 13.03
CA LEU D 26 35.06 -25.40 13.81
C LEU D 26 33.84 -26.20 13.35
N GLY D 27 33.96 -27.00 12.29
CA GLY D 27 32.84 -27.79 11.81
C GLY D 27 32.66 -27.90 10.30
N ARG D 28 33.21 -26.98 9.52
CA ARG D 28 33.07 -27.02 8.06
C ARG D 28 34.44 -26.95 7.38
N THR D 29 34.45 -27.10 6.06
CA THR D 29 35.76 -27.07 5.42
C THR D 29 36.28 -25.66 5.17
N GLY D 30 36.04 -25.12 3.97
CA GLY D 30 36.41 -23.75 3.70
C GLY D 30 35.49 -23.00 2.76
N SER D 31 35.09 -23.73 1.71
CA SER D 31 34.21 -23.17 0.68
C SER D 31 32.96 -22.63 1.33
N SER D 32 32.45 -23.36 2.33
CA SER D 32 31.28 -22.93 3.07
C SER D 32 31.55 -21.61 3.78
N TRP D 33 32.70 -21.50 4.46
CA TRP D 33 33.04 -20.25 5.14
C TRP D 33 33.10 -19.11 4.15
N PHE D 34 33.64 -19.36 2.96
CA PHE D 34 33.73 -18.32 1.94
C PHE D 34 32.35 -17.89 1.47
N LYS D 35 31.43 -18.84 1.25
CA LYS D 35 30.10 -18.49 0.79
C LYS D 35 29.33 -17.73 1.86
N ILE D 36 29.39 -18.17 3.12
CA ILE D 36 28.65 -17.48 4.17
C ILE D 36 29.23 -16.08 4.41
N PHE D 37 30.56 -15.95 4.43
CA PHE D 37 31.18 -14.66 4.64
C PHE D 37 30.84 -13.71 3.50
N LEU D 38 30.89 -14.19 2.26
CA LEU D 38 30.55 -13.35 1.10
C LEU D 38 29.10 -12.90 1.18
N PHE D 39 28.20 -13.81 1.52
CA PHE D 39 26.79 -13.45 1.62
C PHE D 39 26.56 -12.36 2.67
N TYR D 40 27.16 -12.53 3.86
CA TYR D 40 26.96 -11.53 4.90
C TYR D 40 27.56 -10.19 4.52
N LEU D 41 28.70 -10.19 3.81
CA LEU D 41 29.29 -8.93 3.39
C LEU D 41 28.37 -8.20 2.42
N ILE D 42 27.87 -8.90 1.40
CA ILE D 42 26.98 -8.27 0.43
C ILE D 42 25.69 -7.79 1.11
N PHE D 43 25.14 -8.61 2.01
CA PHE D 43 23.91 -8.25 2.70
C PHE D 43 24.06 -6.99 3.53
N TYR D 44 25.10 -6.95 4.39
CA TYR D 44 25.31 -5.76 5.21
C TYR D 44 25.66 -4.56 4.35
N GLY D 45 26.15 -4.77 3.12
CA GLY D 45 26.43 -3.65 2.25
C GLY D 45 25.13 -3.06 1.75
N CYS D 46 24.19 -3.91 1.33
CA CYS D 46 22.89 -3.42 0.87
C CYS D 46 22.17 -2.69 2.01
N LEU D 47 22.25 -3.24 3.22
CA LEU D 47 21.61 -2.61 4.37
C LEU D 47 22.20 -1.22 4.63
N ALA D 48 23.53 -1.12 4.64
CA ALA D 48 24.16 0.18 4.88
C ALA D 48 23.78 1.19 3.80
N GLY D 49 23.78 0.77 2.54
CA GLY D 49 23.44 1.68 1.46
C GLY D 49 22.01 2.19 1.57
N ILE D 50 21.06 1.32 1.90
CA ILE D 50 19.68 1.75 2.03
C ILE D 50 19.52 2.73 3.19
N PHE D 51 20.17 2.44 4.32
CA PHE D 51 20.06 3.36 5.46
C PHE D 51 20.64 4.73 5.10
N ILE D 52 21.77 4.76 4.39
CA ILE D 52 22.38 6.03 4.00
C ILE D 52 21.46 6.80 3.05
N GLY D 53 20.80 6.10 2.13
CA GLY D 53 19.92 6.80 1.21
C GLY D 53 18.70 7.38 1.91
N THR D 54 18.07 6.58 2.80
CA THR D 54 16.91 7.08 3.53
C THR D 54 17.29 8.22 4.48
N ILE D 55 18.56 8.30 4.90
CA ILE D 55 18.97 9.41 5.75
C ILE D 55 19.30 10.64 4.89
N GLN D 56 19.77 10.45 3.65
CA GLN D 56 20.05 11.59 2.79
C GLN D 56 18.76 12.30 2.39
N VAL D 57 17.69 11.55 2.12
CA VAL D 57 16.44 12.21 1.76
C VAL D 57 16.00 13.12 2.91
N LEU D 58 16.27 12.70 4.16
CA LEU D 58 15.92 13.49 5.32
C LEU D 58 16.82 14.73 5.41
N LEU D 59 18.11 14.58 5.13
CA LEU D 59 18.97 15.76 5.16
C LEU D 59 18.54 16.76 4.09
N LEU D 60 17.86 16.29 3.04
CA LEU D 60 17.34 17.17 2.00
C LEU D 60 16.12 17.96 2.48
N THR D 61 15.10 17.24 2.94
CA THR D 61 13.83 17.83 3.37
C THR D 61 13.88 19.17 4.13
N LEU D 62 14.80 19.29 5.08
CA LEU D 62 14.90 20.46 5.93
C LEU D 62 15.59 21.64 5.26
N SER D 63 15.38 22.83 5.83
CA SER D 63 15.95 24.09 5.38
C SER D 63 17.19 24.45 6.21
N ASP D 64 18.12 25.17 5.59
CA ASP D 64 19.37 25.54 6.28
C ASP D 64 19.25 26.78 7.14
N PHE D 65 18.23 27.62 6.95
CA PHE D 65 18.10 28.82 7.76
C PHE D 65 17.00 28.74 8.81
N GLU D 66 16.31 27.62 8.95
CA GLU D 66 15.26 27.63 9.95
C GLU D 66 14.79 26.25 10.40
N PRO D 67 14.78 25.97 11.71
CA PRO D 67 14.30 24.67 12.19
C PRO D 67 12.81 24.54 11.87
N LYS D 68 12.44 23.37 11.35
CA LYS D 68 11.05 23.13 10.95
C LYS D 68 10.06 23.27 12.10
N TYR D 69 10.49 22.97 13.33
CA TYR D 69 9.60 23.06 14.48
C TYR D 69 10.22 23.93 15.55
N GLN D 70 9.49 24.94 15.99
CA GLN D 70 9.94 25.87 17.02
C GLN D 70 8.96 25.94 18.19
N ASP D 71 8.25 24.85 18.49
CA ASP D 71 7.32 24.87 19.59
C ASP D 71 7.94 24.41 20.90
N ARG D 72 9.06 23.68 20.84
CA ARG D 72 9.69 23.22 22.07
C ARG D 72 10.54 24.31 22.73
N VAL D 73 11.31 25.07 21.94
CA VAL D 73 12.08 26.14 22.56
C VAL D 73 11.27 27.42 22.53
N ALA D 74 10.25 27.49 23.37
CA ALA D 74 9.41 28.67 23.50
C ALA D 74 8.47 28.48 24.69
N PRO D 75 8.36 29.45 25.59
CA PRO D 75 9.15 30.68 25.47
C PRO D 75 10.64 30.47 25.83
N PRO D 76 11.46 31.51 25.80
CA PRO D 76 12.89 31.33 26.11
C PRO D 76 13.17 31.23 27.59
N GLY D 77 14.29 30.58 27.89
CA GLY D 77 14.74 30.40 29.25
C GLY D 77 15.53 31.59 29.75
N LEU D 78 16.27 31.36 30.85
CA LEU D 78 17.08 32.40 31.46
C LEU D 78 18.29 31.73 32.11
N SER D 79 19.44 31.79 31.46
CA SER D 79 20.63 31.15 31.99
C SER D 79 21.56 32.17 32.66
N HIS D 80 22.54 31.65 33.37
CA HIS D 80 23.44 32.53 34.08
C HIS D 80 24.84 31.98 34.19
N ALA D 81 25.75 32.92 34.39
CA ALA D 81 27.14 32.73 34.65
C ALA D 81 27.33 33.51 35.95
N PRO D 82 28.03 32.95 36.94
CA PRO D 82 28.70 31.66 36.77
C PRO D 82 27.88 30.38 36.69
N TYR D 83 28.66 29.35 36.39
CA TYR D 83 28.25 27.96 36.23
C TYR D 83 28.25 27.37 37.63
N ALA D 84 27.08 27.36 38.26
CA ALA D 84 26.91 26.82 39.60
C ALA D 84 26.23 25.46 39.52
N ILE D 85 26.76 24.49 40.26
CA ILE D 85 26.23 23.14 40.30
C ILE D 85 25.24 23.07 41.46
N LYS D 86 23.99 22.70 41.15
CA LYS D 86 22.86 22.61 42.08
C LYS D 86 22.31 24.01 42.35
N THR D 87 22.72 25.01 41.56
CA THR D 87 22.29 26.40 41.71
C THR D 87 22.69 26.94 43.09
N GLU D 88 23.99 26.81 43.40
CA GLU D 88 24.53 27.27 44.66
C GLU D 88 25.88 27.93 44.41
N ILE D 89 26.09 29.11 44.98
CA ILE D 89 27.33 29.86 44.85
C ILE D 89 27.85 30.07 46.27
N SER D 90 28.74 29.19 46.71
CA SER D 90 29.32 29.24 48.05
C SER D 90 30.83 29.37 47.94
N PHE D 91 31.40 30.40 48.59
CA PHE D 91 32.83 30.62 48.53
C PHE D 91 33.27 31.43 49.74
N SER D 92 34.51 31.19 50.16
CA SER D 92 35.09 31.89 51.30
C SER D 92 35.84 33.14 50.82
N ILE D 93 35.70 34.23 51.59
CA ILE D 93 36.37 35.48 51.24
C ILE D 93 37.87 35.45 51.54
N SER D 94 38.34 34.44 52.28
CA SER D 94 39.76 34.35 52.61
C SER D 94 40.52 33.44 51.65
N ASN D 95 40.09 32.18 51.53
CA ASN D 95 40.76 31.22 50.65
C ASN D 95 40.57 31.60 49.19
N PRO D 96 41.63 31.96 48.45
CA PRO D 96 41.44 32.33 47.04
C PRO D 96 41.07 31.17 46.14
N LYS D 97 41.43 29.93 46.51
CA LYS D 97 41.14 28.76 45.71
C LYS D 97 39.71 28.26 45.90
N SER D 98 38.82 29.13 46.37
CA SER D 98 37.42 28.77 46.60
C SER D 98 36.49 29.27 45.49
N TYR D 99 36.75 30.46 44.94
CA TYR D 99 35.93 31.02 43.88
C TYR D 99 36.61 30.98 42.52
N GLU D 100 37.59 30.10 42.34
CA GLU D 100 38.29 30.03 41.04
C GLU D 100 37.40 29.42 39.96
N SER D 101 36.66 28.35 40.30
CA SER D 101 35.78 27.72 39.33
C SER D 101 34.71 28.68 38.83
N PHE D 102 34.34 29.66 39.65
CA PHE D 102 33.33 30.63 39.25
C PHE D 102 33.92 31.69 38.32
N VAL D 103 35.04 32.29 38.73
CA VAL D 103 35.68 33.33 37.93
C VAL D 103 36.06 32.79 36.56
N LYS D 104 36.56 31.55 36.49
CA LYS D 104 36.93 30.99 35.20
C LYS D 104 35.74 30.99 34.25
N SER D 105 34.55 30.68 34.75
CA SER D 105 33.34 30.67 33.94
C SER D 105 32.93 32.10 33.55
N MET D 106 32.81 32.98 34.55
CA MET D 106 32.45 34.37 34.29
C MET D 106 33.34 34.94 33.18
N HIS D 107 34.64 34.72 33.33
CA HIS D 107 35.61 35.19 32.34
C HIS D 107 35.36 34.53 30.98
N LYS D 108 35.06 33.23 30.96
CA LYS D 108 34.79 32.57 29.69
C LYS D 108 33.63 33.23 28.96
N LEU D 109 32.60 33.64 29.71
CA LEU D 109 31.44 34.29 29.09
C LEU D 109 31.77 35.69 28.61
N MET D 110 32.40 36.51 29.46
CA MET D 110 32.72 37.89 29.08
C MET D 110 33.80 37.98 28.03
N ASP D 111 34.62 36.94 27.89
CA ASP D 111 35.72 36.93 26.93
C ASP D 111 35.26 36.98 25.48
N LEU D 112 33.96 36.83 25.23
CA LEU D 112 33.41 36.88 23.89
C LEU D 112 32.95 38.27 23.49
N TYR D 113 32.91 39.22 24.44
CA TYR D 113 32.49 40.58 24.17
C TYR D 113 33.67 41.54 24.08
N ASN D 114 34.90 41.02 23.93
CA ASN D 114 36.08 41.87 23.82
C ASN D 114 35.92 42.82 22.64
N GLU D 115 36.34 44.07 22.84
CA GLU D 115 36.23 45.06 21.77
C GLU D 115 37.04 44.65 20.54
N SER D 116 38.17 43.97 20.74
CA SER D 116 38.99 43.54 19.61
C SER D 116 38.19 42.69 18.64
N SER D 117 37.29 41.84 19.17
CA SER D 117 36.46 41.02 18.31
C SER D 117 35.47 41.88 17.54
N GLN D 118 34.86 42.86 18.20
CA GLN D 118 33.92 43.79 17.57
C GLN D 118 34.70 44.98 17.00
N ALA D 119 35.38 44.73 15.89
CA ALA D 119 36.19 45.77 15.27
C ALA D 119 35.87 45.87 13.78
N GLY D 120 36.02 47.07 13.26
CA GLY D 120 35.75 47.35 11.87
C GLY D 120 34.28 47.62 11.61
N ASN D 121 33.97 47.89 10.35
CA ASN D 121 32.59 48.15 9.97
C ASN D 121 31.79 46.85 9.92
N SER D 122 32.43 45.76 9.53
CA SER D 122 31.78 44.47 9.42
C SER D 122 32.30 43.49 10.47
N PRO D 123 31.42 42.60 10.97
CA PRO D 123 30.05 42.72 10.49
C PRO D 123 29.21 43.43 11.54
N PHE D 124 29.89 44.17 12.41
CA PHE D 124 29.29 44.87 13.54
C PHE D 124 29.02 46.34 13.22
N GLU D 125 27.80 46.79 13.50
CA GLU D 125 27.39 48.17 13.28
C GLU D 125 26.97 48.82 14.59
N ASP D 126 27.19 50.13 14.68
CA ASP D 126 26.84 50.89 15.88
C ASP D 126 25.33 51.07 16.00
N CYS D 127 24.83 50.92 17.23
CA CYS D 127 23.40 51.06 17.51
C CYS D 127 23.21 52.04 18.68
N SER D 128 21.97 52.53 18.81
CA SER D 128 21.59 53.49 19.84
C SER D 128 22.14 53.14 21.21
N ASP D 129 22.82 54.11 21.83
CA ASP D 129 23.40 53.92 23.16
C ASP D 129 22.32 53.79 24.23
N THR D 130 21.09 54.14 23.92
CA THR D 130 19.89 54.09 24.74
C THR D 130 18.94 53.07 24.14
N PRO D 131 18.17 52.34 24.97
CA PRO D 131 17.24 51.34 24.43
C PRO D 131 16.40 51.88 23.29
N ALA D 132 16.16 51.03 22.30
CA ALA D 132 15.38 51.40 21.12
C ALA D 132 14.45 50.25 20.76
N ASP D 133 13.80 50.37 19.59
CA ASP D 133 12.86 49.39 19.11
C ASP D 133 13.54 48.31 18.28
N TYR D 134 12.73 47.38 17.77
CA TYR D 134 13.23 46.29 16.95
C TYR D 134 13.91 46.80 15.69
N ILE D 135 14.62 45.90 15.03
CA ILE D 135 15.33 46.17 13.78
C ILE D 135 15.20 44.93 12.91
N LYS D 136 14.61 45.08 11.73
CA LYS D 136 14.41 43.98 10.80
C LYS D 136 15.39 44.13 9.63
N ARG D 137 16.27 43.16 9.49
CA ARG D 137 17.27 43.15 8.42
C ARG D 137 16.83 42.35 7.21
N GLY D 138 15.53 42.19 7.01
CA GLY D 138 15.01 41.45 5.88
C GLY D 138 14.35 40.14 6.29
N ASP D 139 14.16 39.28 5.29
CA ASP D 139 13.55 37.97 5.49
C ASP D 139 14.61 36.93 5.83
N LEU D 140 14.21 35.66 5.83
CA LEU D 140 15.13 34.56 6.13
C LEU D 140 15.68 33.97 4.84
N ASP D 141 16.47 34.78 4.14
CA ASP D 141 17.06 34.34 2.88
C ASP D 141 18.56 34.56 2.85
N ASP D 142 19.15 34.30 1.70
CA ASP D 142 20.57 34.50 1.45
C ASP D 142 20.76 35.65 0.46
N SER D 143 19.67 36.35 0.12
CA SER D 143 19.71 37.45 -0.83
C SER D 143 20.69 38.54 -0.41
N GLN D 144 20.45 39.17 0.74
CA GLN D 144 21.39 40.23 1.14
C GLN D 144 22.53 39.73 2.02
N GLY D 145 23.12 38.58 1.70
CA GLY D 145 24.24 38.05 2.45
C GLY D 145 24.12 38.04 3.96
N GLN D 146 25.26 37.94 4.64
CA GLN D 146 25.32 37.94 6.09
C GLN D 146 24.72 39.22 6.65
N LYS D 147 23.77 39.08 7.57
CA LYS D 147 23.15 40.24 8.19
C LYS D 147 24.15 40.92 9.13
N LYS D 148 23.73 42.02 9.74
CA LYS D 148 24.57 42.78 10.67
C LYS D 148 23.93 42.80 12.05
N ALA D 149 24.76 42.64 13.08
CA ALA D 149 24.31 42.62 14.46
C ALA D 149 24.84 43.83 15.22
N CYS D 150 24.07 44.28 16.20
CA CYS D 150 24.45 45.43 17.02
C CYS D 150 25.59 45.09 17.96
N ARG D 151 26.47 46.06 18.18
CA ARG D 151 27.60 45.86 19.10
C ARG D 151 27.13 45.97 20.54
N PHE D 152 27.82 45.22 21.42
CA PHE D 152 27.55 45.23 22.86
C PHE D 152 28.89 45.38 23.55
N SER D 153 29.13 46.53 24.18
CA SER D 153 30.39 46.80 24.83
C SER D 153 30.45 46.22 26.23
N ARG D 154 31.66 45.81 26.62
CA ARG D 154 31.89 45.25 27.94
C ARG D 154 31.64 46.30 29.02
N MET D 155 32.26 47.47 28.87
CA MET D 155 32.18 48.59 29.81
C MET D 155 30.76 48.94 30.25
N TRP D 156 29.75 48.61 29.43
CA TRP D 156 28.37 48.90 29.82
C TRP D 156 28.10 48.33 31.19
N LEU D 157 28.56 47.11 31.45
CA LEU D 157 28.47 46.55 32.79
C LEU D 157 29.51 47.32 33.61
N LYS D 158 29.06 48.08 34.60
CA LYS D 158 29.99 48.93 35.33
C LYS D 158 30.90 48.25 36.34
N ASN D 159 30.37 47.65 37.40
CA ASN D 159 31.30 47.06 38.35
C ASN D 159 31.58 45.59 38.13
N CYS D 160 30.91 44.93 37.19
CA CYS D 160 31.20 43.52 36.89
C CYS D 160 31.59 43.43 35.42
N SER D 161 32.87 43.66 35.13
CA SER D 161 33.37 43.57 33.76
C SER D 161 34.72 42.87 33.65
N GLY D 162 35.38 42.53 34.74
CA GLY D 162 36.67 41.88 34.66
C GLY D 162 37.77 42.77 34.11
N LEU D 163 37.47 44.03 33.84
CA LEU D 163 38.44 44.98 33.32
C LEU D 163 39.12 45.76 34.43
N ASP D 164 38.41 46.03 35.53
CA ASP D 164 38.94 46.74 36.69
C ASP D 164 39.32 45.78 37.80
N ASP D 165 38.36 44.97 38.25
CA ASP D 165 38.52 43.97 39.30
C ASP D 165 38.25 42.64 38.63
N THR D 166 39.31 42.03 38.09
CA THR D 166 39.25 40.76 37.37
C THR D 166 38.37 39.72 38.06
N THR D 167 38.47 39.65 39.39
CA THR D 167 37.68 38.68 40.15
C THR D 167 36.17 38.91 39.97
N TYR D 168 35.75 40.14 39.68
CA TYR D 168 34.36 40.60 39.48
C TYR D 168 33.62 40.86 40.80
N GLY D 169 34.29 40.83 41.95
CA GLY D 169 33.59 41.08 43.19
C GLY D 169 33.74 40.03 44.28
N TYR D 170 33.90 38.78 43.88
CA TYR D 170 34.04 37.65 44.81
C TYR D 170 35.17 37.86 45.82
N ALA D 171 36.01 38.86 45.58
CA ALA D 171 37.16 39.11 46.45
C ALA D 171 36.78 39.74 47.80
N GLU D 172 35.72 40.52 47.87
CA GLU D 172 35.39 41.16 49.14
C GLU D 172 33.92 41.02 49.52
N GLY D 173 33.33 39.86 49.24
CA GLY D 173 31.95 39.63 49.62
C GLY D 173 30.90 40.43 48.89
N LYS D 174 31.08 40.65 47.60
CA LYS D 174 30.11 41.39 46.78
C LYS D 174 30.14 40.74 45.41
N PRO D 175 29.31 39.72 45.20
CA PRO D 175 29.32 39.02 43.92
C PRO D 175 28.37 39.59 42.89
N CYS D 176 28.66 39.27 41.62
CA CYS D 176 27.88 39.66 40.48
C CYS D 176 27.35 38.41 39.80
N VAL D 177 26.26 38.58 39.05
CA VAL D 177 25.61 37.50 38.33
C VAL D 177 25.19 38.08 36.98
N VAL D 178 25.79 37.59 35.91
CA VAL D 178 25.47 38.04 34.56
C VAL D 178 24.36 37.14 34.03
N ALA D 179 23.15 37.70 33.93
CA ALA D 179 21.99 36.98 33.43
C ALA D 179 21.92 37.14 31.92
N LYS D 180 21.36 36.11 31.28
CA LYS D 180 21.25 36.10 29.82
C LYS D 180 19.98 35.39 29.38
N LEU D 181 19.34 35.95 28.35
CA LEU D 181 18.12 35.41 27.75
C LEU D 181 18.48 34.45 26.63
N ASN D 182 17.84 33.28 26.62
CA ASN D 182 18.13 32.27 25.61
C ASN D 182 17.78 32.76 24.19
N ARG D 183 18.76 32.63 23.29
CA ARG D 183 18.63 33.06 21.90
C ARG D 183 17.63 32.17 21.14
N ILE D 184 16.64 32.80 20.53
CA ILE D 184 15.63 32.09 19.73
C ILE D 184 15.48 32.81 18.40
N ILE D 185 15.42 32.03 17.32
CA ILE D 185 15.29 32.59 15.98
C ILE D 185 13.91 33.20 15.78
N GLY D 186 13.89 34.44 15.28
CA GLY D 186 12.66 35.15 15.00
C GLY D 186 11.79 35.43 16.20
N PHE D 187 12.37 35.51 17.39
CA PHE D 187 11.60 35.78 18.60
C PHE D 187 11.65 37.26 18.94
N TYR D 188 10.48 37.88 19.02
CA TYR D 188 10.36 39.29 19.35
C TYR D 188 9.94 39.43 20.81
N PRO D 189 10.77 40.01 21.68
CA PRO D 189 10.35 40.16 23.08
C PRO D 189 9.27 41.24 23.19
N LYS D 190 8.24 40.95 23.97
CA LYS D 190 7.13 41.88 24.16
C LYS D 190 6.94 42.23 25.64
N PRO D 191 7.29 43.43 26.07
CA PRO D 191 7.11 43.80 27.48
C PRO D 191 5.67 44.17 27.79
N LEU D 192 5.36 44.12 29.09
CA LEU D 192 4.04 44.47 29.58
C LEU D 192 3.75 45.96 29.39
N LYS D 193 2.48 46.28 29.18
CA LYS D 193 2.09 47.67 28.97
C LYS D 193 1.77 48.37 30.29
N ASN D 194 1.69 49.70 30.21
CA ASN D 194 1.48 50.64 31.32
C ASN D 194 0.08 50.58 31.94
N THR D 195 -0.80 49.67 31.52
CA THR D 195 -2.15 49.59 32.08
C THR D 195 -2.10 49.41 33.60
N THR D 196 -3.23 49.71 34.26
CA THR D 196 -3.35 49.61 35.72
C THR D 196 -2.93 48.25 36.27
N ASP D 197 -2.91 47.21 35.45
CA ASP D 197 -2.50 45.88 35.89
C ASP D 197 -1.05 45.68 35.45
N LEU D 198 -0.17 45.61 36.42
CA LEU D 198 1.27 45.45 36.25
C LEU D 198 1.82 45.18 37.64
N PRO D 199 2.91 44.43 37.78
CA PRO D 199 3.46 44.19 39.11
C PRO D 199 3.86 45.50 39.77
N GLU D 200 4.11 45.42 41.07
CA GLU D 200 4.49 46.61 41.82
C GLU D 200 5.80 47.18 41.30
N GLU D 201 6.85 46.35 41.33
CA GLU D 201 8.20 46.73 40.91
C GLU D 201 8.30 47.44 39.56
N LEU D 202 7.64 46.88 38.54
CA LEU D 202 7.75 47.37 37.16
C LEU D 202 7.25 48.79 36.92
N GLN D 203 6.43 49.35 37.81
CA GLN D 203 5.86 50.67 37.56
C GLN D 203 6.91 51.72 37.22
N ALA D 204 7.89 51.90 38.10
CA ALA D 204 8.92 52.92 37.87
C ALA D 204 9.83 52.53 36.70
N ASN D 205 10.23 53.55 35.92
CA ASN D 205 11.12 53.40 34.77
C ASN D 205 10.55 52.43 33.73
N TYR D 206 9.37 52.78 33.23
CA TYR D 206 8.68 51.96 32.22
C TYR D 206 9.16 52.31 30.81
N ASN D 207 10.39 51.93 30.51
CA ASN D 207 10.91 52.14 29.16
C ASN D 207 10.35 51.00 28.33
N GLN D 208 9.41 51.32 27.43
CA GLN D 208 8.78 50.29 26.62
C GLN D 208 9.81 49.41 25.92
N TYR D 209 10.85 50.00 25.41
CA TYR D 209 11.90 49.27 24.71
C TYR D 209 12.78 48.40 25.62
N VAL D 210 12.53 48.23 26.92
CA VAL D 210 13.40 47.42 27.76
C VAL D 210 12.59 46.30 28.39
N LEU D 211 13.13 45.07 28.32
CA LEU D 211 12.50 43.91 28.93
C LEU D 211 13.01 43.87 30.37
N PRO D 212 12.15 44.04 31.37
CA PRO D 212 12.63 44.07 32.76
C PRO D 212 12.95 42.73 33.37
N LEU D 213 14.00 42.74 34.20
CA LEU D 213 14.48 41.60 34.96
C LEU D 213 14.56 42.07 36.40
N ARG D 214 13.96 41.32 37.32
CA ARG D 214 13.98 41.72 38.72
C ARG D 214 14.11 40.50 39.61
N CYS D 215 15.07 40.56 40.54
CA CYS D 215 15.34 39.49 41.48
C CYS D 215 14.71 39.81 42.83
N ALA D 216 14.43 38.75 43.58
CA ALA D 216 13.83 38.88 44.91
C ALA D 216 14.19 37.65 45.73
N ALA D 217 13.54 37.50 46.87
CA ALA D 217 13.77 36.39 47.79
C ALA D 217 12.65 35.37 47.65
N LYS D 218 13.04 34.08 47.64
CA LYS D 218 12.04 33.02 47.52
C LYS D 218 11.07 33.03 48.70
N ARG D 219 11.60 33.14 49.92
CA ARG D 219 10.78 33.15 51.12
C ARG D 219 10.62 34.57 51.65
N GLU D 220 9.54 34.77 52.41
CA GLU D 220 9.28 36.09 52.98
C GLU D 220 10.31 36.48 54.02
N GLU D 221 10.84 35.50 54.76
CA GLU D 221 11.83 35.79 55.79
C GLU D 221 13.13 36.33 55.19
N ASP D 222 13.67 35.65 54.18
CA ASP D 222 14.94 36.02 53.56
C ASP D 222 15.00 37.45 53.06
N ARG D 223 13.85 38.10 52.87
CA ARG D 223 13.81 39.48 52.39
C ARG D 223 14.79 40.35 53.16
N GLU D 224 14.64 40.37 54.48
CA GLU D 224 15.48 41.21 55.34
C GLU D 224 16.95 40.86 55.23
N LYS D 225 17.28 39.57 55.07
CA LYS D 225 18.67 39.15 55.00
C LYS D 225 19.33 39.46 53.67
N ILE D 226 18.58 39.91 52.67
CA ILE D 226 19.12 40.27 51.36
C ILE D 226 19.27 41.78 51.34
N GLY D 227 20.41 42.26 50.84
CA GLY D 227 20.72 43.67 50.82
C GLY D 227 20.25 44.50 49.65
N SER D 228 21.19 45.10 48.93
CA SER D 228 20.87 45.95 47.80
C SER D 228 21.24 45.28 46.49
N ILE D 229 20.21 44.96 45.70
CA ILE D 229 20.35 44.35 44.38
C ILE D 229 20.58 45.50 43.40
N GLU D 230 21.79 45.61 42.88
CA GLU D 230 22.16 46.68 41.95
C GLU D 230 22.32 46.11 40.54
N TYR D 231 21.37 46.43 39.68
CA TYR D 231 21.37 45.94 38.30
C TYR D 231 22.14 46.90 37.39
N PHE D 232 22.97 46.33 36.52
CA PHE D 232 23.75 47.06 35.53
C PHE D 232 23.32 46.58 34.15
N GLY D 233 23.14 47.51 33.22
CA GLY D 233 22.73 47.13 31.89
C GLY D 233 22.83 48.26 30.90
N LEU D 234 22.27 48.01 29.72
CA LEU D 234 22.26 48.99 28.63
C LEU D 234 21.41 50.19 29.01
N GLY D 235 22.03 51.37 29.08
CA GLY D 235 21.33 52.58 29.44
C GLY D 235 21.10 52.75 30.92
N GLY D 236 21.58 51.83 31.75
CA GLY D 236 21.40 51.90 33.18
C GLY D 236 20.14 51.22 33.69
N TYR D 237 19.30 50.71 32.79
CA TYR D 237 18.07 50.03 33.15
C TYR D 237 18.33 48.57 33.50
N ALA D 238 17.38 47.99 34.22
CA ALA D 238 17.46 46.58 34.62
C ALA D 238 16.69 45.72 33.63
N GLY D 239 17.20 45.66 32.41
CA GLY D 239 16.53 44.87 31.40
C GLY D 239 17.37 44.68 30.16
N PHE D 240 16.71 44.16 29.13
CA PHE D 240 17.32 43.88 27.84
C PHE D 240 16.75 44.80 26.78
N PRO D 241 17.59 45.51 26.02
CA PRO D 241 17.07 46.39 24.97
C PRO D 241 16.48 45.58 23.81
N LEU D 242 15.30 46.00 23.36
CA LEU D 242 14.61 45.33 22.27
C LEU D 242 15.33 45.44 20.93
N GLN D 243 16.32 46.32 20.80
CA GLN D 243 17.03 46.50 19.54
C GLN D 243 17.88 45.32 19.13
N TYR D 244 18.25 44.43 20.07
CA TYR D 244 19.08 43.29 19.73
C TYR D 244 18.27 42.12 19.21
N TYR D 245 17.02 42.36 18.85
CA TYR D 245 16.11 41.35 18.34
C TYR D 245 15.47 41.83 17.05
N PRO D 246 15.03 40.90 16.19
CA PRO D 246 15.19 39.47 16.52
C PRO D 246 16.53 38.88 16.10
N TYR D 247 16.73 37.62 16.49
CA TYR D 247 17.92 36.85 16.17
C TYR D 247 17.64 36.09 14.88
N TYR D 248 18.57 36.16 13.95
CA TYR D 248 18.42 35.53 12.64
C TYR D 248 19.09 34.16 12.53
N GLY D 249 19.61 33.62 13.61
CA GLY D 249 20.22 32.32 13.44
C GLY D 249 21.71 32.41 13.13
N LYS D 250 22.42 31.33 13.44
CA LYS D 250 23.86 31.28 13.22
C LYS D 250 24.22 31.45 11.75
N ARG D 251 23.58 30.69 10.86
CA ARG D 251 23.92 30.74 9.44
C ARG D 251 23.77 32.13 8.86
N LEU D 252 22.73 32.86 9.25
CA LEU D 252 22.51 34.19 8.70
C LEU D 252 23.08 35.33 9.53
N GLN D 253 23.57 35.08 10.74
CA GLN D 253 24.09 36.15 11.57
C GLN D 253 25.31 35.75 12.40
N LYS D 254 26.30 35.10 11.78
CA LYS D 254 27.49 34.76 12.56
C LYS D 254 28.06 36.03 13.19
N LYS D 255 28.78 35.86 14.30
CA LYS D 255 29.36 36.99 15.04
C LYS D 255 28.24 37.88 15.59
N TYR D 256 27.27 37.26 16.25
CA TYR D 256 26.13 37.96 16.85
C TYR D 256 26.26 37.90 18.37
N LEU D 257 26.02 39.03 19.02
CA LEU D 257 26.11 39.12 20.47
C LEU D 257 24.75 39.46 21.06
N GLN D 258 24.34 38.69 22.06
CA GLN D 258 23.09 38.84 22.79
C GLN D 258 23.30 39.74 24.00
N PRO D 259 22.32 40.56 24.36
CA PRO D 259 22.48 41.45 25.51
C PRO D 259 22.71 40.65 26.79
N LEU D 260 23.26 41.33 27.80
CA LEU D 260 23.56 40.74 29.09
C LEU D 260 23.17 41.72 30.17
N LEU D 261 22.88 41.20 31.37
CA LEU D 261 22.51 42.05 32.48
C LEU D 261 23.29 41.65 33.72
N ALA D 262 24.03 42.58 34.31
CA ALA D 262 24.81 42.28 35.50
C ALA D 262 23.99 42.57 36.75
N ILE D 263 24.15 41.76 37.79
CA ILE D 263 23.42 41.94 39.04
C ILE D 263 24.40 41.81 40.20
N GLN D 264 24.58 42.89 40.97
CA GLN D 264 25.46 42.87 42.13
C GLN D 264 24.60 42.77 43.39
N PHE D 265 24.87 41.75 44.21
CA PHE D 265 24.12 41.52 45.43
C PHE D 265 24.84 42.14 46.62
N THR D 266 24.91 43.47 46.62
CA THR D 266 25.61 44.14 47.70
C THR D 266 24.89 43.93 49.02
N ASN D 267 25.63 44.13 50.11
CA ASN D 267 25.13 43.98 51.48
C ASN D 267 24.46 42.63 51.70
N LEU D 268 25.26 41.58 51.57
CA LEU D 268 24.79 40.22 51.75
C LEU D 268 25.20 39.71 53.13
N THR D 269 24.22 39.20 53.88
CA THR D 269 24.49 38.68 55.22
C THR D 269 25.53 37.56 55.14
N GLN D 270 26.43 37.54 56.11
CA GLN D 270 27.51 36.55 56.14
C GLN D 270 27.11 35.27 56.86
N ASN D 271 27.67 34.16 56.39
CA ASN D 271 27.48 32.82 56.94
C ASN D 271 26.01 32.40 57.03
N MET D 272 25.34 32.44 55.87
CA MET D 272 23.94 32.03 55.81
C MET D 272 23.46 31.83 54.38
N GLU D 273 22.80 30.70 54.11
CA GLU D 273 22.32 30.38 52.77
C GLU D 273 21.12 31.24 52.39
N LEU D 274 21.25 32.00 51.32
CA LEU D 274 20.20 32.89 50.83
C LEU D 274 19.71 32.41 49.46
N ARG D 275 18.39 32.24 49.35
CA ARG D 275 17.74 31.79 48.11
C ARG D 275 17.22 33.01 47.38
N ILE D 276 17.80 33.31 46.22
CA ILE D 276 17.42 34.47 45.42
C ILE D 276 16.83 33.99 44.10
N GLU D 277 15.63 34.44 43.79
CA GLU D 277 14.94 34.09 42.55
C GLU D 277 14.83 35.31 41.67
N CYS D 278 15.37 35.21 40.46
CA CYS D 278 15.32 36.30 39.49
C CYS D 278 14.25 35.96 38.45
N LYS D 279 13.52 36.97 38.00
CA LYS D 279 12.45 36.72 37.04
C LYS D 279 12.30 37.86 36.04
N VAL D 280 12.11 37.48 34.77
CA VAL D 280 11.90 38.40 33.66
C VAL D 280 10.39 38.50 33.44
N TYR D 281 9.94 39.63 32.92
CA TYR D 281 8.52 39.86 32.68
C TYR D 281 8.28 40.22 31.22
N GLY D 282 7.13 39.78 30.71
CA GLY D 282 6.78 40.03 29.32
C GLY D 282 5.60 39.23 28.82
N GLU D 283 5.02 39.67 27.70
CA GLU D 283 3.85 38.99 27.14
C GLU D 283 4.19 37.57 26.69
N ASN D 284 5.10 37.42 25.73
CA ASN D 284 5.42 36.07 25.29
C ASN D 284 6.46 35.42 26.19
N ILE D 285 6.25 35.55 27.50
CA ILE D 285 7.11 34.98 28.53
C ILE D 285 6.18 34.22 29.47
N ASP D 286 6.47 32.94 29.69
CA ASP D 286 5.65 32.14 30.58
C ASP D 286 6.55 31.20 31.37
N TYR D 287 6.22 31.02 32.63
CA TYR D 287 7.00 30.17 33.52
C TYR D 287 6.40 28.78 33.57
N SER D 288 7.18 27.84 34.11
CA SER D 288 6.75 26.45 34.22
C SER D 288 7.12 25.92 35.59
N GLU D 289 6.17 25.24 36.23
CA GLU D 289 6.41 24.67 37.55
C GLU D 289 7.37 23.48 37.50
N LYS D 290 7.64 22.93 36.31
CA LYS D 290 8.55 21.80 36.15
C LYS D 290 9.95 22.25 35.76
N ASP D 291 10.06 23.20 34.84
CA ASP D 291 11.34 23.74 34.39
C ASP D 291 11.58 25.01 35.19
N ARG D 292 12.56 24.96 36.09
CA ARG D 292 12.90 26.08 36.95
C ARG D 292 13.85 27.06 36.28
N PHE D 293 13.99 26.99 34.96
CA PHE D 293 14.85 27.89 34.20
C PHE D 293 14.10 28.58 33.08
N ARG D 294 12.79 28.37 32.96
CA ARG D 294 11.97 28.97 31.92
C ARG D 294 11.53 30.36 32.38
N GLY D 295 12.19 31.39 31.87
CA GLY D 295 11.87 32.75 32.23
C GLY D 295 12.47 33.27 33.52
N ARG D 296 12.61 32.40 34.51
CA ARG D 296 13.17 32.76 35.80
C ARG D 296 14.33 31.83 36.13
N PHE D 297 15.00 32.11 37.24
CA PHE D 297 16.10 31.25 37.67
C PHE D 297 16.30 31.43 39.17
N GLU D 298 16.88 30.41 39.80
CA GLU D 298 17.12 30.40 41.22
C GLU D 298 18.62 30.25 41.50
N VAL D 299 19.10 30.97 42.50
CA VAL D 299 20.51 30.93 42.88
C VAL D 299 20.59 30.89 44.40
N LYS D 300 21.50 30.07 44.91
CA LYS D 300 21.75 29.96 46.33
C LYS D 300 23.12 30.59 46.57
N ILE D 301 23.15 31.66 47.36
CA ILE D 301 24.39 32.35 47.63
C ILE D 301 24.68 32.27 49.12
N GLU D 302 25.94 31.98 49.45
CA GLU D 302 26.38 31.87 50.83
C GLU D 302 27.84 32.31 50.86
N VAL D 303 28.06 33.57 51.22
CA VAL D 303 29.42 34.12 51.30
C VAL D 303 29.88 33.87 52.73
N LYS D 304 30.42 32.67 52.95
CA LYS D 304 30.89 32.26 54.28
C LYS D 304 32.34 32.71 54.46
N SER D 305 32.57 33.55 55.47
CA SER D 305 33.91 34.04 55.75
C SER D 305 34.15 34.17 57.24
N ASP E 47 -1.80 -61.14 60.19
CA ASP E 47 -2.97 -61.42 59.36
C ASP E 47 -3.85 -62.51 59.96
N ASP E 48 -4.92 -62.83 59.24
CA ASP E 48 -5.88 -63.85 59.64
C ASP E 48 -5.94 -64.97 58.61
N HIS E 49 -4.84 -65.16 57.88
CA HIS E 49 -4.78 -66.18 56.84
C HIS E 49 -5.05 -67.58 57.38
N LYS E 50 -4.41 -67.94 58.49
CA LYS E 50 -4.54 -69.26 59.07
C LYS E 50 -5.92 -69.40 59.70
N LEU E 51 -6.91 -69.61 58.85
CA LEU E 51 -8.30 -69.76 59.25
C LEU E 51 -8.95 -70.72 58.25
N SER E 52 -10.28 -70.72 58.21
CA SER E 52 -11.02 -71.58 57.30
C SER E 52 -11.95 -70.71 56.47
N LEU E 53 -12.66 -71.33 55.53
CA LEU E 53 -13.61 -70.56 54.73
C LEU E 53 -14.82 -70.20 55.58
N ASP E 54 -15.20 -71.10 56.50
CA ASP E 54 -16.33 -70.83 57.39
C ASP E 54 -15.97 -69.75 58.40
N GLU E 55 -14.77 -69.83 58.99
CA GLU E 55 -14.35 -68.81 59.96
C GLU E 55 -14.24 -67.44 59.29
N LEU E 56 -13.72 -67.41 58.06
CA LEU E 56 -13.60 -66.15 57.33
C LEU E 56 -14.97 -65.55 57.05
N HIS E 57 -15.88 -66.36 56.48
CA HIS E 57 -17.23 -65.87 56.19
C HIS E 57 -17.97 -65.50 57.47
N ASN E 58 -17.62 -66.14 58.60
CA ASN E 58 -18.26 -65.84 59.87
C ASN E 58 -17.68 -64.59 60.52
N LYS E 59 -16.46 -64.20 60.15
CA LYS E 59 -15.86 -63.01 60.72
C LYS E 59 -16.26 -61.75 59.96
N TYR E 60 -16.19 -61.76 58.63
CA TYR E 60 -16.60 -60.55 57.91
C TYR E 60 -18.06 -60.58 57.50
N GLY E 61 -18.65 -61.75 57.33
CA GLY E 61 -20.04 -61.92 56.97
C GLY E 61 -20.17 -61.99 55.46
N THR E 62 -20.32 -63.19 54.90
CA THR E 62 -20.43 -63.26 53.45
C THR E 62 -20.80 -64.66 52.98
N ASP E 63 -21.63 -64.70 51.94
CA ASP E 63 -22.08 -65.95 51.32
C ASP E 63 -21.00 -66.41 50.34
N LEU E 64 -20.51 -67.63 50.52
CA LEU E 64 -19.48 -68.15 49.62
C LEU E 64 -19.99 -68.35 48.20
N THR E 65 -21.29 -68.62 48.05
CA THR E 65 -21.87 -68.87 46.75
C THR E 65 -22.82 -67.78 46.25
N ARG E 66 -23.22 -66.84 47.10
CA ARG E 66 -24.10 -65.76 46.69
C ARG E 66 -23.53 -64.38 46.94
N GLY E 67 -22.44 -64.27 47.71
CA GLY E 67 -21.87 -62.97 47.97
C GLY E 67 -22.77 -62.13 48.87
N LEU E 68 -22.52 -60.83 48.85
CA LEU E 68 -23.27 -59.88 49.64
C LEU E 68 -24.50 -59.40 48.88
N THR E 69 -25.35 -58.66 49.58
CA THR E 69 -26.53 -58.05 49.00
C THR E 69 -26.19 -56.60 48.66
N ASN E 70 -26.90 -56.05 47.67
CA ASN E 70 -26.61 -54.68 47.25
C ASN E 70 -26.82 -53.69 48.39
N ALA E 71 -27.91 -53.85 49.15
CA ALA E 71 -28.17 -52.95 50.27
C ALA E 71 -27.07 -53.06 51.32
N ARG E 72 -26.66 -54.29 51.64
CA ARG E 72 -25.58 -54.48 52.61
C ARG E 72 -24.26 -53.94 52.07
N ALA E 73 -24.01 -54.13 50.77
CA ALA E 73 -22.79 -53.62 50.16
C ALA E 73 -22.71 -52.10 50.28
N LYS E 74 -23.81 -51.41 49.99
CA LYS E 74 -23.81 -49.95 50.13
C LYS E 74 -23.70 -49.53 51.59
N GLU E 75 -24.30 -50.30 52.50
CA GLU E 75 -24.20 -49.99 53.92
C GLU E 75 -22.74 -49.99 54.36
N ILE E 76 -21.97 -50.97 53.90
CA ILE E 76 -20.55 -51.02 54.26
C ILE E 76 -19.74 -49.96 53.49
N LEU E 77 -20.09 -49.74 52.21
CA LEU E 77 -19.40 -48.74 51.40
C LEU E 77 -19.45 -47.37 52.06
N ALA E 78 -20.62 -47.01 52.57
CA ALA E 78 -20.76 -45.75 53.28
C ALA E 78 -20.22 -45.85 54.70
N ARG E 79 -20.09 -47.07 55.23
CA ARG E 79 -19.61 -47.24 56.59
C ARG E 79 -18.10 -47.04 56.75
N ASP E 80 -17.27 -47.38 55.75
CA ASP E 80 -15.84 -47.23 55.99
C ASP E 80 -15.01 -46.53 54.91
N GLY E 81 -15.62 -45.80 53.99
CA GLY E 81 -14.85 -45.08 53.00
C GLY E 81 -14.40 -45.86 51.78
N PRO E 82 -14.20 -45.16 50.67
CA PRO E 82 -13.81 -45.81 49.42
C PRO E 82 -12.43 -46.47 49.45
N ASN E 83 -12.28 -47.45 48.56
CA ASN E 83 -11.04 -48.24 48.41
C ASN E 83 -10.02 -47.49 47.53
N SER E 84 -9.63 -46.31 47.98
CA SER E 84 -8.67 -45.50 47.26
C SER E 84 -7.70 -44.84 48.22
N LEU E 85 -6.43 -44.84 47.87
CA LEU E 85 -5.41 -44.23 48.72
C LEU E 85 -5.62 -42.72 48.81
N THR E 86 -4.95 -42.09 49.82
CA THR E 86 -5.07 -40.67 50.08
C THR E 86 -3.90 -39.87 49.51
N PRO E 87 -4.16 -38.63 49.10
CA PRO E 87 -3.09 -37.77 48.53
C PRO E 87 -2.01 -37.47 49.56
N PRO E 88 -0.79 -37.18 49.11
CA PRO E 88 0.33 -36.92 50.04
C PRO E 88 0.52 -35.44 50.33
N PRO E 89 1.42 -35.11 51.27
CA PRO E 89 1.70 -33.71 51.60
C PRO E 89 2.24 -32.90 50.42
N THR E 90 2.05 -31.58 50.51
CA THR E 90 2.50 -30.66 49.47
C THR E 90 2.66 -29.26 50.06
N THR E 91 3.09 -28.29 49.19
CA THR E 91 3.29 -26.88 49.53
C THR E 91 2.15 -26.05 48.96
N PRO E 92 1.46 -25.25 49.77
CA PRO E 92 0.36 -24.43 49.26
C PRO E 92 0.88 -23.26 48.45
N GLU E 93 0.01 -22.29 48.15
CA GLU E 93 0.39 -21.11 47.38
C GLU E 93 1.62 -20.41 47.95
N TRP E 94 2.02 -20.74 49.18
CA TRP E 94 3.20 -20.12 49.80
C TRP E 94 4.45 -20.27 48.96
N ILE E 95 4.92 -21.52 48.83
CA ILE E 95 6.12 -21.78 48.03
C ILE E 95 5.79 -21.71 46.55
N LYS E 96 4.51 -21.62 46.19
CA LYS E 96 4.11 -21.49 44.79
C LYS E 96 4.31 -20.06 44.31
N PHE E 97 4.05 -19.08 45.17
CA PHE E 97 4.18 -17.67 44.85
C PHE E 97 5.57 -17.14 45.11
N CYS E 98 6.27 -17.67 46.13
CA CYS E 98 7.63 -17.19 46.39
C CYS E 98 8.52 -17.45 45.17
N ARG E 99 8.36 -18.59 44.52
CA ARG E 99 9.18 -18.91 43.35
C ARG E 99 8.81 -18.04 42.15
N GLN E 100 7.57 -17.58 42.08
CA GLN E 100 7.15 -16.77 40.94
C GLN E 100 7.55 -15.30 41.10
N LEU E 101 7.01 -14.65 42.13
CA LEU E 101 7.32 -13.23 42.34
C LEU E 101 8.74 -12.99 42.83
N PHE E 102 9.38 -13.98 43.44
CA PHE E 102 10.73 -13.83 43.99
C PHE E 102 11.70 -14.86 43.47
N GLY E 103 11.78 -15.03 42.14
CA GLY E 103 12.65 -16.04 41.58
C GLY E 103 14.09 -15.62 41.35
N GLY E 104 14.55 -15.67 40.10
CA GLY E 104 15.93 -15.31 39.82
C GLY E 104 16.11 -14.08 38.95
N PHE E 105 15.23 -13.87 37.99
CA PHE E 105 15.34 -12.68 37.13
C PHE E 105 14.56 -11.51 37.70
N SER E 106 13.42 -11.78 38.34
CA SER E 106 12.61 -10.73 38.95
C SER E 106 13.31 -10.06 40.13
N ILE E 107 14.27 -10.76 40.77
CA ILE E 107 14.99 -10.20 41.90
C ILE E 107 15.65 -8.88 41.54
N LEU E 108 16.31 -8.82 40.38
CA LEU E 108 16.95 -7.58 39.95
C LEU E 108 15.94 -6.45 39.82
N LEU E 109 14.75 -6.75 39.28
CA LEU E 109 13.71 -5.73 39.18
C LEU E 109 13.29 -5.27 40.58
N TRP E 110 13.22 -6.20 41.53
CA TRP E 110 12.89 -5.84 42.91
C TRP E 110 13.90 -4.82 43.43
N ILE E 111 15.16 -4.97 43.00
CA ILE E 111 16.18 -4.02 43.42
C ILE E 111 15.92 -2.65 42.78
N GLY E 112 15.73 -2.63 41.46
CA GLY E 112 15.44 -1.37 40.78
C GLY E 112 14.39 -0.56 41.52
N ALA E 113 13.32 -1.27 41.92
CA ALA E 113 12.25 -0.62 42.68
C ALA E 113 12.74 -0.07 44.01
N ILE E 114 13.52 -0.88 44.75
CA ILE E 114 14.03 -0.42 46.06
C ILE E 114 14.85 0.86 45.89
N LEU E 115 15.89 0.79 45.07
CA LEU E 115 16.78 1.92 44.80
C LEU E 115 15.98 3.18 44.48
N CYS E 116 15.07 3.09 43.52
CA CYS E 116 14.27 4.27 43.15
C CYS E 116 13.53 4.87 44.35
N PHE E 117 12.93 4.02 45.20
CA PHE E 117 12.23 4.56 46.36
C PHE E 117 13.19 5.33 47.26
N LEU E 118 14.40 4.80 47.48
CA LEU E 118 15.38 5.52 48.30
C LEU E 118 15.74 6.85 47.64
N ALA E 119 15.77 6.88 46.30
CA ALA E 119 16.07 8.09 45.56
C ALA E 119 15.01 9.14 45.79
N TYR E 120 13.77 8.72 46.00
CA TYR E 120 12.72 9.71 46.28
C TYR E 120 12.78 10.18 47.73
N GLY E 121 13.13 9.28 48.66
CA GLY E 121 13.18 9.67 50.06
C GLY E 121 14.24 10.71 50.36
N ILE E 122 15.46 10.50 49.84
CA ILE E 122 16.51 11.49 50.08
C ILE E 122 16.13 12.83 49.47
N GLN E 123 15.32 12.79 48.41
CA GLN E 123 14.87 13.99 47.71
C GLN E 123 13.86 14.78 48.54
N ALA E 124 12.73 14.14 48.89
CA ALA E 124 11.68 14.82 49.64
C ALA E 124 12.19 15.29 50.99
N ALA E 125 13.04 14.48 51.64
CA ALA E 125 13.58 14.92 52.92
C ALA E 125 14.50 16.12 52.73
N THR E 126 15.32 16.12 51.68
CA THR E 126 16.21 17.25 51.51
C THR E 126 15.69 18.46 50.72
N GLU E 127 15.54 18.28 49.41
CA GLU E 127 15.18 19.37 48.49
C GLU E 127 13.76 19.89 48.61
N ASP E 128 13.62 21.22 48.63
CA ASP E 128 12.32 21.87 48.61
C ASP E 128 11.72 21.72 47.20
N GLU E 129 10.43 21.34 47.13
CA GLU E 129 9.76 21.13 45.85
C GLU E 129 10.53 20.14 44.99
N PRO E 130 10.48 18.85 45.30
CA PRO E 130 11.21 17.86 44.49
C PRO E 130 10.47 17.48 43.22
N ALA E 131 10.99 16.45 42.52
CA ALA E 131 10.41 15.90 41.31
C ALA E 131 9.78 14.55 41.65
N ASN E 132 9.05 13.97 40.70
CA ASN E 132 8.39 12.69 41.00
C ASN E 132 8.67 11.58 40.00
N ASP E 133 9.72 11.68 39.18
CA ASP E 133 9.98 10.59 38.25
C ASP E 133 10.35 9.30 38.99
N ASN E 134 10.95 9.42 40.17
CA ASN E 134 11.34 8.24 40.95
C ASN E 134 10.15 7.53 41.58
N LEU E 135 9.20 8.28 42.14
CA LEU E 135 8.04 7.64 42.77
C LEU E 135 7.25 6.85 41.73
N TYR E 136 6.98 7.47 40.57
CA TYR E 136 6.24 6.76 39.53
C TYR E 136 7.08 5.63 38.95
N LEU E 137 8.41 5.78 38.90
CA LEU E 137 9.22 4.67 38.40
C LEU E 137 9.07 3.46 39.31
N GLY E 138 9.09 3.67 40.62
CA GLY E 138 8.90 2.55 41.55
C GLY E 138 7.51 1.96 41.42
N VAL E 139 6.49 2.82 41.34
CA VAL E 139 5.11 2.34 41.21
C VAL E 139 4.92 1.53 39.92
N VAL E 140 5.72 1.80 38.90
CA VAL E 140 5.61 1.06 37.64
C VAL E 140 6.37 -0.27 37.72
N LEU E 141 7.60 -0.24 38.22
CA LEU E 141 8.40 -1.47 38.31
C LEU E 141 7.73 -2.52 39.20
N SER E 142 7.23 -2.09 40.37
CA SER E 142 6.56 -3.04 41.26
C SER E 142 5.39 -3.71 40.57
N THR E 143 4.59 -2.92 39.84
CA THR E 143 3.46 -3.48 39.11
C THR E 143 3.91 -4.48 38.07
N VAL E 144 5.10 -4.29 37.50
CA VAL E 144 5.57 -5.27 36.50
C VAL E 144 5.92 -6.60 37.16
N VAL E 145 6.64 -6.57 38.28
CA VAL E 145 6.97 -7.85 38.92
C VAL E 145 5.69 -8.58 39.34
N ILE E 146 4.72 -7.82 39.88
CA ILE E 146 3.47 -8.44 40.33
C ILE E 146 2.71 -9.08 39.16
N VAL E 147 2.58 -8.36 38.04
CA VAL E 147 1.83 -8.93 36.92
C VAL E 147 2.52 -10.19 36.39
N THR E 148 3.82 -10.08 36.06
CA THR E 148 4.56 -11.24 35.56
C THR E 148 4.28 -12.45 36.44
N GLY E 149 4.28 -12.24 37.77
CA GLY E 149 3.98 -13.34 38.66
C GLY E 149 2.58 -13.90 38.46
N CYS E 150 1.57 -13.02 38.32
CA CYS E 150 0.19 -13.50 38.14
C CYS E 150 0.03 -14.31 36.86
N PHE E 151 0.57 -13.81 35.74
CA PHE E 151 0.47 -14.54 34.48
C PHE E 151 1.11 -15.93 34.60
N SER E 152 2.34 -15.97 35.11
CA SER E 152 3.01 -17.25 35.27
C SER E 152 2.20 -18.20 36.16
N TYR E 153 1.53 -17.65 37.18
CA TYR E 153 0.72 -18.50 38.05
C TYR E 153 -0.45 -19.11 37.28
N TYR E 154 -1.12 -18.29 36.47
CA TYR E 154 -2.24 -18.77 35.67
C TYR E 154 -1.80 -19.86 34.72
N GLN E 155 -0.50 -19.94 34.43
CA GLN E 155 -0.05 -21.00 33.54
C GLN E 155 0.37 -22.29 34.28
N GLU E 156 1.11 -22.12 35.37
CA GLU E 156 1.58 -23.27 36.16
C GLU E 156 0.41 -24.09 36.68
N ALA E 157 -0.61 -23.42 37.23
CA ALA E 157 -1.76 -24.16 37.74
C ALA E 157 -2.44 -24.95 36.63
N LYS E 158 -2.79 -24.24 35.55
CA LYS E 158 -3.45 -24.83 34.37
C LYS E 158 -2.85 -26.17 33.98
N SER E 159 -1.51 -26.21 33.85
CA SER E 159 -0.89 -27.48 33.48
C SER E 159 -1.08 -28.53 34.57
N SER E 160 -0.86 -28.14 35.84
CA SER E 160 -1.02 -29.09 36.94
C SER E 160 -2.44 -29.67 37.00
N ARG E 161 -3.43 -28.97 36.45
CA ARG E 161 -4.82 -29.43 36.46
C ARG E 161 -5.16 -30.33 35.28
N ILE E 162 -4.67 -29.99 34.08
CA ILE E 162 -4.96 -30.85 32.92
C ILE E 162 -4.40 -32.25 33.16
N MET E 163 -3.18 -32.33 33.72
CA MET E 163 -2.60 -33.64 34.00
C MET E 163 -3.53 -34.46 34.90
N ASP E 164 -4.06 -33.83 35.96
CA ASP E 164 -4.96 -34.54 36.88
C ASP E 164 -6.23 -34.98 36.17
N SER E 165 -6.66 -34.23 35.16
CA SER E 165 -7.87 -34.65 34.44
C SER E 165 -7.64 -35.97 33.72
N PHE E 166 -6.49 -36.11 33.06
CA PHE E 166 -6.26 -37.37 32.33
C PHE E 166 -6.23 -38.61 33.22
N LYS E 167 -6.01 -38.46 34.53
CA LYS E 167 -5.97 -39.62 35.40
C LYS E 167 -7.35 -40.25 35.61
N ASN E 168 -8.41 -39.45 35.56
CA ASN E 168 -9.76 -39.95 35.72
C ASN E 168 -10.41 -40.32 34.39
N MET E 169 -9.73 -40.09 33.27
CA MET E 169 -10.29 -40.46 31.98
C MET E 169 -10.34 -41.98 31.85
N VAL E 170 -9.26 -42.65 32.25
CA VAL E 170 -9.13 -44.11 32.22
C VAL E 170 -9.14 -44.65 33.65
N PRO E 171 -10.29 -44.81 34.29
CA PRO E 171 -10.32 -45.38 35.64
C PRO E 171 -10.28 -46.91 35.54
N GLN E 172 -10.28 -47.57 36.70
CA GLN E 172 -10.20 -49.01 36.77
C GLN E 172 -11.50 -49.60 37.34
N GLN E 173 -11.92 -50.74 36.79
CA GLN E 173 -13.17 -51.39 37.21
C GLN E 173 -12.98 -52.89 37.42
N ALA E 174 -13.30 -53.35 38.62
CA ALA E 174 -13.19 -54.74 39.06
C ALA E 174 -14.49 -55.51 38.84
N LEU E 175 -14.39 -56.85 38.96
CA LEU E 175 -15.52 -57.77 38.79
C LEU E 175 -15.95 -58.35 40.14
N VAL E 176 -17.11 -57.89 40.63
CA VAL E 176 -17.67 -58.28 41.91
C VAL E 176 -18.98 -59.03 41.68
N ILE E 177 -19.26 -59.98 42.57
CA ILE E 177 -20.47 -60.80 42.51
C ILE E 177 -21.35 -60.44 43.71
N ARG E 178 -22.50 -59.85 43.42
CA ARG E 178 -23.46 -59.46 44.46
C ARG E 178 -24.82 -60.06 44.13
N ASP E 179 -25.49 -60.56 45.17
CA ASP E 179 -26.82 -61.19 45.02
C ASP E 179 -26.78 -62.35 44.05
N GLY E 180 -25.59 -62.91 43.82
CA GLY E 180 -25.41 -64.01 42.89
C GLY E 180 -25.17 -63.60 41.46
N GLU E 181 -24.98 -62.32 41.16
CA GLU E 181 -24.76 -61.85 39.81
C GLU E 181 -23.41 -61.15 39.67
N LYS E 182 -22.83 -61.27 38.48
CA LYS E 182 -21.53 -60.67 38.16
C LYS E 182 -21.72 -59.27 37.61
N SER E 183 -20.96 -58.32 38.17
CA SER E 183 -21.04 -56.93 37.73
C SER E 183 -19.64 -56.31 37.79
N THR E 184 -19.37 -55.42 36.84
CA THR E 184 -18.09 -54.71 36.75
C THR E 184 -18.30 -53.29 37.27
N ILE E 185 -17.71 -52.99 38.41
CA ILE E 185 -17.86 -51.66 39.02
C ILE E 185 -16.49 -51.05 39.25
N ASN E 186 -16.47 -49.71 39.27
CA ASN E 186 -15.24 -48.96 39.51
C ASN E 186 -14.53 -49.51 40.75
N ALA E 187 -13.21 -49.63 40.65
CA ALA E 187 -12.42 -50.15 41.77
C ALA E 187 -12.72 -49.44 43.08
N GLU E 188 -13.22 -48.21 43.01
CA GLU E 188 -13.54 -47.42 44.20
C GLU E 188 -14.83 -47.84 44.90
N PHE E 189 -15.57 -48.82 44.37
CA PHE E 189 -16.82 -49.24 45.00
C PHE E 189 -16.76 -50.62 45.64
N VAL E 190 -15.59 -51.24 45.69
CA VAL E 190 -15.45 -52.56 46.30
C VAL E 190 -15.36 -52.40 47.82
N VAL E 191 -16.05 -53.28 48.55
CA VAL E 191 -16.04 -53.23 50.00
C VAL E 191 -15.55 -54.55 50.57
N ALA E 192 -15.43 -54.61 51.89
CA ALA E 192 -14.97 -55.83 52.55
C ALA E 192 -16.13 -56.78 52.75
N GLY E 193 -15.99 -58.00 52.25
CA GLY E 193 -17.00 -59.04 52.39
C GLY E 193 -17.59 -59.55 51.08
N ASP E 194 -17.67 -58.70 50.06
CA ASP E 194 -18.26 -59.18 48.82
C ASP E 194 -17.33 -60.17 48.12
N LEU E 195 -17.90 -60.90 47.18
CA LEU E 195 -17.16 -61.89 46.41
C LEU E 195 -16.56 -61.19 45.20
N VAL E 196 -15.30 -61.50 44.91
CA VAL E 196 -14.61 -60.88 43.78
C VAL E 196 -13.98 -61.97 42.93
N GLU E 197 -14.18 -61.88 41.61
CA GLU E 197 -13.62 -62.84 40.68
C GLU E 197 -12.54 -62.15 39.86
N VAL E 198 -11.45 -62.87 39.59
CA VAL E 198 -10.33 -62.36 38.82
C VAL E 198 -10.04 -63.33 37.68
N LYS E 199 -9.45 -62.78 36.62
CA LYS E 199 -9.12 -63.47 35.39
C LYS E 199 -7.75 -63.04 34.92
N GLY E 200 -6.99 -63.98 34.35
CA GLY E 200 -5.65 -63.71 33.86
C GLY E 200 -5.58 -62.48 32.98
N GLY E 201 -4.92 -61.44 33.47
CA GLY E 201 -4.78 -60.17 32.78
C GLY E 201 -5.32 -59.00 33.57
N ASP E 202 -6.15 -59.26 34.58
CA ASP E 202 -6.72 -58.21 35.42
C ASP E 202 -5.87 -58.01 36.67
N ARG E 203 -6.20 -56.95 37.41
CA ARG E 203 -5.48 -56.60 38.63
C ARG E 203 -6.33 -56.92 39.85
N ILE E 204 -5.67 -57.42 40.89
CA ILE E 204 -6.35 -57.74 42.14
C ILE E 204 -6.80 -56.41 42.75
N PRO E 205 -8.10 -56.20 42.94
CA PRO E 205 -8.59 -54.91 43.47
C PRO E 205 -8.17 -54.60 44.90
N ALA E 206 -8.46 -55.50 45.83
CA ALA E 206 -8.12 -55.30 47.23
C ALA E 206 -7.47 -56.55 47.79
N ASP E 207 -7.24 -56.61 49.10
CA ASP E 207 -6.62 -57.79 49.67
C ASP E 207 -7.69 -58.86 49.83
N LEU E 208 -7.61 -59.88 48.97
CA LEU E 208 -8.55 -60.99 48.90
C LEU E 208 -8.05 -62.22 49.62
N ARG E 209 -8.98 -63.12 49.91
CA ARG E 209 -8.75 -64.41 50.54
C ARG E 209 -9.31 -65.41 49.54
N ILE E 210 -8.42 -66.05 48.79
CA ILE E 210 -8.83 -66.99 47.75
C ILE E 210 -9.68 -68.11 48.32
N ILE E 211 -10.82 -68.36 47.68
CA ILE E 211 -11.74 -69.41 48.10
C ILE E 211 -11.84 -70.53 47.06
N SER E 212 -11.47 -70.26 45.81
CA SER E 212 -11.53 -71.27 44.74
C SER E 212 -10.68 -70.75 43.59
N ALA E 213 -9.71 -71.54 43.14
CA ALA E 213 -8.84 -71.12 42.05
C ALA E 213 -8.78 -72.19 40.98
N HIS E 214 -8.40 -71.78 39.76
CA HIS E 214 -8.27 -72.69 38.63
C HIS E 214 -6.95 -72.37 37.93
N GLY E 215 -5.85 -72.95 38.43
CA GLY E 215 -4.54 -72.71 37.86
C GLY E 215 -4.22 -71.23 37.79
N CYS E 216 -4.48 -70.50 38.87
CA CYS E 216 -4.26 -69.06 38.91
C CYS E 216 -2.88 -68.71 39.45
N LYS E 217 -2.18 -67.84 38.72
CA LYS E 217 -0.85 -67.36 39.06
C LYS E 217 -0.88 -65.84 39.15
N VAL E 218 -0.08 -65.28 40.07
CA VAL E 218 -0.02 -63.84 40.26
C VAL E 218 1.43 -63.37 40.27
N ASP E 219 1.61 -62.09 39.94
CA ASP E 219 2.92 -61.44 39.89
C ASP E 219 3.08 -60.61 41.16
N ASN E 220 3.84 -61.15 42.12
CA ASN E 220 4.10 -60.47 43.38
C ASN E 220 5.43 -59.73 43.38
N SER E 221 5.80 -59.16 42.22
CA SER E 221 7.07 -58.46 42.07
C SER E 221 7.06 -57.03 42.57
N SER E 222 5.96 -56.30 42.40
CA SER E 222 6.00 -54.90 42.82
C SER E 222 6.17 -54.77 44.33
N LEU E 223 5.41 -55.53 45.12
CA LEU E 223 5.51 -55.40 46.56
C LEU E 223 6.90 -55.78 47.09
N THR E 224 7.30 -57.05 46.93
CA THR E 224 8.58 -57.48 47.48
C THR E 224 9.73 -57.51 46.48
N GLY E 225 9.45 -57.65 45.20
CA GLY E 225 10.44 -57.61 44.16
C GLY E 225 11.07 -58.91 43.78
N GLU E 226 10.42 -59.60 42.84
CA GLU E 226 10.79 -60.84 42.14
C GLU E 226 9.62 -61.10 41.19
N SER E 227 9.84 -61.33 39.89
CA SER E 227 8.69 -61.50 38.97
C SER E 227 8.27 -62.94 38.68
N GLU E 228 8.87 -63.94 39.32
CA GLU E 228 8.47 -65.32 39.02
C GLU E 228 7.03 -65.54 39.49
N PRO E 229 6.12 -66.03 38.61
CA PRO E 229 4.71 -66.19 39.02
C PRO E 229 4.39 -67.23 40.08
N GLN E 230 4.01 -66.75 41.25
CA GLN E 230 3.64 -67.59 42.38
C GLN E 230 2.16 -67.97 42.26
N THR E 231 1.86 -69.26 42.34
CA THR E 231 0.49 -69.75 42.21
C THR E 231 -0.33 -69.52 43.46
N ARG E 232 -1.57 -69.06 43.27
CA ARG E 232 -2.50 -68.80 44.36
C ARG E 232 -3.46 -69.97 44.49
N SER E 233 -3.40 -70.67 45.63
CA SER E 233 -4.27 -71.81 45.89
C SER E 233 -5.15 -71.52 47.10
N PRO E 234 -6.37 -72.07 47.15
CA PRO E 234 -7.24 -71.82 48.30
C PRO E 234 -6.70 -72.37 49.60
N GLU E 235 -5.81 -73.35 49.56
CA GLU E 235 -5.25 -73.91 50.78
C GLU E 235 -4.13 -73.02 51.32
N PHE E 236 -3.82 -73.19 52.60
CA PHE E 236 -2.80 -72.44 53.29
C PHE E 236 -1.48 -73.21 53.30
N SER E 237 -0.37 -72.47 53.21
CA SER E 237 0.91 -73.19 53.19
C SER E 237 1.98 -72.67 54.15
N SER E 238 2.10 -71.36 54.33
CA SER E 238 3.15 -70.82 55.19
C SER E 238 2.60 -69.85 56.23
N GLU E 239 3.26 -69.83 57.39
CA GLU E 239 2.89 -68.96 58.50
C GLU E 239 3.01 -67.48 58.14
N ASN E 240 3.86 -67.14 57.18
CA ASN E 240 4.04 -65.76 56.75
C ASN E 240 2.97 -65.42 55.72
N PRO E 241 2.16 -64.39 55.93
CA PRO E 241 1.11 -64.07 54.95
C PRO E 241 1.64 -63.75 53.56
N LEU E 242 2.85 -63.20 53.47
CA LEU E 242 3.40 -62.88 52.15
C LEU E 242 3.79 -64.14 51.37
N GLU E 243 4.00 -65.26 52.06
CA GLU E 243 4.39 -66.50 51.41
C GLU E 243 3.22 -67.44 51.11
N THR E 244 2.11 -67.33 51.84
CA THR E 244 0.98 -68.21 51.58
C THR E 244 0.34 -67.89 50.23
N ARG E 245 -0.42 -68.85 49.73
CA ARG E 245 -1.08 -68.74 48.42
C ARG E 245 -2.57 -68.47 48.51
N ASN E 246 -3.14 -68.41 49.71
CA ASN E 246 -4.56 -68.16 49.85
C ASN E 246 -4.89 -66.69 50.01
N ILE E 247 -3.97 -65.79 49.67
CA ILE E 247 -4.21 -64.36 49.79
C ILE E 247 -3.72 -63.64 48.55
N ALA E 248 -4.60 -62.86 47.94
CA ALA E 248 -4.28 -62.02 46.80
C ALA E 248 -3.93 -60.64 47.35
N PHE E 249 -3.10 -59.89 46.65
CA PHE E 249 -2.69 -58.61 47.19
C PHE E 249 -3.02 -57.44 46.28
N PHE E 250 -3.03 -56.26 46.91
CA PHE E 250 -3.30 -55.00 46.22
C PHE E 250 -2.16 -54.69 45.25
N SER E 251 -2.53 -54.19 44.08
CA SER E 251 -1.66 -53.79 42.98
C SER E 251 -1.00 -54.97 42.28
N THR E 252 -1.34 -56.20 42.62
CA THR E 252 -0.78 -57.35 41.93
C THR E 252 -1.64 -57.68 40.71
N ASN E 253 -1.10 -58.52 39.83
CA ASN E 253 -1.79 -58.89 38.61
C ASN E 253 -1.85 -60.41 38.47
N CYS E 254 -2.97 -60.90 37.96
CA CYS E 254 -3.17 -62.33 37.72
C CYS E 254 -2.63 -62.63 36.33
N VAL E 255 -1.52 -63.35 36.27
CA VAL E 255 -0.90 -63.66 34.98
C VAL E 255 -1.75 -64.65 34.19
N GLU E 256 -1.95 -65.85 34.73
CA GLU E 256 -2.73 -66.87 34.04
C GLU E 256 -3.65 -67.58 35.02
N GLY E 257 -4.88 -67.81 34.59
CA GLY E 257 -5.88 -68.48 35.38
C GLY E 257 -6.96 -67.54 35.88
N THR E 258 -7.93 -68.13 36.57
CA THR E 258 -9.06 -67.42 37.15
C THR E 258 -9.22 -67.84 38.61
N ALA E 259 -9.76 -66.94 39.42
CA ALA E 259 -9.93 -67.25 40.84
C ALA E 259 -11.04 -66.42 41.44
N ARG E 260 -11.47 -66.85 42.63
CA ARG E 260 -12.51 -66.21 43.43
C ARG E 260 -11.94 -65.88 44.80
N GLY E 261 -12.53 -64.92 45.47
CA GLY E 261 -12.04 -64.58 46.79
C GLY E 261 -12.91 -63.57 47.51
N VAL E 262 -12.79 -63.60 48.84
CA VAL E 262 -13.51 -62.69 49.72
C VAL E 262 -12.57 -61.56 50.09
N VAL E 263 -13.04 -60.32 49.93
CA VAL E 263 -12.22 -59.15 50.23
C VAL E 263 -11.99 -59.09 51.74
N VAL E 264 -10.75 -59.28 52.15
CA VAL E 264 -10.40 -59.22 53.58
C VAL E 264 -9.99 -57.82 53.97
N TYR E 265 -9.11 -57.18 53.19
CA TYR E 265 -8.65 -55.83 53.48
C TYR E 265 -9.01 -54.91 52.33
N THR E 266 -9.42 -53.68 52.67
CA THR E 266 -9.82 -52.69 51.70
C THR E 266 -9.30 -51.31 52.10
N GLY E 267 -9.17 -50.44 51.10
CA GLY E 267 -8.72 -49.08 51.25
C GLY E 267 -7.29 -48.93 51.71
N ASP E 268 -7.02 -47.80 52.38
CA ASP E 268 -5.68 -47.48 52.88
C ASP E 268 -5.19 -48.51 53.90
N ARG E 269 -6.07 -49.35 54.41
CA ARG E 269 -5.73 -50.36 55.42
C ARG E 269 -5.01 -51.54 54.78
N THR E 270 -4.35 -51.29 53.64
CA THR E 270 -3.61 -52.31 52.90
C THR E 270 -2.11 -52.18 53.12
N VAL E 271 -1.40 -53.23 52.72
CA VAL E 271 0.06 -53.30 52.89
C VAL E 271 0.74 -52.13 52.18
N MET E 272 0.54 -52.02 50.87
CA MET E 272 1.15 -50.91 50.14
C MET E 272 0.63 -49.57 50.62
N GLY E 273 -0.53 -49.56 51.29
CA GLY E 273 -1.06 -48.31 51.82
C GLY E 273 -0.23 -47.85 53.00
N ARG E 274 0.06 -48.76 53.94
CA ARG E 274 0.92 -48.40 55.07
C ARG E 274 2.32 -48.07 54.58
N ILE E 275 2.79 -48.79 53.56
CA ILE E 275 4.13 -48.51 53.03
C ILE E 275 4.17 -47.19 52.26
N ALA E 276 3.02 -46.69 51.78
CA ALA E 276 3.00 -45.46 51.00
C ALA E 276 3.52 -44.24 51.72
N THR E 277 3.68 -44.28 53.06
CA THR E 277 4.21 -43.11 53.75
C THR E 277 5.45 -42.58 53.01
N LEU E 278 6.33 -43.50 52.63
CA LEU E 278 7.53 -43.16 51.88
C LEU E 278 7.23 -43.02 50.39
N ALA E 279 6.43 -43.95 49.83
CA ALA E 279 6.08 -43.89 48.41
C ALA E 279 5.64 -42.50 47.99
N SER E 280 4.99 -41.77 48.90
CA SER E 280 4.49 -40.42 48.65
C SER E 280 5.43 -39.58 47.79
N GLY E 281 6.68 -39.41 48.23
CA GLY E 281 7.65 -38.61 47.47
C GLY E 281 7.73 -39.00 46.02
N LEU E 282 7.86 -40.30 45.77
CA LEU E 282 7.91 -40.92 44.44
C LEU E 282 9.09 -40.38 43.64
N GLU E 283 8.89 -39.99 42.37
CA GLU E 283 9.89 -39.45 41.47
C GLU E 283 9.23 -39.08 40.14
N VAL E 284 9.82 -38.13 39.42
CA VAL E 284 9.33 -37.65 38.12
C VAL E 284 10.52 -37.52 37.18
N GLY E 285 10.37 -36.76 36.10
CA GLY E 285 11.46 -36.60 35.17
C GLY E 285 11.37 -35.33 34.37
N ARG E 286 12.32 -35.19 33.43
CA ARG E 286 12.43 -34.06 32.52
C ARG E 286 12.58 -34.57 31.10
N THR E 287 11.68 -34.12 30.21
CA THR E 287 11.66 -34.49 28.81
C THR E 287 12.96 -34.11 28.10
N PRO E 288 13.25 -34.66 26.91
CA PRO E 288 14.48 -34.28 26.21
C PRO E 288 14.54 -32.78 25.91
N ILE E 289 13.55 -32.33 25.13
CA ILE E 289 13.40 -30.96 24.65
C ILE E 289 13.79 -29.99 25.76
N ALA E 290 13.35 -30.30 26.99
CA ALA E 290 13.67 -29.47 28.14
C ALA E 290 15.18 -29.39 28.36
N ILE E 291 15.87 -30.54 28.37
CA ILE E 291 17.31 -30.60 28.60
C ILE E 291 18.04 -30.09 27.36
N GLU E 292 17.28 -29.79 26.31
CA GLU E 292 17.86 -29.18 25.12
C GLU E 292 17.88 -27.66 25.30
N ILE E 293 16.72 -27.14 25.71
CA ILE E 293 16.56 -25.70 25.98
C ILE E 293 17.56 -25.25 27.04
N GLU E 294 17.60 -25.96 28.17
CA GLU E 294 18.54 -25.58 29.21
C GLU E 294 19.96 -25.43 28.67
N HIS E 295 20.48 -26.54 28.12
CA HIS E 295 21.81 -26.60 27.54
C HIS E 295 22.08 -25.30 26.80
N PHE E 296 21.14 -24.94 25.93
CA PHE E 296 21.27 -23.67 25.22
C PHE E 296 21.50 -22.52 26.20
N ILE E 297 20.59 -22.37 27.18
CA ILE E 297 20.69 -21.30 28.18
C ILE E 297 22.10 -21.23 28.76
N HIS E 298 22.69 -22.41 29.02
CA HIS E 298 24.04 -22.47 29.56
C HIS E 298 25.05 -21.83 28.61
N ILE E 299 25.02 -22.25 27.34
CA ILE E 299 25.97 -21.68 26.38
C ILE E 299 25.84 -20.16 26.33
N ILE E 300 24.60 -19.68 26.16
CA ILE E 300 24.38 -18.24 26.08
C ILE E 300 24.98 -17.55 27.30
N THR E 301 24.74 -18.11 28.49
CA THR E 301 25.29 -17.52 29.71
C THR E 301 26.80 -17.38 29.60
N GLY E 302 27.47 -18.40 29.02
CA GLY E 302 28.91 -18.30 28.87
C GLY E 302 29.30 -17.16 27.94
N VAL E 303 28.60 -17.05 26.81
CA VAL E 303 28.89 -15.96 25.87
C VAL E 303 28.68 -14.61 26.55
N ALA E 304 27.60 -14.49 27.32
CA ALA E 304 27.24 -13.25 28.00
C ALA E 304 28.29 -12.84 29.03
N VAL E 305 28.74 -13.79 29.86
CA VAL E 305 29.74 -13.45 30.87
C VAL E 305 31.03 -12.98 30.20
N PHE E 306 31.42 -13.65 29.10
CA PHE E 306 32.60 -13.23 28.38
C PHE E 306 32.46 -11.77 27.93
N LEU E 307 31.41 -11.49 27.14
CA LEU E 307 31.19 -10.12 26.66
C LEU E 307 31.18 -9.11 27.80
N GLY E 308 30.64 -9.48 28.95
CA GLY E 308 30.64 -8.56 30.07
C GLY E 308 32.05 -8.12 30.41
N VAL E 309 32.95 -9.09 30.60
CA VAL E 309 34.34 -8.73 30.92
C VAL E 309 34.98 -7.92 29.77
N SER E 310 34.59 -8.21 28.53
CA SER E 310 35.14 -7.47 27.38
C SER E 310 34.70 -6.00 27.39
N PHE E 311 33.40 -5.76 27.51
CA PHE E 311 32.87 -4.40 27.58
C PHE E 311 33.53 -3.66 28.72
N PHE E 312 33.94 -4.41 29.75
CA PHE E 312 34.65 -3.84 30.88
C PHE E 312 36.01 -3.28 30.46
N ILE E 313 36.81 -4.07 29.71
CA ILE E 313 38.12 -3.54 29.28
C ILE E 313 37.93 -2.35 28.34
N LEU E 314 36.91 -2.40 27.48
CA LEU E 314 36.67 -1.27 26.57
C LEU E 314 36.35 0.00 27.37
N SER E 315 35.59 -0.15 28.46
CA SER E 315 35.22 0.99 29.27
C SER E 315 36.41 1.60 29.99
N LEU E 316 37.25 0.76 30.62
CA LEU E 316 38.38 1.33 31.34
C LEU E 316 39.43 1.88 30.39
N ILE E 317 39.60 1.28 29.20
CA ILE E 317 40.55 1.86 28.27
C ILE E 317 40.00 3.18 27.74
N LEU E 318 38.68 3.44 27.92
CA LEU E 318 38.11 4.71 27.49
C LEU E 318 37.91 5.74 28.62
N GLY E 319 38.32 5.43 29.86
CA GLY E 319 38.23 6.41 30.93
C GLY E 319 37.02 6.51 31.82
N TYR E 320 36.24 5.45 31.98
CA TYR E 320 35.08 5.57 32.87
C TYR E 320 35.47 5.40 34.32
N SER E 321 34.50 5.23 35.20
CA SER E 321 34.77 5.04 36.63
C SER E 321 34.69 3.57 36.96
N TRP E 322 35.63 3.09 37.78
CA TRP E 322 35.69 1.68 38.18
C TRP E 322 34.29 1.15 38.47
N LEU E 323 33.46 1.99 39.06
CA LEU E 323 32.08 1.60 39.37
C LEU E 323 31.23 1.48 38.11
N GLU E 324 31.42 2.40 37.14
CA GLU E 324 30.62 2.34 35.92
C GLU E 324 30.88 1.06 35.14
N ALA E 325 32.09 0.53 35.22
CA ALA E 325 32.39 -0.70 34.49
C ALA E 325 31.67 -1.91 35.09
N VAL E 326 31.57 -1.98 36.42
CA VAL E 326 30.84 -3.11 36.99
C VAL E 326 29.35 -2.94 36.73
N ILE E 327 28.86 -1.69 36.73
CA ILE E 327 27.45 -1.47 36.43
C ILE E 327 27.14 -1.95 35.01
N PHE E 328 28.07 -1.70 34.08
CA PHE E 328 27.88 -2.16 32.70
C PHE E 328 27.96 -3.68 32.59
N LEU E 329 28.89 -4.30 33.32
CA LEU E 329 29.00 -5.75 33.27
C LEU E 329 27.71 -6.41 33.74
N ILE E 330 27.16 -5.92 34.85
CA ILE E 330 25.92 -6.47 35.38
C ILE E 330 24.78 -6.30 34.38
N GLY E 331 24.63 -5.10 33.83
CA GLY E 331 23.55 -4.88 32.87
C GLY E 331 23.65 -5.71 31.61
N ILE E 332 24.86 -5.83 31.04
CA ILE E 332 25.02 -6.59 29.81
C ILE E 332 24.75 -8.07 30.02
N ILE E 333 25.28 -8.65 31.10
CA ILE E 333 25.00 -10.07 31.30
C ILE E 333 23.51 -10.27 31.52
N VAL E 334 22.83 -9.31 32.14
CA VAL E 334 21.39 -9.51 32.32
C VAL E 334 20.65 -9.39 30.98
N ALA E 335 21.14 -8.55 30.06
CA ALA E 335 20.45 -8.39 28.78
C ALA E 335 20.77 -9.47 27.75
N ASN E 336 21.80 -10.30 27.95
CA ASN E 336 22.07 -11.31 26.92
C ASN E 336 21.39 -12.66 27.16
N VAL E 337 21.00 -12.98 28.39
CA VAL E 337 20.37 -14.27 28.71
C VAL E 337 18.87 -14.26 28.47
N PRO E 338 18.35 -15.11 27.57
CA PRO E 338 16.90 -15.13 27.29
C PRO E 338 16.05 -15.58 28.47
N GLU E 339 14.82 -15.05 28.53
CA GLU E 339 13.87 -15.31 29.60
C GLU E 339 12.52 -15.78 29.05
N GLY E 340 12.04 -16.91 29.56
CA GLY E 340 10.72 -17.43 29.23
C GLY E 340 10.70 -18.80 28.57
N LEU E 341 11.78 -19.17 27.88
CA LEU E 341 11.87 -20.40 27.11
C LEU E 341 11.21 -21.65 27.69
N LEU E 342 11.51 -21.98 28.95
CA LEU E 342 10.96 -23.18 29.54
C LEU E 342 9.46 -23.08 29.79
N ALA E 343 8.98 -21.91 30.22
CA ALA E 343 7.55 -21.76 30.46
C ALA E 343 6.76 -21.97 29.18
N THR E 344 7.25 -21.42 28.07
CA THR E 344 6.56 -21.61 26.80
C THR E 344 6.65 -23.05 26.33
N VAL E 345 7.75 -23.75 26.63
CA VAL E 345 7.82 -25.15 26.20
C VAL E 345 6.82 -26.00 26.97
N THR E 346 6.74 -25.83 28.30
CA THR E 346 5.79 -26.62 29.08
C THR E 346 4.35 -26.30 28.71
N VAL E 347 4.03 -25.02 28.54
CA VAL E 347 2.67 -24.65 28.18
C VAL E 347 2.28 -25.19 26.81
N CYS E 348 3.17 -25.06 25.83
CA CYS E 348 2.88 -25.58 24.50
C CYS E 348 2.60 -27.07 24.55
N LEU E 349 3.46 -27.82 25.26
CA LEU E 349 3.25 -29.26 25.36
C LEU E 349 1.91 -29.60 26.00
N THR E 350 1.59 -28.98 27.14
CA THR E 350 0.33 -29.26 27.83
C THR E 350 -0.87 -28.98 26.92
N LEU E 351 -0.85 -27.84 26.23
CA LEU E 351 -1.95 -27.49 25.33
C LEU E 351 -2.06 -28.50 24.18
N THR E 352 -0.92 -28.95 23.64
CA THR E 352 -0.97 -29.94 22.58
C THR E 352 -1.55 -31.26 23.09
N ALA E 353 -1.22 -31.63 24.34
CA ALA E 353 -1.77 -32.86 24.91
C ALA E 353 -3.28 -32.77 24.99
N LYS E 354 -3.80 -31.61 25.42
CA LYS E 354 -5.25 -31.44 25.44
C LYS E 354 -5.82 -31.58 24.03
N ARG E 355 -5.08 -31.11 23.02
CA ARG E 355 -5.53 -31.26 21.65
C ARG E 355 -5.55 -32.73 21.23
N MET E 356 -4.58 -33.52 21.69
CA MET E 356 -4.48 -34.94 21.32
C MET E 356 -5.55 -35.78 22.00
N ALA E 357 -5.89 -35.45 23.24
CA ALA E 357 -6.89 -36.23 23.96
C ALA E 357 -8.27 -36.06 23.36
N ARG E 358 -8.49 -34.98 22.60
CA ARG E 358 -9.75 -34.76 21.94
C ARG E 358 -9.84 -35.62 20.68
N LYS E 359 -8.68 -36.04 20.13
CA LYS E 359 -8.56 -36.87 18.94
C LYS E 359 -8.31 -38.36 19.26
N ASN E 360 -8.55 -38.78 20.53
CA ASN E 360 -8.47 -40.16 21.07
C ASN E 360 -7.10 -40.73 21.47
N CYS E 361 -6.09 -39.96 21.89
CA CYS E 361 -4.77 -40.54 22.26
C CYS E 361 -4.28 -40.14 23.66
N LEU E 362 -4.58 -40.91 24.72
CA LEU E 362 -4.15 -40.50 26.07
C LEU E 362 -2.70 -40.90 26.38
N VAL E 363 -1.89 -39.92 26.79
CA VAL E 363 -0.46 -40.15 27.07
C VAL E 363 -0.19 -40.27 28.58
N LYS E 364 0.51 -41.34 28.97
CA LYS E 364 0.86 -41.57 30.38
C LYS E 364 1.87 -40.55 30.91
N ASN E 365 2.57 -39.83 30.04
CA ASN E 365 3.57 -38.85 30.44
C ASN E 365 3.82 -37.90 29.26
N LEU E 366 4.66 -36.88 29.50
CA LEU E 366 4.96 -35.90 28.47
C LEU E 366 6.05 -36.33 27.51
N GLU E 367 6.92 -37.27 27.90
CA GLU E 367 7.97 -37.71 26.98
C GLU E 367 7.35 -38.39 25.75
N ALA E 368 6.16 -38.98 25.90
CA ALA E 368 5.50 -39.62 24.78
C ALA E 368 5.06 -38.62 23.73
N VAL E 369 4.71 -37.39 24.13
CA VAL E 369 4.28 -36.37 23.18
C VAL E 369 5.39 -36.07 22.17
N GLU E 370 6.64 -36.14 22.61
CA GLU E 370 7.78 -35.86 21.74
C GLU E 370 8.21 -37.07 20.92
N THR E 371 8.18 -38.27 21.50
CA THR E 371 8.61 -39.46 20.79
C THR E 371 7.64 -39.85 19.67
N LEU E 372 6.37 -39.48 19.80
CA LEU E 372 5.38 -39.85 18.79
C LEU E 372 5.66 -39.22 17.44
N GLY E 373 6.18 -38.00 17.43
CA GLY E 373 6.46 -37.32 16.18
C GLY E 373 7.53 -37.99 15.35
N SER E 374 8.61 -38.42 15.99
CA SER E 374 9.74 -39.07 15.33
C SER E 374 9.46 -40.50 14.89
N THR E 375 8.24 -40.98 15.04
CA THR E 375 7.87 -42.35 14.71
C THR E 375 8.19 -42.73 13.26
N SER E 376 8.95 -43.81 13.11
CA SER E 376 9.36 -44.33 11.80
C SER E 376 8.67 -45.64 11.42
N THR E 377 8.38 -46.51 12.39
CA THR E 377 7.73 -47.79 12.11
C THR E 377 6.61 -48.02 13.10
N ILE E 378 5.50 -48.54 12.58
CA ILE E 378 4.32 -48.86 13.38
C ILE E 378 4.07 -50.34 13.24
N CYS E 379 4.25 -51.09 14.32
CA CYS E 379 3.99 -52.53 14.33
C CYS E 379 2.60 -52.67 14.91
N SER E 380 1.61 -52.87 14.03
CA SER E 380 0.23 -52.98 14.44
C SER E 380 -0.32 -54.36 14.16
N ASP E 381 -1.38 -54.69 14.92
CA ASP E 381 -2.09 -55.96 14.79
C ASP E 381 -3.31 -55.73 13.90
N LYS E 382 -3.95 -56.83 13.50
CA LYS E 382 -5.08 -56.73 12.58
C LYS E 382 -6.45 -56.72 13.24
N THR E 383 -6.83 -57.80 13.91
CA THR E 383 -8.16 -57.87 14.51
C THR E 383 -8.25 -57.04 15.79
N GLY E 384 -8.74 -55.81 15.64
CA GLY E 384 -8.90 -54.88 16.74
C GLY E 384 -8.41 -53.50 16.35
N THR E 385 -7.37 -53.45 15.52
CA THR E 385 -6.82 -52.18 15.04
C THR E 385 -7.27 -51.92 13.61
N LEU E 386 -6.94 -52.84 12.70
CA LEU E 386 -7.31 -52.66 11.29
C LEU E 386 -8.78 -52.99 11.03
N THR E 387 -9.20 -54.21 11.37
CA THR E 387 -10.57 -54.65 11.16
C THR E 387 -11.50 -54.12 12.25
N GLN E 388 -12.80 -54.49 12.16
CA GLN E 388 -13.83 -53.98 13.08
C GLN E 388 -14.31 -54.93 14.18
N ASN E 389 -13.94 -56.21 14.15
CA ASN E 389 -14.35 -57.19 15.15
C ASN E 389 -15.87 -57.40 15.22
N ARG E 390 -16.60 -57.13 14.13
CA ARG E 390 -18.06 -57.31 14.05
C ARG E 390 -18.43 -58.40 13.03
N MET E 391 -17.61 -59.45 12.98
CA MET E 391 -17.65 -60.57 12.03
C MET E 391 -19.00 -61.30 11.88
N THR E 392 -19.16 -61.96 10.71
CA THR E 392 -20.35 -62.74 10.32
C THR E 392 -20.02 -63.87 9.34
N VAL E 393 -20.54 -65.07 9.63
CA VAL E 393 -20.30 -66.28 8.80
C VAL E 393 -20.78 -66.13 7.35
N ALA E 394 -19.97 -66.63 6.41
CA ALA E 394 -20.33 -66.57 4.99
C ALA E 394 -20.37 -67.90 4.23
N HIS E 395 -19.31 -68.71 4.30
CA HIS E 395 -19.25 -69.98 3.57
C HIS E 395 -18.87 -71.13 4.47
N MET E 396 -19.60 -72.23 4.36
CA MET E 396 -19.34 -73.44 5.11
C MET E 396 -18.88 -74.52 4.13
N TRP E 397 -18.00 -75.39 4.60
CA TRP E 397 -17.51 -76.48 3.76
C TRP E 397 -17.80 -77.81 4.43
N PHE E 398 -18.33 -78.75 3.65
CA PHE E 398 -18.64 -80.09 4.09
C PHE E 398 -19.10 -80.89 2.88
N ASP E 399 -18.93 -82.21 2.93
CA ASP E 399 -19.30 -83.09 1.82
C ASP E 399 -18.65 -82.60 0.52
N ASN E 400 -17.36 -82.23 0.63
CA ASN E 400 -16.55 -81.72 -0.48
C ASN E 400 -17.24 -80.60 -1.25
N GLN E 401 -18.21 -79.94 -0.64
CA GLN E 401 -18.96 -78.88 -1.29
C GLN E 401 -18.93 -77.60 -0.49
N ILE E 402 -18.97 -76.48 -1.21
CA ILE E 402 -18.99 -75.15 -0.62
C ILE E 402 -20.47 -74.74 -0.54
N HIS E 403 -20.89 -74.30 0.63
CA HIS E 403 -22.26 -73.88 0.87
C HIS E 403 -22.30 -72.45 1.36
N GLU E 404 -23.28 -71.68 0.86
CA GLU E 404 -23.43 -70.32 1.30
C GLU E 404 -24.45 -70.31 2.45
N ALA E 405 -24.70 -69.14 3.01
CA ALA E 405 -25.60 -69.00 4.15
C ALA E 405 -26.25 -67.62 4.20
N ASP E 406 -26.58 -67.18 5.41
CA ASP E 406 -27.20 -65.88 5.67
C ASP E 406 -28.60 -65.82 5.06
N THR E 407 -29.49 -66.59 5.70
CA THR E 407 -30.87 -66.67 5.24
C THR E 407 -31.71 -65.47 5.67
N THR E 408 -31.23 -64.26 5.43
CA THR E 408 -31.94 -63.00 5.70
C THR E 408 -32.77 -62.99 6.98
N GLU E 409 -32.17 -63.44 8.09
CA GLU E 409 -32.87 -63.47 9.38
C GLU E 409 -34.17 -64.26 9.29
N ASN E 410 -34.13 -65.35 8.55
CA ASN E 410 -35.30 -66.20 8.40
C ASN E 410 -34.85 -67.60 8.04
N GLN E 411 -35.65 -68.32 7.26
CA GLN E 411 -35.32 -69.67 6.83
C GLN E 411 -35.30 -69.77 5.30
N SER E 412 -35.16 -68.64 4.62
CA SER E 412 -35.13 -68.54 3.16
C SER E 412 -33.68 -68.60 2.67
N GLY E 413 -33.44 -68.08 1.46
CA GLY E 413 -32.12 -68.05 0.86
C GLY E 413 -31.68 -69.32 0.19
N ALA E 414 -32.45 -70.40 0.33
CA ALA E 414 -32.15 -71.69 -0.28
C ALA E 414 -30.66 -72.02 -0.19
N ALA E 415 -30.12 -71.89 1.02
CA ALA E 415 -28.70 -72.15 1.21
C ALA E 415 -28.34 -73.61 0.98
N PHE E 416 -28.79 -74.50 1.87
CA PHE E 416 -28.50 -75.91 1.79
C PHE E 416 -29.59 -76.66 2.53
N ASP E 417 -29.78 -77.93 2.18
CA ASP E 417 -30.77 -78.72 2.90
C ASP E 417 -30.42 -78.70 4.37
N LYS E 418 -31.34 -78.21 5.20
CA LYS E 418 -31.05 -78.20 6.63
C LYS E 418 -31.01 -79.62 7.18
N THR E 419 -31.52 -80.57 6.40
CA THR E 419 -31.59 -81.99 6.77
C THR E 419 -30.26 -82.73 6.68
N SER E 420 -29.27 -82.18 5.99
CA SER E 420 -27.98 -82.83 5.82
C SER E 420 -27.45 -83.40 7.13
N ALA E 421 -27.04 -84.68 7.11
CA ALA E 421 -26.50 -85.30 8.31
C ALA E 421 -25.22 -84.61 8.74
N THR E 422 -24.27 -84.47 7.80
CA THR E 422 -23.03 -83.77 8.09
C THR E 422 -23.33 -82.42 8.72
N TRP E 423 -24.33 -81.71 8.19
CA TRP E 423 -24.71 -80.42 8.74
C TRP E 423 -25.16 -80.56 10.19
N SER E 424 -25.90 -81.63 10.51
CA SER E 424 -26.33 -81.79 11.89
C SER E 424 -25.11 -81.91 12.79
N ALA E 425 -24.14 -82.71 12.38
CA ALA E 425 -22.93 -82.85 13.18
C ALA E 425 -22.19 -81.53 13.32
N LEU E 426 -22.03 -80.79 12.23
CA LEU E 426 -21.30 -79.52 12.24
C LEU E 426 -22.02 -78.47 13.08
N SER E 427 -23.33 -78.34 12.89
CA SER E 427 -24.10 -77.39 13.67
C SER E 427 -24.03 -77.74 15.14
N ARG E 428 -24.03 -79.03 15.46
CA ARG E 428 -23.95 -79.45 16.86
C ARG E 428 -22.60 -79.12 17.48
N ILE E 429 -21.48 -79.36 16.76
CA ILE E 429 -20.20 -79.04 17.39
C ILE E 429 -20.08 -77.53 17.56
N ALA E 430 -20.49 -76.75 16.56
CA ALA E 430 -20.42 -75.30 16.69
C ALA E 430 -21.22 -74.85 17.90
N ALA E 431 -22.47 -75.29 18.01
CA ALA E 431 -23.31 -74.91 19.14
C ALA E 431 -22.82 -75.48 20.47
N LEU E 432 -22.00 -76.52 20.45
CA LEU E 432 -21.54 -77.15 21.70
C LEU E 432 -20.19 -76.63 22.18
N CYS E 433 -19.16 -76.65 21.33
CA CYS E 433 -17.84 -76.18 21.75
C CYS E 433 -17.83 -74.68 22.03
N ASN E 434 -18.81 -73.94 21.52
CA ASN E 434 -18.90 -72.51 21.73
C ASN E 434 -19.11 -72.17 23.20
N ARG E 435 -18.44 -71.12 23.68
CA ARG E 435 -18.58 -70.69 25.07
C ARG E 435 -19.37 -69.40 25.25
N ALA E 436 -19.76 -68.73 24.17
CA ALA E 436 -20.51 -67.48 24.31
C ALA E 436 -21.98 -67.77 24.60
N VAL E 437 -22.69 -66.73 25.07
CA VAL E 437 -24.09 -66.84 25.43
C VAL E 437 -24.78 -65.50 25.21
N PHE E 438 -26.05 -65.56 24.81
CA PHE E 438 -26.84 -64.35 24.59
C PHE E 438 -26.97 -63.56 25.89
N GLN E 439 -26.87 -62.24 25.78
CA GLN E 439 -27.01 -61.38 26.95
C GLN E 439 -28.45 -61.45 27.44
N ALA E 440 -28.64 -61.58 28.75
CA ALA E 440 -29.97 -61.68 29.32
C ALA E 440 -30.88 -60.55 28.84
N GLY E 441 -32.16 -60.88 28.66
CA GLY E 441 -33.16 -59.93 28.24
C GLY E 441 -33.13 -59.43 26.80
N GLN E 442 -32.92 -60.32 25.83
CA GLN E 442 -32.92 -59.95 24.42
C GLN E 442 -34.04 -60.66 23.68
N ASP E 443 -35.01 -61.22 24.40
CA ASP E 443 -36.15 -61.97 23.86
C ASP E 443 -36.96 -61.18 22.84
N ASN E 444 -36.70 -59.88 22.70
CA ASN E 444 -37.44 -59.03 21.79
C ASN E 444 -36.73 -58.72 20.49
N VAL E 445 -35.44 -58.37 20.53
CA VAL E 445 -34.68 -58.03 19.34
C VAL E 445 -34.55 -59.22 18.40
N PRO E 446 -34.12 -59.02 17.15
CA PRO E 446 -33.95 -60.14 16.23
C PRO E 446 -32.73 -60.97 16.56
N ILE E 447 -32.61 -62.10 15.87
CA ILE E 447 -31.53 -63.05 16.10
C ILE E 447 -30.16 -62.47 15.74
N LEU E 448 -30.10 -61.56 14.78
CA LEU E 448 -28.81 -61.01 14.41
C LEU E 448 -28.42 -59.77 15.19
N LYS E 449 -29.38 -58.93 15.58
CA LYS E 449 -29.08 -57.69 16.28
C LYS E 449 -28.98 -57.78 17.80
N ARG E 450 -28.99 -58.96 18.44
CA ARG E 450 -28.91 -58.86 19.89
C ARG E 450 -27.46 -58.91 20.38
N SER E 451 -27.30 -58.75 21.69
CA SER E 451 -26.00 -58.70 22.36
C SER E 451 -25.57 -60.05 22.92
N VAL E 452 -24.30 -60.36 22.72
CA VAL E 452 -23.67 -61.61 23.17
C VAL E 452 -22.40 -61.27 23.93
N ALA E 453 -21.96 -62.20 24.77
CA ALA E 453 -20.75 -62.05 25.58
C ALA E 453 -19.74 -63.13 25.19
N GLY E 454 -18.66 -62.73 24.54
CA GLY E 454 -17.64 -63.67 24.13
C GLY E 454 -16.87 -63.17 22.93
N ASP E 455 -15.91 -64.00 22.48
CA ASP E 455 -15.09 -63.68 21.33
C ASP E 455 -15.97 -63.33 20.14
N ALA E 456 -15.44 -62.59 19.17
CA ALA E 456 -16.25 -62.26 18.01
C ALA E 456 -16.49 -63.49 17.15
N SER E 457 -15.54 -64.43 17.14
CA SER E 457 -15.68 -65.66 16.36
C SER E 457 -16.84 -66.51 16.90
N GLU E 458 -16.88 -66.71 18.22
CA GLU E 458 -17.95 -67.48 18.82
C GLU E 458 -19.29 -66.79 18.69
N SER E 459 -19.31 -65.45 18.65
CA SER E 459 -20.57 -64.73 18.48
C SER E 459 -21.14 -64.96 17.09
N ALA E 460 -20.31 -64.82 16.06
CA ALA E 460 -20.82 -65.06 14.70
C ALA E 460 -21.32 -66.50 14.56
N LEU E 461 -20.58 -67.45 15.14
CA LEU E 461 -20.99 -68.85 15.08
C LEU E 461 -22.34 -69.08 15.78
N LEU E 462 -22.47 -68.55 16.99
CA LEU E 462 -23.68 -68.73 17.78
C LEU E 462 -24.89 -68.14 17.07
N LYS E 463 -24.74 -66.97 16.46
CA LYS E 463 -25.88 -66.37 15.78
C LYS E 463 -26.31 -67.18 14.57
N CYS E 464 -25.35 -67.67 13.78
CA CYS E 464 -25.75 -68.49 12.63
C CYS E 464 -26.53 -69.72 13.08
N ILE E 465 -26.03 -70.38 14.14
CA ILE E 465 -26.70 -71.58 14.65
C ILE E 465 -28.05 -71.26 15.28
N GLU E 466 -28.25 -70.10 15.89
CA GLU E 466 -29.57 -69.86 16.44
C GLU E 466 -30.56 -69.40 15.37
N LEU E 467 -30.08 -68.81 14.28
CA LEU E 467 -31.00 -68.36 13.25
C LEU E 467 -31.52 -69.54 12.42
N CYS E 468 -30.63 -70.41 11.92
CA CYS E 468 -31.15 -71.51 11.13
C CYS E 468 -30.97 -72.89 11.78
N CYS E 469 -30.80 -72.94 13.12
CA CYS E 469 -30.65 -74.24 13.77
C CYS E 469 -31.36 -74.39 15.13
N GLY E 470 -31.81 -73.33 15.80
CA GLY E 470 -32.54 -73.49 17.04
C GLY E 470 -31.76 -73.16 18.30
N SER E 471 -32.54 -73.03 19.40
CA SER E 471 -32.10 -72.69 20.76
C SER E 471 -30.90 -73.51 21.23
N VAL E 472 -29.85 -72.80 21.65
CA VAL E 472 -28.63 -73.45 22.11
C VAL E 472 -28.69 -73.93 23.56
N GLN E 473 -29.44 -73.26 24.44
CA GLN E 473 -29.47 -73.70 25.85
C GLN E 473 -29.97 -75.13 26.00
N GLY E 474 -30.92 -75.55 25.15
CA GLY E 474 -31.43 -76.90 25.22
C GLY E 474 -30.46 -77.83 24.53
N MET E 475 -29.83 -77.34 23.46
CA MET E 475 -28.83 -78.12 22.75
C MET E 475 -27.66 -78.43 23.68
N ARG E 476 -27.38 -77.51 24.60
CA ARG E 476 -26.31 -77.65 25.59
C ARG E 476 -26.76 -78.53 26.75
N ASP E 477 -28.05 -78.50 27.09
CA ASP E 477 -28.45 -79.39 28.17
C ASP E 477 -28.72 -80.80 27.65
N ARG E 478 -29.13 -80.94 26.37
CA ARG E 478 -29.33 -82.27 25.80
C ARG E 478 -28.08 -83.13 26.04
N ASN E 479 -26.89 -82.54 25.85
CA ASN E 479 -25.59 -83.17 26.08
C ASN E 479 -24.92 -82.52 27.29
N PRO E 480 -24.67 -83.21 28.41
CA PRO E 480 -24.06 -82.55 29.57
C PRO E 480 -22.53 -82.40 29.46
N LYS E 481 -22.04 -81.17 29.66
CA LYS E 481 -20.62 -80.88 29.59
C LYS E 481 -19.90 -81.38 30.85
N ILE E 482 -18.94 -82.29 30.65
CA ILE E 482 -18.17 -82.86 31.74
C ILE E 482 -16.88 -82.09 32.01
N VAL E 483 -16.03 -81.96 30.99
CA VAL E 483 -14.75 -81.26 31.13
C VAL E 483 -14.49 -80.43 29.87
N GLU E 484 -14.06 -79.18 30.07
CA GLU E 484 -13.78 -78.24 29.00
C GLU E 484 -12.36 -77.66 29.13
N ILE E 485 -11.66 -77.51 28.02
CA ILE E 485 -10.32 -76.91 28.00
C ILE E 485 -10.42 -75.64 27.18
N PRO E 486 -9.96 -74.50 27.70
CA PRO E 486 -10.10 -73.23 26.97
C PRO E 486 -9.09 -72.97 25.88
N PHE E 487 -9.50 -72.06 24.99
CA PHE E 487 -8.71 -71.58 23.88
C PHE E 487 -7.44 -70.89 24.41
N ASN E 488 -6.51 -70.63 23.51
CA ASN E 488 -5.24 -69.97 23.80
C ASN E 488 -4.56 -69.67 22.48
N SER E 489 -3.74 -68.62 22.47
CA SER E 489 -3.06 -68.27 21.23
C SER E 489 -1.90 -69.22 20.93
N THR E 490 -1.31 -69.83 21.95
CA THR E 490 -0.22 -70.77 21.72
C THR E 490 -0.75 -72.11 21.23
N ASN E 491 -1.88 -72.56 21.79
CA ASN E 491 -2.47 -73.81 21.34
C ASN E 491 -3.12 -73.64 19.97
N LYS E 492 -3.97 -72.62 19.83
CA LYS E 492 -4.73 -72.26 18.62
C LYS E 492 -5.96 -73.14 18.41
N TYR E 493 -6.38 -73.89 19.44
CA TYR E 493 -7.55 -74.74 19.32
C TYR E 493 -8.31 -74.74 20.64
N GLN E 494 -9.60 -75.09 20.56
CA GLN E 494 -10.52 -75.16 21.69
C GLN E 494 -11.17 -76.53 21.67
N LEU E 495 -11.18 -77.22 22.81
CA LEU E 495 -11.73 -78.56 22.89
C LEU E 495 -12.54 -78.76 24.16
N SER E 496 -13.43 -79.75 24.09
CA SER E 496 -14.27 -80.06 25.24
C SER E 496 -14.99 -81.38 24.98
N ILE E 497 -15.27 -82.10 26.07
CA ILE E 497 -15.97 -83.38 26.01
C ILE E 497 -17.30 -83.24 26.73
N HIS E 498 -18.33 -83.84 26.14
CA HIS E 498 -19.67 -83.78 26.69
C HIS E 498 -20.29 -85.15 26.58
N GLU E 499 -21.36 -85.37 27.33
CA GLU E 499 -22.03 -86.64 27.25
C GLU E 499 -22.84 -86.69 25.95
N ASN E 500 -23.20 -87.88 25.53
CA ASN E 500 -23.96 -88.05 24.29
C ASN E 500 -25.43 -88.25 24.66
N GLU E 501 -26.30 -87.39 24.12
CA GLU E 501 -27.73 -87.47 24.39
C GLU E 501 -28.40 -88.66 23.75
N LYS E 502 -27.68 -89.49 23.01
CA LYS E 502 -28.31 -90.66 22.43
C LYS E 502 -28.76 -91.58 23.56
N SER E 503 -30.06 -91.84 23.63
CA SER E 503 -30.53 -92.72 24.70
C SER E 503 -30.09 -94.16 24.49
N SER E 504 -29.54 -94.48 23.32
CA SER E 504 -29.05 -95.80 23.01
C SER E 504 -27.53 -95.89 23.06
N GLU E 505 -26.84 -94.76 23.15
CA GLU E 505 -25.38 -94.70 23.22
C GLU E 505 -24.99 -93.81 24.39
N SER E 506 -24.36 -94.40 25.40
CA SER E 506 -23.92 -93.68 26.59
C SER E 506 -22.45 -93.28 26.52
N ARG E 507 -21.85 -93.32 25.32
CA ARG E 507 -20.45 -92.98 25.13
C ARG E 507 -20.23 -91.49 25.36
N TYR E 508 -18.99 -91.07 25.14
CA TYR E 508 -18.58 -89.68 25.31
C TYR E 508 -18.22 -89.05 23.98
N LEU E 509 -18.63 -87.80 23.81
CA LEU E 509 -18.38 -87.04 22.59
C LEU E 509 -17.28 -86.02 22.86
N LEU E 510 -16.34 -85.89 21.93
CA LEU E 510 -15.25 -84.95 22.04
C LEU E 510 -15.30 -84.03 20.82
N VAL E 511 -15.24 -82.73 21.04
CA VAL E 511 -15.29 -81.78 19.94
C VAL E 511 -14.15 -80.79 20.08
N MET E 512 -13.65 -80.33 18.93
CA MET E 512 -12.57 -79.34 18.93
C MET E 512 -12.62 -78.54 17.64
N LYS E 513 -12.24 -77.27 17.78
CA LYS E 513 -12.21 -76.35 16.65
C LYS E 513 -10.92 -75.56 16.71
N GLY E 514 -10.46 -75.09 15.55
CA GLY E 514 -9.24 -74.31 15.53
C GLY E 514 -8.80 -73.99 14.12
N ALA E 515 -7.58 -73.50 14.01
CA ALA E 515 -7.03 -73.18 12.70
C ALA E 515 -7.06 -74.44 11.82
N PRO E 516 -7.62 -74.35 10.61
CA PRO E 516 -7.73 -75.56 9.77
C PRO E 516 -6.47 -76.38 9.60
N GLU E 517 -5.28 -75.77 9.62
CA GLU E 517 -4.07 -76.57 9.44
C GLU E 517 -3.79 -77.45 10.66
N ARG E 518 -3.91 -76.89 11.86
CA ARG E 518 -3.67 -77.66 13.07
C ARG E 518 -4.65 -78.83 13.16
N ILE E 519 -5.93 -78.57 12.88
CA ILE E 519 -6.93 -79.62 12.95
C ILE E 519 -6.68 -80.67 11.88
N LEU E 520 -6.19 -80.26 10.71
CA LEU E 520 -5.89 -81.24 9.68
C LEU E 520 -4.81 -82.20 10.16
N ASP E 521 -3.82 -81.68 10.91
CA ASP E 521 -2.79 -82.59 11.40
C ASP E 521 -3.28 -83.54 12.52
N ARG E 522 -4.53 -83.41 12.97
CA ARG E 522 -5.06 -84.28 14.02
C ARG E 522 -6.20 -85.15 13.53
N CYS E 523 -6.26 -85.41 12.24
CA CYS E 523 -7.31 -86.24 11.66
C CYS E 523 -6.71 -87.21 10.66
N SER E 524 -7.32 -88.39 10.60
CA SER E 524 -6.94 -89.44 9.67
C SER E 524 -8.17 -89.97 8.97
N THR E 525 -9.34 -89.44 9.31
CA THR E 525 -10.63 -89.79 8.75
C THR E 525 -11.32 -88.49 8.36
N ILE E 526 -12.43 -88.63 7.64
CA ILE E 526 -13.23 -87.50 7.19
C ILE E 526 -14.68 -87.92 7.18
N LEU E 527 -15.53 -87.13 7.81
CA LEU E 527 -16.96 -87.40 7.79
C LEU E 527 -17.43 -86.96 6.40
N LEU E 528 -17.73 -87.92 5.54
CA LEU E 528 -18.13 -87.66 4.17
C LEU E 528 -19.51 -88.25 3.89
N ASN E 529 -20.42 -87.39 3.44
CA ASN E 529 -21.79 -87.76 3.09
C ASN E 529 -22.50 -88.49 4.21
N GLY E 530 -21.94 -88.44 5.41
CA GLY E 530 -22.51 -89.09 6.57
C GLY E 530 -21.62 -90.17 7.16
N ALA E 531 -21.00 -90.99 6.32
CA ALA E 531 -20.14 -92.05 6.83
C ALA E 531 -18.73 -91.49 6.98
N GLU E 532 -17.78 -92.35 7.35
CA GLU E 532 -16.40 -91.92 7.46
C GLU E 532 -15.60 -92.48 6.30
N GLU E 533 -14.56 -91.75 5.92
CA GLU E 533 -13.68 -92.14 4.83
C GLU E 533 -12.29 -91.68 5.24
N PRO E 534 -11.23 -91.97 4.51
CA PRO E 534 -9.92 -91.47 4.93
C PRO E 534 -9.54 -90.14 4.31
N LEU E 535 -8.45 -89.57 4.79
CA LEU E 535 -7.90 -88.32 4.27
C LEU E 535 -6.73 -88.74 3.39
N LYS E 536 -7.02 -88.92 2.10
CA LYS E 536 -6.02 -89.28 1.11
C LYS E 536 -5.64 -87.98 0.39
N GLU E 537 -4.80 -88.06 -0.64
CA GLU E 537 -4.35 -86.84 -1.31
C GLU E 537 -5.38 -86.18 -2.23
N ASP E 538 -6.33 -86.93 -2.81
CA ASP E 538 -7.30 -86.28 -3.68
C ASP E 538 -8.14 -85.27 -2.92
N MET E 539 -8.75 -85.71 -1.82
CA MET E 539 -9.53 -84.77 -1.02
C MET E 539 -8.63 -83.81 -0.25
N LYS E 540 -7.37 -84.18 0.01
CA LYS E 540 -6.45 -83.25 0.66
C LYS E 540 -6.19 -82.04 -0.23
N GLU E 541 -6.03 -82.29 -1.54
CA GLU E 541 -5.83 -81.18 -2.47
C GLU E 541 -7.13 -80.39 -2.64
N ALA E 542 -8.29 -81.07 -2.63
CA ALA E 542 -9.53 -80.33 -2.72
C ALA E 542 -9.69 -79.41 -1.51
N PHE E 543 -9.22 -79.86 -0.34
CA PHE E 543 -9.27 -79.05 0.89
C PHE E 543 -8.31 -77.86 0.79
N GLN E 544 -7.13 -78.04 0.18
CA GLN E 544 -6.22 -76.92 0.02
C GLN E 544 -6.79 -75.85 -0.90
N ASN E 545 -7.36 -76.28 -2.04
CA ASN E 545 -7.98 -75.31 -2.94
C ASN E 545 -9.18 -74.66 -2.26
N ALA E 546 -9.83 -75.36 -1.32
CA ALA E 546 -10.93 -74.75 -0.57
C ALA E 546 -10.41 -73.66 0.36
N TYR E 547 -9.23 -73.86 0.97
CA TYR E 547 -8.69 -72.81 1.82
C TYR E 547 -8.40 -71.55 0.99
N LEU E 548 -7.82 -71.70 -0.21
CA LEU E 548 -7.58 -70.48 -0.99
C LEU E 548 -8.90 -69.87 -1.49
N GLU E 549 -9.92 -70.68 -1.75
CA GLU E 549 -11.20 -70.12 -2.21
C GLU E 549 -11.83 -69.28 -1.10
N LEU E 550 -11.89 -69.81 0.11
CA LEU E 550 -12.47 -69.05 1.22
C LEU E 550 -11.56 -67.92 1.68
N GLY E 551 -10.25 -68.08 1.58
CA GLY E 551 -9.33 -67.05 2.04
C GLY E 551 -9.28 -65.84 1.12
N GLY E 552 -9.26 -66.07 -0.19
CA GLY E 552 -9.20 -64.96 -1.13
C GLY E 552 -10.37 -64.00 -0.98
N LEU E 553 -11.49 -64.48 -0.43
CA LEU E 553 -12.68 -63.67 -0.20
C LEU E 553 -12.55 -62.75 1.01
N GLY E 554 -11.38 -62.68 1.64
CA GLY E 554 -11.18 -61.84 2.81
C GLY E 554 -11.88 -62.35 4.04
N GLU E 555 -12.35 -63.58 4.03
CA GLU E 555 -13.06 -64.18 5.15
C GLU E 555 -12.11 -64.98 6.02
N ARG E 556 -12.45 -65.07 7.31
CA ARG E 556 -11.68 -65.88 8.26
C ARG E 556 -12.24 -67.30 8.17
N VAL E 557 -11.39 -68.28 8.40
CA VAL E 557 -11.82 -69.67 8.29
C VAL E 557 -11.35 -70.46 9.49
N LEU E 558 -12.21 -71.35 9.96
CA LEU E 558 -11.97 -72.22 11.09
C LEU E 558 -12.32 -73.66 10.71
N GLY E 559 -11.71 -74.61 11.42
CA GLY E 559 -11.93 -76.03 11.21
C GLY E 559 -12.66 -76.60 12.40
N PHE E 560 -13.51 -77.59 12.14
CA PHE E 560 -14.34 -78.25 13.14
C PHE E 560 -14.28 -79.76 13.00
N CYS E 561 -13.93 -80.43 14.10
CA CYS E 561 -13.86 -81.88 14.08
C CYS E 561 -14.32 -82.43 15.41
N HIS E 562 -14.66 -83.72 15.40
CA HIS E 562 -15.12 -84.39 16.61
C HIS E 562 -14.75 -85.86 16.55
N PHE E 563 -14.97 -86.55 17.67
CA PHE E 563 -14.66 -87.96 17.75
C PHE E 563 -15.43 -88.59 18.90
N ALA E 564 -15.83 -89.85 18.69
CA ALA E 564 -16.57 -90.62 19.69
C ALA E 564 -15.55 -91.39 20.52
N LEU E 565 -15.40 -91.00 21.78
CA LEU E 565 -14.47 -91.69 22.66
C LEU E 565 -15.00 -93.08 22.99
N PRO E 566 -14.17 -94.13 22.87
CA PRO E 566 -14.64 -95.47 23.19
C PRO E 566 -14.96 -95.60 24.67
N GLU E 567 -16.21 -95.95 24.97
CA GLU E 567 -16.60 -96.10 26.37
C GLU E 567 -15.94 -97.30 27.04
N ASP E 568 -15.20 -98.13 26.29
CA ASP E 568 -14.53 -99.27 26.90
C ASP E 568 -13.19 -98.88 27.51
N LYS E 569 -12.51 -97.90 26.92
CA LYS E 569 -11.24 -97.41 27.44
C LYS E 569 -11.42 -96.21 28.35
N TYR E 570 -12.58 -95.53 28.24
CA TYR E 570 -12.93 -94.37 29.07
C TYR E 570 -14.41 -94.58 29.44
N ASN E 571 -14.66 -95.24 30.57
CA ASN E 571 -16.01 -95.52 31.01
C ASN E 571 -16.76 -94.24 31.38
N GLU E 572 -18.05 -94.40 31.67
CA GLU E 572 -18.88 -93.26 32.05
C GLU E 572 -18.49 -92.68 33.40
N GLY E 573 -17.74 -93.42 34.21
CA GLY E 573 -17.34 -92.91 35.51
C GLY E 573 -15.96 -92.30 35.56
N TYR E 574 -15.12 -92.62 34.58
CA TYR E 574 -13.76 -92.09 34.56
C TYR E 574 -13.75 -90.58 34.35
N PRO E 575 -13.08 -89.82 35.22
CA PRO E 575 -12.99 -88.36 35.02
C PRO E 575 -11.75 -87.98 34.23
N PHE E 576 -11.90 -87.24 33.14
CA PHE E 576 -10.75 -86.83 32.33
C PHE E 576 -10.26 -85.45 32.75
N ASP E 577 -9.50 -85.41 33.85
CA ASP E 577 -8.95 -84.13 34.31
C ASP E 577 -8.00 -83.57 33.26
N ALA E 578 -8.08 -82.26 33.05
CA ALA E 578 -7.27 -81.58 32.04
C ALA E 578 -5.82 -81.40 32.51
N ASP E 579 -5.12 -82.54 32.56
CA ASP E 579 -3.71 -82.50 32.94
C ASP E 579 -2.76 -83.21 31.97
N GLU E 580 -3.10 -84.45 31.61
CA GLU E 580 -2.31 -85.33 30.75
C GLU E 580 -3.06 -85.71 29.48
N PRO E 581 -2.44 -86.49 28.54
CA PRO E 581 -3.18 -86.83 27.31
C PRO E 581 -4.28 -87.85 27.53
N ASN E 582 -5.44 -87.39 27.95
CA ASN E 582 -6.60 -88.25 28.17
C ASN E 582 -7.45 -88.42 26.93
N PHE E 583 -7.22 -87.62 25.89
CA PHE E 583 -7.98 -87.69 24.66
C PHE E 583 -7.03 -87.86 23.48
N PRO E 584 -7.39 -88.67 22.50
CA PRO E 584 -6.51 -88.83 21.34
C PRO E 584 -6.50 -87.55 20.53
N THR E 585 -5.37 -86.85 20.57
CA THR E 585 -5.28 -85.60 19.82
C THR E 585 -5.46 -85.87 18.33
N THR E 586 -4.78 -86.87 17.81
CA THR E 586 -4.90 -87.23 16.40
C THR E 586 -6.04 -88.24 16.22
N ASP E 587 -6.17 -88.76 14.99
CA ASP E 587 -7.19 -89.76 14.63
C ASP E 587 -8.61 -89.24 14.85
N LEU E 588 -8.80 -87.92 14.80
CA LEU E 588 -10.13 -87.36 14.97
C LEU E 588 -10.90 -87.45 13.65
N CYS E 589 -12.14 -86.97 13.64
CA CYS E 589 -12.97 -86.99 12.45
C CYS E 589 -13.32 -85.55 12.08
N PHE E 590 -12.71 -85.06 11.00
CA PHE E 590 -12.94 -83.72 10.51
C PHE E 590 -14.30 -83.67 9.82
N VAL E 591 -15.13 -82.70 10.18
CA VAL E 591 -16.45 -82.59 9.58
C VAL E 591 -16.51 -81.49 8.52
N GLY E 592 -15.92 -80.33 8.81
CA GLY E 592 -15.96 -79.28 7.82
C GLY E 592 -15.54 -77.90 8.29
N LEU E 593 -15.16 -77.06 7.32
CA LEU E 593 -14.72 -75.70 7.59
C LEU E 593 -15.90 -74.74 7.73
N MET E 594 -15.64 -73.61 8.37
CA MET E 594 -16.62 -72.54 8.57
C MET E 594 -15.90 -71.22 8.40
N ALA E 595 -16.37 -70.39 7.46
CA ALA E 595 -15.75 -69.11 7.16
C ALA E 595 -16.66 -67.95 7.54
N MET E 596 -16.04 -66.81 7.89
CA MET E 596 -16.75 -65.62 8.30
C MET E 596 -16.01 -64.37 7.83
N ILE E 597 -16.77 -63.32 7.52
CA ILE E 597 -16.22 -62.05 7.04
C ILE E 597 -16.08 -61.06 8.20
N ASP E 598 -15.17 -60.07 8.02
CA ASP E 598 -14.79 -58.97 8.92
C ASP E 598 -14.14 -57.87 8.07
N PRO E 599 -14.79 -56.73 7.85
CA PRO E 599 -14.21 -55.71 6.94
C PRO E 599 -13.26 -54.73 7.60
N PRO E 600 -12.49 -53.97 6.81
CA PRO E 600 -11.58 -52.97 7.38
C PRO E 600 -12.31 -51.68 7.75
N ARG E 601 -11.60 -50.81 8.46
CA ARG E 601 -12.18 -49.53 8.85
C ARG E 601 -12.24 -48.62 7.63
N ALA E 602 -13.10 -47.61 7.72
CA ALA E 602 -13.27 -46.69 6.61
C ALA E 602 -11.99 -45.92 6.30
N ALA E 603 -11.52 -45.12 7.27
CA ALA E 603 -10.36 -44.25 7.11
C ALA E 603 -9.04 -44.98 6.92
N VAL E 604 -8.99 -46.30 7.06
CA VAL E 604 -7.72 -47.02 6.96
C VAL E 604 -6.97 -46.83 5.64
N PRO E 605 -7.60 -46.97 4.46
CA PRO E 605 -6.84 -46.79 3.21
C PRO E 605 -6.11 -45.48 3.12
N ASP E 606 -6.76 -44.39 3.54
CA ASP E 606 -6.10 -43.09 3.49
C ASP E 606 -4.94 -43.05 4.48
N ALA E 607 -5.07 -43.73 5.62
CA ALA E 607 -3.99 -43.75 6.61
C ALA E 607 -2.74 -44.39 6.04
N VAL E 608 -2.88 -45.56 5.39
CA VAL E 608 -1.68 -46.18 4.84
C VAL E 608 -1.11 -45.31 3.72
N GLY E 609 -1.97 -44.65 2.93
CA GLY E 609 -1.45 -43.77 1.89
C GLY E 609 -0.61 -42.64 2.49
N LYS E 610 -1.10 -42.04 3.57
CA LYS E 610 -0.36 -40.97 4.24
C LYS E 610 0.96 -41.50 4.77
N CYS E 611 0.97 -42.71 5.32
CA CYS E 611 2.22 -43.28 5.80
C CYS E 611 3.23 -43.43 4.67
N ARG E 612 2.77 -43.90 3.51
CA ARG E 612 3.67 -44.09 2.38
C ARG E 612 4.25 -42.75 1.91
N SER E 613 3.44 -41.69 1.93
CA SER E 613 3.97 -40.40 1.49
C SER E 613 4.92 -39.79 2.51
N ALA E 614 4.75 -40.11 3.80
CA ALA E 614 5.61 -39.58 4.84
C ALA E 614 6.98 -40.23 4.88
N GLY E 615 7.09 -41.47 4.41
CA GLY E 615 8.37 -42.17 4.45
C GLY E 615 8.36 -43.07 5.66
N ILE E 616 7.21 -43.68 5.92
CA ILE E 616 7.00 -44.57 7.06
C ILE E 616 6.66 -45.95 6.53
N LYS E 617 7.28 -46.97 7.11
CA LYS E 617 7.07 -48.36 6.75
C LYS E 617 5.96 -48.95 7.62
N VAL E 618 5.05 -49.71 6.99
CA VAL E 618 3.95 -50.34 7.69
C VAL E 618 4.11 -51.84 7.61
N ILE E 619 3.95 -52.51 8.74
CA ILE E 619 4.08 -53.96 8.83
C ILE E 619 2.83 -54.51 9.47
N MET E 620 2.29 -55.57 8.90
CA MET E 620 1.12 -56.23 9.43
C MET E 620 1.59 -57.49 10.13
N VAL E 621 1.33 -57.59 11.43
CA VAL E 621 1.69 -58.76 12.22
C VAL E 621 0.35 -59.38 12.59
N THR E 622 0.03 -60.49 11.97
CA THR E 622 -1.25 -61.11 12.27
C THR E 622 -1.05 -62.59 12.55
N GLY E 623 -1.99 -63.15 13.29
CA GLY E 623 -2.00 -64.55 13.63
C GLY E 623 -2.78 -65.37 12.63
N ASP E 624 -3.19 -64.74 11.53
CA ASP E 624 -3.94 -65.41 10.48
C ASP E 624 -2.97 -66.01 9.47
N HIS E 625 -3.48 -66.42 8.34
CA HIS E 625 -2.79 -67.07 7.25
C HIS E 625 -2.18 -66.06 6.28
N PRO E 626 -1.11 -66.45 5.57
CA PRO E 626 -0.52 -65.54 4.59
C PRO E 626 -1.48 -65.11 3.50
N ILE E 627 -2.47 -65.92 3.12
CA ILE E 627 -3.40 -65.49 2.08
C ILE E 627 -4.26 -64.36 2.63
N THR E 628 -5.09 -64.68 3.63
CA THR E 628 -5.94 -63.66 4.25
C THR E 628 -5.12 -62.43 4.59
N ALA E 629 -3.87 -62.63 5.01
CA ALA E 629 -2.98 -61.52 5.29
C ALA E 629 -2.72 -60.72 4.01
N LYS E 630 -2.19 -61.40 2.99
CA LYS E 630 -1.92 -60.81 1.69
C LYS E 630 -3.12 -60.03 1.16
N ALA E 631 -4.31 -60.61 1.30
CA ALA E 631 -5.56 -60.00 0.87
C ALA E 631 -5.83 -58.69 1.61
N ILE E 632 -5.94 -58.78 2.95
CA ILE E 632 -6.17 -57.58 3.75
C ILE E 632 -5.15 -56.51 3.38
N ALA E 633 -3.89 -56.94 3.16
CA ALA E 633 -2.84 -56.02 2.76
C ALA E 633 -3.16 -55.39 1.40
N LYS E 634 -3.68 -56.19 0.48
CA LYS E 634 -4.04 -55.70 -0.84
C LYS E 634 -5.13 -54.64 -0.76
N GLY E 635 -6.02 -54.79 0.22
CA GLY E 635 -7.12 -53.86 0.39
C GLY E 635 -6.79 -52.58 1.12
N VAL E 636 -6.12 -52.69 2.27
CA VAL E 636 -5.80 -51.49 3.02
C VAL E 636 -4.79 -50.63 2.27
N GLY E 637 -3.85 -51.25 1.58
CA GLY E 637 -2.82 -50.52 0.85
C GLY E 637 -1.40 -50.83 1.28
N ILE E 638 -1.20 -51.77 2.21
CA ILE E 638 0.15 -52.14 2.64
C ILE E 638 0.96 -52.62 1.45
N ILE E 639 0.35 -53.44 0.60
CA ILE E 639 0.98 -53.96 -0.61
C ILE E 639 0.32 -53.23 -1.76
N SER E 640 0.97 -52.20 -2.28
CA SER E 640 0.43 -51.44 -3.38
C SER E 640 0.55 -52.23 -4.69
N GLU E 641 -0.11 -51.72 -5.73
CA GLU E 641 -0.08 -52.36 -7.03
C GLU E 641 1.31 -52.30 -7.65
N GLY E 642 1.64 -53.32 -8.42
CA GLY E 642 2.92 -53.40 -9.09
C GLY E 642 3.96 -54.20 -8.37
N ASN E 643 4.04 -54.06 -7.05
CA ASN E 643 5.01 -54.82 -6.29
C ASN E 643 4.58 -56.28 -6.23
N GLU E 644 5.55 -57.17 -6.40
CA GLU E 644 5.29 -58.60 -6.39
C GLU E 644 6.23 -59.28 -5.42
N THR E 645 5.87 -60.50 -5.06
CA THR E 645 6.62 -61.34 -4.17
C THR E 645 7.33 -62.41 -4.98
N ILE E 646 8.11 -63.24 -4.28
CA ILE E 646 8.83 -64.31 -4.95
C ILE E 646 7.85 -65.32 -5.54
N GLU E 647 6.75 -65.62 -4.82
CA GLU E 647 5.76 -66.55 -5.35
C GLU E 647 5.06 -65.97 -6.57
N ASP E 648 4.80 -64.66 -6.58
CA ASP E 648 4.16 -64.04 -7.73
C ASP E 648 5.04 -64.17 -8.97
N ILE E 649 6.35 -63.93 -8.82
CA ILE E 649 7.26 -64.04 -9.95
C ILE E 649 7.37 -65.50 -10.39
N ALA E 650 7.38 -66.43 -9.43
CA ALA E 650 7.43 -67.84 -9.80
C ALA E 650 6.20 -68.22 -10.60
N ALA E 651 5.03 -67.72 -10.19
CA ALA E 651 3.78 -68.02 -10.90
C ALA E 651 3.75 -67.38 -12.29
N ARG E 652 4.23 -66.14 -12.41
CA ARG E 652 4.22 -65.47 -13.71
C ARG E 652 5.21 -66.14 -14.67
N LEU E 653 6.44 -66.36 -14.21
CA LEU E 653 7.49 -66.97 -15.02
C LEU E 653 7.36 -68.50 -15.12
N ASN E 654 6.60 -69.13 -14.22
CA ASN E 654 6.45 -70.57 -14.20
C ASN E 654 7.81 -71.22 -13.93
N ILE E 655 8.51 -70.68 -12.94
CA ILE E 655 9.85 -71.13 -12.54
C ILE E 655 9.79 -71.46 -11.06
N PRO E 656 10.62 -72.37 -10.56
CA PRO E 656 10.60 -72.66 -9.12
C PRO E 656 10.91 -71.41 -8.31
N ILE E 657 10.30 -71.34 -7.12
CA ILE E 657 10.48 -70.19 -6.23
C ILE E 657 11.95 -70.05 -5.84
N GLY E 658 12.64 -71.18 -5.63
CA GLY E 658 14.04 -71.12 -5.25
C GLY E 658 14.94 -70.50 -6.30
N GLN E 659 14.62 -70.71 -7.58
CA GLN E 659 15.44 -70.15 -8.65
C GLN E 659 15.35 -68.64 -8.71
N VAL E 660 14.16 -68.09 -8.44
CA VAL E 660 13.97 -66.64 -8.51
C VAL E 660 14.92 -65.91 -7.56
N ASN E 661 15.37 -64.73 -7.99
CA ASN E 661 16.27 -63.90 -7.20
C ASN E 661 15.50 -63.22 -6.07
N PRO E 662 15.92 -63.37 -4.81
CA PRO E 662 15.19 -62.71 -3.72
C PRO E 662 15.17 -61.19 -3.82
N ARG E 663 16.22 -60.58 -4.39
CA ARG E 663 16.26 -59.13 -4.51
C ARG E 663 15.25 -58.61 -5.53
N ASP E 664 14.78 -59.46 -6.44
CA ASP E 664 13.83 -59.05 -7.47
C ASP E 664 12.47 -58.63 -6.89
N ALA E 665 12.14 -59.03 -5.67
CA ALA E 665 10.85 -58.72 -5.07
C ALA E 665 10.98 -57.64 -4.01
N LYS E 666 10.15 -56.60 -4.14
CA LYS E 666 10.14 -55.49 -3.19
C LYS E 666 9.41 -55.83 -1.89
N ALA E 667 8.34 -56.64 -1.96
CA ALA E 667 7.52 -57.02 -0.81
C ALA E 667 7.61 -58.52 -0.53
N CYS E 668 7.28 -58.91 0.72
CA CYS E 668 7.35 -60.32 1.10
C CYS E 668 6.41 -60.67 2.28
N VAL E 669 6.29 -61.99 2.53
CA VAL E 669 5.46 -62.57 3.61
C VAL E 669 6.16 -63.70 4.35
N VAL E 670 6.58 -63.47 5.60
CA VAL E 670 7.27 -64.46 6.41
C VAL E 670 6.32 -65.22 7.35
N HIS E 671 6.52 -66.55 7.46
CA HIS E 671 5.75 -67.44 8.30
C HIS E 671 6.42 -67.67 9.66
N GLY E 672 5.61 -68.12 10.62
CA GLY E 672 6.09 -68.33 11.98
C GLY E 672 7.15 -69.40 12.13
N SER E 673 6.97 -70.55 11.47
CA SER E 673 7.94 -71.63 11.60
C SER E 673 9.31 -71.19 11.13
N ASP E 674 9.37 -70.52 9.97
CA ASP E 674 10.63 -70.02 9.45
C ASP E 674 11.22 -69.00 10.42
N LEU E 675 10.39 -68.12 10.98
CA LEU E 675 10.88 -67.13 11.93
C LEU E 675 11.52 -67.80 13.14
N LYS E 676 10.91 -68.87 13.62
CA LYS E 676 11.50 -69.60 14.75
C LYS E 676 12.86 -70.14 14.33
N ASP E 677 12.96 -70.65 13.11
CA ASP E 677 14.24 -71.22 12.66
C ASP E 677 15.30 -70.16 12.32
N LEU E 678 14.89 -69.02 11.78
CA LEU E 678 15.82 -67.96 11.34
C LEU E 678 16.67 -67.34 12.45
N SER E 679 17.83 -66.78 12.02
CA SER E 679 18.83 -66.06 12.80
C SER E 679 18.73 -64.53 12.55
N THR E 680 19.72 -63.77 13.05
CA THR E 680 19.68 -62.31 12.97
C THR E 680 20.02 -61.73 11.59
N GLU E 681 21.02 -62.26 10.89
CA GLU E 681 21.39 -61.66 9.61
C GLU E 681 20.28 -61.78 8.58
N VAL E 682 19.59 -62.93 8.56
CA VAL E 682 18.49 -63.11 7.61
C VAL E 682 17.37 -62.10 7.90
N LEU E 683 17.09 -61.87 9.18
CA LEU E 683 16.06 -60.90 9.55
C LEU E 683 16.46 -59.50 9.08
N ASP E 684 17.72 -59.14 9.28
CA ASP E 684 18.16 -57.84 8.80
C ASP E 684 18.04 -57.76 7.28
N ASP E 685 18.29 -58.86 6.59
CA ASP E 685 18.16 -58.87 5.13
C ASP E 685 16.73 -58.55 4.70
N ILE E 686 15.75 -59.23 5.31
CA ILE E 686 14.37 -58.97 4.91
C ILE E 686 13.94 -57.55 5.30
N LEU E 687 14.36 -57.07 6.46
CA LEU E 687 13.94 -55.73 6.89
C LEU E 687 14.58 -54.64 6.04
N HIS E 688 15.83 -54.84 5.63
CA HIS E 688 16.52 -53.81 4.85
C HIS E 688 16.11 -53.83 3.38
N TYR E 689 16.05 -55.00 2.77
CA TYR E 689 15.77 -55.07 1.34
C TYR E 689 14.31 -54.92 0.97
N HIS E 690 13.39 -55.39 1.81
CA HIS E 690 11.98 -55.28 1.44
C HIS E 690 11.36 -53.98 1.96
N THR E 691 10.39 -53.49 1.20
CA THR E 691 9.66 -52.27 1.50
C THR E 691 8.31 -52.54 2.18
N GLU E 692 7.64 -53.63 1.81
CA GLU E 692 6.34 -54.01 2.36
C GLU E 692 6.44 -55.45 2.86
N ILE E 693 6.55 -55.61 4.18
CA ILE E 693 6.73 -56.92 4.80
C ILE E 693 5.51 -57.28 5.65
N VAL E 694 4.98 -58.49 5.45
CA VAL E 694 3.82 -59.01 6.17
C VAL E 694 4.22 -60.29 6.90
N PHE E 695 3.84 -60.42 8.19
CA PHE E 695 4.16 -61.56 9.04
C PHE E 695 2.90 -62.33 9.46
N ALA E 696 2.83 -63.60 9.08
CA ALA E 696 1.67 -64.43 9.38
C ALA E 696 1.98 -65.53 10.40
N ARG E 697 0.90 -66.02 11.04
CA ARG E 697 0.93 -67.08 12.05
C ARG E 697 2.02 -66.83 13.08
N THR E 698 2.01 -65.63 13.63
CA THR E 698 3.00 -65.19 14.61
C THR E 698 2.44 -65.23 16.02
N SER E 699 3.13 -65.95 16.89
CA SER E 699 2.75 -66.04 18.28
C SER E 699 3.05 -64.71 18.95
N PRO E 700 2.61 -64.51 20.20
CA PRO E 700 2.90 -63.25 20.89
C PRO E 700 4.33 -63.07 21.35
N GLN E 701 4.93 -64.13 21.91
CA GLN E 701 6.30 -64.04 22.42
C GLN E 701 7.28 -63.66 21.33
N GLN E 702 6.95 -63.99 20.08
CA GLN E 702 7.84 -63.73 18.95
C GLN E 702 8.11 -62.24 18.73
N LYS E 703 7.07 -61.40 18.81
CA LYS E 703 7.09 -59.95 18.56
C LYS E 703 8.35 -59.18 18.95
N LEU E 704 8.94 -59.52 20.10
CA LEU E 704 10.11 -58.79 20.58
C LEU E 704 11.28 -58.86 19.60
N ILE E 705 11.48 -60.01 18.95
CA ILE E 705 12.58 -60.13 17.99
C ILE E 705 12.41 -59.15 16.85
N ILE E 706 11.19 -59.01 16.35
CA ILE E 706 10.91 -58.07 15.27
C ILE E 706 11.19 -56.64 15.73
N VAL E 707 10.76 -56.31 16.95
CA VAL E 707 11.01 -54.95 17.45
C VAL E 707 12.52 -54.69 17.58
N GLU E 708 13.26 -55.64 18.13
CA GLU E 708 14.71 -55.49 18.27
C GLU E 708 15.37 -55.33 16.91
N GLY E 709 14.81 -55.98 15.88
CA GLY E 709 15.37 -55.83 14.55
C GLY E 709 15.10 -54.44 14.01
N CYS E 710 13.89 -53.92 14.24
CA CYS E 710 13.54 -52.57 13.78
C CYS E 710 14.38 -51.49 14.46
N GLN E 711 14.71 -51.68 15.74
CA GLN E 711 15.52 -50.68 16.42
C GLN E 711 16.99 -50.77 16.01
N ARG E 712 17.48 -51.98 15.71
CA ARG E 712 18.87 -52.14 15.27
C ARG E 712 19.17 -51.23 14.09
N GLN E 713 18.20 -51.07 13.20
CA GLN E 713 18.35 -50.21 12.05
C GLN E 713 18.53 -48.75 12.46
N GLY E 714 18.03 -48.37 13.64
CA GLY E 714 18.11 -46.97 14.02
C GLY E 714 16.78 -46.34 13.67
N ALA E 715 15.70 -46.92 14.20
CA ALA E 715 14.36 -46.43 13.97
C ALA E 715 13.55 -46.51 15.25
N ILE E 716 12.61 -45.59 15.37
CA ILE E 716 11.72 -45.49 16.53
C ILE E 716 10.49 -46.30 16.19
N VAL E 717 10.08 -47.18 17.10
CA VAL E 717 8.93 -48.03 16.84
C VAL E 717 7.87 -47.92 17.93
N ALA E 718 6.62 -48.11 17.50
CA ALA E 718 5.44 -48.11 18.33
C ALA E 718 4.74 -49.44 18.11
N VAL E 719 4.27 -50.07 19.18
CA VAL E 719 3.61 -51.36 19.08
C VAL E 719 2.27 -51.32 19.78
N THR E 720 1.27 -51.96 19.15
CA THR E 720 -0.08 -52.04 19.69
C THR E 720 -0.25 -53.39 20.41
N GLY E 721 -0.73 -53.35 21.64
CA GLY E 721 -0.89 -54.56 22.43
C GLY E 721 -2.20 -54.65 23.18
N ASP E 722 -2.64 -55.90 23.39
CA ASP E 722 -3.90 -56.18 24.07
C ASP E 722 -3.89 -57.23 25.19
N GLY E 723 -2.96 -58.19 25.18
CA GLY E 723 -2.94 -59.27 26.14
C GLY E 723 -1.84 -59.25 27.18
N VAL E 724 -1.59 -60.43 27.76
CA VAL E 724 -0.59 -60.64 28.81
C VAL E 724 0.79 -61.00 28.29
N ASN E 725 0.85 -61.79 27.22
CA ASN E 725 2.15 -62.16 26.68
C ASN E 725 2.85 -60.93 26.10
N ASP E 726 2.05 -59.99 25.60
CA ASP E 726 2.56 -58.78 24.94
C ASP E 726 3.39 -57.86 25.85
N SER E 727 3.05 -57.75 27.13
CA SER E 727 3.68 -56.79 28.06
C SER E 727 5.18 -56.57 27.90
N PRO E 728 6.01 -57.62 27.76
CA PRO E 728 7.45 -57.34 27.58
C PRO E 728 7.70 -56.42 26.39
N ALA E 729 7.09 -56.73 25.24
CA ALA E 729 7.27 -55.91 24.06
C ALA E 729 6.91 -54.45 24.34
N LEU E 730 5.74 -54.22 24.96
CA LEU E 730 5.24 -52.88 25.26
C LEU E 730 6.23 -52.04 26.06
N LYS E 731 7.25 -52.68 26.62
CA LYS E 731 8.24 -51.91 27.37
C LYS E 731 9.49 -51.64 26.57
N LYS E 732 9.91 -52.58 25.73
CA LYS E 732 11.12 -52.40 24.95
C LYS E 732 10.95 -51.39 23.83
N ALA E 733 9.76 -51.33 23.24
CA ALA E 733 9.52 -50.40 22.13
C ALA E 733 9.64 -48.95 22.61
N ASP E 734 9.56 -48.01 21.67
CA ASP E 734 9.64 -46.62 22.06
C ASP E 734 8.27 -46.06 22.43
N ILE E 735 7.22 -46.44 21.69
CA ILE E 735 5.86 -46.00 22.02
C ILE E 735 4.98 -47.24 22.14
N GLY E 736 4.50 -47.49 23.35
CA GLY E 736 3.61 -48.60 23.60
C GLY E 736 2.18 -48.10 23.56
N VAL E 737 1.43 -48.60 22.58
CA VAL E 737 0.03 -48.23 22.39
C VAL E 737 -0.78 -49.40 22.94
N ALA E 738 -1.47 -49.17 24.05
CA ALA E 738 -2.29 -50.20 24.67
C ALA E 738 -3.76 -49.97 24.32
N MET E 739 -4.47 -51.07 24.05
CA MET E 739 -5.88 -50.91 23.72
C MET E 739 -6.68 -50.48 24.96
N GLY E 740 -7.57 -49.50 24.77
CA GLY E 740 -8.38 -49.00 25.86
C GLY E 740 -9.67 -49.78 26.04
N ILE E 741 -10.33 -50.10 24.93
CA ILE E 741 -11.58 -50.84 24.98
C ILE E 741 -11.35 -52.26 25.46
N SER E 742 -10.50 -53.01 24.76
CA SER E 742 -10.25 -54.42 25.04
C SER E 742 -8.97 -54.71 25.82
N GLY E 743 -8.20 -53.71 26.20
CA GLY E 743 -6.96 -53.96 26.91
C GLY E 743 -7.17 -54.43 28.32
N SER E 744 -6.07 -54.89 28.92
CA SER E 744 -6.02 -55.36 30.29
C SER E 744 -5.13 -54.43 31.10
N ASP E 745 -5.28 -54.50 32.43
CA ASP E 745 -4.50 -53.64 33.31
C ASP E 745 -3.01 -53.76 33.04
N VAL E 746 -2.54 -54.95 32.70
CA VAL E 746 -1.12 -55.16 32.42
C VAL E 746 -0.68 -54.34 31.21
N SER E 747 -1.43 -54.45 30.11
CA SER E 747 -1.06 -53.74 28.88
C SER E 747 -1.07 -52.23 29.10
N LYS E 748 -2.01 -51.72 29.91
CA LYS E 748 -2.07 -50.28 30.14
C LYS E 748 -0.96 -49.81 31.06
N GLN E 749 -0.67 -50.56 32.14
CA GLN E 749 0.40 -50.16 33.04
C GLN E 749 1.75 -50.15 32.32
N ALA E 750 1.98 -51.16 31.47
CA ALA E 750 3.25 -51.30 30.78
C ALA E 750 3.44 -50.39 29.57
N ALA E 751 2.43 -49.64 29.13
CA ALA E 751 2.58 -48.83 27.94
C ALA E 751 2.65 -47.34 28.24
N ASP E 752 3.14 -46.59 27.24
CA ASP E 752 3.28 -45.14 27.32
C ASP E 752 2.00 -44.42 26.94
N MET E 753 1.20 -45.00 26.05
CA MET E 753 -0.04 -44.40 25.59
C MET E 753 -1.18 -45.42 25.62
N ILE E 754 -2.39 -44.89 25.69
CA ILE E 754 -3.61 -45.67 25.73
C ILE E 754 -4.54 -45.15 24.64
N LEU E 755 -4.89 -46.03 23.71
CA LEU E 755 -5.81 -45.69 22.63
C LEU E 755 -7.22 -45.81 23.20
N LEU E 756 -8.00 -44.73 23.12
CA LEU E 756 -9.34 -44.75 23.69
C LEU E 756 -10.36 -45.44 22.80
N ASP E 757 -10.17 -45.46 21.48
CA ASP E 757 -11.15 -46.05 20.59
C ASP E 757 -10.69 -47.32 19.86
N ASP E 758 -9.42 -47.72 19.95
CA ASP E 758 -8.92 -48.93 19.28
C ASP E 758 -9.01 -48.82 17.76
N ASN E 759 -8.56 -47.69 17.21
CA ASN E 759 -8.61 -47.38 15.79
C ASN E 759 -7.22 -47.12 15.22
N PHE E 760 -6.90 -47.69 14.03
CA PHE E 760 -5.58 -47.42 13.45
C PHE E 760 -5.51 -46.01 12.89
N ALA E 761 -6.62 -45.50 12.34
CA ALA E 761 -6.62 -44.16 11.77
C ALA E 761 -6.28 -43.11 12.83
N SER E 762 -6.61 -43.39 14.09
CA SER E 762 -6.34 -42.44 15.16
C SER E 762 -4.84 -42.15 15.28
N ILE E 763 -4.01 -43.17 15.12
CA ILE E 763 -2.56 -43.04 15.29
C ILE E 763 -1.97 -41.98 14.36
N VAL E 764 -2.15 -42.16 13.04
CA VAL E 764 -1.58 -41.23 12.06
C VAL E 764 -1.98 -39.79 12.37
N THR E 765 -3.24 -39.59 12.77
CA THR E 765 -3.66 -38.25 13.15
C THR E 765 -2.85 -37.78 14.35
N GLY E 766 -2.59 -38.69 15.30
CA GLY E 766 -1.77 -38.32 16.45
C GLY E 766 -0.36 -37.90 16.06
N VAL E 767 0.25 -38.60 15.11
CA VAL E 767 1.61 -38.20 14.70
C VAL E 767 1.57 -36.83 14.04
N GLU E 768 0.49 -36.51 13.31
CA GLU E 768 0.38 -35.17 12.73
C GLU E 768 0.40 -34.13 13.86
N GLU E 769 -0.39 -34.38 14.91
CA GLU E 769 -0.40 -33.47 16.05
C GLU E 769 0.96 -33.40 16.73
N GLY E 770 1.73 -34.50 16.67
CA GLY E 770 3.05 -34.50 17.28
C GLY E 770 4.07 -33.67 16.54
N ARG E 771 3.99 -33.63 15.21
CA ARG E 771 4.93 -32.82 14.45
C ARG E 771 4.62 -31.33 14.55
N LEU E 772 3.32 -30.99 14.62
CA LEU E 772 2.94 -29.59 14.72
C LEU E 772 3.56 -28.91 15.93
N ILE E 773 3.69 -29.63 17.05
CA ILE E 773 4.27 -29.04 18.26
C ILE E 773 5.66 -28.49 17.96
N PHE E 774 6.47 -29.31 17.29
CA PHE E 774 7.83 -28.94 16.92
C PHE E 774 7.84 -27.69 16.05
N ASP E 775 7.05 -27.72 14.98
CA ASP E 775 7.04 -26.57 14.06
C ASP E 775 6.68 -25.27 14.78
N ASN E 776 5.61 -25.31 15.57
CA ASN E 776 5.17 -24.10 16.27
C ASN E 776 6.20 -23.65 17.30
N LEU E 777 6.84 -24.59 18.01
CA LEU E 777 7.84 -24.21 19.00
C LEU E 777 8.98 -23.45 18.36
N LYS E 778 9.47 -23.93 17.21
CA LYS E 778 10.55 -23.24 16.53
C LYS E 778 10.11 -21.84 16.10
N LYS E 779 8.89 -21.73 15.58
CA LYS E 779 8.40 -20.41 15.17
C LYS E 779 8.35 -19.43 16.34
N SER E 780 7.79 -19.86 17.46
CA SER E 780 7.66 -18.98 18.63
C SER E 780 9.02 -18.53 19.16
N ILE E 781 9.97 -19.46 19.27
CA ILE E 781 11.29 -19.07 19.76
C ILE E 781 11.94 -18.09 18.80
N ALA E 782 11.75 -18.31 17.49
CA ALA E 782 12.32 -17.42 16.50
C ALA E 782 11.74 -16.02 16.63
N TYR E 783 10.45 -15.91 16.95
CA TYR E 783 9.85 -14.59 17.08
C TYR E 783 10.33 -13.89 18.35
N THR E 784 10.52 -14.65 19.42
CA THR E 784 10.93 -14.04 20.68
C THR E 784 12.37 -13.52 20.64
N LEU E 785 13.28 -14.28 20.05
CA LEU E 785 14.70 -13.88 20.08
C LEU E 785 15.06 -12.67 19.21
N THR E 786 14.21 -12.24 18.29
CA THR E 786 14.61 -11.15 17.40
C THR E 786 14.66 -9.78 18.08
N SER E 787 13.76 -9.52 19.03
CA SER E 787 13.72 -8.20 19.65
C SER E 787 14.93 -7.90 20.51
N ASN E 788 15.80 -8.87 20.76
CA ASN E 788 16.97 -8.62 21.61
C ASN E 788 17.91 -7.59 21.00
N ILE E 789 18.09 -7.62 19.67
CA ILE E 789 19.03 -6.70 19.02
C ILE E 789 18.64 -5.23 19.16
N PRO E 790 17.39 -4.83 18.89
CA PRO E 790 17.05 -3.41 19.01
C PRO E 790 17.11 -2.87 20.42
N GLU E 791 17.00 -3.71 21.44
CA GLU E 791 17.07 -3.20 22.81
C GLU E 791 18.50 -3.02 23.28
N ILE E 792 19.45 -3.77 22.70
CA ILE E 792 20.84 -3.67 23.14
C ILE E 792 21.65 -2.65 22.32
N THR E 793 21.37 -2.51 21.02
CA THR E 793 22.16 -1.56 20.22
C THR E 793 22.15 -0.13 20.75
N PRO E 794 21.04 0.42 21.29
CA PRO E 794 21.11 1.80 21.80
C PRO E 794 22.12 1.98 22.93
N PHE E 795 22.14 1.07 23.90
CA PHE E 795 23.09 1.19 25.01
C PHE E 795 24.52 1.05 24.52
N LEU E 796 24.71 0.50 23.33
CA LEU E 796 26.06 0.34 22.78
C LEU E 796 26.52 1.63 22.11
N VAL E 797 25.69 2.18 21.21
CA VAL E 797 26.09 3.43 20.57
C VAL E 797 26.16 4.55 21.60
N PHE E 798 25.27 4.53 22.58
CA PHE E 798 25.26 5.55 23.63
C PHE E 798 26.61 5.63 24.34
N ILE E 799 27.17 4.48 24.73
CA ILE E 799 28.44 4.49 25.44
C ILE E 799 29.62 4.70 24.49
N ILE E 800 29.63 4.01 23.34
CA ILE E 800 30.75 4.14 22.42
C ILE E 800 30.75 5.47 21.68
N GLY E 801 29.72 5.70 20.86
CA GLY E 801 29.57 6.90 20.05
C GLY E 801 29.25 8.17 20.81
N ASN E 802 28.82 8.07 22.07
CA ASN E 802 28.50 9.23 22.91
C ASN E 802 27.33 10.06 22.39
N VAL E 803 26.23 9.39 22.05
CA VAL E 803 25.04 10.11 21.57
C VAL E 803 23.91 10.01 22.59
N PRO E 804 22.81 10.76 22.43
CA PRO E 804 21.71 10.65 23.38
C PRO E 804 21.03 9.28 23.31
N LEU E 805 20.73 8.73 24.48
CA LEU E 805 20.10 7.43 24.68
C LEU E 805 18.83 7.24 23.84
N PRO E 806 18.84 6.30 22.89
CA PRO E 806 17.65 6.07 22.04
C PRO E 806 16.50 5.31 22.68
N LEU E 807 16.80 4.42 23.63
CA LEU E 807 15.79 3.62 24.32
C LEU E 807 16.07 3.65 25.81
N GLY E 808 15.01 3.82 26.61
CA GLY E 808 15.11 3.92 28.04
C GLY E 808 14.60 2.69 28.76
N THR E 809 14.28 2.86 30.05
CA THR E 809 13.81 1.72 30.84
C THR E 809 12.31 1.49 30.66
N VAL E 810 11.51 2.55 30.77
CA VAL E 810 10.06 2.40 30.63
C VAL E 810 9.70 1.89 29.23
N THR E 811 10.30 2.49 28.20
CA THR E 811 10.01 2.07 26.83
C THR E 811 10.39 0.61 26.59
N ILE E 812 11.55 0.18 27.11
CA ILE E 812 11.96 -1.21 26.92
C ILE E 812 10.94 -2.14 27.57
N LEU E 813 10.54 -1.82 28.81
CA LEU E 813 9.53 -2.64 29.47
C LEU E 813 8.25 -2.70 28.63
N CYS E 814 7.93 -1.59 27.94
CA CYS E 814 6.75 -1.58 27.09
C CYS E 814 6.91 -2.54 25.92
N ILE E 815 8.12 -2.61 25.35
CA ILE E 815 8.36 -3.51 24.23
C ILE E 815 8.19 -4.96 24.65
N ASP E 816 8.86 -5.35 25.75
CA ASP E 816 8.80 -6.74 26.19
C ASP E 816 7.38 -7.20 26.48
N LEU E 817 6.62 -6.40 27.20
CA LEU E 817 5.25 -6.78 27.56
C LEU E 817 4.26 -6.66 26.42
N GLY E 818 4.50 -5.80 25.43
CA GLY E 818 3.55 -5.64 24.36
C GLY E 818 3.65 -6.53 23.14
N THR E 819 4.78 -6.49 22.45
CA THR E 819 4.97 -7.26 21.24
C THR E 819 5.48 -8.68 21.45
N ASP E 820 5.82 -9.07 22.68
CA ASP E 820 6.34 -10.40 22.91
C ASP E 820 5.43 -11.32 23.71
N MET E 821 4.32 -10.82 24.26
CA MET E 821 3.47 -11.71 25.06
C MET E 821 2.31 -12.31 24.27
N VAL E 822 1.41 -11.48 23.76
CA VAL E 822 0.23 -11.96 23.03
C VAL E 822 0.59 -12.52 21.66
N PRO E 823 1.39 -11.83 20.83
CA PRO E 823 1.72 -12.43 19.52
C PRO E 823 2.39 -13.79 19.65
N ALA E 824 3.28 -13.92 20.62
CA ALA E 824 3.97 -15.19 20.85
C ALA E 824 2.96 -16.28 21.18
N ILE E 825 2.02 -15.99 22.09
CA ILE E 825 1.01 -16.97 22.46
C ILE E 825 0.16 -17.36 21.25
N SER E 826 -0.16 -16.38 20.40
CA SER E 826 -0.96 -16.67 19.22
C SER E 826 -0.26 -17.67 18.32
N LEU E 827 1.07 -17.57 18.21
CA LEU E 827 1.80 -18.51 17.36
C LEU E 827 1.54 -19.97 17.70
N ALA E 828 1.42 -20.30 19.00
CA ALA E 828 1.18 -21.69 19.40
C ALA E 828 -0.02 -22.27 18.67
N TYR E 829 -1.12 -21.54 18.63
CA TYR E 829 -2.38 -21.92 18.00
C TYR E 829 -2.32 -22.04 16.49
N GLU E 830 -1.17 -21.80 15.86
CA GLU E 830 -1.10 -21.88 14.40
C GLU E 830 -1.53 -23.24 13.89
N GLN E 831 -1.98 -23.25 12.64
CA GLN E 831 -2.43 -24.45 11.94
C GLN E 831 -1.20 -25.15 11.35
N ALA E 832 -1.43 -26.27 10.69
CA ALA E 832 -0.34 -27.02 10.09
C ALA E 832 -0.22 -26.70 8.61
N GLU E 833 1.02 -26.52 8.16
CA GLU E 833 1.24 -26.29 6.74
C GLU E 833 0.91 -27.58 6.00
N SER E 834 0.45 -27.44 4.76
CA SER E 834 0.08 -28.61 3.95
C SER E 834 1.12 -29.71 4.08
N ASP E 835 2.38 -29.34 3.89
CA ASP E 835 3.57 -30.18 3.89
C ASP E 835 3.77 -31.13 5.06
N ILE E 836 3.15 -30.88 6.23
CA ILE E 836 3.41 -31.66 7.44
C ILE E 836 3.51 -33.17 7.27
N MET E 837 2.61 -33.78 6.50
CA MET E 837 2.69 -35.22 6.31
C MET E 837 3.49 -35.60 5.08
N LYS E 838 3.79 -34.64 4.20
CA LYS E 838 4.56 -34.88 2.99
C LYS E 838 6.05 -34.64 3.20
N ARG E 839 6.54 -34.79 4.43
CA ARG E 839 7.95 -34.59 4.75
C ARG E 839 8.46 -35.77 5.58
N GLN E 840 9.73 -36.06 5.38
CA GLN E 840 10.38 -37.17 6.06
C GLN E 840 10.40 -36.96 7.57
N PRO E 841 10.54 -38.05 8.34
CA PRO E 841 10.62 -37.92 9.80
C PRO E 841 11.90 -37.21 10.19
N ARG E 842 12.16 -37.06 11.48
CA ARG E 842 13.37 -36.38 11.92
C ARG E 842 14.27 -37.30 12.73
N ASN E 843 15.56 -37.06 12.60
CA ASN E 843 16.58 -37.78 13.33
C ASN E 843 16.97 -36.89 14.49
N PRO E 844 16.62 -37.23 15.73
CA PRO E 844 16.98 -36.36 16.86
C PRO E 844 18.47 -36.08 16.98
N LYS E 845 19.32 -37.03 16.61
CA LYS E 845 20.76 -36.78 16.71
C LYS E 845 21.21 -35.66 15.77
N THR E 846 20.69 -35.66 14.54
CA THR E 846 21.08 -34.67 13.54
C THR E 846 20.27 -33.37 13.55
N ASP E 847 19.00 -33.38 13.99
CA ASP E 847 18.17 -32.17 13.96
C ASP E 847 17.71 -31.75 15.35
N LYS E 848 18.18 -30.59 15.83
CA LYS E 848 17.81 -30.04 17.13
C LYS E 848 16.93 -28.80 17.00
N LEU E 849 16.28 -28.44 18.13
CA LEU E 849 15.42 -27.26 18.16
C LEU E 849 16.22 -25.96 18.01
N VAL E 850 17.23 -25.78 18.84
CA VAL E 850 18.05 -24.58 18.81
C VAL E 850 19.42 -24.98 18.25
N ASN E 851 19.65 -24.65 16.99
CA ASN E 851 20.88 -24.91 16.28
C ASN E 851 21.47 -23.59 15.83
N GLU E 852 22.64 -23.65 15.19
CA GLU E 852 23.34 -22.45 14.74
C GLU E 852 22.63 -21.66 13.65
N ARG E 853 21.45 -22.12 13.19
CA ARG E 853 20.74 -21.39 12.13
C ARG E 853 19.69 -20.43 12.65
N LEU E 854 19.06 -20.75 13.80
CA LEU E 854 18.06 -19.86 14.36
C LEU E 854 18.69 -18.52 14.73
N ILE E 855 19.84 -18.55 15.39
CA ILE E 855 20.55 -17.33 15.74
C ILE E 855 20.99 -16.59 14.49
N SER E 856 21.19 -17.29 13.38
CA SER E 856 21.57 -16.64 12.14
C SER E 856 20.42 -15.80 11.60
N MET E 857 19.21 -16.35 11.62
CA MET E 857 18.07 -15.59 11.10
C MET E 857 17.61 -14.49 12.06
N ALA E 858 17.50 -14.80 13.35
CA ALA E 858 16.99 -13.82 14.31
C ALA E 858 17.97 -12.69 14.58
N TYR E 859 19.13 -13.03 15.15
CA TYR E 859 20.11 -12.01 15.49
C TYR E 859 20.67 -11.31 14.26
N GLY E 860 21.32 -12.07 13.39
CA GLY E 860 21.94 -11.55 12.19
C GLY E 860 21.18 -10.85 11.10
N GLN E 861 20.15 -11.50 10.56
CA GLN E 861 19.43 -10.94 9.42
C GLN E 861 18.21 -10.07 9.77
N ILE E 862 17.25 -10.62 10.52
CA ILE E 862 16.02 -9.88 10.83
C ILE E 862 16.27 -8.80 11.89
N GLY E 863 17.01 -9.13 12.95
CA GLY E 863 17.28 -8.21 14.03
C GLY E 863 17.89 -6.89 13.61
N MET E 864 19.04 -6.95 12.94
CA MET E 864 19.72 -5.74 12.48
C MET E 864 18.77 -4.82 11.71
N ILE E 865 17.79 -5.40 11.00
CA ILE E 865 16.84 -4.60 10.25
C ILE E 865 15.89 -3.87 11.20
N GLN E 866 15.39 -4.57 12.24
CA GLN E 866 14.51 -3.84 13.16
C GLN E 866 15.28 -2.71 13.87
N ALA E 867 16.59 -2.93 14.10
CA ALA E 867 17.41 -1.90 14.73
C ALA E 867 17.54 -0.66 13.82
N LEU E 868 17.83 -0.89 12.53
CA LEU E 868 17.93 0.24 11.60
C LEU E 868 16.60 0.99 11.52
N GLY E 869 15.49 0.24 11.53
CA GLY E 869 14.17 0.86 11.46
C GLY E 869 13.94 1.81 12.62
N GLY E 870 14.35 1.43 13.84
CA GLY E 870 14.17 2.34 14.97
C GLY E 870 15.14 3.51 14.93
N PHE E 871 16.35 3.30 14.42
CA PHE E 871 17.31 4.40 14.35
C PHE E 871 16.85 5.48 13.38
N PHE E 872 16.12 5.12 12.33
CA PHE E 872 15.67 6.15 11.41
C PHE E 872 14.67 7.10 12.09
N SER E 873 13.69 6.56 12.82
CA SER E 873 12.74 7.43 13.50
C SER E 873 13.45 8.33 14.50
N TYR E 874 14.50 7.82 15.14
CA TYR E 874 15.26 8.64 16.08
C TYR E 874 15.94 9.82 15.37
N PHE E 875 16.71 9.52 14.31
CA PHE E 875 17.40 10.59 13.58
C PHE E 875 16.42 11.63 13.03
N VAL E 876 15.27 11.18 12.55
CA VAL E 876 14.29 12.10 11.97
C VAL E 876 13.75 13.06 13.03
N ILE E 877 13.38 12.52 14.20
CA ILE E 877 12.85 13.39 15.25
C ILE E 877 13.86 14.46 15.62
N LEU E 878 15.13 14.07 15.75
CA LEU E 878 16.10 15.09 16.16
C LEU E 878 16.33 16.12 15.06
N ALA E 879 16.56 15.67 13.82
CA ALA E 879 16.82 16.59 12.73
C ALA E 879 15.73 17.63 12.58
N GLU E 880 14.46 17.23 12.71
CA GLU E 880 13.39 18.21 12.55
C GLU E 880 13.34 19.22 13.69
N ASN E 881 13.64 18.79 14.92
CA ASN E 881 13.57 19.72 16.05
C ASN E 881 14.78 20.64 16.15
N GLY E 882 15.74 20.57 15.23
CA GLY E 882 16.91 21.43 15.26
C GLY E 882 18.25 20.74 15.40
N PHE E 883 18.31 19.55 15.98
CA PHE E 883 19.56 18.84 16.16
C PHE E 883 19.82 17.94 14.95
N LEU E 884 20.91 18.19 14.23
CA LEU E 884 21.21 17.39 13.05
C LEU E 884 22.05 16.16 13.39
N PRO E 885 22.33 15.26 12.42
CA PRO E 885 23.14 14.06 12.72
C PRO E 885 24.63 14.27 12.94
N MET E 886 25.27 15.12 12.14
CA MET E 886 26.71 15.33 12.28
C MET E 886 27.06 15.93 13.64
N ASP E 887 26.24 16.87 14.11
CA ASP E 887 26.47 17.53 15.38
C ASP E 887 26.16 16.64 16.58
N LEU E 888 25.52 15.49 16.38
CA LEU E 888 25.13 14.63 17.50
C LEU E 888 26.27 13.79 18.08
N ILE E 889 27.36 13.57 17.34
CA ILE E 889 28.43 12.73 17.86
C ILE E 889 29.25 13.47 18.90
N GLY E 890 29.05 13.12 20.17
CA GLY E 890 29.77 13.72 21.28
C GLY E 890 28.95 14.61 22.18
N LYS E 891 27.71 14.89 21.82
CA LYS E 891 26.87 15.77 22.64
C LYS E 891 26.40 15.13 23.94
N ARG E 892 26.56 13.81 24.10
CA ARG E 892 26.07 13.14 25.31
C ARG E 892 26.62 13.77 26.59
N VAL E 893 27.96 13.89 26.68
CA VAL E 893 28.59 14.45 27.87
C VAL E 893 27.91 15.75 28.25
N ARG E 894 27.68 16.61 27.26
CA ARG E 894 27.02 17.88 27.50
C ARG E 894 25.51 17.73 27.63
N TRP E 895 24.92 16.79 26.89
CA TRP E 895 23.48 16.57 26.89
C TRP E 895 22.96 16.18 28.28
N ASP E 896 23.62 15.22 28.92
CA ASP E 896 23.21 14.70 30.22
C ASP E 896 23.57 15.57 31.41
N ASP E 897 23.94 16.84 31.20
CA ASP E 897 24.31 17.72 32.29
C ASP E 897 23.16 18.68 32.60
N ARG E 898 22.46 18.39 33.70
CA ARG E 898 21.31 19.21 34.11
C ARG E 898 21.65 20.70 34.17
N TRP E 899 22.92 21.04 34.40
CA TRP E 899 23.33 22.43 34.59
C TRP E 899 23.53 23.26 33.33
N ILE E 900 23.76 22.67 32.15
CA ILE E 900 23.98 23.48 30.95
C ILE E 900 22.63 23.76 30.31
N SER E 901 22.00 24.84 30.75
CA SER E 901 20.74 25.28 30.17
C SER E 901 20.95 25.94 28.81
N ASP E 902 22.20 26.25 28.45
CA ASP E 902 22.57 26.93 27.22
C ASP E 902 22.90 26.01 26.04
N VAL E 903 22.58 24.71 26.08
CA VAL E 903 22.92 23.80 24.99
C VAL E 903 22.52 24.41 23.65
N GLU E 904 23.47 24.47 22.72
CA GLU E 904 23.25 25.05 21.40
C GLU E 904 23.05 23.96 20.35
N ASP E 905 22.03 24.12 19.50
CA ASP E 905 21.73 23.14 18.47
C ASP E 905 22.44 23.51 17.16
N SER E 906 22.08 22.80 16.08
CA SER E 906 22.69 23.05 14.78
C SER E 906 22.33 24.41 14.23
N PHE E 907 21.05 24.75 14.23
CA PHE E 907 20.62 26.04 13.70
C PHE E 907 21.03 27.22 14.59
N GLY E 908 21.80 26.94 15.63
CA GLY E 908 22.31 27.93 16.55
C GLY E 908 21.45 28.29 17.72
N GLN E 909 20.26 27.72 17.85
CA GLN E 909 19.42 28.04 18.99
C GLN E 909 20.03 27.49 20.27
N GLN E 910 19.58 28.02 21.40
CA GLN E 910 20.05 27.60 22.72
C GLN E 910 18.91 26.90 23.45
N TRP E 911 19.15 25.66 23.88
CA TRP E 911 18.18 24.83 24.56
C TRP E 911 18.50 24.65 26.04
N THR E 912 17.43 24.63 26.85
CA THR E 912 17.50 24.42 28.29
C THR E 912 17.63 22.93 28.57
N TYR E 913 17.38 22.49 29.80
CA TYR E 913 17.52 21.07 30.10
C TYR E 913 16.26 20.25 29.79
N GLU E 914 15.09 20.71 30.25
CA GLU E 914 13.88 19.94 29.96
C GLU E 914 13.44 20.09 28.51
N GLN E 915 13.76 21.22 27.86
CA GLN E 915 13.38 21.41 26.46
C GLN E 915 14.04 20.36 25.58
N ARG E 916 15.29 19.99 25.87
CA ARG E 916 15.96 18.96 25.09
C ARG E 916 15.59 17.56 25.57
N LYS E 917 15.33 17.40 26.88
CA LYS E 917 14.92 16.09 27.36
C LYS E 917 13.58 15.68 26.74
N ILE E 918 12.70 16.66 26.46
CA ILE E 918 11.41 16.37 25.85
C ILE E 918 11.59 15.75 24.47
N VAL E 919 12.51 16.30 23.66
CA VAL E 919 12.75 15.73 22.33
C VAL E 919 13.33 14.32 22.47
N GLU E 920 14.24 14.13 23.43
CA GLU E 920 14.78 12.78 23.63
C GLU E 920 13.66 11.78 23.95
N PHE E 921 12.71 12.17 24.80
CA PHE E 921 11.60 11.28 25.13
C PHE E 921 10.70 11.04 23.92
N THR E 922 10.53 12.07 23.07
CA THR E 922 9.76 11.86 21.86
C THR E 922 10.45 10.81 21.00
N CYS E 923 11.78 10.71 21.10
CA CYS E 923 12.51 9.67 20.38
C CYS E 923 12.28 8.30 21.01
N HIS E 924 12.18 8.23 22.34
CA HIS E 924 11.89 6.94 22.97
C HIS E 924 10.55 6.39 22.49
N THR E 925 9.53 7.26 22.48
CA THR E 925 8.21 6.85 22.01
C THR E 925 8.23 6.43 20.54
N SER E 926 8.92 7.21 19.69
CA SER E 926 8.99 6.85 18.29
C SER E 926 9.68 5.50 18.10
N PHE E 927 10.79 5.28 18.80
CA PHE E 927 11.48 4.00 18.71
C PHE E 927 10.50 2.88 19.01
N PHE E 928 9.78 3.02 20.13
CA PHE E 928 8.76 2.05 20.53
C PHE E 928 7.80 1.73 19.37
N ILE E 929 7.22 2.77 18.77
CA ILE E 929 6.27 2.55 17.67
C ILE E 929 6.95 1.90 16.47
N SER E 930 8.18 2.31 16.16
CA SER E 930 8.89 1.69 15.04
C SER E 930 9.10 0.21 15.30
N ILE E 931 9.25 -0.15 16.58
CA ILE E 931 9.42 -1.55 16.94
C ILE E 931 8.11 -2.31 16.72
N VAL E 932 6.98 -1.73 17.13
CA VAL E 932 5.71 -2.42 16.89
C VAL E 932 5.46 -2.60 15.40
N VAL E 933 5.77 -1.55 14.62
CA VAL E 933 5.58 -1.59 13.17
C VAL E 933 6.43 -2.70 12.54
N VAL E 934 7.71 -2.79 12.92
CA VAL E 934 8.54 -3.85 12.35
C VAL E 934 8.09 -5.22 12.87
N GLN E 935 7.57 -5.28 14.10
CA GLN E 935 7.07 -6.53 14.64
C GLN E 935 5.94 -7.06 13.78
N TRP E 936 5.11 -6.17 13.23
CA TRP E 936 4.05 -6.61 12.34
C TRP E 936 4.61 -7.59 11.31
N ALA E 937 5.64 -7.14 10.59
CA ALA E 937 6.28 -7.95 9.56
C ALA E 937 6.91 -9.22 10.12
N ASP E 938 7.65 -9.09 11.22
CA ASP E 938 8.31 -10.27 11.79
C ASP E 938 7.27 -11.35 12.14
N LEU E 939 6.15 -10.92 12.71
CA LEU E 939 5.10 -11.87 13.07
C LEU E 939 4.49 -12.52 11.84
N ILE E 940 4.18 -11.72 10.81
CA ILE E 940 3.60 -12.29 9.60
C ILE E 940 4.53 -13.35 9.02
N ILE E 941 5.81 -13.02 8.89
CA ILE E 941 6.74 -13.99 8.33
C ILE E 941 6.96 -15.19 9.24
N CYS E 942 6.63 -15.10 10.52
CA CYS E 942 6.84 -16.25 11.40
C CYS E 942 5.78 -17.35 11.26
N LYS E 943 4.64 -17.06 10.64
CA LYS E 943 3.59 -18.06 10.51
C LYS E 943 4.04 -19.34 9.80
N THR E 944 4.80 -19.22 8.72
CA THR E 944 5.23 -20.37 7.95
C THR E 944 6.71 -20.31 7.67
N ARG E 945 7.34 -21.49 7.56
CA ARG E 945 8.76 -21.58 7.26
C ARG E 945 9.06 -22.17 5.88
N ARG E 946 8.07 -22.78 5.21
CA ARG E 946 8.32 -23.37 3.89
C ARG E 946 7.32 -22.84 2.85
N ASN E 947 6.09 -22.57 3.27
CA ASN E 947 5.07 -22.05 2.37
C ASN E 947 4.93 -20.55 2.55
N SER E 948 4.26 -19.93 1.60
CA SER E 948 4.04 -18.48 1.67
C SER E 948 2.79 -18.21 2.50
N ILE E 949 2.56 -16.92 2.80
CA ILE E 949 1.34 -16.59 3.53
C ILE E 949 0.16 -16.58 2.57
N PHE E 950 0.43 -16.33 1.28
CA PHE E 950 -0.64 -16.39 0.28
C PHE E 950 -1.16 -17.83 0.16
N GLN E 951 -0.29 -18.81 0.38
CA GLN E 951 -0.67 -20.23 0.36
C GLN E 951 -1.32 -20.64 1.68
N GLN E 952 -0.69 -20.28 2.79
CA GLN E 952 -1.20 -20.66 4.10
C GLN E 952 -2.48 -19.91 4.45
N GLY E 953 -2.51 -18.60 4.20
CA GLY E 953 -3.74 -17.91 4.51
C GLY E 953 -3.70 -17.25 5.88
N MET E 954 -4.57 -16.25 6.04
CA MET E 954 -4.69 -15.46 7.26
C MET E 954 -5.89 -15.88 8.09
N LYS E 955 -6.13 -17.19 8.23
CA LYS E 955 -7.26 -17.66 9.00
C LYS E 955 -7.02 -17.74 10.50
N ASN E 956 -5.82 -17.39 10.98
CA ASN E 956 -5.57 -17.40 12.41
C ASN E 956 -6.15 -16.13 13.01
N LYS E 957 -7.11 -16.28 13.92
CA LYS E 957 -7.76 -15.11 14.51
C LYS E 957 -6.98 -14.49 15.66
N ILE E 958 -6.34 -15.31 16.49
CA ILE E 958 -5.58 -14.76 17.63
C ILE E 958 -4.43 -13.89 17.14
N LEU E 959 -3.75 -14.29 16.06
CA LEU E 959 -2.64 -13.49 15.53
C LEU E 959 -3.13 -12.11 15.08
N ILE E 960 -4.30 -12.07 14.42
CA ILE E 960 -4.87 -10.79 13.99
C ILE E 960 -5.15 -9.94 15.22
N PHE E 961 -5.80 -10.55 16.22
CA PHE E 961 -6.08 -9.87 17.48
C PHE E 961 -4.82 -9.21 18.01
N GLY E 962 -3.70 -9.94 17.95
CA GLY E 962 -2.45 -9.39 18.43
C GLY E 962 -2.00 -8.16 17.66
N LEU E 963 -2.12 -8.19 16.33
CA LEU E 963 -1.69 -7.03 15.55
C LEU E 963 -2.49 -5.78 15.91
N PHE E 964 -3.82 -5.92 15.91
CA PHE E 964 -4.66 -4.76 16.23
C PHE E 964 -4.42 -4.27 17.66
N GLU E 965 -4.32 -5.19 18.62
CA GLU E 965 -4.13 -4.81 20.01
C GLU E 965 -2.82 -4.08 20.24
N GLU E 966 -1.72 -4.58 19.67
CA GLU E 966 -0.45 -3.88 19.88
C GLU E 966 -0.54 -2.46 19.32
N THR E 967 -0.98 -2.33 18.06
CA THR E 967 -1.11 -0.99 17.48
C THR E 967 -1.89 -0.07 18.43
N ALA E 968 -2.96 -0.61 19.01
CA ALA E 968 -3.77 0.16 19.95
C ALA E 968 -2.96 0.58 21.17
N LEU E 969 -2.14 -0.33 21.70
CA LEU E 969 -1.35 0.00 22.88
C LEU E 969 -0.41 1.16 22.62
N ALA E 970 0.25 1.15 21.46
CA ALA E 970 1.18 2.22 21.12
C ALA E 970 0.46 3.55 20.95
N ALA E 971 -0.65 3.54 20.20
CA ALA E 971 -1.39 4.79 20.00
C ALA E 971 -1.92 5.34 21.32
N PHE E 972 -2.43 4.45 22.18
CA PHE E 972 -2.98 4.87 23.46
C PHE E 972 -1.92 5.50 24.35
N LEU E 973 -0.80 4.80 24.55
CA LEU E 973 0.23 5.35 25.42
C LEU E 973 0.84 6.63 24.87
N SER E 974 0.93 6.77 23.55
CA SER E 974 1.52 7.99 23.03
C SER E 974 0.57 9.18 23.10
N TYR E 975 -0.73 8.97 22.93
CA TYR E 975 -1.64 10.11 22.91
C TYR E 975 -2.41 10.40 24.19
N CYS E 976 -2.50 9.45 25.13
CA CYS E 976 -3.26 9.69 26.34
C CYS E 976 -2.75 10.91 27.10
N PRO E 977 -3.65 11.75 27.65
CA PRO E 977 -3.32 12.99 28.42
C PRO E 977 -2.96 12.78 29.89
N GLY E 978 -1.69 12.47 30.14
CA GLY E 978 -1.24 12.22 31.49
C GLY E 978 -0.10 11.23 31.56
N THR E 979 0.10 10.47 30.47
CA THR E 979 1.24 9.57 30.43
C THR E 979 2.54 10.37 30.56
N ASP E 980 2.51 11.62 30.11
CA ASP E 980 3.68 12.50 30.19
C ASP E 980 4.21 12.55 31.62
N VAL E 981 3.33 12.85 32.57
CA VAL E 981 3.74 12.97 33.97
C VAL E 981 4.15 11.62 34.56
N ALA E 982 3.38 10.57 34.27
CA ALA E 982 3.63 9.27 34.89
C ALA E 982 4.63 8.39 34.16
N LEU E 983 4.39 8.07 32.88
CA LEU E 983 5.28 7.15 32.18
C LEU E 983 6.40 7.80 31.39
N ARG E 984 6.30 9.10 31.08
CA ARG E 984 7.28 9.86 30.29
C ARG E 984 7.24 9.62 28.79
N MET E 985 6.05 9.40 28.24
CA MET E 985 5.87 9.25 26.79
C MET E 985 5.17 10.50 26.26
N TYR E 986 5.59 10.98 25.10
CA TYR E 986 5.00 12.18 24.54
C TYR E 986 4.29 11.93 23.21
N PRO E 987 3.33 12.78 22.85
CA PRO E 987 2.60 12.58 21.59
C PRO E 987 3.52 12.57 20.39
N LEU E 988 3.15 11.76 19.41
CA LEU E 988 3.88 11.61 18.17
C LEU E 988 3.11 12.29 17.05
N LYS E 989 3.81 13.08 16.24
CA LYS E 989 3.15 13.75 15.14
C LYS E 989 2.88 12.73 14.02
N PRO E 990 1.93 13.04 13.13
CA PRO E 990 1.56 12.07 12.08
C PRO E 990 2.65 11.69 11.08
N SER E 991 3.53 12.61 10.69
CA SER E 991 4.53 12.24 9.70
C SER E 991 5.57 11.25 10.23
N TRP E 992 5.63 11.04 11.54
CA TRP E 992 6.64 10.16 12.12
C TRP E 992 6.25 8.69 12.09
N TRP E 993 4.97 8.38 12.32
CA TRP E 993 4.53 6.97 12.35
C TRP E 993 5.02 6.16 11.16
N PHE E 994 5.18 6.80 10.00
CA PHE E 994 5.56 6.13 8.77
C PHE E 994 7.06 5.89 8.59
N CYS E 995 7.91 6.38 9.50
CA CYS E 995 9.35 6.21 9.32
C CYS E 995 9.76 4.74 9.28
N ALA E 996 9.06 3.86 9.99
CA ALA E 996 9.44 2.45 10.03
C ALA E 996 8.83 1.60 8.93
N PHE E 997 7.96 2.19 8.08
CA PHE E 997 7.31 1.41 7.02
C PHE E 997 8.26 0.76 6.01
N PRO E 998 9.27 1.46 5.46
CA PRO E 998 10.14 0.77 4.48
C PRO E 998 10.86 -0.44 5.05
N TYR E 999 11.31 -0.35 6.30
CA TYR E 999 11.99 -1.46 6.94
C TYR E 999 11.02 -2.59 7.25
N SER E 1000 9.74 -2.30 7.38
CA SER E 1000 8.76 -3.36 7.62
C SER E 1000 8.46 -4.11 6.32
N LEU E 1001 8.41 -3.42 5.19
CA LEU E 1001 8.14 -4.16 3.95
C LEU E 1001 9.35 -4.98 3.50
N ILE E 1002 10.56 -4.47 3.74
CA ILE E 1002 11.74 -5.20 3.28
C ILE E 1002 11.84 -6.58 3.93
N ILE E 1003 11.50 -6.67 5.21
CA ILE E 1003 11.58 -7.95 5.92
C ILE E 1003 10.65 -8.98 5.30
N PHE E 1004 9.41 -8.56 5.02
CA PHE E 1004 8.42 -9.46 4.45
C PHE E 1004 8.86 -9.96 3.08
N LEU E 1005 9.25 -9.03 2.19
CA LEU E 1005 9.65 -9.46 0.85
C LEU E 1005 10.86 -10.39 0.91
N TYR E 1006 11.82 -10.08 1.78
CA TYR E 1006 13.00 -10.92 1.87
C TYR E 1006 12.63 -12.35 2.25
N ASP E 1007 11.81 -12.51 3.29
CA ASP E 1007 11.45 -13.87 3.70
C ASP E 1007 10.68 -14.60 2.60
N GLU E 1008 9.80 -13.88 1.89
CA GLU E 1008 9.03 -14.54 0.83
C GLU E 1008 9.95 -15.13 -0.23
N MET E 1009 10.91 -14.34 -0.73
CA MET E 1009 11.82 -14.89 -1.72
C MET E 1009 12.64 -16.03 -1.13
N ARG E 1010 13.24 -15.79 0.05
CA ARG E 1010 14.02 -16.78 0.79
C ARG E 1010 13.32 -18.13 0.78
N ARG E 1011 11.98 -18.12 0.82
CA ARG E 1011 11.20 -19.36 0.78
C ARG E 1011 11.04 -19.90 -0.62
N PHE E 1012 10.82 -19.02 -1.61
CA PHE E 1012 10.65 -19.52 -2.97
C PHE E 1012 11.88 -20.33 -3.38
N ILE E 1013 13.06 -19.80 -3.08
CA ILE E 1013 14.31 -20.50 -3.39
C ILE E 1013 14.39 -21.84 -2.67
N ILE E 1014 13.83 -21.93 -1.46
CA ILE E 1014 13.84 -23.21 -0.74
C ILE E 1014 12.98 -24.22 -1.45
N ARG E 1015 11.72 -23.85 -1.72
CA ARG E 1015 10.79 -24.76 -2.38
C ARG E 1015 11.35 -25.28 -3.70
N ARG E 1016 11.98 -24.41 -4.47
CA ARG E 1016 12.48 -24.85 -5.77
C ARG E 1016 13.76 -25.69 -5.68
N SER E 1017 14.71 -25.31 -4.82
CA SER E 1017 15.98 -26.03 -4.76
C SER E 1017 16.24 -26.75 -3.44
N PRO E 1018 15.82 -28.00 -3.29
CA PRO E 1018 16.10 -28.73 -2.05
C PRO E 1018 17.58 -29.06 -1.92
N GLY E 1019 18.03 -29.15 -0.67
CA GLY E 1019 19.42 -29.46 -0.40
C GLY E 1019 20.40 -28.47 -1.00
N GLY E 1020 19.96 -27.24 -1.24
CA GLY E 1020 20.81 -26.22 -1.81
C GLY E 1020 21.55 -25.47 -0.72
N TRP E 1021 22.03 -24.28 -1.08
CA TRP E 1021 22.77 -23.49 -0.10
C TRP E 1021 21.82 -22.84 0.91
N VAL E 1022 20.68 -22.34 0.45
CA VAL E 1022 19.72 -21.69 1.34
C VAL E 1022 19.20 -22.66 2.38
N GLU E 1023 18.84 -23.88 1.97
CA GLU E 1023 18.33 -24.83 2.96
C GLU E 1023 19.41 -25.25 3.94
N GLN E 1024 20.66 -25.35 3.48
CA GLN E 1024 21.73 -25.74 4.38
C GLN E 1024 22.02 -24.64 5.40
N GLU E 1025 21.88 -23.38 4.98
CA GLU E 1025 22.23 -22.25 5.84
C GLU E 1025 21.11 -21.59 6.64
N THR E 1026 19.97 -21.28 6.03
CA THR E 1026 18.93 -20.56 6.76
C THR E 1026 17.71 -21.37 7.19
N TYR E 1027 17.56 -22.62 6.78
CA TYR E 1027 16.38 -23.37 7.20
C TYR E 1027 16.57 -23.83 8.64
N TYR E 1028 15.84 -23.23 9.56
CA TYR E 1028 15.94 -23.60 10.98
C TYR E 1028 14.94 -24.68 11.34
N GLU F 24 8.34 37.25 9.78
CA GLU F 24 7.09 37.55 9.07
C GLU F 24 6.24 38.52 9.88
N GLY F 25 6.89 39.47 10.54
CA GLY F 25 6.21 40.46 11.34
C GLY F 25 6.27 40.13 12.82
N PRO F 26 6.07 41.15 13.66
CA PRO F 26 6.11 40.91 15.11
C PRO F 26 5.08 39.90 15.60
N ASP F 27 3.84 39.99 15.10
CA ASP F 27 2.75 39.11 15.52
C ASP F 27 2.75 37.79 14.73
N ASN F 28 3.87 37.07 14.83
CA ASN F 28 4.04 35.78 14.17
C ASN F 28 4.01 34.66 15.20
N ASP F 29 3.14 34.81 16.20
CA ASP F 29 3.03 33.85 17.28
C ASP F 29 2.59 32.46 16.83
N GLU F 30 1.91 32.36 15.68
CA GLU F 30 1.47 31.05 15.20
C GLU F 30 2.64 30.11 14.98
N ARG F 31 3.79 30.64 14.55
CA ARG F 31 4.99 29.83 14.32
C ARG F 31 5.47 29.11 15.57
N PHE F 32 4.91 29.42 16.75
CA PHE F 32 5.30 28.79 18.00
C PHE F 32 4.13 28.10 18.70
N THR F 33 3.08 27.74 17.97
CA THR F 33 1.91 27.08 18.54
C THR F 33 1.62 25.78 17.81
N TYR F 34 1.11 24.79 18.57
CA TYR F 34 0.75 23.49 18.03
C TYR F 34 -0.55 23.03 18.67
N ASP F 35 -1.43 22.46 17.85
CA ASP F 35 -2.74 21.99 18.32
C ASP F 35 -2.65 20.53 18.78
N TYR F 36 -2.06 20.35 19.97
CA TYR F 36 -1.93 19.02 20.53
C TYR F 36 -3.27 18.43 20.95
N TYR F 37 -4.24 19.30 21.28
CA TYR F 37 -5.56 18.84 21.70
C TYR F 37 -6.23 17.99 20.63
N ARG F 38 -6.34 18.54 19.41
CA ARG F 38 -6.97 17.80 18.32
C ARG F 38 -6.22 16.51 18.04
N LEU F 39 -4.89 16.55 18.11
CA LEU F 39 -4.09 15.36 17.88
C LEU F 39 -4.44 14.26 18.89
N ARG F 40 -4.54 14.63 20.16
CA ARG F 40 -4.88 13.63 21.18
C ARG F 40 -6.29 13.09 20.96
N VAL F 41 -7.23 13.95 20.59
CA VAL F 41 -8.60 13.48 20.36
C VAL F 41 -8.62 12.43 19.25
N VAL F 42 -7.98 12.74 18.11
CA VAL F 42 -7.97 11.79 17.01
C VAL F 42 -7.25 10.50 17.39
N GLY F 43 -6.11 10.62 18.08
CA GLY F 43 -5.38 9.42 18.49
C GLY F 43 -6.21 8.51 19.38
N LEU F 44 -7.01 9.11 20.26
CA LEU F 44 -7.86 8.30 21.13
C LEU F 44 -9.00 7.66 20.36
N ILE F 45 -9.60 8.38 19.41
CA ILE F 45 -10.67 7.79 18.60
C ILE F 45 -10.13 6.56 17.88
N VAL F 46 -8.95 6.69 17.29
CA VAL F 46 -8.35 5.57 16.55
C VAL F 46 -8.05 4.40 17.48
N ALA F 47 -7.47 4.69 18.65
CA ALA F 47 -7.15 3.62 19.59
C ALA F 47 -8.40 2.84 19.97
N ALA F 48 -9.48 3.55 20.29
CA ALA F 48 -10.73 2.89 20.66
C ALA F 48 -11.26 2.03 19.51
N VAL F 49 -11.18 2.54 18.28
CA VAL F 49 -11.68 1.79 17.13
C VAL F 49 -10.89 0.51 16.93
N LEU F 50 -9.55 0.61 16.93
CA LEU F 50 -8.73 -0.58 16.73
C LEU F 50 -8.99 -1.62 17.82
N CYS F 51 -9.11 -1.18 19.07
CA CYS F 51 -9.37 -2.11 20.16
C CYS F 51 -10.72 -2.81 19.97
N VAL F 52 -11.74 -2.06 19.53
CA VAL F 52 -13.05 -2.66 19.30
C VAL F 52 -12.95 -3.74 18.22
N ILE F 53 -12.31 -3.40 17.10
CA ILE F 53 -12.14 -4.37 16.02
C ILE F 53 -11.50 -5.64 16.57
N GLY F 54 -10.48 -5.47 17.42
CA GLY F 54 -9.82 -6.63 18.01
C GLY F 54 -10.77 -7.50 18.81
N ILE F 55 -11.55 -6.88 19.70
CA ILE F 55 -12.48 -7.67 20.53
C ILE F 55 -13.46 -8.42 19.65
N ILE F 56 -14.00 -7.74 18.63
CA ILE F 56 -14.98 -8.35 17.72
C ILE F 56 -14.39 -9.59 17.07
N ILE F 57 -13.15 -9.49 16.58
CA ILE F 57 -12.54 -10.62 15.90
C ILE F 57 -12.22 -11.75 16.88
N LEU F 58 -11.69 -11.40 18.05
CA LEU F 58 -11.31 -12.43 19.02
C LEU F 58 -12.49 -13.23 19.54
N LEU F 59 -13.64 -12.58 19.72
CA LEU F 59 -14.79 -13.27 20.30
C LEU F 59 -15.84 -13.73 19.30
N ALA F 60 -15.67 -13.48 18.00
CA ALA F 60 -16.71 -13.87 17.04
C ALA F 60 -17.08 -15.35 17.13
N GLY F 61 -18.29 -15.62 17.61
CA GLY F 61 -18.81 -16.96 17.76
C GLY F 61 -18.90 -17.46 19.19
N LYS F 62 -18.27 -16.76 20.15
CA LYS F 62 -18.19 -17.13 21.56
C LYS F 62 -17.14 -18.22 21.79
N CYS F 63 -16.22 -18.36 20.83
CA CYS F 63 -15.14 -19.32 20.86
C CYS F 63 -14.14 -18.95 19.77
C1 NAG G . 13.56 -43.43 -41.92
C2 NAG G . 14.85 -42.60 -42.04
C3 NAG G . 14.98 -42.02 -43.45
C4 NAG G . 14.95 -43.11 -44.51
C5 NAG G . 13.66 -43.93 -44.28
C6 NAG G . 13.50 -45.11 -45.21
C7 NAG G . 15.39 -41.75 -39.78
C8 NAG G . 15.34 -40.53 -38.89
N2 NAG G . 14.90 -41.58 -41.03
O3 NAG G . 16.14 -41.25 -43.50
O4 NAG G . 14.96 -42.40 -45.74
O5 NAG G . 13.58 -44.41 -42.94
O6 NAG G . 14.43 -46.09 -44.82
O7 NAG G . 15.85 -42.82 -39.39
C1 NAG G . 15.81 -42.99 -46.77
C2 NAG G . 15.20 -42.56 -48.11
C3 NAG G . 16.02 -43.06 -49.30
C4 NAG G . 17.47 -42.65 -49.18
C5 NAG G . 18.00 -43.02 -47.77
C6 NAG G . 19.40 -42.51 -47.54
C7 NAG G . 12.79 -42.11 -48.36
C8 NAG G . 11.43 -42.74 -48.41
N2 NAG G . 13.82 -42.96 -48.18
O3 NAG G . 15.41 -42.55 -50.46
O4 NAG G . 18.18 -43.31 -50.22
O5 NAG G . 17.14 -42.54 -46.73
O6 NAG G . 19.47 -41.16 -47.96
O7 NAG G . 12.94 -40.90 -48.47
C1 BMA G . 18.58 -42.34 -51.23
C2 BMA G . 19.94 -42.72 -51.83
C3 BMA G . 20.31 -41.75 -52.98
C4 BMA G . 19.19 -41.80 -54.04
C5 BMA G . 17.85 -41.47 -53.38
C6 BMA G . 16.68 -41.38 -54.36
O2 BMA G . 19.89 -44.06 -52.25
O3 BMA G . 21.57 -42.10 -53.49
O4 BMA G . 19.54 -40.91 -55.08
O5 BMA G . 17.59 -42.29 -52.25
O6 BMA G . 15.50 -41.30 -53.59
C1 MAN G . 22.60 -42.09 -52.48
C2 MAN G . 23.78 -41.20 -52.91
C3 MAN G . 24.56 -41.82 -54.07
C4 MAN G . 24.90 -43.28 -53.79
C5 MAN G . 23.62 -44.02 -53.42
C6 MAN G . 23.88 -45.48 -53.08
O2 MAN G . 24.61 -41.04 -51.77
O3 MAN G . 25.71 -41.04 -54.27
O4 MAN G . 25.51 -43.79 -54.96
O5 MAN G . 23.04 -43.41 -52.29
O6 MAN G . 22.65 -46.14 -52.93
C1 MAN G . 14.38 -41.33 -54.50
C2 MAN G . 14.15 -39.91 -55.02
C3 MAN G . 13.73 -39.00 -53.87
C4 MAN G . 12.50 -39.57 -53.18
C5 MAN G . 12.82 -41.01 -52.73
C6 MAN G . 11.62 -41.70 -52.12
O2 MAN G . 13.15 -39.98 -56.00
O3 MAN G . 13.49 -37.72 -54.39
O4 MAN G . 12.18 -38.74 -52.09
O5 MAN G . 13.23 -41.78 -53.85
O6 MAN G . 12.02 -42.94 -51.58
C1 FUC G . 14.57 -47.10 -45.83
C2 FUC G . 15.96 -47.70 -45.77
C3 FUC G . 16.16 -48.41 -44.43
C4 FUC G . 15.04 -49.43 -44.20
C5 FUC G . 13.68 -48.74 -44.36
C6 FUC G . 12.56 -49.74 -44.27
O2 FUC G . 16.89 -46.67 -46.00
O3 FUC G . 17.45 -48.97 -44.44
O4 FUC G . 15.25 -50.47 -45.13
O5 FUC G . 13.63 -48.11 -45.64
C1 NAG H . -2.82 -52.80 -50.21
C2 NAG H . -3.48 -52.63 -51.59
C3 NAG H . -3.12 -53.80 -52.52
C4 NAG H . -1.61 -54.07 -52.55
C5 NAG H . -1.10 -54.28 -51.10
C6 NAG H . 0.41 -54.36 -50.96
C7 NAG H . -5.62 -51.40 -51.54
C8 NAG H . -7.11 -51.54 -51.36
N2 NAG H . -4.92 -52.55 -51.46
O3 NAG H . -3.61 -53.49 -53.79
O4 NAG H . -1.41 -55.06 -53.55
O5 NAG H . -1.45 -53.11 -50.36
O6 NAG H . 0.75 -54.50 -49.60
O7 NAG H . -5.10 -50.31 -51.74
C1 NAG H . -1.03 -56.40 -53.14
C2 NAG H . -1.97 -57.45 -53.77
C3 NAG H . -1.46 -58.88 -53.53
C4 NAG H . -0.08 -59.12 -54.08
C5 NAG H . 0.80 -58.06 -53.44
C6 NAG H . 2.20 -58.03 -54.02
C7 NAG H . -4.12 -57.77 -52.44
C8 NAG H . -5.55 -57.30 -52.41
N2 NAG H . -3.36 -57.22 -53.42
O3 NAG H . -2.44 -59.72 -54.05
O4 NAG H . 0.20 -60.48 -53.67
O5 NAG H . 0.30 -56.71 -53.54
O6 NAG H . 2.26 -57.10 -55.07
O7 NAG H . -3.73 -58.60 -51.62
C1 BMA H . 0.54 -61.44 -54.80
C2 BMA H . -0.46 -62.54 -54.71
C3 BMA H . -0.23 -63.58 -55.82
C4 BMA H . -0.21 -62.92 -57.22
C5 BMA H . 0.70 -61.66 -57.15
C6 BMA H . 0.81 -60.92 -58.49
O2 BMA H . -1.77 -61.99 -54.70
O3 BMA H . -1.02 -64.76 -55.70
O4 BMA H . 0.19 -63.89 -58.18
O5 BMA H . 0.50 -60.82 -56.03
O6 BMA H . 2.04 -61.23 -59.12
C1 MAN H . -2.45 -64.63 -55.99
C2 MAN H . -3.18 -65.31 -54.80
C3 MAN H . -3.07 -66.83 -54.89
C4 MAN H . -3.41 -67.36 -56.29
C5 MAN H . -2.58 -66.62 -57.34
C6 MAN H . -2.99 -67.01 -58.73
O2 MAN H . -4.50 -64.79 -54.55
O3 MAN H . -3.89 -67.40 -53.88
O4 MAN H . -3.16 -68.75 -56.29
O5 MAN H . -2.79 -65.23 -57.22
O6 MAN H . -2.17 -66.31 -59.66
C1 NAG H . -5.43 -64.65 -55.66
C2 NAG H . -6.87 -64.77 -55.14
C3 NAG H . -7.88 -64.46 -56.25
C4 NAG H . -7.57 -63.12 -56.90
C5 NAG H . -6.11 -63.14 -57.39
C6 NAG H . -5.70 -61.83 -58.02
C7 NAG H . -7.52 -66.26 -53.28
C8 NAG H . -7.69 -65.02 -52.43
N2 NAG H . -7.13 -66.06 -54.55
O3 NAG H . -9.16 -64.48 -55.69
O4 NAG H . -8.48 -62.93 -57.96
O5 NAG H . -5.26 -63.40 -56.29
O6 NAG H . -6.84 -61.14 -58.47
O7 NAG H . -7.73 -67.38 -52.82
C1 MAN H . 1.79 -62.05 -60.29
C2 MAN H . 2.93 -63.08 -60.39
C3 MAN H . 4.25 -62.40 -60.76
C4 MAN H . 4.08 -61.56 -62.01
C5 MAN H . 2.93 -60.57 -61.81
C6 MAN H . 2.65 -59.77 -63.07
O2 MAN H . 2.54 -64.01 -61.37
O3 MAN H . 5.21 -63.42 -60.93
O4 MAN H . 5.31 -60.89 -62.23
O5 MAN H . 1.74 -61.27 -61.47
O6 MAN H . 1.26 -59.74 -63.29
C1 NAG I . -22.55 -53.54 -27.17
C2 NAG I . -21.95 -54.94 -26.97
C3 NAG I . -22.38 -55.85 -28.13
C4 NAG I . -23.90 -55.91 -28.29
C5 NAG I . -24.41 -54.46 -28.43
C6 NAG I . -25.91 -54.29 -28.39
C7 NAG I . -19.83 -55.09 -25.70
C8 NAG I . -18.34 -54.99 -25.82
N2 NAG I . -20.52 -54.89 -26.86
O3 NAG I . -21.81 -57.11 -27.93
O4 NAG I . -24.09 -56.72 -29.44
O5 NAG I . -23.93 -53.67 -27.35
O6 NAG I . -26.36 -54.70 -27.10
O7 NAG I . -20.37 -55.31 -24.63
C1 NAG I . -25.34 -57.45 -29.44
C2 NAG I . -25.88 -57.43 -30.87
C3 NAG I . -27.18 -58.21 -31.00
C4 NAG I . -26.99 -59.63 -30.48
C5 NAG I . -26.38 -59.58 -29.07
C6 NAG I . -26.05 -60.96 -28.54
C7 NAG I . -25.47 -55.57 -32.44
C8 NAG I . -25.77 -54.12 -32.73
N2 NAG I . -26.04 -56.07 -31.32
O3 NAG I . -27.53 -58.19 -32.36
O4 NAG I . -28.27 -60.24 -30.50
O5 NAG I . -25.19 -58.80 -29.05
O6 NAG I . -25.19 -61.60 -29.45
O7 NAG I . -24.77 -56.24 -33.19
C1 BMA I . -28.22 -61.29 -31.50
C2 BMA I . -28.64 -62.63 -30.89
C3 BMA I . -28.66 -63.73 -31.99
C4 BMA I . -29.65 -63.28 -33.08
C5 BMA I . -29.23 -61.91 -33.61
C6 BMA I . -30.06 -61.40 -34.80
O2 BMA I . -29.88 -62.47 -30.25
O3 BMA I . -28.98 -64.96 -31.38
O4 BMA I . -29.65 -64.28 -34.08
O5 BMA I . -29.09 -60.95 -32.56
O6 BMA I . -29.71 -60.04 -34.96
C1 MAN I . -28.05 -65.28 -30.31
C2 MAN I . -27.49 -66.69 -30.51
C3 MAN I . -28.56 -67.76 -30.28
C4 MAN I . -29.30 -67.53 -28.97
C5 MAN I . -29.84 -66.09 -28.96
C6 MAN I . -30.54 -65.75 -27.66
O2 MAN I . -26.44 -66.83 -29.60
O3 MAN I . -27.92 -69.01 -30.29
O4 MAN I . -30.35 -68.48 -28.91
O5 MAN I . -28.74 -65.20 -29.09
O6 MAN I . -31.16 -64.50 -27.78
C1 FUC I . -27.79 -54.75 -27.08
C2 FUC I . -28.30 -55.44 -25.81
C3 FUC I . -27.99 -54.58 -24.59
C4 FUC I . -28.55 -53.16 -24.79
C5 FUC I . -28.01 -52.60 -26.10
C6 FUC I . -28.58 -51.23 -26.41
O2 FUC I . -27.72 -56.72 -25.76
O3 FUC I . -28.52 -55.25 -23.47
O4 FUC I . -29.94 -53.28 -24.75
O5 FUC I . -28.35 -53.47 -27.17
C1 NAG J . -16.66 -47.37 -57.32
C2 NAG J . -17.58 -48.54 -56.96
C3 NAG J . -18.09 -49.19 -58.25
C4 NAG J . -18.69 -48.18 -59.22
C5 NAG J . -17.80 -46.92 -59.33
C6 NAG J . -18.46 -45.76 -60.06
C7 NAG J . -16.77 -49.40 -54.79
C8 NAG J . -15.97 -50.48 -54.11
N2 NAG J . -16.87 -49.49 -56.13
O3 NAG J . -19.00 -50.19 -57.89
O4 NAG J . -18.77 -48.91 -60.44
O5 NAG J . -17.43 -46.45 -58.04
O6 NAG J . -17.51 -44.74 -60.30
O7 NAG J . -17.29 -48.48 -54.14
C1 NAG J . -19.92 -48.58 -61.23
C2 NAG J . -19.53 -48.77 -62.69
C3 NAG J . -20.71 -48.51 -63.62
C4 NAG J . -21.90 -49.36 -63.20
C5 NAG J . -22.19 -49.15 -61.70
C6 NAG J . -23.32 -50.04 -61.22
C7 NAG J . -17.11 -48.37 -62.93
C8 NAG J . -16.07 -47.34 -63.33
N2 NAG J . -18.38 -47.95 -63.03
O3 NAG J . -20.30 -48.81 -64.93
O4 NAG J . -22.98 -48.97 -64.00
O5 NAG J . -21.02 -49.41 -60.93
O6 NAG J . -23.77 -49.60 -59.96
O7 NAG J . -16.79 -49.48 -62.54
C1 NAG K . 39.89 39.40 26.01
C2 NAG K . 40.92 38.40 25.45
C3 NAG K . 41.70 37.75 26.59
C4 NAG K . 42.39 38.79 27.45
C5 NAG K . 41.32 39.79 27.91
C6 NAG K . 41.85 40.95 28.73
C7 NAG K . 40.04 37.56 23.29
C8 NAG K . 39.34 36.40 22.62
N2 NAG K . 40.27 37.41 24.61
O3 NAG K . 42.59 36.82 26.04
O4 NAG K . 42.98 38.04 28.51
O5 NAG K . 40.59 40.33 26.80
O6 NAG K . 42.55 41.80 27.85
O7 NAG K . 40.34 38.57 22.66
C1 NAG K . 44.31 38.46 28.89
C2 NAG K . 44.47 38.07 30.36
C3 NAG K . 45.86 38.42 30.90
C4 NAG K . 46.95 37.80 30.03
C5 NAG K . 46.68 38.16 28.56
C6 NAG K . 47.66 37.47 27.62
C7 NAG K . 42.54 37.96 31.89
C8 NAG K . 41.52 38.78 32.64
N2 NAG K . 43.43 38.66 31.15
O3 NAG K . 45.92 37.96 32.23
O4 NAG K . 48.19 38.32 30.51
O5 NAG K . 45.34 37.83 28.16
O6 NAG K . 47.75 36.11 28.00
O7 NAG K . 42.56 36.73 31.96
C1 BMA K . 48.94 37.26 31.18
C2 BMA K . 50.45 37.43 30.94
C3 BMA K . 51.24 36.37 31.75
C4 BMA K . 50.88 36.55 33.23
C5 BMA K . 49.37 36.42 33.43
C6 BMA K . 48.91 36.45 34.89
O2 BMA K . 50.81 38.75 31.26
O3 BMA K . 52.61 36.52 31.48
O4 BMA K . 51.61 35.57 33.96
O5 BMA K . 48.65 37.31 32.57
O6 BMA K . 47.50 36.58 34.87
C1 MAN K . 52.91 36.41 30.07
C2 MAN K . 54.00 35.35 29.84
C3 MAN K . 55.36 35.81 30.38
C4 MAN K . 55.70 37.22 29.90
C5 MAN K . 54.53 38.15 30.24
C6 MAN K . 54.76 39.55 29.74
O2 MAN K . 54.06 35.12 28.45
O3 MAN K . 56.32 34.87 29.95
O4 MAN K . 56.90 37.60 30.53
O5 MAN K . 53.36 37.66 29.61
O6 MAN K . 53.76 40.39 30.26
C1 MAN K . 47.07 36.73 36.24
C2 MAN K . 46.96 35.33 36.86
C3 MAN K . 45.86 34.54 36.16
C4 MAN K . 44.55 35.31 36.22
C5 MAN K . 44.77 36.70 35.60
C6 MAN K . 43.54 37.57 35.71
O2 MAN K . 46.67 35.51 38.22
O3 MAN K . 45.77 33.28 36.79
O4 MAN K . 43.58 34.57 35.50
O5 MAN K . 45.82 37.36 36.28
O6 MAN K . 43.76 38.76 34.98
C1 FUC K . 43.34 42.75 28.58
C2 FUC K . 44.56 43.15 27.76
C3 FUC K . 44.09 43.87 26.50
C4 FUC K . 43.19 45.05 26.87
C5 FUC K . 42.06 44.55 27.77
C6 FUC K . 41.21 45.70 28.25
O2 FUC K . 45.31 41.99 27.50
O3 FUC K . 45.24 44.24 25.78
O4 FUC K . 44.00 46.01 27.49
O5 FUC K . 42.60 43.89 28.89
C1 NAG L . 32.04 50.64 41.39
C2 NAG L . 32.21 50.52 42.92
C3 NAG L . 33.18 51.59 43.45
C4 NAG L . 34.49 51.64 42.66
C5 NAG L . 34.16 51.82 41.15
C6 NAG L . 35.35 51.71 40.22
C7 NAG L . 30.25 49.59 44.08
C8 NAG L . 28.94 49.96 44.74
N2 NAG L . 30.95 50.64 43.59
O3 NAG L . 33.43 51.30 44.81
O4 NAG L . 35.34 52.57 43.35
O5 NAG L . 33.31 50.75 40.78
O6 NAG L . 34.93 51.85 38.89
O7 NAG L . 30.63 48.44 44.01
C1 NAG L . 35.61 53.86 42.74
C2 NAG L . 35.32 54.99 43.73
C3 NAG L . 35.80 56.34 43.19
C4 NAG L . 37.29 56.37 42.91
C5 NAG L . 37.53 55.22 41.93
C6 NAG L . 38.99 54.97 41.67
C7 NAG L . 32.86 55.66 43.75
C8 NAG L . 31.59 55.39 44.52
N2 NAG L . 33.94 54.97 44.18
O3 NAG L . 35.38 57.29 44.12
O4 NAG L . 37.47 57.70 42.35
O5 NAG L . 36.98 53.96 42.35
O6 NAG L . 39.48 54.00 42.56
O7 NAG L . 32.85 56.46 42.81
C1 BMA L . 38.51 58.55 43.07
C2 BMA L . 37.78 59.78 43.48
C3 BMA L . 38.71 60.74 44.25
C4 BMA L . 39.40 60.02 45.45
C5 BMA L . 39.93 58.66 44.95
C6 BMA L . 40.65 57.86 46.05
O2 BMA L . 36.61 59.42 44.20
O3 BMA L . 38.15 62.02 44.52
O4 BMA L . 40.38 60.89 45.99
O5 BMA L . 39.05 57.90 44.15
O6 BMA L . 42.06 57.96 45.91
C1 MAN L . 37.11 62.08 45.53
C2 MAN L . 35.95 62.89 44.91
C3 MAN L . 36.30 64.40 44.87
C4 MAN L . 36.85 64.91 46.20
C5 MAN L . 38.00 64.01 46.65
C6 MAN L . 38.47 64.40 48.04
O2 MAN L . 34.66 62.58 45.43
O3 MAN L . 35.16 65.10 44.43
O4 MAN L . 37.25 66.24 46.00
O5 MAN L . 37.57 62.66 46.74
O6 MAN L . 39.55 63.56 48.40
C1 NAG L . 34.46 62.53 46.87
C2 NAG L . 33.00 62.85 47.21
C3 NAG L . 32.71 62.66 48.70
C4 NAG L . 33.14 61.26 49.13
C5 NAG L . 34.61 61.06 48.77
C6 NAG L . 35.12 59.69 49.13
C7 NAG L . 31.66 64.51 45.92
C8 NAG L . 30.89 63.34 45.34
N2 NAG L . 32.64 64.19 46.79
O3 NAG L . 31.34 62.88 48.92
O4 NAG L . 32.93 61.17 50.52
O5 NAG L . 34.76 61.24 47.36
O6 NAG L . 34.33 59.14 50.16
O7 NAG L . 31.39 65.66 45.60
C1 MAN L . 42.59 58.77 46.99
C2 MAN L . 43.74 59.63 46.42
C3 MAN L . 44.93 58.75 46.05
C4 MAN L . 45.36 57.89 47.22
C5 MAN L . 44.15 57.08 47.71
C6 MAN L . 44.48 56.30 48.96
O2 MAN L . 44.08 60.57 47.41
O3 MAN L . 45.97 59.62 45.63
O4 MAN L . 46.41 57.06 46.78
O5 MAN L . 43.08 57.95 48.04
O6 MAN L . 43.45 56.44 49.90
C1 NAG M . 3.34 55.02 32.61
C2 NAG M . 3.93 56.32 32.06
C3 NAG M . 4.32 57.24 33.22
C4 NAG M . 3.15 57.51 34.17
C5 NAG M . 2.60 56.13 34.62
C6 NAG M . 1.30 56.18 35.41
C7 NAG M . 5.02 56.22 29.84
C8 NAG M . 6.32 55.91 29.14
N2 NAG M . 5.05 56.09 31.18
O3 NAG M . 4.86 58.42 32.69
O4 NAG M . 3.72 58.29 35.21
O5 NAG M . 2.30 55.33 33.49
O6 NAG M . 0.30 56.70 34.56
O7 NAG M . 4.02 56.56 29.22
C1 NAG M . 2.78 59.19 35.85
C2 NAG M . 3.10 59.18 37.34
C3 NAG M . 2.20 60.13 38.12
C4 NAG M . 2.26 61.53 37.51
C5 NAG M . 2.01 61.46 36.00
C6 NAG M . 2.20 62.80 35.32
C7 NAG M . 4.04 57.24 38.53
C8 NAG M . 3.74 55.83 38.99
N2 NAG M . 3.03 57.84 37.87
O3 NAG M . 2.65 60.12 39.46
O4 NAG M . 1.30 62.32 38.20
O5 NAG M . 2.89 60.52 35.38
O6 NAG M . 3.49 63.28 35.59
O7 NAG M . 5.11 57.77 38.74
C1 BMA M . 2.03 63.31 38.96
C2 BMA M . 1.54 64.72 38.61
C3 BMA M . 2.27 65.76 39.51
C4 BMA M . 1.98 65.42 40.98
C5 BMA M . 2.42 63.98 41.26
C6 BMA M . 2.30 63.55 42.73
O2 BMA M . 0.14 64.76 38.76
O3 BMA M . 1.84 67.05 39.12
O4 BMA M . 2.65 66.37 41.78
O5 BMA M . 1.84 63.05 40.35
O6 BMA M . 2.48 62.14 42.73
C1 MAN M . 2.08 67.27 37.70
C2 MAN M . 2.85 68.58 37.50
C3 MAN M . 1.99 69.81 37.85
C4 MAN M . 0.63 69.73 37.15
C5 MAN M . -0.02 68.38 37.49
C6 MAN M . -1.35 68.20 36.79
O2 MAN M . 3.25 68.62 36.16
O3 MAN M . 2.70 70.95 37.45
O4 MAN M . -0.14 70.81 37.62
O5 MAN M . 0.84 67.34 37.05
O6 MAN M . -1.96 67.03 37.28
C1 FUC M . -0.90 56.95 35.30
C2 FUC M . -1.90 57.75 34.47
C3 FUC M . -2.43 56.90 33.32
C4 FUC M . -2.98 55.57 33.85
C5 FUC M . -1.90 54.89 34.69
C6 FUC M . -2.40 53.60 35.32
O2 FUC M . -1.28 58.94 34.06
O3 FUC M . -3.38 57.68 32.63
O4 FUC M . -4.15 55.88 34.57
O5 FUC M . -1.49 55.76 35.74
C1 NAG N . 23.63 46.94 55.07
C2 NAG N . 22.84 48.23 55.20
C3 NAG N . 23.20 48.90 56.53
C4 NAG N . 23.08 47.94 57.73
C5 NAG N . 23.70 46.57 57.40
C6 NAG N . 23.40 45.48 58.42
C7 NAG N . 22.45 49.05 52.91
C8 NAG N . 22.90 50.04 51.86
N2 NAG N . 23.11 49.10 54.08
O3 NAG N . 22.38 50.03 56.68
O4 NAG N . 23.77 48.64 58.76
O5 NAG N . 23.26 46.10 56.13
O6 NAG N . 24.16 44.34 58.15
O7 NAG N . 21.55 48.25 52.68
C1 NAG N . 23.19 48.43 60.07
C2 NAG N . 24.34 48.51 61.08
C3 NAG N . 23.82 48.39 62.50
C4 NAG N . 22.72 49.41 62.75
C5 NAG N . 21.64 49.30 61.65
C6 NAG N . 20.57 50.36 61.82
C7 NAG N . 26.42 47.76 59.98
C8 NAG N . 27.35 46.59 59.81
N2 NAG N . 25.35 47.53 60.77
O3 NAG N . 24.92 48.57 63.37
O4 NAG N . 22.20 49.14 64.03
O5 NAG N . 22.24 49.42 60.37
O6 NAG N . 19.46 50.03 61.03
O7 NAG N . 26.64 48.84 59.45
C1 CLR O . 19.09 -14.87 -11.62
C2 CLR O . 19.41 -16.35 -11.83
C3 CLR O . 20.36 -16.58 -13.01
C4 CLR O . 21.64 -15.75 -12.77
C5 CLR O . 21.41 -14.28 -12.45
C6 CLR O . 22.13 -13.33 -13.12
C7 CLR O . 21.92 -11.82 -12.87
C8 CLR O . 21.15 -11.57 -11.56
C9 CLR O . 19.91 -12.51 -11.48
C10 CLR O . 20.34 -13.99 -11.37
C11 CLR O . 18.90 -12.07 -10.39
C12 CLR O . 18.50 -10.59 -10.48
C13 CLR O . 19.78 -9.71 -10.37
C14 CLR O . 20.68 -10.12 -11.58
C15 CLR O . 21.78 -9.02 -11.70
C16 CLR O . 21.04 -7.72 -11.13
C17 CLR O . 19.58 -8.20 -10.72
C18 CLR O . 20.54 -9.88 -9.03
C19 CLR O . 20.92 -14.27 -9.95
C20 CLR O . 19.05 -7.32 -9.59
C21 CLR O . 17.59 -7.55 -9.19
C22 CLR O . 19.16 -5.87 -10.17
C23 CLR O . 19.18 -4.80 -9.09
C24 CLR O . 18.98 -3.46 -9.85
C25 CLR O . 18.95 -2.32 -8.84
C26 CLR O . 17.70 -2.23 -7.97
C27 CLR O . 19.40 -1.03 -9.54
O1 CLR O . 20.65 -17.96 -13.27
C1 CLR P . 20.33 13.67 -26.05
C2 CLR P . 20.95 14.99 -25.58
C3 CLR P . 20.04 16.20 -25.84
C4 CLR P . 18.67 15.93 -25.15
C5 CLR P . 18.03 14.59 -25.50
C6 CLR P . 16.73 14.55 -25.86
C7 CLR P . 16.01 13.24 -26.24
C8 CLR P . 16.83 12.00 -25.78
C9 CLR P . 18.32 12.18 -26.16
C10 CLR P . 18.96 13.35 -25.39
C11 CLR P . 19.12 10.87 -26.04
C12 CLR P . 18.47 9.68 -26.78
C13 CLR P . 17.04 9.46 -26.21
C14 CLR P . 16.26 10.79 -26.50
C15 CLR P . 14.75 10.48 -26.29
C16 CLR P . 14.65 8.93 -26.66
C17 CLR P . 16.14 8.48 -27.04
C18 CLR P . 17.00 9.11 -24.72
C19 CLR P . 19.17 12.96 -23.89
C20 CLR P . 16.31 7.00 -26.76
C21 CLR P . 17.72 6.41 -26.98
C22 CLR P . 15.34 6.31 -27.78
C23 CLR P . 15.34 4.78 -27.63
C24 CLR P . 14.28 4.30 -28.70
C25 CLR P . 14.01 2.82 -28.47
C26 CLR P . 15.07 1.85 -29.00
C27 CLR P . 12.56 2.54 -28.89
O1 CLR P . 20.60 17.45 -25.45
C1 CLR Q . -10.41 -8.64 -8.35
C2 CLR Q . -10.99 -9.96 -8.86
C3 CLR Q . -12.33 -9.76 -9.62
C4 CLR Q . -12.10 -8.75 -10.76
C5 CLR Q . -11.42 -7.44 -10.33
C6 CLR Q . -11.97 -6.26 -10.75
C7 CLR Q . -11.36 -4.91 -10.35
C8 CLR Q . -9.92 -5.06 -9.80
C9 CLR Q . -9.86 -6.23 -8.78
C10 CLR Q . -10.16 -7.60 -9.46
C11 CLR Q . -8.56 -6.24 -7.94
C12 CLR Q . -8.25 -4.87 -7.30
C13 CLR Q . -8.14 -3.80 -8.40
C14 CLR Q . -9.55 -3.77 -9.09
C15 CLR Q . -9.60 -2.46 -9.95
C16 CLR Q . -8.65 -1.48 -9.14
C17 CLR Q . -8.11 -2.31 -7.89
C18 CLR Q . -7.03 -4.04 -9.43
C19 CLR Q . -8.95 -8.03 -10.33
C20 CLR Q . -6.75 -1.77 -7.46
C21 CLR Q . -6.01 -2.59 -6.38
C22 CLR Q . -7.08 -0.35 -6.87
C23 CLR Q . -5.82 0.42 -6.49
C24 CLR Q . -6.37 1.70 -5.77
C25 CLR Q . -5.20 2.67 -5.55
C26 CLR Q . -5.52 3.92 -4.73
C27 CLR Q . -4.52 2.91 -6.90
O1 CLR Q . -12.93 -10.97 -10.07
C1 CLR R . 4.21 -13.99 -9.57
C2 CLR R . 3.37 -15.00 -10.38
C3 CLR R . 1.86 -14.72 -10.26
C4 CLR R . 1.59 -13.27 -10.69
C5 CLR R . 2.46 -12.22 -10.00
C6 CLR R . 1.86 -11.11 -9.47
C7 CLR R . 2.66 -10.03 -8.74
C8 CLR R . 4.18 -10.14 -9.02
C9 CLR R . 4.64 -11.63 -8.90
C10 CLR R . 3.97 -12.52 -9.98
C11 CLR R . 6.17 -11.77 -8.84
C12 CLR R . 6.82 -10.88 -7.78
C13 CLR R . 6.47 -9.39 -8.08
C14 CLR R . 4.92 -9.30 -7.99
C15 CLR R . 4.56 -7.78 -7.93
C16 CLR R . 5.83 -7.16 -7.21
C17 CLR R . 6.81 -8.38 -6.93
C18 CLR R . 7.00 -8.88 -9.43
C19 CLR R . 4.60 -12.24 -11.37
C20 CLR R . 8.25 -7.88 -6.87
C21 CLR R . 9.34 -8.93 -6.54
C22 CLR R . 8.23 -6.82 -5.71
C23 CLR R . 9.16 -5.64 -5.97
C24 CLR R . 9.00 -4.74 -4.69
C25 CLR R . 9.90 -3.52 -4.83
C26 CLR R . 11.40 -3.81 -4.76
C27 CLR R . 9.38 -2.41 -3.93
O1 CLR R . 1.04 -15.66 -10.95
C1 PCW S . -3.64 18.23 1.36
C2 PCW S . -4.17 16.91 0.82
C3 PCW S . -3.33 15.73 1.35
C4 PCW S . -3.98 22.56 1.05
C5 PCW S . -3.80 22.95 -0.42
C6 PCW S . -3.50 24.71 -2.03
C7 PCW S . -4.77 25.12 -0.03
C8 PCW S . -2.39 24.82 0.10
C11 PCW S . -2.84 13.85 0.09
C12 PCW S . -2.05 13.19 -1.05
C13 PCW S . -2.71 11.90 -1.54
C14 PCW S . -1.92 11.40 -2.75
C15 PCW S . -2.43 10.06 -3.28
C16 PCW S . -1.29 9.37 -4.03
C17 PCW S . -1.83 8.27 -4.93
C18 PCW S . -0.82 7.95 -6.05
C19 PCW S . 0.39 7.24 -5.47
C20 PCW S . 0.85 5.98 -6.22
C21 PCW S . 0.03 5.61 -7.45
C22 PCW S . -0.26 4.10 -7.41
C23 PCW S . 0.92 3.34 -6.82
C24 PCW S . 0.61 1.85 -6.84
C25 PCW S . 1.06 1.17 -5.55
C26 PCW S . 0.06 0.03 -5.32
C27 PCW S . 0.47 -0.91 -4.20
C28 PCW S . -0.51 -2.06 -3.93
C31 PCW S . -6.36 16.65 0.14
C32 PCW S . -7.86 16.54 0.44
C33 PCW S . -8.26 15.07 0.59
C34 PCW S . -8.11 14.35 -0.75
C35 PCW S . -8.18 12.83 -0.53
C36 PCW S . -7.82 12.11 -1.84
C37 PCW S . -8.13 10.62 -1.71
C38 PCW S . -8.15 9.97 -3.09
C39 PCW S . -6.72 9.63 -3.53
C40 PCW S . -6.58 8.71 -4.75
C41 PCW S . -7.89 8.25 -5.41
C42 PCW S . -7.73 6.82 -5.94
C43 PCW S . -7.49 6.85 -7.45
C44 PCW S . -7.34 5.42 -7.96
C45 PCW S . -8.68 4.94 -8.53
C46 PCW S . -8.66 3.41 -8.67
C47 PCW S . -9.41 2.80 -7.49
C48 PCW S . -9.98 1.44 -7.88
N PCW S . -3.62 24.40 -0.59
O2 PCW S . -5.54 16.72 1.23
O3 PCW S . -2.56 15.17 0.29
O11 PCW S . -3.64 13.20 0.77
O31 PCW S . -5.96 16.68 -1.02
O1P PCW S . -3.25 20.58 3.39
O2P PCW S . -5.76 20.96 3.07
O3P PCW S . -4.67 18.91 2.11
O4P PCW S . -4.20 21.15 1.14
P PCW S . -4.47 20.44 2.56
C1 PCW T . 7.93 18.04 2.24
C2 PCW T . 7.39 16.73 1.66
C3 PCW T . 8.49 15.98 0.92
C4 PCW T . 6.32 22.82 2.24
C5 PCW T . 4.87 23.32 2.21
C6 PCW T . 3.39 25.18 2.58
C7 PCW T . 5.44 25.03 3.81
C8 PCW T . 5.48 25.52 1.46
C11 PCW T . 8.80 13.84 0.05
C12 PCW T . 8.20 12.60 -0.61
C13 PCW T . 9.26 11.50 -0.70
C14 PCW T . 8.69 10.32 -1.48
C15 PCW T . 7.97 9.36 -0.52
C16 PCW T . 7.02 8.45 -1.31
C17 PCW T . 6.56 7.30 -0.42
C18 PCW T . 5.15 6.88 -0.83
C19 PCW T . 5.22 5.76 -1.86
C20 PCW T . 3.87 5.17 -2.31
C21 PCW T . 2.62 5.78 -1.67
C22 PCW T . 1.66 4.67 -1.24
C23 PCW T . 0.80 4.20 -2.43
C24 PCW T . -0.19 3.14 -1.92
C25 PCW T . -1.09 2.62 -3.04
C26 PCW T . -2.05 1.56 -2.47
C27 PCW T . -2.73 0.78 -3.61
C28 PCW T . -3.53 -0.40 -3.05
C31 PCW T . 5.59 15.87 2.83
C32 PCW T . 5.03 14.93 3.91
C33 PCW T . 4.34 13.71 3.28
C34 PCW T . 4.80 12.44 3.99
C35 PCW T . 4.25 11.19 3.28
C36 PCW T . 5.02 9.97 3.78
C37 PCW T . 4.62 8.71 3.01
C38 PCW T . 5.64 7.60 3.27
C39 PCW T . 5.03 6.55 4.21
C40 PCW T . 5.02 5.13 3.66
C41 PCW T . 5.62 5.00 2.26
C42 PCW T . 5.60 3.53 1.82
C43 PCW T . 6.96 2.86 2.09
C44 PCW T . 6.99 1.46 1.44
C45 PCW T . 5.55 1.05 1.18
C46 PCW T . 5.38 -0.23 0.38
C47 PCW T . 3.87 -0.46 0.47
C48 PCW T . 3.33 -1.87 0.29
N PCW T . 4.79 24.76 2.51
O2 PCW T . 6.95 15.88 2.73
O3 PCW T . 7.90 14.81 0.33
O11 PCW T . 10.00 13.88 0.30
O31 PCW T . 4.84 16.55 2.14
O1P PCW T . 8.70 21.33 1.01
O2P PCW T . 8.23 20.61 3.43
O3P PCW T . 7.47 19.17 1.48
O4P PCW T . 6.39 21.42 1.97
P PCW T . 7.82 20.68 2.00
C1 PCW U . -23.13 -13.93 -29.53
C2 PCW U . -22.88 -12.55 -28.92
C3 PCW U . -22.74 -11.49 -30.00
C4 PCW U . -21.36 -18.41 -28.17
C5 PCW U . -20.87 -18.76 -26.76
C6 PCW U . -19.41 -20.41 -25.82
C7 PCW U . -21.78 -20.71 -25.69
C8 PCW U . -20.65 -20.97 -27.79
C11 PCW U . -22.58 -9.15 -30.17
C12 PCW U . -22.64 -7.80 -29.46
C13 PCW U . -21.63 -7.76 -28.30
C14 PCW U . -21.39 -6.32 -27.86
C15 PCW U . -21.27 -5.42 -29.08
C16 PCW U . -19.97 -4.61 -29.01
C17 PCW U . -20.23 -3.23 -29.60
C18 PCW U . -18.98 -2.34 -29.53
C19 PCW U . -19.45 -0.92 -29.83
C20 PCW U . -18.47 0.23 -29.56
C21 PCW U . -17.09 -0.14 -29.01
C22 PCW U . -16.40 1.17 -28.63
C23 PCW U . -15.54 0.98 -27.38
C24 PCW U . -15.39 2.34 -26.71
C25 PCW U . -14.50 2.22 -25.46
C26 PCW U . -14.20 3.62 -24.91
C27 PCW U . -15.37 4.58 -25.17
C28 PCW U . -15.83 5.24 -23.87
C31 PCW U . -23.92 -12.68 -26.82
C32 PCW U . -24.99 -12.13 -25.87
C33 PCW U . -24.36 -11.11 -24.91
C34 PCW U . -24.83 -9.69 -25.23
C35 PCW U . -23.87 -8.69 -24.58
C36 PCW U . -24.65 -7.58 -23.87
C37 PCW U . -23.67 -6.49 -23.42
C38 PCW U . -24.16 -5.11 -23.86
C39 PCW U . -23.08 -4.47 -24.75
C40 PCW U . -22.89 -2.95 -24.62
C41 PCW U . -23.79 -2.23 -23.63
C42 PCW U . -22.95 -1.52 -22.57
C43 PCW U . -23.03 0.01 -22.76
C44 PCW U . -22.43 0.72 -21.53
C45 PCW U . -23.55 1.38 -20.72
C46 PCW U . -22.95 2.13 -19.54
C47 PCW U . -24.07 2.72 -18.67
C48 PCW U . -23.45 3.53 -17.53
N PCW U . -20.68 -20.21 -26.53
O2 PCW U . -23.97 -12.16 -28.08
O3 PCW U . -22.83 -10.21 -29.36
O11 PCW U . -22.29 -9.24 -31.36
O31 PCW U . -23.12 -13.53 -26.43
O1P PCW U . -20.95 -16.60 -30.69
O2P PCW U . -23.39 -16.76 -29.94
O3P PCW U . -21.98 -14.76 -29.32
O4P PCW U . -21.53 -17.00 -28.28
P PCW U . -22.00 -16.33 -29.67
C1 PCW V . 16.96 -17.29 -19.28
C2 PCW V . 17.66 -15.95 -19.59
C3 PCW V . 18.16 -15.99 -21.03
C4 PCW V . 18.52 -21.54 -17.10
C5 PCW V . 19.89 -22.18 -17.37
C6 PCW V . 20.78 -24.40 -17.46
C7 PCW V . 21.01 -23.13 -15.46
C8 PCW V . 18.87 -24.00 -16.08
C11 PCW V . 16.69 -14.94 -22.49
C12 PCW V . 15.48 -15.00 -23.42
C13 PCW V . 15.35 -13.68 -24.17
C14 PCW V . 13.86 -13.39 -24.41
C15 PCW V . 13.61 -11.90 -24.19
C16 PCW V . 13.12 -11.27 -25.49
C17 PCW V . 13.57 -9.80 -25.55
C18 PCW V . 12.43 -8.88 -25.09
C19 PCW V . 12.62 -8.56 -23.60
C20 PCW V . 12.38 -7.10 -23.22
C21 PCW V . 12.01 -6.15 -24.37
C22 PCW V . 11.37 -4.89 -23.79
C23 PCW V . 11.62 -3.72 -24.75
C24 PCW V . 11.65 -2.40 -23.97
C25 PCW V . 11.84 -1.22 -24.93
C26 PCW V . 12.17 -1.72 -26.33
C27 PCW V . 12.59 -0.56 -27.22
C28 PCW V . 12.72 -1.06 -28.66
C31 PCW V . 17.14 -14.01 -18.47
C32 PCW V . 16.31 -12.74 -18.38
C33 PCW V . 15.92 -12.32 -19.80
C34 PCW V . 14.51 -11.73 -19.78
C35 PCW V . 14.44 -10.52 -20.72
C36 PCW V . 15.78 -9.79 -20.72
C37 PCW V . 15.90 -8.98 -22.01
C38 PCW V . 17.16 -8.12 -21.98
C39 PCW V . 17.37 -7.52 -20.59
C40 PCW V . 16.66 -6.18 -20.32
C41 PCW V . 15.84 -5.61 -21.47
C42 PCW V . 15.35 -4.20 -21.10
C43 PCW V . 16.36 -3.18 -21.57
C44 PCW V . 15.88 -1.79 -21.18
C45 PCW V . 16.57 -0.76 -22.08
C46 PCW V . 15.90 0.60 -21.93
C47 PCW V . 16.20 1.43 -23.16
C48 PCW V . 15.68 0.72 -24.41
N PCW V . 20.12 -23.42 -16.59
O2 PCW V . 16.73 -14.89 -19.43
O3 PCW V . 17.06 -16.13 -21.93
O11 PCW V . 17.29 -13.87 -22.29
O31 PCW V . 18.10 -14.21 -17.73
O1P PCW V . 16.03 -19.85 -18.64
O2P PCW V . 16.82 -19.29 -16.28
O3P PCW V . 17.66 -17.98 -18.25
O4P PCW V . 18.37 -20.37 -17.92
P PCW V . 17.10 -19.40 -17.72
C1 PCW W . 14.79 21.88 -29.70
C2 PCW W . 14.57 20.37 -29.65
C3 PCW W . 13.31 20.03 -30.48
C4 PCW W . 16.81 25.38 -26.67
C5 PCW W . 17.02 25.41 -25.15
C6 PCW W . 18.66 27.17 -25.14
C7 PCW W . 16.33 27.71 -25.24
C8 PCW W . 17.28 26.79 -23.22
C11 PCW W . 12.97 17.86 -31.06
C12 PCW W . 12.36 16.48 -30.79
C31 PCW W . 15.90 18.47 -29.61
C32 PCW W . 17.10 17.69 -30.14
N PCW W . 17.33 26.77 -24.68
O2 PCW W . 15.72 19.69 -30.19
O3 PCW W . 12.76 18.78 -30.08
O11 PCW W . 13.59 18.08 -32.09
O31 PCW W . 15.20 18.01 -28.72
O1P PCW W . 15.33 24.69 -29.20
O2P PCW W . 17.65 23.62 -29.17
O3P PCW W . 15.63 22.26 -28.61
O4P PCW W . 16.43 24.05 -27.05
P PCW W . 16.29 23.73 -28.62
C1 CLR X . -5.14 -8.20 -53.34
C2 CLR X . -5.41 -9.67 -53.66
C3 CLR X . -4.11 -10.50 -53.74
C4 CLR X . -3.34 -10.33 -52.40
C5 CLR X . -3.13 -8.88 -51.97
C6 CLR X . -1.89 -8.49 -51.54
C7 CLR X . -1.61 -7.04 -51.09
C8 CLR X . -2.92 -6.27 -50.79
C9 CLR X . -3.95 -6.51 -51.94
C10 CLR X . -4.39 -7.98 -52.00
C11 CLR X . -5.13 -5.51 -51.90
C12 CLR X . -4.69 -4.05 -51.78
C13 CLR X . -3.84 -3.88 -50.49
C14 CLR X . -2.59 -4.80 -50.71
C15 CLR X . -1.54 -4.37 -49.62
C16 CLR X . -1.87 -2.83 -49.39
C17 CLR X . -3.10 -2.50 -50.36
C18 CLR X . -4.59 -4.22 -49.20
C19 CLR X . -5.33 -8.31 -50.80
C20 CLR X . -3.92 -1.35 -49.77
C21 CLR X . -5.11 -0.86 -50.63
C22 CLR X . -2.90 -0.18 -49.64
C23 CLR X . -3.37 0.87 -48.63
C24 CLR X . -2.40 2.07 -48.86
C25 CLR X . -2.62 3.09 -47.74
C26 CLR X . -3.94 3.85 -47.77
C27 CLR X . -1.35 3.94 -47.60
O1 CLR X . -4.32 -11.88 -54.08
MG MG Y . -6.50 60.34 -16.19
PG ATP Z . -4.39 61.36 -13.46
O1G ATP Z . -3.15 60.94 -12.75
O2G ATP Z . -4.16 61.82 -14.89
O3G ATP Z . -5.50 60.30 -13.42
PB ATP Z . -4.62 64.07 -12.20
O1B ATP Z . -5.73 64.74 -11.50
O2B ATP Z . -3.33 63.91 -11.41
O3B ATP Z . -5.04 62.63 -12.72
PA ATP Z . -4.81 66.06 -14.35
O1A ATP Z . -6.24 65.90 -14.69
O2A ATP Z . -3.88 66.28 -15.55
O3A ATP Z . -4.27 64.81 -13.56
O5' ATP Z . -4.58 67.23 -13.31
C5' ATP Z . -4.54 68.61 -13.71
C4' ATP Z . -4.46 69.49 -12.49
O4' ATP Z . -5.65 70.29 -12.40
C3' ATP Z . -4.37 68.74 -11.16
O3' ATP Z . -3.59 69.47 -10.22
C2' ATP Z . -5.83 68.62 -10.74
O2' ATP Z . -5.97 68.53 -9.33
C1' ATP Z . -6.40 69.95 -11.25
N9 ATP Z . -7.80 69.89 -11.63
C8 ATP Z . -8.64 68.81 -11.55
N7 ATP Z . -9.85 69.04 -11.98
C5 ATP Z . -9.81 70.37 -12.38
C6 ATP Z . -10.78 71.22 -12.94
N6 ATP Z . -12.04 70.86 -13.19
N1 ATP Z . -10.41 72.49 -13.22
C2 ATP Z . -9.15 72.87 -12.96
N3 ATP Z . -8.15 72.15 -12.44
C4 ATP Z . -8.55 70.91 -12.17
NA NA AA . -3.63 10.48 -30.02
NA NA BA . -1.17 9.14 -27.16
NA NA CA . 0.79 9.39 -20.29
NA NA DA . -0.13 47.11 -29.21
O01 A1MA6 EA . 25.23 -10.29 -42.19
C02 A1MA6 EA . 24.57 -11.20 -43.08
C03 A1MA6 EA . 23.07 -10.91 -43.10
C04 A1MA6 EA . 22.39 -11.77 -44.17
N05 A1MA6 EA . 21.33 -11.00 -44.83
C06 A1MA6 EA . 20.70 -11.46 -45.93
C07 A1MA6 EA . 19.63 -10.51 -46.49
C08 A1MA6 EA . 18.99 -10.96 -47.57
N09 A1MA6 EA . 18.06 -10.13 -48.07
C10 A1MA6 EA . 17.39 -10.54 -49.16
C11 A1MA6 EA . 16.35 -9.55 -49.69
O12 A1MA6 EA . 16.72 -9.12 -51.00
C13 A1MA6 EA . 14.95 -10.22 -49.74
C14 A1MA6 EA . 14.36 -10.04 -51.14
C15 A1MA6 EA . 12.88 -9.66 -51.03
O16 A1MA6 EA . 12.76 -8.41 -50.34
C17 A1MA6 EA . 12.27 -9.55 -52.43
C18 A1MA6 EA . 11.55 -10.61 -52.81
C19 A1MA6 EA . 10.88 -10.62 -54.19
O20 A1MA6 EA . 11.65 -9.82 -55.10
C21 A1MA6 EA . 10.81 -12.06 -54.72
C22 A1MA6 EA . 10.66 -12.04 -56.25
C23 A1MA6 EA . 10.68 -13.48 -56.78
O24 A1MA6 EA . 9.60 -13.66 -57.74
C25 A1MA6 EA . 9.75 -12.72 -58.84
C26 A1MA6 EA . 8.58 -12.89 -59.83
O27 A1MA6 EA . 7.79 -14.02 -59.42
C28 A1MA6 EA . 7.72 -11.64 -59.83
O29 A1MA6 EA . 6.73 -11.75 -60.86
C30 A1MA6 EA . 8.60 -10.41 -60.10
O31 A1MA6 EA . 8.18 -9.78 -61.31
C32 A1MA6 EA . 8.47 -9.43 -58.94
O33 A1MA6 EA . 8.62 -10.12 -57.69
C34 A1MA6 EA . 9.57 -8.36 -59.05
O35 A1MA6 EA . 10.23 -8.48 -60.31
C36 A1MA6 EA . 10.58 -8.54 -57.92
C37 A1MA6 EA . 11.98 -8.21 -58.44
C38 A1MA6 EA . 12.86 -7.78 -57.27
C39 A1MA6 EA . 13.70 -6.55 -57.67
C40 A1MA6 EA . 14.16 -5.82 -56.42
C41 A1MA6 EA . 14.94 -4.56 -56.82
C42 A1MA6 EA . 15.37 -3.80 -55.57
C43 A1MA6 EA . 14.45 -2.60 -55.34
C44 A1MA6 EA . 13.96 -2.65 -53.93
C45 A1MA6 EA . 15.07 -3.09 -52.98
O46 A1MA6 EA . 12.95 -3.64 -54.00
C47 A1MA6 EA . 12.17 -3.17 -55.09
C48 A1MA6 EA . 11.42 -1.92 -54.68
C49 A1MA6 EA . 12.39 -0.85 -54.46
C50 A1MA6 EA . 11.66 0.39 -53.93
C51 A1MA6 EA . 13.38 -1.30 -53.49
C52 A1MA6 EA . 11.17 -4.23 -55.56
C53 A1MA6 EA . 10.80 -3.99 -57.02
C54 A1MA6 EA . 9.92 -5.11 -57.53
C55 A1MA6 EA . 8.54 -4.56 -57.89
C56 A1MA6 EA . 7.52 -5.70 -57.93
C57 A1MA6 EA . 6.53 -5.47 -59.07
C58 A1MA6 EA . 5.19 -6.13 -58.74
C59 A1MA6 EA . 4.84 -7.13 -59.85
C60 A1MA6 EA . 3.55 -7.86 -59.48
C61 A1MA6 EA . 3.88 -9.29 -59.07
O62 A1MA6 EA . 3.79 -9.41 -57.62
C63 A1MA6 EA . 4.12 -10.77 -57.21
O64 A1MA6 EA . 5.45 -11.09 -57.66
C65 A1MA6 EA . 4.06 -10.88 -55.69
C66 A1MA6 EA . 4.79 -9.69 -55.06
C67 A1MA6 EA . 4.02 -9.21 -53.82
C68 A1MA6 EA . 3.48 -10.42 -53.07
C69 A1MA6 EA . 2.28 -10.24 -52.51
C70 A1MA6 EA . 1.74 -11.45 -51.75
C71 A1MA6 EA . 0.59 -11.01 -50.83
C72 A1MA6 EA . 0.96 -11.31 -49.37
C73 A1MA6 EA . 1.60 -10.07 -48.74
C74 A1MA6 EA . 1.07 -9.89 -47.32
C75 A1MA6 EA . 0.34 -8.55 -47.20
O76 A1MA6 EA . -1.12 -8.73 -47.48
C77 A1MA6 EA . -1.76 -9.15 -46.33
C78 A1MA6 EA . -3.18 -9.63 -46.64
C79 A1MA6 EA . -3.11 -10.99 -47.34
C80 A1MA6 EA . -4.53 -11.50 -47.59
C81 A1MA6 EA . -4.69 -11.84 -49.07
C82 A1MA6 EA . -6.09 -12.41 -49.32
C83 A1MA6 EA . -6.09 -13.20 -50.62
C84 A1MA6 EA . -7.46 -13.76 -50.85
C85 A1MA6 EA . -8.44 -12.64 -50.91
O86 A1MA6 EA . -9.76 -13.16 -51.10
O87 A1MA6 EA . -7.48 -14.48 -52.09
O88 A1MA6 EA . -5.15 -14.28 -50.52
O89 A1MA6 EA . -7.05 -11.32 -49.41
C90 A1MA6 EA . -8.39 -11.85 -49.61
C91 A1MA6 EA . -9.40 -10.70 -49.68
C92 A1MA6 EA . -8.86 -9.52 -48.86
C93 A1MA6 EA . -8.64 -8.32 -49.79
C94 A1MA6 EA . -8.06 -7.25 -49.22
C95 A1MA6 EA . -7.72 -7.42 -47.73
C96 A1MA6 EA . -7.14 -6.36 -47.17
C97 A1MA6 EA . -6.80 -6.52 -45.67
C98 A1MA6 EA . -5.31 -6.22 -45.45
C99 A1MA6 EA . -5.17 -5.21 -44.31
CA0 A1MA6 EA . -3.74 -4.65 -44.30
CA1 A1MA6 EA . -3.79 -3.11 -44.34
CA2 A1MA6 EA . -3.22 -2.61 -45.67
CA3 A1MA6 EA . -2.99 -1.29 -45.74
CA4 A1MA6 EA . -3.32 -0.50 -44.46
CA5 A1MA6 EA . -2.23 0.30 -43.75
CA6 A1MA6 EA . -1.45 -0.62 -42.82
CA7 A1MA6 EA . -1.45 -0.05 -41.40
CA8 A1MA6 EA . -0.44 -0.82 -40.53
CA9 A1MA6 EA . -0.43 -2.29 -40.94
CAA A1MA6 EA . 0.56 -3.05 -40.07
CAB A1MA6 EA . 0.26 -4.55 -40.15
CAC A1MA6 EA . 1.31 -5.32 -39.36
OAD A1MA6 EA . 0.87 -5.48 -37.98
CAE A1MA6 EA . -0.42 -6.18 -37.94
CAF A1MA6 EA . -0.89 -6.32 -36.49
CAG A1MA6 EA . -1.27 -5.17 -35.91
CAH A1MA6 EA . -1.17 -3.92 -36.79
CAI A1MA6 EA . -0.73 -2.73 -35.92
CAJ A1MA6 EA . 0.66 -2.27 -36.36
CAK A1MA6 EA . 0.89 -0.81 -35.92
CAL A1MA6 EA . 1.42 -0.04 -37.04
CAM A1MA6 EA . 1.73 1.33 -36.58
CAN A1MA6 EA . 2.76 1.31 -35.55
OAO A1MA6 EA . 0.56 1.91 -35.86
CAP A1MA6 EA . 0.74 1.43 -34.38
CAQ A1MA6 EA . 0.98 2.68 -33.51
CAR A1MA6 EA . -0.19 3.67 -33.71
CAS A1MA6 EA . -0.44 4.42 -32.39
CAT A1MA6 EA . -1.98 4.81 -32.35
OAU A1MA6 EA . -2.57 4.38 -33.58
CAV A1MA6 EA . -1.91 6.30 -32.36
CAW A1MA6 EA . -0.71 6.53 -33.16
CAX A1MA6 EA . -0.32 8.01 -33.07
NAY A1MA6 EA . -0.36 8.65 -34.39
OAZ A1MA6 EA . 0.23 5.76 -32.46
CB0 A1MA6 EA . 2.06 0.64 -34.46
OB1 A1MA6 EA . 1.77 -0.77 -34.83
OB2 A1MA6 EA . -1.66 -1.65 -36.10
OB3 A1MA6 EA . -2.44 -3.65 -37.37
CB4 A1MA6 EA . -0.25 -7.57 -38.55
OB5 A1MA6 EA . -1.52 -8.25 -38.53
CB6 A1MA6 EA . 0.21 -7.44 -39.97
OB7 A1MA6 EA . 0.40 -8.74 -40.54
CB8 A1MA6 EA . 1.51 -6.69 -40.00
OB9 A1MA6 EA . 1.95 -6.53 -41.34
CBA A1MA6 EA . 1.98 -2.80 -40.58
OBB A1MA6 EA . -1.75 -2.83 -40.76
OBC A1MA6 EA . -0.81 -0.70 -39.16
OBD A1MA6 EA . -1.09 1.33 -41.44
CBE A1MA6 EA . -4.60 -0.35 -44.10
OBF A1MA6 EA . -3.06 -5.07 -43.11
OBG A1MA6 EA . -6.10 -4.14 -44.47
OBH A1MA6 EA . -4.76 -5.66 -46.64
OBI A1MA6 EA . -9.81 -9.16 -47.85
OBJ A1MA6 EA . -4.76 -12.68 -46.81
OBK A1MA6 EA . -2.41 -11.92 -46.51
CBL A1MA6 EA . 0.53 -8.01 -45.75
CBM A1MA6 EA . -0.56 -7.14 -45.45
OBN A1MA6 EA . -0.72 -6.17 -46.50
CBO A1MA6 EA . -1.83 -7.97 -45.33
OBP A1MA6 EA . -1.93 -8.49 -43.99
OBQ A1MA6 EA . 2.16 -9.92 -46.40
OBR A1MA6 EA . 1.26 -8.91 -49.51
OBS A1MA6 EA . 2.79 -12.02 -50.96
CBT A1MA6 EA . 2.86 -8.32 -54.26
OBU A1MA6 EA . 6.11 -10.08 -54.68
CBV A1MA6 EA . 2.88 -10.24 -59.72
OBW A1MA6 EA . 1.55 -9.91 -59.30
CBX A1MA6 EA . 3.20 -11.65 -59.32
OBY A1MA6 EA . 4.52 -11.99 -59.77
CBZ A1MA6 EA . 3.14 -11.75 -57.83
OC0 A1MA6 EA . 3.47 -13.09 -57.43
OC1 A1MA6 EA . 4.66 -6.42 -61.08
OC2 A1MA6 EA . 13.16 -2.83 -56.15
CC3 A1MA6 EA . 16.16 -4.95 -57.63
CC4 A1MA6 EA . 11.06 -12.97 -59.57
OC5 A1MA6 EA . 11.21 -12.04 -60.65
CC6 A1MA6 EA . 12.19 -12.79 -58.60
CC7 A1MA6 EA . 12.02 -13.75 -57.46
OC8 A1MA6 EA . 13.09 -13.56 -56.51
OC9 A1MA6 EA . 13.44 -13.07 -59.26
OCA A1MA6 EA . 9.70 -12.73 -54.14
CCB A1MA6 EA . 11.41 -11.82 -51.88
CCC A1MA6 EA . 15.09 -11.70 -49.42
OCD A1MA6 EA . 17.65 -11.58 -49.77
OCE A1MA6 EA . 20.96 -12.51 -46.48
C1 PCW FA . -21.42 -15.27 -19.83
C2 PCW FA . -22.51 -15.06 -18.76
C3 PCW FA . -22.00 -14.13 -17.66
C4 PCW FA . -18.22 -18.71 -21.34
C5 PCW FA . -16.93 -18.02 -20.90
C6 PCW FA . -14.55 -17.81 -21.10
C7 PCW FA . -15.62 -19.94 -21.46
C8 PCW FA . -15.85 -18.17 -23.08
C11 PCW FA . -22.99 -12.40 -16.40
C12 PCW FA . -24.06 -11.30 -16.32
C13 PCW FA . -23.68 -10.27 -15.26
C14 PCW FA . -24.69 -10.25 -14.12
C15 PCW FA . -24.13 -9.39 -12.98
C16 PCW FA . -24.74 -7.98 -13.04
C17 PCW FA . -23.79 -6.97 -12.39
C18 PCW FA . -24.55 -5.70 -12.00
C19 PCW FA . -25.50 -5.32 -13.13
C20 PCW FA . -26.46 -4.15 -12.85
C21 PCW FA . -26.34 -3.50 -11.47
C22 PCW FA . -26.85 -2.05 -11.54
C23 PCW FA . -25.71 -1.13 -11.99
C24 PCW FA . -26.16 0.33 -11.89
C25 PCW FA . -25.01 1.24 -12.34
C26 PCW FA . -25.55 2.62 -12.70
C27 PCW FA . -24.40 3.62 -12.74
C28 PCW FA . -24.92 4.99 -13.16
C31 PCW FA . -24.49 -15.09 -20.10
C32 PCW FA . -25.78 -14.34 -20.46
C33 PCW FA . -25.52 -12.83 -20.48
C34 PCW FA . -26.86 -12.09 -20.56
C35 PCW FA . -26.64 -10.57 -20.69
C36 PCW FA . -25.77 -10.06 -19.53
C37 PCW FA . -25.63 -8.54 -19.68
C38 PCW FA . -24.21 -8.08 -19.33
C39 PCW FA . -23.92 -6.76 -20.06
C40 PCW FA . -24.15 -5.46 -19.26
C41 PCW FA . -24.64 -5.64 -17.83
C42 PCW FA . -23.61 -5.05 -16.86
C43 PCW FA . -23.74 -3.52 -16.79
C44 PCW FA . -22.74 -2.97 -15.78
C45 PCW FA . -22.76 -1.44 -15.83
C46 PCW FA . -21.38 -0.91 -15.43
C47 PCW FA . -21.28 0.57 -15.82
C48 PCW FA . -19.99 0.80 -16.63
N PCW FA . -15.75 -18.48 -21.64
O2 PCW FA . -23.64 -14.37 -19.33
O3 PCW FA . -22.92 -13.03 -17.60
O11 PCW FA . -22.29 -12.68 -15.42
O31 PCW FA . -24.29 -16.23 -20.52
O1P PCW FA . -20.71 -18.92 -19.39
O2P PCW FA . -19.26 -16.88 -18.87
O3P PCW FA . -21.37 -16.64 -20.24
O4P PCW FA . -19.36 -17.83 -21.20
P PCW FA . -20.14 -17.61 -19.80
C1 PCW GA . -8.50 -13.85 -4.91
C2 PCW GA . -9.22 -12.51 -5.05
C3 PCW GA . -10.69 -12.65 -4.63
C4 PCW GA . -9.37 -17.06 -7.70
C5 PCW GA . -10.32 -18.25 -7.51
C6 PCW GA . -11.11 -20.00 -8.94
C7 PCW GA . -12.55 -18.16 -8.41
C8 PCW GA . -10.70 -17.83 -9.89
C11 PCW GA . -12.64 -11.36 -4.44
C12 PCW GA . -13.33 -10.01 -4.66
C13 PCW GA . -12.66 -8.93 -3.81
C14 PCW GA . -12.71 -7.59 -4.54
C15 PCW GA . -12.39 -6.44 -3.56
C16 PCW GA . -11.97 -5.21 -4.37
C17 PCW GA . -11.96 -3.97 -3.46
C18 PCW GA . -11.62 -2.70 -4.27
C19 PCW GA . -12.91 -2.12 -4.87
C20 PCW GA . -13.00 -0.59 -4.98
C21 PCW GA . -11.82 0.24 -4.48
C22 PCW GA . -12.30 1.68 -4.23
C23 PCW GA . -11.18 2.68 -4.50
C24 PCW GA . -11.01 3.61 -3.29
C25 PCW GA . -12.32 4.35 -3.03
C26 PCW GA . -12.19 5.15 -1.73
C27 PCW GA . -13.48 5.94 -1.48
C28 PCW GA . -13.27 6.88 -0.29
C31 PCW GA . -8.47 -10.32 -4.84
C32 PCW GA . -7.88 -9.19 -3.98
C33 PCW GA . -8.60 -7.88 -4.26
C34 PCW GA . -7.68 -6.69 -3.95
C35 PCW GA . -7.57 -6.47 -2.44
C36 PCW GA . -7.73 -4.98 -2.11
C37 PCW GA . -6.39 -4.37 -1.70
C38 PCW GA . -6.49 -2.84 -1.64
C39 PCW GA . -6.95 -2.40 -0.25
C40 PCW GA . -6.91 -0.90 0.07
C41 PCW GA . -6.41 0.03 -1.04
C42 PCW GA . -7.50 1.06 -1.35
C43 PCW GA . -6.88 2.28 -2.00
C44 PCW GA . -7.05 3.52 -1.11
C45 PCW GA . -5.73 4.29 -1.06
C46 PCW GA . -5.92 5.60 -0.28
C47 PCW GA . -4.56 6.28 -0.08
C48 PCW GA . -4.76 7.62 0.63
N PCW GA . -11.15 -18.55 -8.69
O2 PCW GA . -8.57 -11.52 -4.22
O3 PCW GA . -11.32 -11.38 -4.81
O11 PCW GA . -13.24 -12.32 -3.99
O31 PCW GA . -8.78 -10.12 -6.02
O1P PCW GA . -6.70 -16.08 -5.13
O2P PCW GA . -6.71 -15.81 -7.67
O3P PCW GA . -8.21 -14.38 -6.22
O4P PCW GA . -8.66 -16.83 -6.47
P PCW GA . -7.44 -15.78 -6.38
C1 PCW HA . 24.05 17.52 -7.27
C2 PCW HA . 22.90 16.54 -7.07
C3 PCW HA . 23.22 15.17 -7.71
C4 PCW HA . 26.39 20.42 -9.60
C5 PCW HA . 26.89 19.78 -10.90
C6 PCW HA . 28.42 19.90 -12.71
C7 PCW HA . 27.55 21.92 -11.79
C8 PCW HA . 29.12 20.61 -10.54
C11 PCW HA . 22.30 13.57 -9.11
C12 PCW HA . 21.14 13.10 -10.00
C13 PCW HA . 20.34 12.00 -9.29
C14 PCW HA . 18.88 12.08 -9.73
C15 PCW HA . 18.33 10.67 -9.94
C16 PCW HA . 17.10 10.44 -9.05
C17 PCW HA . 17.11 8.98 -8.57
C18 PCW HA . 16.01 8.77 -7.53
C19 PCW HA . 16.56 7.87 -6.40
C20 PCW HA . 15.74 6.62 -6.10
C21 PCW HA . 14.49 6.43 -6.95
C22 PCW HA . 14.21 4.93 -7.15
C23 PCW HA . 13.35 4.42 -5.99
C24 PCW HA . 12.71 3.09 -6.42
C25 PCW HA . 11.60 2.77 -5.43
C26 PCW HA . 10.73 1.60 -5.90
C27 PCW HA . 11.62 0.43 -6.30
C28 PCW HA . 10.73 -0.69 -6.81
C31 PCW HA . 23.48 15.93 -4.78
C32 PCW HA . 22.93 15.79 -3.36
C33 PCW HA . 21.54 15.17 -3.41
C34 PCW HA . 21.67 13.65 -3.45
C35 PCW HA . 20.26 13.04 -3.46
C36 PCW HA . 20.31 11.53 -3.24
C37 PCW HA . 18.87 11.05 -3.19
C38 PCW HA . 18.74 9.56 -2.83
C39 PCW HA . 17.24 9.37 -2.52
C40 PCW HA . 16.65 7.97 -2.66
C41 PCW HA . 17.56 6.84 -3.09
C42 PCW HA . 17.47 5.77 -2.01
C43 PCW HA . 16.40 4.73 -2.35
C44 PCW HA . 16.61 3.54 -1.41
C45 PCW HA . 15.68 2.44 -1.84
C46 PCW HA . 16.28 1.03 -1.78
C47 PCW HA . 15.54 0.22 -2.85
C48 PCW HA . 15.92 -1.27 -2.84
N PCW HA . 28.00 20.55 -11.48
O2 PCW HA . 22.55 16.40 -5.67
O3 PCW HA . 22.12 14.79 -8.54
O11 PCW HA . 23.30 12.87 -8.95
O31 PCW HA . 24.64 15.64 -5.03
O1P PCW HA . 25.52 20.05 -6.64
O2P PCW HA . 23.78 21.29 -8.03
O3P PCW HA . 23.53 18.83 -7.55
O4P PCW HA . 25.31 19.63 -9.09
P PCW HA . 24.54 20.06 -7.75
C1 CLR IA . 24.21 11.52 -1.23
C2 CLR IA . 24.79 12.94 -1.29
C3 CLR IA . 26.25 13.00 -0.82
C4 CLR IA . 27.07 12.00 -1.67
C5 CLR IA . 26.50 10.59 -1.75
C6 CLR IA . 27.33 9.53 -1.53
C7 CLR IA . 26.83 8.07 -1.57
C8 CLR IA . 25.43 7.97 -2.24
C9 CLR IA . 24.49 9.09 -1.69
C10 CLR IA . 24.99 10.49 -2.08
C11 CLR IA . 23.00 8.84 -2.04
C12 CLR IA . 22.52 7.43 -1.68
C13 CLR IA . 23.39 6.38 -2.43
C14 CLR IA . 24.85 6.61 -1.90
C15 CLR IA . 25.68 5.36 -2.36
C16 CLR IA . 24.59 4.20 -2.38
C17 CLR IA . 23.21 4.91 -1.96
C18 CLR IA . 23.33 6.49 -3.97
C19 CLR IA . 24.75 10.75 -3.59
C20 CLR IA . 22.05 4.14 -2.58
C21 CLR IA . 20.64 4.59 -2.15
C22 CLR IA . 22.25 2.67 -2.08
C23 CLR IA . 21.53 1.66 -2.98
C24 CLR IA . 21.59 0.32 -2.15
C25 CLR IA . 20.87 -0.76 -2.95
C26 CLR IA . 19.34 -0.65 -3.00
C27 CLR IA . 21.43 -2.13 -2.54
O1 CLR IA . 26.82 14.31 -0.81
C1 CLR JA . 29.08 -17.43 11.49
C2 CLR JA . 29.16 -18.80 10.81
C3 CLR JA . 28.37 -19.88 11.57
C4 CLR JA . 26.90 -19.40 11.72
C5 CLR JA . 26.74 -17.99 12.30
C6 CLR JA . 25.85 -17.80 13.31
C7 CLR JA . 25.65 -16.42 13.97
C8 CLR JA . 26.25 -15.28 13.08
C9 CLR JA . 27.67 -15.67 12.59
C10 CLR JA . 27.63 -16.90 11.65
C11 CLR JA . 28.46 -14.49 12.01
C12 CLR JA . 28.47 -13.25 12.93
C13 CLR JA . 27.01 -12.81 13.22
C14 CLR JA . 26.35 -14.03 13.93
C15 CLR JA . 25.01 -13.51 14.55
C16 CLR JA . 25.34 -11.98 14.86
C17 CLR JA . 26.84 -11.75 14.36
C18 CLR JA . 26.22 -12.40 11.96
C19 CLR JA . 27.05 -16.48 10.26
C20 CLR JA . 27.03 -10.29 13.96
C21 CLR JA . 28.41 -9.93 13.36
C22 CLR JA . 26.87 -9.52 15.30
C23 CLR JA . 27.01 -8.00 15.12
C24 CLR JA . 26.78 -7.43 16.56
C25 CLR JA . 26.62 -5.91 16.46
C26 CLR JA . 27.93 -5.12 16.28
C27 CLR JA . 25.69 -5.43 17.58
O1 CLR JA . 28.46 -21.19 11.00
C1 CLR KA . -2.93 9.62 12.19
C2 CLR KA . -2.95 10.98 12.88
C3 CLR KA . -3.68 10.94 14.23
C4 CLR KA . -3.01 9.86 15.12
C5 CLR KA . -2.86 8.50 14.46
C6 CLR KA . -3.25 7.38 15.14
C7 CLR KA . -3.15 5.97 14.54
C8 CLR KA . -2.22 5.95 13.29
C9 CLR KA . -2.57 7.15 12.36
C10 CLR KA . -2.26 8.50 13.03
C11 CLR KA . -1.94 6.99 10.95
C12 CLR KA . -2.21 5.63 10.30
C13 CLR KA . -1.68 4.50 11.22
C14 CLR KA . -2.49 4.64 12.56
C15 CLR KA . -2.24 3.33 13.36
C16 CLR KA . -2.02 2.25 12.22
C17 CLR KA . -2.14 3.05 10.83
C18 CLR KA . -0.16 4.55 11.47
C19 CLR KA . -0.72 8.72 13.08
C20 CLR KA . -1.31 2.34 9.76
C21 CLR KA . -1.16 3.08 8.42
C22 CLR KA . -2.10 1.01 9.51
C23 CLR KA . -1.37 0.08 8.55
C24 CLR KA . -2.39 -1.09 8.29
C25 CLR KA . -1.67 -2.20 7.52
C26 CLR KA . -2.55 -3.36 7.05
C27 CLR KA . -0.40 -2.59 8.29
O1 CLR KA . -3.77 12.20 14.88
C1 CLR LA . 10.61 12.83 5.11
C2 CLR LA . 10.49 13.90 6.19
C3 CLR LA . 9.13 13.85 6.91
C4 CLR LA . 8.94 12.43 7.49
C5 CLR LA . 9.15 11.29 6.49
C6 CLR LA . 8.21 10.31 6.41
C7 CLR LA . 8.34 9.14 5.41
C8 CLR LA . 9.77 9.03 4.82
C9 CLR LA . 10.29 10.45 4.41
C10 CLR LA . 10.44 11.38 5.64
C11 CLR LA . 11.55 10.38 3.53
C12 CLR LA . 11.40 9.44 2.32
C13 CLR LA . 11.06 8.00 2.82
C14 CLR LA . 9.71 8.15 3.60
C15 CLR LA . 9.18 6.70 3.81
C16 CLR LA . 9.75 5.92 2.54
C17 CLR LA . 10.59 7.00 1.72
C18 CLR LA . 12.16 7.38 3.70
C19 CLR LA . 11.68 10.96 6.47
C20 CLR LA . 11.68 6.30 0.91
C21 CLR LA . 12.55 7.21 0.01
C22 CLR LA . 10.89 5.32 0.00
C23 CLR LA . 11.64 4.01 -0.23
C24 CLR LA . 10.69 3.19 -1.17
C25 CLR LA . 11.35 1.85 -1.49
C26 CLR LA . 12.60 1.92 -2.37
C27 CLR LA . 10.27 0.85 -1.93
O1 CLR LA . 8.96 14.87 7.90
C1 PCW MA . 21.51 -21.04 -6.14
C2 PCW MA . 20.58 -19.90 -5.74
C3 PCW MA . 21.39 -18.62 -5.43
C4 PCW MA . 24.31 -24.33 -5.33
C5 PCW MA . 25.51 -23.82 -4.53
C6 PCW MA . 27.75 -24.22 -3.82
C7 PCW MA . 26.25 -26.06 -4.04
C8 PCW MA . 27.06 -24.92 -6.00
C11 PCW MA . 21.60 -16.95 -3.83
C12 PCW MA . 21.18 -16.37 -2.48
C13 PCW MA . 20.29 -15.15 -2.69
C14 PCW MA . 19.30 -15.03 -1.53
C15 PCW MA . 19.14 -13.56 -1.12
C16 PCW MA . 17.68 -13.14 -1.22
C17 PCW MA . 17.62 -11.67 -1.70
C18 PCW MA . 16.19 -11.27 -2.00
C19 PCW MA . 16.16 -10.42 -3.27
C20 PCW MA . 15.48 -9.05 -3.14
C21 PCW MA . 14.93 -8.72 -1.74
C22 PCW MA . 15.02 -7.21 -1.51
C23 PCW MA . 13.74 -6.54 -2.03
C24 PCW MA . 13.62 -5.16 -1.38
C25 PCW MA . 12.21 -4.64 -1.63
C26 PCW MA . 11.91 -3.38 -0.82
C27 PCW MA . 13.03 -2.36 -1.01
C28 PCW MA . 12.71 -1.14 -0.16
C31 PCW MA . 19.91 -19.29 -8.00
C32 PCW MA . 18.72 -19.03 -8.91
C33 PCW MA . 17.67 -18.21 -8.15
C34 PCW MA . 18.00 -16.73 -8.24
C35 PCW MA . 16.93 -15.94 -7.51
C36 PCW MA . 17.06 -14.44 -7.79
C37 PCW MA . 15.90 -13.76 -7.07
C38 PCW MA . 15.80 -12.25 -7.37
C39 PCW MA . 14.43 -11.85 -6.83
C40 PCW MA . 14.19 -10.39 -6.45
C41 PCW MA . 15.35 -9.41 -6.64
C42 PCW MA . 14.83 -8.29 -7.54
C43 PCW MA . 14.26 -7.13 -6.73
C44 PCW MA . 14.11 -5.95 -7.68
C45 PCW MA . 13.71 -4.74 -6.87
C46 PCW MA . 14.37 -3.44 -7.30
C47 PCW MA . 14.45 -2.56 -6.04
C48 PCW MA . 14.97 -1.15 -6.32
N PCW MA . 26.64 -24.76 -4.61
O2 PCW MA . 19.55 -19.67 -6.73
O3 PCW MA . 20.98 -18.12 -4.16
O11 PCW MA . 22.44 -16.39 -4.54
O31 PCW MA . 21.05 -19.18 -8.43
O1P PCW MA . 22.05 -23.73 -7.37
O2P PCW MA . 21.18 -24.76 -5.20
O3P PCW MA . 21.06 -22.28 -5.58
O4P PCW MA . 23.26 -23.38 -5.21
P PCW MA . 21.84 -23.64 -5.91
C1 PCW NA . -6.25 -17.55 1.53
C2 PCW NA . -6.21 -16.17 2.22
C3 PCW NA . -5.64 -15.12 1.27
C4 PCW NA . -6.96 -21.80 2.18
C5 PCW NA . -6.07 -22.26 3.33
C6 PCW NA . -5.20 -24.11 4.59
C7 PCW NA . -7.39 -24.25 3.61
C8 PCW NA . -5.44 -24.29 2.21
C11 PCW NA . -4.29 -13.37 1.98
C12 PCW NA . -2.93 -12.88 2.48
C13 PCW NA . -3.03 -11.53 3.21
C14 PCW NA . -1.66 -11.19 3.77
C15 PCW NA . -1.61 -9.81 4.43
C16 PCW NA . -0.15 -9.32 4.41
C17 PCW NA . 0.03 -8.18 5.42
C18 PCW NA . 1.51 -8.05 5.80
C19 PCW NA . 2.31 -7.49 4.63
C20 PCW NA . 3.27 -6.34 4.96
C21 PCW NA . 3.29 -5.90 6.42
C22 PCW NA . 3.24 -4.37 6.48
C23 PCW NA . 4.02 -3.76 5.31
C24 PCW NA . 3.96 -2.25 5.43
C25 PCW NA . 3.74 -1.58 4.07
C26 PCW NA . 2.94 -0.31 4.37
C27 PCW NA . 2.82 0.60 3.17
C28 PCW NA . 2.01 1.88 3.41
C31 PCW NA . -7.63 -15.65 3.96
C32 PCW NA . -9.02 -15.32 4.50
C33 PCW NA . -9.23 -13.80 4.53
C34 PCW NA . -8.29 -13.16 5.54
C35 PCW NA . -8.24 -11.65 5.33
C36 PCW NA . -7.15 -11.03 6.21
C37 PCW NA . -7.27 -9.50 6.20
C38 PCW NA . -6.45 -8.91 7.35
C39 PCW NA . -4.98 -8.80 6.94
C40 PCW NA . -4.08 -7.96 7.85
C41 PCW NA . -4.75 -7.34 9.09
C42 PCW NA . -4.14 -5.98 9.39
C43 PCW NA . -3.12 -6.09 10.53
C44 PCW NA . -2.52 -4.71 10.81
C45 PCW NA . -3.27 -4.07 11.98
C46 PCW NA . -2.96 -2.57 12.03
C47 PCW NA . -4.13 -1.81 11.42
C48 PCW NA . -4.21 -0.41 11.99
N PCW NA . -6.02 -23.73 3.43
O2 PCW NA . -7.55 -15.79 2.61
O3 PCW NA . -4.35 -14.71 1.73
O11 PCW NA . -5.22 -12.59 1.82
O31 PCW NA . -6.67 -15.78 4.72
O1P PCW NA . -7.35 -19.85 -0.28
O2P PCW NA . -9.30 -19.89 1.35
O3P PCW NA . -7.60 -18.05 1.49
O4P PCW NA . -6.98 -20.37 2.15
P PCW NA . -7.89 -19.59 1.07
C1 PCW OA . 2.91 -18.94 -5.46
C2 PCW OA . 2.96 -17.59 -4.73
C3 PCW OA . 4.38 -17.03 -4.73
C4 PCW OA . 0.92 -23.45 -4.38
C5 PCW OA . -0.34 -23.74 -3.55
C6 PCW OA . -2.02 -25.36 -2.97
C7 PCW OA . -0.96 -25.44 -5.12
C8 PCW OA . 0.27 -26.03 -3.15
C11 PCW OA . 5.41 -14.98 -4.25
C12 PCW OA . 5.43 -13.70 -3.43
C13 PCW OA . 6.51 -12.77 -3.97
C14 PCW OA . 6.62 -11.54 -3.07
C15 PCW OA . 5.64 -10.46 -3.52
C16 PCW OA . 5.42 -9.47 -2.39
C17 PCW OA . 4.70 -8.23 -2.94
C18 PCW OA . 3.80 -7.63 -1.85
C19 PCW OA . 4.58 -6.56 -1.07
C20 PCW OA . 3.78 -5.81 0.01
C21 PCW OA . 2.31 -6.22 0.17
C22 PCW OA . 1.42 -4.97 0.28
C23 PCW OA . 1.42 -4.43 1.71
C24 PCW OA . 0.47 -3.23 1.77
C25 PCW OA . 0.41 -2.63 3.18
C26 PCW OA . -0.56 -1.43 3.17
C27 PCW OA . -0.40 -0.61 4.46
C28 PCW OA . -1.20 0.69 4.37
C31 PCW OA . 0.96 -16.45 -4.78
C32 PCW OA . 0.04 -15.39 -5.43
C33 PCW OA . -0.02 -14.12 -4.57
C34 PCW OA . 0.15 -12.90 -5.47
C35 PCW OA . 0.25 -11.62 -4.64
C36 PCW OA . 0.79 -10.49 -5.52
C37 PCW OA . 1.05 -9.22 -4.72
C38 PCW OA . 1.91 -8.25 -5.53
C39 PCW OA . 1.04 -7.09 -6.05
C40 PCW OA . 1.52 -5.71 -5.64
C41 PCW OA . 2.79 -5.71 -4.79
C42 PCW OA . 3.21 -4.28 -4.47
C43 PCW OA . 4.29 -3.79 -5.45
C44 PCW OA . 4.86 -2.44 -4.99
C45 PCW OA . 3.86 -1.85 -4.01
C46 PCW OA . 4.33 -0.58 -3.31
C47 PCW OA . 3.06 -0.14 -2.58
C48 PCW OA . 2.91 1.32 -2.19
N PCW OA . -0.76 -25.14 -3.70
O2 PCW OA . 2.15 -16.65 -5.43
O3 PCW OA . 4.37 -15.82 -3.96
O11 PCW OA . 6.26 -15.19 -5.11
O31 PCW OA . 0.62 -17.04 -3.76
O1P PCW OA . 3.77 -22.36 -4.69
O2P PCW OA . 2.18 -21.48 -6.50
O3P PCW OA . 2.79 -20.03 -4.52
O4P PCW OA . 1.32 -22.09 -4.24
P PCW OA . 2.59 -21.54 -5.08
C1 PCW PA . -1.35 15.81 36.62
C2 PCW PA . -1.65 14.44 36.03
C3 PCW PA . -1.09 13.33 36.93
C4 PCW PA . 0.01 20.05 34.34
C5 PCW PA . -0.30 20.39 32.87
C6 PCW PA . 0.64 21.84 31.22
C7 PCW PA . -1.35 22.49 32.37
C8 PCW PA . 0.75 22.50 33.52
C11 PCW PA . -1.20 10.98 37.07
C12 PCW PA . -1.82 9.68 36.57
C13 PCW PA . -1.61 9.56 35.06
C14 PCW PA . -1.85 8.10 34.61
C15 PCW PA . -1.21 7.15 35.62
C16 PCW PA . -0.29 6.17 34.88
C17 PCW PA . -0.37 4.82 35.59
C18 PCW PA . 0.50 3.77 34.90
C19 PCW PA . 0.08 2.41 35.46
C20 PCW PA . 0.59 1.16 34.76
C21 PCW PA . 1.49 1.34 33.53
C22 PCW PA . 1.69 -0.04 32.90
C23 PCW PA . 1.74 0.08 31.38
C24 PCW PA . 1.32 -1.26 30.78
C25 PCW PA . 1.40 -1.22 29.26
C26 PCW PA . 1.16 -2.62 28.69
C27 PCW PA . 0.20 -3.41 29.59
C28 PCW PA . -0.98 -3.95 28.77
C31 PCW PA . -3.64 14.78 34.83
C32 PCW PA . -5.12 14.43 34.63
C33 PCW PA . -5.24 13.38 33.53
C34 PCW PA . -5.65 12.02 34.11
C35 PCW PA . -5.35 10.92 33.08
C36 PCW PA . -6.54 9.96 32.95
C37 PCW PA . -6.12 8.76 32.10
C38 PCW PA . -6.47 7.44 32.79
C39 PCW PA . -5.19 6.63 32.99
C40 PCW PA . -5.30 5.10 32.85
C41 PCW PA . -6.70 4.56 32.52
C42 PCW PA . -6.66 3.77 31.21
C43 PCW PA . -6.84 2.27 31.48
C44 PCW PA . -7.09 1.53 30.16
C45 PCW PA . -8.56 1.06 30.11
C46 PCW PA . -8.80 0.27 28.82
C47 PCW PA . -10.27 -0.12 28.71
C48 PCW PA . -10.49 -0.96 27.45
N PCW PA . -0.06 21.79 32.51
O2 PCW PA . -3.07 14.24 35.94
O3 PCW PA . -1.70 12.10 36.49
O11 PCW PA . -0.31 10.98 37.91
O31 PCW PA . -3.06 15.53 34.03
O1P PCW PA . 1.46 18.11 36.31
O2P PCW PA . -0.94 18.63 36.98
O3P PCW PA . -0.39 16.48 35.80
O4P PCW PA . -0.26 18.67 34.58
P PCW PA . 0.00 18.02 36.04
C1 PCW QA . 26.91 13.92 6.26
C2 PCW QA . 27.47 12.51 6.20
C3 PCW QA . 28.66 12.41 7.15
C4 PCW QA . 27.62 17.99 3.40
C5 PCW QA . 28.98 18.44 2.86
C6 PCW QA . 30.08 20.49 2.37
C7 PCW QA . 29.01 19.29 0.62
C8 PCW QA . 27.69 20.42 2.25
C11 PCW QA . 28.09 11.52 9.20
C12 PCW QA . 27.59 11.72 10.63
C13 PCW QA . 27.71 10.40 11.40
C14 PCW QA . 26.55 10.31 12.41
C15 PCW QA . 26.02 8.88 12.43
C16 PCW QA . 26.23 8.26 13.81
C17 PCW QA . 26.43 6.75 13.69
C18 PCW QA . 25.11 6.02 13.95
C19 PCW QA . 24.42 5.72 12.62
C20 PCW QA . 23.82 4.32 12.48
C21 PCW QA . 23.99 3.41 13.70
C22 PCW QA . 22.99 2.27 13.60
C23 PCW QA . 23.54 1.04 14.33
C24 PCW QA . 22.96 -0.24 13.71
C25 PCW QA . 23.47 -1.47 14.46
C26 PCW QA . 24.58 -1.08 15.45
C27 PCW QA . 25.25 -2.32 16.02
C28 PCW QA . 26.20 -1.89 17.14
C31 PCW QA . 26.17 10.70 5.62
C32 PCW QA . 25.25 9.56 6.05
C33 PCW QA . 25.64 9.15 7.48
C34 PCW QA . 24.37 8.75 8.24
C35 PCW QA . 24.65 7.53 9.13
C36 PCW QA . 25.66 6.62 8.43
C37 PCW QA . 26.35 5.76 9.49
C38 PCW QA . 27.26 4.72 8.83
C39 PCW QA . 26.60 4.15 7.57
C40 PCW QA . 25.68 2.94 7.78
C41 PCW QA . 25.55 2.44 9.22
C42 PCW QA . 24.73 1.14 9.24
C43 PCW QA . 25.70 -0.03 9.13
C44 PCW QA . 24.89 -1.33 9.11
C45 PCW QA . 25.81 -2.48 9.54
C46 PCW QA . 24.98 -3.72 9.84
C47 PCW QA . 25.78 -4.64 10.74
C48 PCW QA . 26.11 -3.90 12.04
N PCW QA . 28.93 19.66 2.04
O2 PCW QA . 26.47 11.58 6.62
O3 PCW QA . 28.25 12.67 8.49
O11 PCW QA . 28.33 10.39 8.76
O31 PCW QA . 26.59 10.78 4.47
O1P PCW QA . 26.15 16.62 6.11
O2P PCW QA . 25.45 16.04 3.72
O3P PCW QA . 27.03 14.56 4.98
O4P PCW QA . 27.77 16.83 4.22
P PCW QA . 26.48 16.05 4.79
C1 PCW RA . 25.30 -24.92 17.89
C2 PCW RA . 25.31 -23.39 17.92
C3 PCW RA . 24.76 -22.93 19.28
C4 PCW RA . 24.87 -28.55 14.41
C5 PCW RA . 24.22 -28.55 13.03
C6 PCW RA . 25.34 -30.52 12.21
C7 PCW RA . 23.38 -30.73 13.56
C8 PCW RA . 23.20 -29.87 11.33
C11 PCW RA . 25.08 -20.74 19.84
C12 PCW RA . 24.62 -19.29 19.89
C31 PCW RA . 26.66 -21.71 17.08
C32 PCW RA . 28.05 -21.12 16.84
N PCW RA . 24.03 -29.92 12.53
O2 PCW RA . 26.64 -22.90 17.73
O3 PCW RA . 24.25 -21.59 19.17
O11 PCW RA . 26.13 -21.09 20.39
O31 PCW RA . 25.65 -21.12 16.69
O1P PCW RA . 25.09 -27.76 17.31
O2P PCW RA . 27.16 -27.03 15.99
O3P PCW RA . 25.37 -25.38 16.54
O4P PCW RA . 24.95 -27.20 14.89
P PCW RA . 25.72 -26.91 16.26
C1 CLR SA . 25.64 6.72 47.22
C2 CLR SA . 25.80 8.20 47.57
C3 CLR SA . 27.04 8.83 46.90
C4 CLR SA . 26.94 8.61 45.37
C5 CLR SA . 26.67 7.17 44.95
C6 CLR SA . 27.42 6.62 43.95
C7 CLR SA . 27.21 5.16 43.47
C8 CLR SA . 25.85 4.60 43.96
C9 CLR SA . 25.64 4.94 45.47
C10 CLR SA . 25.52 6.45 45.70
C11 CLR SA . 24.51 4.12 46.12
C12 CLR SA . 24.60 2.60 45.84
C13 CLR SA . 24.59 2.36 44.31
C14 CLR SA . 25.88 3.09 43.77
C15 CLR SA . 26.10 2.58 42.32
C16 CLR SA . 25.49 1.10 42.37
C17 CLR SA . 24.94 0.91 43.86
C18 CLR SA . 23.32 2.87 43.60
C19 CLR SA . 24.14 6.95 45.18
C20 CLR SA . 23.79 -0.08 43.86
C21 CLR SA . 23.20 -0.44 45.24
C22 CLR SA . 24.40 -1.38 43.24
C23 CLR SA . 23.33 -2.32 42.70
C24 CLR SA . 24.09 -3.66 42.42
C25 CLR SA . 23.17 -4.58 41.63
C26 CLR SA . 21.97 -5.15 42.41
C27 CLR SA . 24.02 -5.61 40.87
O1 CLR SA . 27.24 10.21 47.23
MG MG TA . -4.98 -59.48 19.67
PG ATP UA . -4.84 -60.69 16.28
O1G ATP UA . -4.12 -60.41 15.00
O2G ATP UA . -3.94 -61.22 17.39
O3G ATP UA . -5.62 -59.48 16.80
PB ATP UA . -6.09 -63.28 15.47
O1B ATP UA . -7.47 -63.77 15.51
O2B ATP UA . -5.42 -63.28 14.09
O3B ATP UA . -5.94 -61.82 16.07
PA ATP UA . -5.36 -65.32 17.47
O1A ATP UA . -6.34 -64.96 18.52
O2A ATP UA . -3.97 -65.70 17.97
O3A ATP UA . -5.16 -64.12 16.47
O5' ATP UA . -5.88 -66.46 16.51
C5' ATP UA . -5.83 -67.85 16.90
C4' ATP UA . -6.54 -68.67 15.86
O4' ATP UA . -7.69 -69.31 16.46
C3' ATP UA . -7.07 -67.90 14.66
O3' ATP UA . -7.04 -68.70 13.48
C2' ATP UA . -8.51 -67.56 15.08
O2' ATP UA . -9.37 -67.40 13.97
C1' ATP UA . -8.89 -68.82 15.88
N9 ATP UA . -9.84 -68.57 16.95
C8 ATP UA . -10.43 -67.39 17.29
N7 ATP UA . -11.24 -67.47 18.31
C5 ATP UA . -11.17 -68.80 18.69
C6 ATP UA . -11.79 -69.54 19.71
N6 ATP UA . -12.65 -69.00 20.59
N1 ATP UA . -11.51 -70.85 19.81
C2 ATP UA . -10.66 -71.38 18.93
N3 ATP UA . -10.00 -70.80 17.93
C4 ATP UA . -10.31 -69.50 17.86
NA NA VA . 11.75 -11.09 27.59
NA NA WA . 12.44 -9.99 23.80
NA NA XA . 10.32 -10.25 16.98
NA NA YA . 9.17 -47.78 26.62
O01 A1MA6 ZA . 45.15 4.97 21.40
C02 A1MA6 ZA . 45.21 5.94 22.46
C03 A1MA6 ZA . 43.94 5.84 23.29
C04 A1MA6 ZA . 44.07 6.76 24.52
N05 A1MA6 ZA . 43.44 6.11 25.68
C06 A1MA6 ZA . 43.56 6.61 26.92
C07 A1MA6 ZA . 42.85 5.80 28.02
C08 A1MA6 ZA . 42.97 6.30 29.24
N09 A1MA6 ZA . 42.34 5.59 30.20
C10 A1MA6 ZA . 42.43 6.05 31.45
C11 A1MA6 ZA . 41.72 5.19 32.51
O12 A1MA6 ZA . 42.68 4.67 33.44
C13 A1MA6 ZA . 40.68 6.04 33.28
C14 A1MA6 ZA . 40.92 5.91 34.79
C15 A1MA6 ZA . 39.57 5.74 35.50
O16 A1MA6 ZA . 38.94 4.54 35.05
C17 A1MA6 ZA . 39.80 5.67 37.02
C18 A1MA6 ZA . 39.56 6.80 37.68
C19 A1MA6 ZA . 39.75 6.85 39.20
O20 A1MA6 ZA . 40.77 5.91 39.59
C21 A1MA6 ZA . 40.18 8.25 39.62
C22 A1MA6 ZA . 40.88 8.20 40.99
C23 A1MA6 ZA . 41.38 9.60 41.36
O24 A1MA6 ZA . 41.02 9.90 42.74
C25 A1MA6 ZA . 41.61 8.90 43.63
C26 A1MA6 ZA . 41.20 9.20 45.08
O27 A1MA6 ZA . 40.48 10.44 45.12
C28 A1MA6 ZA . 40.30 8.08 45.60
O29 A1MA6 ZA . 40.04 8.28 47.00
C30 A1MA6 ZA . 41.01 6.73 45.41
O31 A1MA6 ZA . 41.23 6.12 46.68
C32 A1MA6 ZA . 40.14 5.82 44.54
O33 A1MA6 ZA . 39.70 6.54 43.39
C34 A1MA6 ZA . 40.96 4.60 44.10
O35 A1MA6 ZA . 42.22 4.59 44.80
C36 A1MA6 ZA . 41.23 4.68 42.59
C37 A1MA6 ZA . 42.62 4.14 42.28
C38 A1MA6 ZA . 42.67 3.64 40.84
C39 A1MA6 ZA . 43.40 2.29 40.79
C40 A1MA6 ZA . 43.02 1.55 39.51
C41 A1MA6 ZA . 43.70 0.17 39.49
C42 A1MA6 ZA . 43.28 -0.58 38.23
C43 A1MA6 ZA . 42.24 -1.65 38.59
C44 A1MA6 ZA . 41.06 -1.46 37.67
C45 A1MA6 ZA . 41.55 -1.14 36.25
O46 A1MA6 ZA . 40.41 -0.35 38.22
C47 A1MA6 ZA . 40.27 -0.74 39.59
C48 A1MA6 ZA . 39.26 -1.86 39.70
C49 A1MA6 ZA . 39.80 -3.05 39.04
C50 A1MA6 ZA . 38.74 -4.15 39.04
C51 A1MA6 ZA . 40.15 -2.70 37.67
C52 A1MA6 ZA . 39.85 0.42 40.47
C53 A1MA6 ZA . 40.30 0.17 41.91
C54 A1MA6 ZA . 39.98 1.41 42.76
C55 A1MA6 ZA . 38.95 1.03 43.83
C56 A1MA6 ZA . 38.29 2.30 44.37
C57 A1MA6 ZA . 38.05 2.17 45.87
C58 A1MA6 ZA . 36.86 3.03 46.28
C59 A1MA6 ZA . 37.31 4.02 47.37
C60 A1MA6 ZA . 36.13 4.94 47.72
C61 A1MA6 ZA . 36.38 6.33 47.14
O62 A1MA6 ZA . 35.54 6.51 45.96
C63 A1MA6 ZA . 35.78 7.83 45.37
O64 A1MA6 ZA . 37.17 7.94 45.02
C65 A1MA6 ZA . 34.93 8.00 44.12
C66 A1MA6 ZA . 35.03 6.74 43.25
C67 A1MA6 ZA . 33.66 6.42 42.64
C68 A1MA6 ZA . 32.96 7.72 42.24
C69 A1MA6 ZA . 31.65 7.74 42.43
C70 A1MA6 ZA . 30.96 9.04 42.03
C71 A1MA6 ZA . 29.45 8.79 41.89
C72 A1MA6 ZA . 29.01 9.10 40.46
C73 A1MA6 ZA . 29.02 7.80 39.64
C74 A1MA6 ZA . 27.80 7.75 38.73
C75 A1MA6 ZA . 26.93 6.54 39.09
O76 A1MA6 ZA . 25.90 6.92 40.10
C77 A1MA6 ZA . 24.81 7.46 39.45
C78 A1MA6 ZA . 23.86 8.13 40.46
C79 A1MA6 ZA . 24.48 9.43 40.96
C80 A1MA6 ZA . 23.51 10.12 41.91
C81 A1MA6 ZA . 24.23 10.42 43.23
C82 A1MA6 ZA . 23.27 11.17 44.17
C83 A1MA6 ZA . 24.08 11.90 45.23
C84 A1MA6 ZA . 23.15 12.64 46.13
C85 A1MA6 ZA . 22.21 11.66 46.76
O86 A1MA6 ZA . 21.29 12.36 47.61
O87 A1MA6 ZA . 23.90 13.31 47.15
O88 A1MA6 ZA . 24.97 12.84 44.58
O89 A1MA6 ZA . 22.38 10.22 44.80
C90 A1MA6 ZA . 21.44 10.93 45.67
C91 A1MA6 ZA . 20.48 9.93 46.31
C92 A1MA6 ZA . 20.32 8.71 45.40
C93 A1MA6 ZA . 20.84 7.46 46.11
C94 A1MA6 ZA . 20.87 6.34 45.36
C95 A1MA6 ZA . 20.37 6.52 43.93
C96 A1MA6 ZA . 20.40 5.41 43.18
C97 A1MA6 ZA . 19.91 5.58 41.74
C98 A1MA6 ZA . 20.98 5.09 40.76
C99 A1MA6 ZA . 20.34 4.11 39.76
CA0 A1MA6 ZA . 21.45 3.36 39.00
CA1 A1MA6 ZA . 21.21 1.84 39.13
CA2 A1MA6 ZA . 22.33 1.22 39.97
CA3 A1MA6 ZA . 22.39 -0.12 39.96
CA4 A1MA6 ZA . 21.31 -0.82 39.10
CA5 A1MA6 ZA . 21.72 -1.73 37.95
CA6 A1MA6 ZA . 21.99 -0.89 36.71
CA7 A1MA6 ZA . 21.15 -1.40 35.54
CA8 A1MA6 ZA . 21.63 -0.76 34.24
CA9 A1MA6 ZA . 22.05 0.69 34.51
CAA A1MA6 ZA . 22.52 1.34 33.21
CAB A1MA6 ZA . 22.52 2.86 33.37
CAC A1MA6 ZA . 23.07 3.51 32.11
OAD A1MA6 ZA . 21.98 3.78 31.17
CAE A1MA6 ZA . 21.00 4.65 31.80
CAF A1MA6 ZA . 19.83 4.91 30.84
CAG A1MA6 ZA . 19.04 3.85 30.59
CAH A1MA6 ZA . 19.44 2.57 31.33
CAI A1MA6 ZA . 19.17 1.36 30.43
CAJ A1MA6 ZA . 20.50 0.69 30.06
CAK A1MA6 ZA . 20.25 -0.77 29.64
CAL A1MA6 ZA . 21.19 -1.65 30.32
CAM A1MA6 ZA . 21.00 -3.04 29.82
CAN A1MA6 ZA . 21.31 -3.11 28.41
OAO A1MA6 ZA . 19.57 -3.41 29.88
CAP A1MA6 ZA . 18.99 -2.91 28.52
CAQ A1MA6 ZA . 18.54 -4.14 27.72
CAR A1MA6 ZA . 17.54 -4.96 28.55
CAS A1MA6 ZA . 16.51 -5.63 27.61
CAT A1MA6 ZA . 15.16 -5.80 28.42
OAU A1MA6 ZA . 15.39 -5.33 29.75
CAV A1MA6 ZA . 15.02 -7.28 28.45
CAW A1MA6 ZA . 16.41 -7.71 28.49
CAX A1MA6 ZA . 16.48 -9.22 28.27
NAY A1MA6 ZA . 17.07 -9.89 29.44
OAZ A1MA6 ZA . 16.92 -7.04 27.37
CB0 A1MA6 ZA . 20.23 -2.31 27.83
OB1 A1MA6 ZA . 20.38 -0.89 28.24
OB2 A1MA6 ZA . 18.34 0.42 31.12
OB3 A1MA6 ZA . 18.65 2.45 32.54
CB4 A1MA6 ZA . 21.65 5.98 32.17
OB5 A1MA6 ZA . 20.68 6.84 32.80
CB6 A1MA6 ZA . 22.79 5.73 33.12
OB7 A1MA6 ZA . 23.42 6.98 33.43
CB8 A1MA6 ZA . 23.77 4.81 32.46
OB9 A1MA6 ZA . 24.84 4.54 33.37
CBA A1MA6 ZA . 23.93 0.86 32.88
OBB A1MA6 ZA . 20.95 1.42 35.05
OBC A1MA6 ZA . 20.56 -0.76 33.28
OBD A1MA6 ZA . 21.29 -2.82 35.44
CBE A1MA6 ZA . 20.02 -0.77 39.49
OBF A1MA6 ZA . 21.42 3.72 37.62
OBG A1MA6 ZA . 19.51 3.17 40.45
OBH A1MA6 ZA . 22.01 4.41 41.48
OBI A1MA6 ZA . 18.94 8.54 45.07
OBJ A1MA6 ZA . 23.07 11.35 41.33
OBK A1MA6 ZA . 24.75 10.28 39.85
CBL A1MA6 ZA . 26.25 6.04 37.79
CBM A1MA6 ZA . 25.05 5.33 38.16
OBN A1MA6 ZA . 25.35 4.36 39.17
CBO A1MA6 ZA . 24.04 6.34 38.70
OBP A1MA6 ZA . 23.31 6.92 37.61
OBQ A1MA6 ZA . 28.21 7.66 37.36
OBR A1MA6 ZA . 29.01 6.67 40.52
OBS A1MA6 ZA . 31.48 9.49 40.77
CBT A1MA6 ZA . 32.80 5.68 43.67
OBU A1MA6 ZA . 35.98 6.96 42.21
CBV A1MA6 ZA . 36.03 7.38 48.17
OBW A1MA6 ZA . 34.65 7.26 48.55
CBX A1MA6 ZA . 36.27 8.74 47.61
OBY A1MA6 ZA . 37.67 8.87 47.26
CBZ A1MA6 ZA . 35.43 8.90 46.38
OC0 A1MA6 ZA . 35.68 10.20 45.80
OC1 A1MA6 ZA . 37.72 3.30 48.53
OC2 A1MA6 ZA . 41.63 -1.26 39.95
CC3 A1MA6 ZA . 45.21 0.36 39.50
CC4 A1MA6 ZA . 43.12 8.94 43.52
OC5 A1MA6 ZA . 43.69 7.96 44.40
CC6 A1MA6 ZA . 43.52 8.65 42.10
CC7 A1MA6 ZA . 42.89 9.65 41.20
OC8 A1MA6 ZA . 43.24 9.36 39.84
OC9 A1MA6 ZA . 44.95 8.72 41.99
OCA A1MA6 ZA . 39.03 9.10 39.69
CCB A1MA6 ZA . 39.11 8.04 36.92
CCC A1MA6 ZA . 40.82 7.51 32.87
OCD A1MA6 ZA . 43.13 7.01 31.79
OCE A1MA6 ZA . 44.23 7.61 27.20
C1 PCW AB . -4.96 17.27 27.48
C2 PCW AB . -6.47 17.25 27.18
C3 PCW AB . -6.77 16.31 26.02
C4 PCW AB . -1.03 20.18 26.88
C5 PCW AB . -0.28 19.32 25.85
C6 PCW AB . 1.78 18.78 24.75
C7 PCW AB . 1.38 21.02 25.53
C8 PCW AB . 1.80 19.24 27.09
C11 PCW AB . -8.52 14.78 25.57
C12 PCW AB . -9.60 13.85 26.13
C13 PCW AB . -9.99 12.81 25.08
C14 PCW AB . -11.45 12.99 24.66
C15 PCW AB . -11.73 12.09 23.43
C16 PCW AB . -12.39 10.79 23.88
C17 PCW AB . -12.09 9.69 22.86
C18 PCW AB . -13.10 8.54 23.00
C19 PCW AB . -13.34 8.25 24.47
C20 PCW AB . -14.45 7.25 24.80
C21 PCW AB . -15.19 6.63 23.62
C22 PCW AB . -15.77 5.27 24.01
C23 PCW AB . -14.71 4.18 23.82
C24 PCW AB . -15.33 2.81 24.03
C25 PCW AB . -14.27 1.73 23.83
C26 PCW AB . -14.71 0.42 24.49
C27 PCW AB . -13.87 -0.74 23.94
C28 PCW AB . -14.27 -2.04 24.64
C31 PCW AB . -7.40 17.51 29.37
C32 PCW AB . -8.38 16.94 30.40
C33 PCW AB . -8.36 15.41 30.35
C34 PCW AB . -9.54 14.86 31.17
C35 PCW AB . -9.49 13.32 31.22
C36 PCW AB . -9.46 12.73 29.80
C37 PCW AB . -9.47 11.20 29.92
C38 PCW AB . -8.55 10.56 28.88
C39 PCW AB . -8.10 9.19 29.39
C40 PCW AB . -8.89 7.97 28.91
C41 PCW AB . -10.06 8.26 27.95
C42 PCW AB . -9.79 7.58 26.61
C43 PCW AB . -10.16 6.09 26.69
C44 PCW AB . -9.94 5.44 25.32
C45 PCW AB . -10.15 3.92 25.44
C46 PCW AB . -9.29 3.22 24.39
C47 PCW AB . -9.20 1.73 24.73
C48 PCW AB . -7.73 1.30 24.72
N PCW AB . 1.17 19.60 25.81
O2 PCW AB . -7.20 16.71 28.29
O3 PCW AB . -7.72 15.35 26.51
O11 PCW AB . -8.43 15.00 24.37
O31 PCW AB . -6.84 18.59 29.56
O1P PCW AB . -4.11 20.80 26.57
O2P PCW AB . -3.46 18.59 25.45
O3P PCW AB . -4.51 18.61 27.75
O4P PCW AB . -2.16 19.47 27.42
P PCW AB . -3.61 19.42 26.67
C1 PCW BB . -2.47 14.64 8.04
C2 PCW BB . -3.18 13.40 8.60
C3 PCW BB . -4.60 13.76 9.02
C4 PCW BB . -1.25 17.83 10.71
C5 PCW BB . -1.98 19.14 11.01
C6 PCW BB . -1.61 20.92 12.57
C7 PCW BB . -3.35 19.33 12.97
C8 PCW BB . -1.06 18.69 13.24
C11 PCW BB . -6.50 12.76 9.98
C12 PCW BB . -7.14 11.52 10.60
C13 PCW BB . -7.20 10.40 9.55
C14 PCW BB . -7.04 9.04 10.26
C15 PCW BB . -7.45 7.90 9.32
C16 PCW BB . -6.83 6.58 9.82
C17 PCW BB . -7.49 5.39 9.12
C18 PCW BB . -6.95 4.06 9.66
C19 PCW BB . -7.77 3.64 10.89
C20 PCW BB . -8.00 2.14 11.09
C21 PCW BB . -7.41 1.17 10.07
C22 PCW BB . -8.14 -0.17 10.19
C23 PCW BB . -7.20 -1.33 9.85
C24 PCW BB . -7.84 -2.23 8.78
C25 PCW BB . -9.18 -2.77 9.30
C26 PCW BB . -9.87 -3.53 8.17
C27 PCW BB . -11.19 -4.12 8.69
C28 PCW BB . -11.79 -5.04 7.62
C31 PCW BB . -2.96 11.14 8.11
C32 PCW BB . -3.09 9.98 7.12
C33 PCW BB . -3.73 8.75 7.80
C34 PCW BB . -3.30 7.46 7.10
C35 PCW BB . -4.05 7.30 5.78
C36 PCW BB . -4.56 5.86 5.65
C37 PCW BB . -3.76 5.09 4.60
C38 PCW BB . -4.08 3.58 4.68
C39 PCW BB . -5.28 3.27 3.78
C40 PCW BB . -5.63 1.79 3.55
C41 PCW BB . -4.74 0.76 4.25
C42 PCW BB . -5.63 -0.13 5.15
C43 PCW BB . -4.91 -1.45 5.42
C44 PCW BB . -5.72 -2.61 4.81
C45 PCW BB . -4.76 -3.56 4.09
C46 PCW BB . -5.51 -4.80 3.60
C47 PCW BB . -4.59 -5.65 2.72
C48 PCW BB . -5.31 -6.92 2.29
N PCW BB . -1.99 19.52 12.44
O2 PCW BB . -3.22 12.38 7.59
O3 PCW BB . -5.21 12.59 9.57
O11 PCW BB . -7.12 13.82 9.88
O31 PCW BB . -2.62 10.94 9.28
O1P PCW BB . -0.55 16.58 7.15
O2P PCW BB . 0.77 16.22 9.31
O3P PCW BB . -1.45 15.06 8.96
O4P PCW BB . -1.36 17.55 9.30
P PCW BB . -0.54 16.35 8.61
#